data_7P76
#
_entry.id   7P76
#
_cell.length_a   80.270
_cell.length_b   92.788
_cell.length_c   106.894
_cell.angle_alpha   88.960
_cell.angle_beta   88.830
_cell.angle_gamma   89.080
#
_symmetry.space_group_name_H-M   'P 1'
#
loop_
_entity.id
_entity.type
_entity.pdbx_description
1 polymer 'Deoxyribose-phosphate aldolase'
2 non-polymer (2E)-3-phenylprop-2-enal
3 non-polymer GLYCEROL
4 water water
#
_entity_poly.entity_id   1
_entity_poly.type   'polypeptide(L)'
_entity_poly.pdbx_seq_one_letter_code
;MTDLKASSLRALKLMDLSTLNGDYTDEKVIALCHQAKTPVGNTAAISIYPRSIPIARKTLKEQGTPEIRIATVTNFPHGN
DDIEIALAETRAAIAYGADEVDVVFPYRALMAGNEQVGFDLVKACKEACAAANVLLKVIIESGELKDEALIRKASEISIK
AGADFIKTSTGLVAVNATPESARIMMEVIRDMGVEKSVGFKVTGGARTAEDAQKYLAIADELFGADWADARHYRFGASGL
LASLLKALGHGDGKSASSYLEHHHHHH
;
_entity_poly.pdbx_strand_id   A,B,C,D,E,F,G,H,I,J,K,L
#
loop_
_chem_comp.id
_chem_comp.type
_chem_comp.name
_chem_comp.formula
9Y6 non-polymer (2E)-3-phenylprop-2-enal 'C9 H8 O'
GOL non-polymer GLYCEROL 'C3 H8 O3'
#
# COMPACT_ATOMS: atom_id res chain seq x y z
N LEU A 4 54.25 -33.39 -28.45
CA LEU A 4 54.26 -31.97 -28.13
C LEU A 4 53.57 -31.11 -29.20
N LYS A 5 53.18 -31.73 -30.31
CA LYS A 5 52.42 -30.98 -31.29
C LYS A 5 50.94 -30.94 -30.90
N ALA A 6 50.44 -32.05 -30.35
CA ALA A 6 49.06 -32.07 -29.87
C ALA A 6 48.83 -31.06 -28.74
N SER A 7 49.70 -31.07 -27.72
CA SER A 7 49.50 -30.15 -26.59
C SER A 7 49.66 -28.69 -27.03
N SER A 8 50.59 -28.43 -27.96
CA SER A 8 50.77 -27.06 -28.45
C SER A 8 49.55 -26.58 -29.24
N LEU A 9 49.01 -27.42 -30.11
CA LEU A 9 47.79 -27.02 -30.81
C LEU A 9 46.64 -26.87 -29.82
N ARG A 10 46.57 -27.77 -28.84
CA ARG A 10 45.54 -27.64 -27.82
C ARG A 10 45.70 -26.33 -27.04
N ALA A 11 46.91 -26.03 -26.60
CA ALA A 11 47.14 -24.81 -25.81
C ALA A 11 46.81 -23.56 -26.64
N LEU A 12 47.17 -23.59 -27.92
CA LEU A 12 46.87 -22.44 -28.78
C LEU A 12 45.38 -22.17 -28.84
N LYS A 13 44.58 -23.22 -28.97
CA LYS A 13 43.13 -23.04 -29.03
C LYS A 13 42.53 -22.64 -27.69
N LEU A 14 43.33 -22.62 -26.62
CA LEU A 14 42.92 -22.15 -25.31
C LEU A 14 43.53 -20.80 -24.95
N MET A 15 44.09 -20.08 -25.91
CA MET A 15 44.84 -18.87 -25.59
C MET A 15 43.91 -17.65 -25.53
N ASP A 16 44.04 -16.89 -24.44
CA ASP A 16 43.56 -15.49 -24.42
C ASP A 16 44.76 -14.64 -24.82
N LEU A 17 44.80 -14.22 -26.07
CA LEU A 17 45.97 -13.55 -26.62
C LEU A 17 45.92 -12.05 -26.34
N SER A 18 47.04 -11.50 -25.88
CA SER A 18 47.15 -10.06 -25.70
C SER A 18 48.38 -9.57 -26.47
N THR A 19 48.50 -8.24 -26.60
CA THR A 19 49.60 -7.64 -27.35
C THR A 19 50.94 -7.85 -26.63
N LEU A 20 52.02 -7.70 -27.40
CA LEU A 20 53.34 -8.12 -26.92
C LEU A 20 53.87 -7.23 -25.79
N ASN A 21 54.03 -5.92 -26.06
CA ASN A 21 54.57 -5.00 -25.06
C ASN A 21 53.48 -4.09 -24.50
N GLY A 22 52.32 -4.67 -24.16
CA GLY A 22 51.20 -3.88 -23.69
C GLY A 22 50.80 -2.73 -24.59
N ASP A 23 51.00 -2.87 -25.90
CA ASP A 23 50.56 -1.84 -26.85
C ASP A 23 49.04 -1.64 -26.77
N TYR A 24 48.60 -0.37 -26.87
CA TYR A 24 47.19 -0.03 -26.69
C TYR A 24 46.54 0.69 -27.86
N THR A 25 47.28 0.94 -28.93
CA THR A 25 46.75 1.66 -30.07
C THR A 25 45.70 0.83 -30.80
N ASP A 26 44.84 1.54 -31.55
CA ASP A 26 43.87 0.87 -32.41
C ASP A 26 44.55 -0.06 -33.42
N GLU A 27 45.64 0.38 -34.06
CA GLU A 27 46.27 -0.50 -35.05
C GLU A 27 46.82 -1.78 -34.42
N LYS A 28 47.47 -1.67 -33.25
CA LYS A 28 48.01 -2.86 -32.59
C LYS A 28 46.89 -3.79 -32.16
N VAL A 29 45.75 -3.22 -31.75
CA VAL A 29 44.60 -4.06 -31.43
C VAL A 29 44.09 -4.74 -32.68
N ILE A 30 43.98 -4.00 -33.79
CA ILE A 30 43.59 -4.60 -35.06
C ILE A 30 44.58 -5.71 -35.41
N ALA A 31 45.88 -5.43 -35.31
CA ALA A 31 46.88 -6.46 -35.60
C ALA A 31 46.75 -7.66 -34.67
N LEU A 32 46.39 -7.41 -33.40
CA LEU A 32 46.19 -8.52 -32.47
C LEU A 32 45.07 -9.42 -32.96
N CYS A 33 43.98 -8.80 -33.42
CA CYS A 33 42.88 -9.58 -34.00
C CYS A 33 43.37 -10.46 -35.15
N HIS A 34 44.22 -9.91 -36.03
CA HIS A 34 44.77 -10.72 -37.11
C HIS A 34 45.64 -11.84 -36.57
N GLN A 35 46.43 -11.54 -35.53
CA GLN A 35 47.32 -12.52 -34.94
C GLN A 35 46.57 -13.69 -34.33
N ALA A 36 45.35 -13.45 -33.83
CA ALA A 36 44.56 -14.51 -33.17
C ALA A 36 44.04 -15.55 -34.16
N LYS A 37 43.94 -15.19 -35.44
CA LYS A 37 43.59 -16.13 -36.52
C LYS A 37 44.90 -16.74 -37.03
N THR A 38 45.34 -17.79 -36.36
CA THR A 38 46.67 -18.31 -36.66
C THR A 38 46.58 -19.23 -37.87
N PRO A 39 47.73 -19.58 -38.45
CA PRO A 39 47.73 -20.55 -39.57
C PRO A 39 47.09 -21.87 -39.24
N VAL A 40 47.14 -22.30 -37.98
CA VAL A 40 46.67 -23.61 -37.58
C VAL A 40 45.37 -23.57 -36.82
N GLY A 41 44.75 -22.40 -36.68
CA GLY A 41 43.52 -22.28 -35.90
C GLY A 41 43.43 -21.00 -35.10
N ASN A 42 42.27 -20.75 -34.51
CA ASN A 42 42.04 -19.52 -33.76
C ASN A 42 42.33 -19.71 -32.29
N THR A 43 42.92 -18.68 -31.69
CA THR A 43 42.98 -18.64 -30.25
C THR A 43 41.57 -18.61 -29.68
N ALA A 44 41.47 -18.89 -28.38
CA ALA A 44 40.17 -18.87 -27.73
C ALA A 44 39.60 -17.46 -27.67
N ALA A 45 40.48 -16.48 -27.47
CA ALA A 45 40.04 -15.11 -27.21
C ALA A 45 41.19 -14.15 -27.48
N ILE A 46 40.88 -12.87 -27.42
CA ILE A 46 41.91 -11.85 -27.26
C ILE A 46 41.62 -11.08 -25.99
N SER A 47 42.67 -10.56 -25.36
CA SER A 47 42.58 -9.78 -24.12
C SER A 47 43.02 -8.35 -24.41
N ILE A 48 42.10 -7.40 -24.23
CA ILE A 48 42.32 -6.00 -24.58
C ILE A 48 41.66 -5.13 -23.51
N TYR A 49 42.02 -3.86 -23.48
CA TYR A 49 41.31 -2.95 -22.60
C TYR A 49 39.94 -2.60 -23.15
N PRO A 50 39.01 -2.19 -22.28
CA PRO A 50 37.62 -2.02 -22.70
C PRO A 50 37.44 -1.08 -23.87
N ARG A 51 38.19 0.02 -23.95
CA ARG A 51 37.92 0.99 -25.02
C ARG A 51 38.21 0.42 -26.41
N SER A 52 38.98 -0.66 -26.49
CA SER A 52 39.35 -1.29 -27.74
C SER A 52 38.32 -2.33 -28.20
N ILE A 53 37.31 -2.62 -27.37
CA ILE A 53 36.36 -3.68 -27.70
C ILE A 53 35.60 -3.39 -28.98
N PRO A 54 35.02 -2.20 -29.19
CA PRO A 54 34.25 -1.98 -30.42
C PRO A 54 35.08 -2.14 -31.68
N ILE A 55 36.30 -1.60 -31.72
CA ILE A 55 37.08 -1.76 -32.94
C ILE A 55 37.57 -3.20 -33.09
N ALA A 56 37.87 -3.87 -31.98
CA ALA A 56 38.29 -5.27 -32.08
C ALA A 56 37.14 -6.16 -32.56
N ARG A 57 35.91 -5.87 -32.11
CA ARG A 57 34.74 -6.65 -32.52
C ARG A 57 34.49 -6.46 -34.01
N LYS A 58 34.60 -5.23 -34.48
CA LYS A 58 34.48 -5.00 -35.91
C LYS A 58 35.54 -5.80 -36.67
N THR A 59 36.79 -5.77 -36.19
CA THR A 59 37.89 -6.41 -36.92
C THR A 59 37.72 -7.91 -37.01
N LEU A 60 37.36 -8.55 -35.89
CA LEU A 60 37.15 -9.99 -35.86
C LEU A 60 36.00 -10.44 -36.75
N LYS A 61 34.89 -9.71 -36.74
CA LYS A 61 33.79 -10.06 -37.64
C LYS A 61 34.21 -9.95 -39.09
N GLU A 62 34.96 -8.90 -39.43
CA GLU A 62 35.30 -8.70 -40.82
C GLU A 62 36.27 -9.75 -41.31
N GLN A 63 37.10 -10.29 -40.43
CA GLN A 63 37.95 -11.40 -40.85
C GLN A 63 37.20 -12.73 -40.78
N GLY A 64 35.92 -12.73 -40.42
CA GLY A 64 35.14 -13.95 -40.42
C GLY A 64 35.36 -14.84 -39.22
N THR A 65 35.82 -14.30 -38.09
CA THR A 65 36.11 -15.09 -36.90
C THR A 65 35.30 -14.58 -35.70
N PRO A 66 33.97 -14.70 -35.71
CA PRO A 66 33.18 -14.21 -34.57
C PRO A 66 33.36 -15.03 -33.31
N GLU A 67 33.93 -16.23 -33.41
CA GLU A 67 34.10 -17.14 -32.28
C GLU A 67 35.33 -16.85 -31.44
N ILE A 68 36.24 -16.00 -31.91
CA ILE A 68 37.31 -15.55 -31.05
C ILE A 68 36.70 -14.58 -30.05
N ARG A 69 36.70 -14.97 -28.77
CA ARG A 69 36.03 -14.18 -27.77
C ARG A 69 36.81 -12.90 -27.49
N ILE A 70 36.12 -11.88 -27.03
CA ILE A 70 36.78 -10.65 -26.63
C ILE A 70 36.74 -10.60 -25.11
N ALA A 71 37.92 -10.68 -24.52
CA ALA A 71 38.08 -10.61 -23.07
C ALA A 71 38.70 -9.27 -22.70
N THR A 72 38.30 -8.72 -21.56
CA THR A 72 38.88 -7.47 -21.10
C THR A 72 39.05 -7.57 -19.60
N VAL A 73 39.50 -6.47 -19.00
CA VAL A 73 39.87 -6.43 -17.59
C VAL A 73 39.19 -5.26 -16.90
N THR A 74 38.90 -5.43 -15.62
CA THR A 74 38.37 -4.34 -14.80
C THR A 74 39.01 -4.41 -13.41
N ASN A 75 38.93 -3.31 -12.67
CA ASN A 75 39.59 -3.17 -11.36
C ASN A 75 41.09 -3.45 -11.47
N PHE A 76 41.66 -3.07 -12.62
CA PHE A 76 42.89 -3.64 -13.13
C PHE A 76 43.94 -2.54 -13.34
N PRO A 77 45.20 -2.82 -13.00
CA PRO A 77 45.65 -4.07 -12.40
C PRO A 77 45.70 -4.01 -10.87
N HIS A 78 45.21 -2.90 -10.30
CA HIS A 78 45.46 -2.61 -8.89
C HIS A 78 44.75 -3.56 -7.94
N GLY A 79 43.56 -4.04 -8.31
CA GLY A 79 42.76 -4.80 -7.36
C GLY A 79 42.38 -4.02 -6.11
N ASN A 80 42.00 -2.75 -6.29
CA ASN A 80 41.54 -1.92 -5.16
C ASN A 80 40.25 -2.48 -4.58
N ASP A 81 39.89 -1.99 -3.39
CA ASP A 81 38.76 -2.55 -2.66
C ASP A 81 37.50 -1.69 -2.74
N ASP A 82 37.39 -0.83 -3.76
CA ASP A 82 36.20 -0.02 -3.98
C ASP A 82 35.26 -0.77 -4.94
N ILE A 83 34.18 -1.33 -4.38
CA ILE A 83 33.25 -2.12 -5.18
C ILE A 83 32.56 -1.26 -6.22
N GLU A 84 32.16 -0.04 -5.85
CA GLU A 84 31.40 0.77 -6.80
C GLU A 84 32.22 1.08 -8.05
N ILE A 85 33.53 1.24 -7.89
CA ILE A 85 34.40 1.49 -9.04
C ILE A 85 34.57 0.23 -9.86
N ALA A 86 34.85 -0.91 -9.22
CA ALA A 86 34.95 -2.16 -9.96
C ALA A 86 33.66 -2.47 -10.71
N LEU A 87 32.51 -2.21 -10.09
CA LEU A 87 31.24 -2.52 -10.71
C LEU A 87 30.96 -1.59 -11.88
N ALA A 88 31.30 -0.30 -11.74
CA ALA A 88 31.10 0.62 -12.86
C ALA A 88 31.97 0.24 -14.05
N GLU A 89 33.23 -0.09 -13.81
CA GLU A 89 34.11 -0.52 -14.90
C GLU A 89 33.59 -1.80 -15.57
N THR A 90 33.12 -2.76 -14.78
CA THR A 90 32.57 -3.99 -15.34
C THR A 90 31.32 -3.71 -16.17
N ARG A 91 30.42 -2.86 -15.68
CA ARG A 91 29.24 -2.53 -16.47
C ARG A 91 29.63 -1.82 -17.77
N ALA A 92 30.67 -0.99 -17.72
CA ALA A 92 31.14 -0.36 -18.96
C ALA A 92 31.74 -1.40 -19.91
N ALA A 93 32.52 -2.36 -19.37
CA ALA A 93 33.08 -3.41 -20.21
C ALA A 93 31.98 -4.20 -20.93
N ILE A 94 30.95 -4.58 -20.18
CA ILE A 94 29.78 -5.23 -20.76
C ILE A 94 29.18 -4.38 -21.87
N ALA A 95 28.99 -3.08 -21.60
CA ALA A 95 28.32 -2.20 -22.55
C ALA A 95 29.15 -1.95 -23.80
N TYR A 96 30.48 -1.91 -23.67
CA TYR A 96 31.37 -1.88 -24.83
C TYR A 96 31.19 -3.11 -25.71
N GLY A 97 30.80 -4.26 -25.13
CA GLY A 97 30.60 -5.48 -25.90
C GLY A 97 31.48 -6.66 -25.49
N ALA A 98 32.04 -6.62 -24.28
CA ALA A 98 32.92 -7.71 -23.86
C ALA A 98 32.16 -9.04 -23.89
N ASP A 99 32.87 -10.13 -24.26
CA ASP A 99 32.36 -11.49 -24.02
C ASP A 99 32.69 -11.96 -22.62
N GLU A 100 33.83 -11.51 -22.11
CA GLU A 100 34.36 -11.95 -20.83
C GLU A 100 35.02 -10.77 -20.16
N VAL A 101 34.91 -10.74 -18.83
CA VAL A 101 35.50 -9.67 -18.04
C VAL A 101 36.38 -10.31 -16.98
N ASP A 102 37.66 -9.91 -16.94
CA ASP A 102 38.62 -10.38 -15.95
C ASP A 102 38.78 -9.28 -14.89
N VAL A 103 38.22 -9.50 -13.69
CA VAL A 103 38.22 -8.51 -12.62
C VAL A 103 39.31 -8.87 -11.62
N VAL A 104 40.03 -7.87 -11.13
CA VAL A 104 41.05 -8.15 -10.14
C VAL A 104 40.42 -8.21 -8.75
N PHE A 105 40.61 -9.35 -8.08
CA PHE A 105 40.19 -9.54 -6.70
C PHE A 105 40.93 -8.56 -5.79
N PRO A 106 40.26 -7.99 -4.79
CA PRO A 106 40.98 -7.11 -3.87
C PRO A 106 41.89 -7.89 -2.94
N TYR A 107 43.03 -8.33 -3.47
CA TYR A 107 43.87 -9.25 -2.72
C TYR A 107 44.58 -8.55 -1.58
N ARG A 108 44.89 -7.27 -1.71
CA ARG A 108 45.52 -6.60 -0.59
C ARG A 108 44.58 -6.55 0.62
N ALA A 109 43.29 -6.27 0.38
CA ALA A 109 42.31 -6.28 1.47
C ALA A 109 42.23 -7.66 2.13
N LEU A 110 42.23 -8.70 1.31
CA LEU A 110 42.23 -10.07 1.84
C LEU A 110 43.47 -10.31 2.69
N MET A 111 44.64 -9.85 2.21
CA MET A 111 45.85 -10.01 2.99
C MET A 111 45.77 -9.28 4.33
N ALA A 112 45.03 -8.18 4.39
CA ALA A 112 44.83 -7.48 5.65
C ALA A 112 43.66 -8.06 6.46
N GLY A 113 43.08 -9.17 6.03
CA GLY A 113 42.03 -9.84 6.78
C GLY A 113 40.61 -9.53 6.38
N ASN A 114 40.39 -8.75 5.31
CA ASN A 114 39.07 -8.38 4.83
C ASN A 114 38.73 -9.31 3.67
N GLU A 115 38.15 -10.44 4.00
CA GLU A 115 37.66 -11.40 3.00
C GLU A 115 36.33 -10.94 2.42
N GLN A 116 35.57 -10.19 3.22
CA GLN A 116 34.19 -9.90 2.85
C GLN A 116 34.13 -9.00 1.62
N VAL A 117 35.04 -8.03 1.52
CA VAL A 117 34.98 -7.09 0.39
C VAL A 117 35.28 -7.81 -0.91
N GLY A 118 36.17 -8.81 -0.89
CA GLY A 118 36.39 -9.62 -2.08
C GLY A 118 35.18 -10.44 -2.47
N PHE A 119 34.51 -11.05 -1.49
CA PHE A 119 33.25 -11.71 -1.76
C PHE A 119 32.24 -10.75 -2.38
N ASP A 120 32.06 -9.59 -1.76
CA ASP A 120 31.04 -8.65 -2.22
C ASP A 120 31.38 -8.10 -3.61
N LEU A 121 32.65 -7.79 -3.85
CA LEU A 121 33.04 -7.19 -5.13
C LEU A 121 32.84 -8.19 -6.26
N VAL A 122 33.30 -9.42 -6.06
CA VAL A 122 33.11 -10.46 -7.07
C VAL A 122 31.63 -10.74 -7.28
N LYS A 123 30.85 -10.84 -6.20
CA LYS A 123 29.42 -11.12 -6.36
C LYS A 123 28.76 -10.02 -7.17
N ALA A 124 29.07 -8.76 -6.86
CA ALA A 124 28.47 -7.64 -7.58
C ALA A 124 28.82 -7.68 -9.05
N CYS A 125 30.10 -7.91 -9.36
CA CYS A 125 30.49 -7.97 -10.78
C CYS A 125 29.92 -9.22 -11.45
N LYS A 126 29.87 -10.36 -10.73
CA LYS A 126 29.30 -11.55 -11.35
C LYS A 126 27.85 -11.32 -11.74
N GLU A 127 27.07 -10.68 -10.86
CA GLU A 127 25.65 -10.47 -11.17
C GLU A 127 25.48 -9.60 -12.39
N ALA A 128 26.32 -8.58 -12.52
CA ALA A 128 26.26 -7.75 -13.74
C ALA A 128 26.59 -8.58 -14.99
N CYS A 129 27.67 -9.36 -14.93
CA CYS A 129 28.09 -10.13 -16.08
C CYS A 129 27.07 -11.21 -16.44
N ALA A 130 26.59 -11.94 -15.44
CA ALA A 130 25.66 -13.03 -15.68
C ALA A 130 24.37 -12.54 -16.35
N ALA A 131 23.86 -11.38 -15.90
CA ALA A 131 22.65 -10.85 -16.52
C ALA A 131 22.87 -10.51 -17.98
N ALA A 132 24.10 -10.23 -18.38
CA ALA A 132 24.41 -9.90 -19.76
C ALA A 132 24.99 -11.08 -20.52
N ASN A 133 25.02 -12.27 -19.93
CA ASN A 133 25.60 -13.45 -20.58
C ASN A 133 27.09 -13.24 -20.84
N VAL A 134 27.78 -12.63 -19.89
CA VAL A 134 29.22 -12.36 -19.96
C VAL A 134 29.90 -13.23 -18.91
N LEU A 135 31.02 -13.86 -19.26
CA LEU A 135 31.72 -14.70 -18.29
C LEU A 135 32.62 -13.82 -17.41
N LEU A 136 32.70 -14.13 -16.12
CA LEU A 136 33.55 -13.36 -15.20
C LEU A 136 34.73 -14.21 -14.77
N LYS A 137 35.94 -13.79 -15.14
CA LYS A 137 37.15 -14.37 -14.59
C LYS A 137 37.62 -13.50 -13.43
N VAL A 138 38.11 -14.12 -12.37
CA VAL A 138 38.58 -13.37 -11.20
C VAL A 138 40.08 -13.60 -11.05
N ILE A 139 40.84 -12.52 -11.19
CA ILE A 139 42.28 -12.52 -11.00
C ILE A 139 42.55 -12.40 -9.50
N ILE A 140 43.12 -13.44 -8.89
CA ILE A 140 43.42 -13.34 -7.47
C ILE A 140 44.84 -12.84 -7.20
N GLU A 141 45.69 -12.76 -8.23
CA GLU A 141 47.09 -12.30 -8.13
C GLU A 141 47.88 -13.16 -7.17
N SER A 142 47.94 -14.45 -7.52
CA SER A 142 48.60 -15.45 -6.67
C SER A 142 50.05 -15.12 -6.41
N GLY A 143 50.69 -14.34 -7.29
CA GLY A 143 52.08 -13.95 -7.08
C GLY A 143 52.27 -12.90 -6.02
N GLU A 144 51.22 -12.15 -5.67
CA GLU A 144 51.28 -11.26 -4.52
C GLU A 144 50.77 -11.91 -3.25
N LEU A 145 49.78 -12.80 -3.36
CA LEU A 145 49.32 -13.54 -2.18
C LEU A 145 50.43 -14.41 -1.61
N LYS A 146 51.18 -15.09 -2.50
CA LYS A 146 52.38 -15.85 -2.21
C LYS A 146 52.09 -17.07 -1.36
N ASP A 147 51.44 -16.88 -0.20
CA ASP A 147 51.18 -17.98 0.71
C ASP A 147 50.12 -18.93 0.15
N GLU A 148 50.39 -20.23 0.24
CA GLU A 148 49.45 -21.23 -0.30
C GLU A 148 48.06 -21.08 0.31
N ALA A 149 47.98 -20.87 1.63
CA ALA A 149 46.65 -20.77 2.25
C ALA A 149 45.90 -19.53 1.76
N LEU A 150 46.61 -18.43 1.48
CA LEU A 150 45.97 -17.24 0.92
C LEU A 150 45.51 -17.47 -0.52
N ILE A 151 46.28 -18.23 -1.30
CA ILE A 151 45.87 -18.55 -2.66
C ILE A 151 44.60 -19.41 -2.62
N ARG A 152 44.56 -20.39 -1.70
CA ARG A 152 43.35 -21.20 -1.57
C ARG A 152 42.17 -20.33 -1.15
N LYS A 153 42.43 -19.41 -0.25
CA LYS A 153 41.39 -18.58 0.31
C LYS A 153 40.78 -17.66 -0.75
N ALA A 154 41.64 -16.99 -1.50
CA ALA A 154 41.16 -16.12 -2.57
C ALA A 154 40.38 -16.92 -3.61
N SER A 155 40.85 -18.13 -3.93
CA SER A 155 40.14 -18.98 -4.86
C SER A 155 38.76 -19.37 -4.33
N GLU A 156 38.69 -19.79 -3.06
CA GLU A 156 37.42 -20.21 -2.49
C GLU A 156 36.42 -19.07 -2.45
N ILE A 157 36.86 -17.90 -1.99
CA ILE A 157 35.99 -16.73 -1.92
C ILE A 157 35.45 -16.37 -3.29
N SER A 158 36.35 -16.32 -4.28
CA SER A 158 35.92 -15.97 -5.64
C SER A 158 34.89 -16.98 -6.16
N ILE A 159 35.13 -18.27 -5.93
CA ILE A 159 34.19 -19.29 -6.38
C ILE A 159 32.84 -19.13 -5.67
N LYS A 160 32.87 -18.96 -4.33
CA LYS A 160 31.61 -18.80 -3.60
C LYS A 160 30.85 -17.57 -4.03
N ALA A 161 31.57 -16.53 -4.45
CA ALA A 161 30.95 -15.30 -4.90
C ALA A 161 30.47 -15.36 -6.33
N GLY A 162 30.82 -16.42 -7.05
CA GLY A 162 30.27 -16.66 -8.38
C GLY A 162 31.25 -16.60 -9.54
N ALA A 163 32.55 -16.62 -9.29
CA ALA A 163 33.53 -16.56 -10.38
C ALA A 163 33.29 -17.70 -11.38
N ASP A 164 33.31 -17.38 -12.67
CA ASP A 164 33.24 -18.43 -13.69
C ASP A 164 34.61 -19.03 -14.01
N PHE A 165 35.68 -18.28 -13.73
CA PHE A 165 37.07 -18.67 -13.87
C PHE A 165 37.79 -18.06 -12.69
N ILE A 166 38.84 -18.70 -12.24
CA ILE A 166 39.81 -18.06 -11.38
C ILE A 166 41.10 -18.00 -12.18
N LYS A 167 41.75 -16.83 -12.12
CA LYS A 167 42.88 -16.50 -12.98
C LYS A 167 44.07 -16.13 -12.10
N THR A 168 45.26 -16.65 -12.43
CA THR A 168 46.39 -16.51 -11.52
C THR A 168 46.75 -15.04 -11.31
N SER A 169 46.84 -14.25 -12.39
CA SER A 169 47.66 -13.05 -12.38
C SER A 169 47.20 -12.00 -13.37
N THR A 170 47.59 -10.75 -13.10
CA THR A 170 47.40 -9.67 -14.06
C THR A 170 48.44 -9.67 -15.17
N GLY A 171 49.59 -10.31 -14.94
CA GLY A 171 50.71 -10.20 -15.81
C GLY A 171 51.58 -8.98 -15.57
N LEU A 172 51.20 -8.11 -14.64
CA LEU A 172 51.87 -6.83 -14.44
C LEU A 172 52.59 -6.74 -13.11
N VAL A 173 52.71 -7.85 -12.39
CA VAL A 173 53.48 -7.83 -11.16
C VAL A 173 54.71 -8.72 -11.33
N ALA A 174 55.56 -8.76 -10.31
CA ALA A 174 56.86 -9.43 -10.45
C ALA A 174 56.69 -10.93 -10.63
N VAL A 175 55.73 -11.53 -9.94
CA VAL A 175 55.50 -12.98 -10.00
C VAL A 175 54.09 -13.20 -10.54
N ASN A 176 53.99 -13.94 -11.65
CA ASN A 176 52.68 -14.29 -12.19
C ASN A 176 52.39 -15.76 -11.89
N ALA A 177 51.89 -16.51 -12.85
CA ALA A 177 51.59 -17.90 -12.57
C ALA A 177 52.88 -18.71 -12.37
N THR A 178 52.79 -19.74 -11.53
CA THR A 178 53.78 -20.77 -11.32
C THR A 178 53.07 -22.12 -11.36
N PRO A 179 53.80 -23.20 -11.65
CA PRO A 179 53.15 -24.53 -11.60
C PRO A 179 52.53 -24.83 -10.24
N GLU A 180 53.12 -24.31 -9.16
CA GLU A 180 52.58 -24.58 -7.83
C GLU A 180 51.27 -23.83 -7.59
N SER A 181 51.23 -22.54 -7.96
CA SER A 181 49.98 -21.81 -7.73
C SER A 181 48.86 -22.34 -8.63
N ALA A 182 49.21 -22.71 -9.87
CA ALA A 182 48.23 -23.34 -10.75
C ALA A 182 47.65 -24.60 -10.12
N ARG A 183 48.51 -25.46 -9.57
CA ARG A 183 48.00 -26.67 -8.96
C ARG A 183 47.13 -26.35 -7.75
N ILE A 184 47.54 -25.38 -6.93
CA ILE A 184 46.75 -25.00 -5.76
C ILE A 184 45.37 -24.54 -6.19
N MET A 185 45.31 -23.67 -7.19
CA MET A 185 44.03 -23.13 -7.62
C MET A 185 43.14 -24.21 -8.26
N MET A 186 43.73 -25.08 -9.08
CA MET A 186 42.91 -26.15 -9.64
C MET A 186 42.46 -27.15 -8.57
N GLU A 187 43.28 -27.36 -7.53
CA GLU A 187 42.86 -28.19 -6.40
C GLU A 187 41.65 -27.61 -5.69
N VAL A 188 41.58 -26.29 -5.58
CA VAL A 188 40.42 -25.67 -4.95
C VAL A 188 39.15 -25.97 -5.76
N ILE A 189 39.23 -25.83 -7.09
CA ILE A 189 38.09 -26.14 -7.96
C ILE A 189 37.61 -27.57 -7.72
N ARG A 190 38.56 -28.52 -7.68
CA ARG A 190 38.20 -29.91 -7.41
C ARG A 190 37.63 -30.08 -6.00
N ASP A 191 38.33 -29.54 -5.00
CA ASP A 191 37.92 -29.80 -3.62
C ASP A 191 36.55 -29.22 -3.31
N MET A 192 36.16 -28.16 -4.00
CA MET A 192 34.84 -27.57 -3.81
C MET A 192 33.80 -28.19 -4.73
N GLY A 193 34.19 -29.09 -5.62
CA GLY A 193 33.29 -29.76 -6.53
C GLY A 193 32.67 -28.88 -7.59
N VAL A 194 33.39 -27.87 -8.07
CA VAL A 194 32.82 -26.92 -9.03
C VAL A 194 33.49 -27.01 -10.39
N GLU A 195 34.02 -28.19 -10.75
CA GLU A 195 34.73 -28.28 -12.03
C GLU A 195 33.82 -27.99 -13.21
N LYS A 196 32.51 -28.21 -13.08
CA LYS A 196 31.64 -27.93 -14.21
C LYS A 196 31.42 -26.44 -14.40
N SER A 197 31.43 -25.65 -13.32
CA SER A 197 31.07 -24.25 -13.39
C SER A 197 32.25 -23.29 -13.30
N VAL A 198 33.43 -23.76 -12.92
CA VAL A 198 34.56 -22.87 -12.69
C VAL A 198 35.75 -23.33 -13.52
N GLY A 199 36.28 -22.42 -14.35
CA GLY A 199 37.46 -22.69 -15.11
C GLY A 199 38.71 -22.09 -14.49
N PHE A 200 39.84 -22.43 -15.08
CA PHE A 200 41.12 -21.97 -14.59
C PHE A 200 41.91 -21.32 -15.72
N LYS A 201 42.59 -20.21 -15.39
CA LYS A 201 43.36 -19.47 -16.38
C LYS A 201 44.75 -19.19 -15.81
N VAL A 202 45.78 -19.63 -16.53
CA VAL A 202 47.17 -19.36 -16.17
C VAL A 202 47.60 -18.12 -16.94
N THR A 203 48.05 -17.08 -16.23
CA THR A 203 48.57 -15.90 -16.88
C THR A 203 50.05 -15.81 -16.60
N GLY A 204 50.86 -15.73 -17.66
CA GLY A 204 52.29 -15.85 -17.46
C GLY A 204 52.69 -17.29 -17.14
N GLY A 205 53.86 -17.43 -16.53
CA GLY A 205 54.32 -18.76 -16.21
C GLY A 205 54.76 -19.50 -17.46
N ALA A 206 53.82 -19.85 -18.34
CA ALA A 206 54.14 -20.57 -19.57
C ALA A 206 54.85 -19.65 -20.57
N ARG A 207 56.16 -19.84 -20.75
CA ARG A 207 56.89 -19.15 -21.80
C ARG A 207 57.03 -19.98 -23.07
N THR A 208 57.18 -21.29 -22.91
CA THR A 208 57.52 -22.19 -24.00
C THR A 208 56.42 -23.22 -24.23
N ALA A 209 56.48 -23.87 -25.39
CA ALA A 209 55.54 -24.96 -25.66
C ALA A 209 55.66 -26.05 -24.61
N GLU A 210 56.88 -26.30 -24.14
CA GLU A 210 57.09 -27.29 -23.08
C GLU A 210 56.44 -26.84 -21.78
N ASP A 211 56.52 -25.54 -21.44
CA ASP A 211 55.76 -25.01 -20.30
C ASP A 211 54.27 -25.26 -20.48
N ALA A 212 53.72 -24.90 -21.65
CA ALA A 212 52.29 -25.06 -21.87
C ALA A 212 51.87 -26.50 -21.68
N GLN A 213 52.68 -27.45 -22.15
CA GLN A 213 52.34 -28.85 -21.99
C GLN A 213 52.19 -29.21 -20.52
N LYS A 214 53.13 -28.73 -19.70
CA LYS A 214 53.16 -29.09 -18.27
C LYS A 214 51.97 -28.48 -17.54
N TYR A 215 51.61 -27.25 -17.87
CA TYR A 215 50.46 -26.64 -17.22
C TYR A 215 49.17 -27.40 -17.52
N LEU A 216 48.98 -27.82 -18.77
CA LEU A 216 47.79 -28.57 -19.14
C LEU A 216 47.76 -29.95 -18.49
N ALA A 217 48.92 -30.58 -18.34
CA ALA A 217 48.97 -31.90 -17.73
C ALA A 217 48.44 -31.88 -16.28
N ILE A 218 48.61 -30.76 -15.57
CA ILE A 218 48.05 -30.64 -14.21
C ILE A 218 46.54 -30.76 -14.26
N ALA A 219 45.91 -30.02 -15.17
CA ALA A 219 44.46 -30.13 -15.35
C ALA A 219 44.05 -31.53 -15.77
N ASP A 220 44.83 -32.16 -16.63
CA ASP A 220 44.51 -33.52 -17.07
C ASP A 220 44.58 -34.50 -15.92
N GLU A 221 45.51 -34.29 -15.00
CA GLU A 221 45.66 -35.16 -13.82
C GLU A 221 44.51 -34.97 -12.85
N LEU A 222 44.08 -33.73 -12.62
CA LEU A 222 43.10 -33.47 -11.58
C LEU A 222 41.69 -33.77 -12.06
N PHE A 223 41.39 -33.46 -13.31
CA PHE A 223 40.08 -33.67 -13.90
C PHE A 223 40.26 -34.60 -15.10
N GLY A 224 39.19 -34.89 -15.83
CA GLY A 224 39.38 -35.69 -17.02
C GLY A 224 40.43 -35.10 -17.95
N ALA A 225 40.97 -35.93 -18.84
CA ALA A 225 41.75 -35.34 -19.93
C ALA A 225 40.86 -34.53 -20.88
N ASP A 226 39.54 -34.64 -20.72
CA ASP A 226 38.57 -33.91 -21.51
C ASP A 226 38.11 -32.61 -20.86
N TRP A 227 38.54 -32.34 -19.63
CA TRP A 227 37.97 -31.22 -18.88
C TRP A 227 38.38 -29.86 -19.44
N ALA A 228 39.65 -29.73 -19.85
CA ALA A 228 40.22 -28.41 -20.12
C ALA A 228 39.87 -27.97 -21.55
N ASP A 229 38.57 -27.71 -21.76
CA ASP A 229 38.14 -27.07 -22.98
C ASP A 229 38.14 -25.55 -22.77
N ALA A 230 37.65 -24.79 -23.75
CA ALA A 230 37.74 -23.33 -23.65
C ALA A 230 36.94 -22.78 -22.47
N ARG A 231 35.88 -23.47 -22.05
CA ARG A 231 35.10 -22.98 -20.91
C ARG A 231 35.82 -23.19 -19.57
N HIS A 232 36.85 -24.02 -19.55
CA HIS A 232 37.43 -24.39 -18.26
C HIS A 232 38.93 -24.16 -18.19
N TYR A 233 39.58 -23.75 -19.28
CA TYR A 233 41.03 -23.57 -19.26
C TYR A 233 41.44 -22.50 -20.27
N ARG A 234 42.30 -21.57 -19.84
CA ARG A 234 42.86 -20.55 -20.71
C ARG A 234 44.32 -20.32 -20.38
N PHE A 235 45.10 -20.00 -21.42
CA PHE A 235 46.42 -19.43 -21.23
C PHE A 235 46.34 -17.95 -21.55
N GLY A 236 46.58 -17.10 -20.55
CA GLY A 236 46.75 -15.68 -20.82
C GLY A 236 48.18 -15.39 -21.18
N ALA A 237 48.44 -15.12 -22.46
CA ALA A 237 49.82 -15.12 -22.91
C ALA A 237 49.94 -14.20 -24.11
N SER A 238 51.19 -13.89 -24.43
CA SER A 238 51.51 -13.15 -25.65
C SER A 238 52.59 -13.91 -26.40
N GLY A 239 53.84 -13.79 -25.93
CA GLY A 239 54.96 -14.47 -26.56
C GLY A 239 54.83 -15.98 -26.63
N LEU A 240 53.98 -16.57 -25.77
CA LEU A 240 53.79 -18.01 -25.81
C LEU A 240 53.25 -18.48 -27.17
N LEU A 241 52.45 -17.64 -27.83
CA LEU A 241 51.89 -18.02 -29.14
C LEU A 241 53.00 -18.31 -30.15
N ALA A 242 54.05 -17.50 -30.16
CA ALA A 242 55.13 -17.76 -31.11
C ALA A 242 55.81 -19.09 -30.82
N SER A 243 55.99 -19.41 -29.54
CA SER A 243 56.62 -20.67 -29.18
C SER A 243 55.76 -21.86 -29.60
N LEU A 244 54.44 -21.75 -29.42
CA LEU A 244 53.55 -22.83 -29.82
C LEU A 244 53.56 -23.02 -31.33
N LEU A 245 53.46 -21.93 -32.07
CA LEU A 245 53.44 -22.02 -33.53
C LEU A 245 54.71 -22.66 -34.05
N LYS A 246 55.87 -22.26 -33.52
CA LYS A 246 57.12 -22.88 -33.94
C LYS A 246 57.13 -24.37 -33.65
N ALA A 247 56.62 -24.79 -32.49
CA ALA A 247 56.53 -26.21 -32.21
C ALA A 247 55.66 -26.92 -33.25
N LEU A 248 54.69 -26.22 -33.82
CA LEU A 248 53.81 -26.76 -34.84
C LEU A 248 54.35 -26.57 -36.26
N GLY A 249 55.61 -26.19 -36.42
CA GLY A 249 56.18 -26.01 -37.74
C GLY A 249 55.89 -24.68 -38.40
N HIS A 250 55.29 -23.74 -37.68
CA HIS A 250 55.06 -22.40 -38.23
C HIS A 250 55.93 -21.38 -37.49
N THR B 2 -1.39 43.62 -16.66
CA THR B 2 -1.86 42.45 -15.93
C THR B 2 -2.76 41.61 -16.82
N ASP B 3 -3.08 42.11 -18.02
CA ASP B 3 -3.84 41.30 -18.95
C ASP B 3 -3.02 40.10 -19.41
N LEU B 4 -1.71 40.27 -19.58
CA LEU B 4 -0.86 39.14 -19.89
C LEU B 4 -0.75 38.19 -18.69
N LYS B 5 -0.99 38.66 -17.49
CA LYS B 5 -0.99 37.73 -16.38
C LYS B 5 -2.32 36.99 -16.29
N ALA B 6 -3.43 37.68 -16.53
CA ALA B 6 -4.73 37.02 -16.51
C ALA B 6 -4.80 35.94 -17.59
N SER B 7 -4.42 36.28 -18.83
CA SER B 7 -4.48 35.26 -19.87
C SER B 7 -3.47 34.14 -19.63
N SER B 8 -2.32 34.45 -19.02
CA SER B 8 -1.31 33.43 -18.78
C SER B 8 -1.80 32.41 -17.77
N LEU B 9 -2.47 32.85 -16.71
CA LEU B 9 -3.05 31.92 -15.76
C LEU B 9 -4.14 31.09 -16.42
N ARG B 10 -4.99 31.74 -17.22
CA ARG B 10 -6.03 31.02 -17.95
C ARG B 10 -5.42 29.98 -18.87
N ALA B 11 -4.38 30.35 -19.61
CA ALA B 11 -3.75 29.41 -20.53
C ALA B 11 -3.17 28.22 -19.78
N LEU B 12 -2.55 28.49 -18.63
CA LEU B 12 -1.94 27.43 -17.83
C LEU B 12 -2.98 26.41 -17.40
N LYS B 13 -4.15 26.86 -16.95
CA LYS B 13 -5.21 25.96 -16.51
C LYS B 13 -5.89 25.26 -17.67
N LEU B 14 -5.56 25.62 -18.91
CA LEU B 14 -6.05 24.95 -20.11
C LEU B 14 -4.97 24.10 -20.78
N MET B 15 -3.85 23.88 -20.12
CA MET B 15 -2.71 23.23 -20.75
C MET B 15 -2.81 21.72 -20.64
N ASP B 16 -2.62 21.02 -21.76
CA ASP B 16 -2.24 19.60 -21.76
C ASP B 16 -0.72 19.57 -21.78
N LEU B 17 -0.09 19.30 -20.64
CA LEU B 17 1.35 19.44 -20.52
C LEU B 17 2.06 18.14 -20.89
N SER B 18 3.09 18.25 -21.72
CA SER B 18 3.95 17.11 -22.04
C SER B 18 5.40 17.46 -21.70
N THR B 19 6.25 16.43 -21.70
CA THR B 19 7.67 16.58 -21.37
C THR B 19 8.42 17.37 -22.42
N GLY B 22 10.93 15.14 -25.74
CA GLY B 22 10.35 13.83 -25.97
C GLY B 22 10.78 12.75 -24.97
N ASP B 23 11.25 13.18 -23.81
CA ASP B 23 11.65 12.24 -22.78
C ASP B 23 10.44 11.52 -22.20
N TYR B 24 10.55 10.20 -22.05
CA TYR B 24 9.42 9.40 -21.62
C TYR B 24 9.75 8.38 -20.53
N THR B 25 10.95 8.42 -19.96
CA THR B 25 11.27 7.49 -18.89
C THR B 25 10.34 7.72 -17.71
N ASP B 26 10.23 6.69 -16.87
CA ASP B 26 9.41 6.85 -15.67
C ASP B 26 9.81 8.09 -14.88
N GLU B 27 11.12 8.36 -14.78
CA GLU B 27 11.53 9.55 -14.06
C GLU B 27 11.02 10.82 -14.72
N LYS B 28 11.03 10.88 -16.05
CA LYS B 28 10.57 12.08 -16.73
C LYS B 28 9.05 12.26 -16.60
N VAL B 29 8.30 11.15 -16.59
CA VAL B 29 6.86 11.24 -16.39
C VAL B 29 6.55 11.69 -14.96
N ILE B 30 7.27 11.12 -13.98
CA ILE B 30 7.08 11.59 -12.62
C ILE B 30 7.37 13.09 -12.53
N ALA B 31 8.46 13.53 -13.17
CA ALA B 31 8.78 14.96 -13.19
C ALA B 31 7.69 15.77 -13.88
N LEU B 32 7.11 15.25 -14.95
CA LEU B 32 6.03 15.95 -15.65
C LEU B 32 4.81 16.12 -14.75
N CYS B 33 4.45 15.05 -14.03
CA CYS B 33 3.34 15.14 -13.07
C CYS B 33 3.60 16.22 -12.03
N HIS B 34 4.82 16.28 -11.50
CA HIS B 34 5.14 17.33 -10.54
C HIS B 34 5.06 18.70 -11.20
N GLN B 35 5.54 18.80 -12.44
CA GLN B 35 5.55 20.08 -13.13
C GLN B 35 4.12 20.58 -13.42
N ALA B 36 3.16 19.67 -13.58
CA ALA B 36 1.79 20.07 -13.87
C ALA B 36 1.11 20.72 -12.67
N LYS B 37 1.58 20.43 -11.45
CA LYS B 37 1.11 21.07 -10.23
C LYS B 37 1.98 22.30 -10.01
N THR B 38 1.61 23.41 -10.62
CA THR B 38 2.47 24.60 -10.63
C THR B 38 2.21 25.45 -9.39
N PRO B 39 3.09 26.41 -9.11
CA PRO B 39 2.83 27.32 -7.99
C PRO B 39 1.53 28.07 -8.12
N VAL B 40 1.05 28.34 -9.34
CA VAL B 40 -0.14 29.17 -9.45
C VAL B 40 -1.40 28.35 -9.72
N GLY B 41 -1.29 27.03 -9.80
CA GLY B 41 -2.44 26.21 -10.14
C GLY B 41 -2.04 25.01 -10.96
N ASN B 42 -3.01 24.13 -11.19
CA ASN B 42 -2.81 22.90 -11.94
C ASN B 42 -3.14 23.09 -13.42
N THR B 43 -2.35 22.46 -14.29
CA THR B 43 -2.74 22.39 -15.69
C THR B 43 -4.00 21.52 -15.83
N ALA B 44 -4.64 21.61 -16.99
CA ALA B 44 -5.82 20.80 -17.22
C ALA B 44 -5.48 19.31 -17.25
N ALA B 45 -4.32 18.98 -17.81
CA ALA B 45 -3.99 17.58 -18.07
C ALA B 45 -2.48 17.47 -18.25
N ILE B 46 -2.03 16.23 -18.27
CA ILE B 46 -0.71 15.90 -18.79
C ILE B 46 -0.94 15.00 -19.98
N SER B 47 -0.02 15.06 -20.94
CA SER B 47 -0.07 14.28 -22.18
C SER B 47 1.11 13.33 -22.21
N ILE B 48 0.84 12.03 -22.20
CA ILE B 48 1.89 11.03 -22.09
C ILE B 48 1.56 9.87 -23.02
N TYR B 49 2.56 9.02 -23.26
CA TYR B 49 2.32 7.80 -24.02
C TYR B 49 1.54 6.80 -23.18
N PRO B 50 0.79 5.91 -23.83
CA PRO B 50 -0.17 5.05 -23.10
C PRO B 50 0.43 4.22 -21.97
N ARG B 51 1.65 3.69 -22.15
CA ARG B 51 2.24 2.82 -21.14
C ARG B 51 2.56 3.56 -19.85
N SER B 52 2.64 4.88 -19.91
CA SER B 52 2.94 5.68 -18.73
C SER B 52 1.71 6.03 -17.92
N ILE B 53 0.51 5.69 -18.41
CA ILE B 53 -0.70 6.12 -17.72
C ILE B 53 -0.80 5.59 -16.30
N PRO B 54 -0.59 4.29 -16.02
CA PRO B 54 -0.75 3.81 -14.63
C PRO B 54 0.18 4.49 -13.63
N ILE B 55 1.46 4.67 -13.96
CA ILE B 55 2.35 5.32 -13.01
C ILE B 55 2.02 6.80 -12.91
N ALA B 56 1.59 7.42 -14.00
CA ALA B 56 1.20 8.83 -13.96
C ALA B 56 -0.01 9.02 -13.07
N ARG B 57 -0.99 8.11 -13.17
CA ARG B 57 -2.18 8.24 -12.34
C ARG B 57 -1.84 8.14 -10.85
N LYS B 58 -1.00 7.17 -10.48
CA LYS B 58 -0.53 7.04 -9.11
C LYS B 58 0.22 8.29 -8.65
N THR B 59 1.07 8.83 -9.52
CA THR B 59 1.85 10.00 -9.14
C THR B 59 0.96 11.21 -8.90
N LEU B 60 -0.02 11.43 -9.78
CA LEU B 60 -0.93 12.55 -9.64
C LEU B 60 -1.75 12.42 -8.36
N LYS B 61 -2.24 11.22 -8.08
CA LYS B 61 -2.99 10.98 -6.85
C LYS B 61 -2.12 11.24 -5.63
N GLU B 62 -0.88 10.77 -5.68
CA GLU B 62 -0.03 10.85 -4.49
C GLU B 62 0.43 12.27 -4.22
N GLN B 63 0.58 13.10 -5.25
CA GLN B 63 0.90 14.49 -5.03
C GLN B 63 -0.33 15.32 -4.73
N GLY B 64 -1.50 14.70 -4.66
CA GLY B 64 -2.71 15.39 -4.27
C GLY B 64 -3.42 16.15 -5.35
N THR B 65 -3.21 15.81 -6.62
CA THR B 65 -3.91 16.45 -7.73
C THR B 65 -4.61 15.40 -8.58
N PRO B 66 -5.60 14.70 -8.03
CA PRO B 66 -6.27 13.65 -8.83
C PRO B 66 -7.14 14.20 -9.94
N GLU B 67 -7.45 15.49 -9.94
CA GLU B 67 -8.29 16.06 -10.98
C GLU B 67 -7.51 16.52 -12.20
N ILE B 68 -6.18 16.45 -12.17
CA ILE B 68 -5.42 16.66 -13.39
C ILE B 68 -5.67 15.47 -14.31
N ARG B 69 -6.17 15.74 -15.51
CA ARG B 69 -6.55 14.70 -16.46
C ARG B 69 -5.32 14.06 -17.11
N ILE B 70 -5.49 12.84 -17.57
CA ILE B 70 -4.43 12.14 -18.29
C ILE B 70 -4.88 11.97 -19.72
N ALA B 71 -4.17 12.63 -20.63
CA ALA B 71 -4.44 12.53 -22.05
C ALA B 71 -3.33 11.69 -22.67
N THR B 72 -3.67 10.93 -23.70
CA THR B 72 -2.65 10.14 -24.38
C THR B 72 -2.91 10.17 -25.88
N VAL B 73 -2.10 9.44 -26.65
CA VAL B 73 -2.18 9.54 -28.11
C VAL B 73 -2.27 8.15 -28.73
N THR B 74 -2.98 8.06 -29.85
CA THR B 74 -3.08 6.82 -30.60
C THR B 74 -3.03 7.14 -32.09
N ASN B 75 -2.76 6.10 -32.88
CA ASN B 75 -2.49 6.22 -34.30
C ASN B 75 -1.38 7.24 -34.54
N PHE B 76 -0.42 7.26 -33.61
CA PHE B 76 0.39 8.44 -33.43
C PHE B 76 1.86 8.15 -33.66
N PRO B 77 2.60 9.05 -34.32
CA PRO B 77 2.12 10.31 -34.89
C PRO B 77 1.80 10.19 -36.39
N HIS B 78 1.84 8.98 -36.93
CA HIS B 78 1.81 8.77 -38.39
C HIS B 78 0.47 9.11 -39.02
N GLY B 79 -0.62 8.87 -38.30
CA GLY B 79 -1.94 8.98 -38.90
C GLY B 79 -2.15 7.99 -40.03
N ASN B 80 -1.76 6.74 -39.83
CA ASN B 80 -1.96 5.72 -40.85
C ASN B 80 -3.46 5.46 -41.02
N ASP B 81 -3.81 4.78 -42.11
CA ASP B 81 -5.20 4.58 -42.45
C ASP B 81 -5.72 3.19 -42.07
N ASP B 82 -5.04 2.48 -41.17
CA ASP B 82 -5.46 1.17 -40.71
C ASP B 82 -6.37 1.36 -39.50
N ILE B 83 -7.67 1.18 -39.68
CA ILE B 83 -8.61 1.44 -38.59
C ILE B 83 -8.45 0.42 -37.47
N GLU B 84 -8.28 -0.86 -37.80
CA GLU B 84 -8.22 -1.83 -36.72
C GLU B 84 -7.01 -1.60 -35.83
N ILE B 85 -5.93 -1.05 -36.36
CA ILE B 85 -4.78 -0.72 -35.52
C ILE B 85 -5.07 0.49 -34.65
N ALA B 86 -5.60 1.56 -35.26
CA ALA B 86 -5.95 2.73 -34.47
C ALA B 86 -6.95 2.37 -33.37
N LEU B 87 -7.90 1.48 -33.69
CA LEU B 87 -8.92 1.11 -32.71
C LEU B 87 -8.32 0.28 -31.58
N ALA B 88 -7.40 -0.64 -31.89
CA ALA B 88 -6.79 -1.43 -30.83
C ALA B 88 -5.96 -0.55 -29.90
N GLU B 89 -5.17 0.38 -30.47
CA GLU B 89 -4.42 1.31 -29.64
C GLU B 89 -5.34 2.16 -28.78
N THR B 90 -6.46 2.62 -29.35
CA THR B 90 -7.42 3.41 -28.58
C THR B 90 -8.02 2.59 -27.44
N ARG B 91 -8.41 1.35 -27.70
CA ARG B 91 -8.96 0.50 -26.64
C ARG B 91 -7.92 0.24 -25.57
N ALA B 92 -6.66 0.09 -25.97
CA ALA B 92 -5.61 -0.11 -24.98
C ALA B 92 -5.40 1.14 -24.13
N ALA B 93 -5.43 2.32 -24.77
CA ALA B 93 -5.30 3.58 -24.03
C ALA B 93 -6.41 3.70 -22.99
N ILE B 94 -7.63 3.39 -23.39
CA ILE B 94 -8.76 3.38 -22.47
C ILE B 94 -8.49 2.42 -21.31
N ALA B 95 -8.00 1.22 -21.64
CA ALA B 95 -7.79 0.19 -20.63
C ALA B 95 -6.66 0.56 -19.67
N TYR B 96 -5.61 1.23 -20.17
CA TYR B 96 -4.58 1.75 -19.28
C TYR B 96 -5.15 2.74 -18.28
N GLY B 97 -6.25 3.40 -18.63
CA GLY B 97 -6.87 4.34 -17.73
C GLY B 97 -6.89 5.76 -18.23
N ALA B 98 -6.70 6.00 -19.54
CA ALA B 98 -6.70 7.38 -20.04
C ALA B 98 -8.03 8.08 -19.76
N ASP B 99 -7.97 9.39 -19.47
CA ASP B 99 -9.20 10.18 -19.44
C ASP B 99 -9.57 10.67 -20.83
N GLU B 100 -8.57 10.88 -21.66
CA GLU B 100 -8.71 11.46 -22.99
C GLU B 100 -7.73 10.78 -23.92
N VAL B 101 -8.16 10.57 -25.17
CA VAL B 101 -7.34 9.94 -26.19
C VAL B 101 -7.31 10.91 -27.37
N ASP B 102 -6.11 11.29 -27.78
CA ASP B 102 -5.91 12.15 -28.95
C ASP B 102 -5.45 11.23 -30.10
N VAL B 103 -6.33 11.02 -31.10
CA VAL B 103 -6.04 10.12 -32.22
C VAL B 103 -5.66 10.94 -33.46
N VAL B 104 -4.63 10.48 -34.18
CA VAL B 104 -4.23 11.20 -35.38
C VAL B 104 -5.17 10.79 -36.50
N PHE B 105 -5.82 11.79 -37.09
CA PHE B 105 -6.63 11.61 -38.28
C PHE B 105 -5.78 11.06 -39.41
N PRO B 106 -6.32 10.17 -40.25
CA PRO B 106 -5.56 9.71 -41.44
C PRO B 106 -5.55 10.80 -42.51
N TYR B 107 -4.72 11.82 -42.26
CA TYR B 107 -4.75 13.01 -43.10
C TYR B 107 -4.16 12.76 -44.48
N ARG B 108 -3.20 11.84 -44.61
CA ARG B 108 -2.66 11.54 -45.93
C ARG B 108 -3.71 10.90 -46.83
N ALA B 109 -4.52 10.00 -46.27
CA ALA B 109 -5.63 9.42 -47.02
C ALA B 109 -6.61 10.50 -47.45
N LEU B 110 -6.93 11.43 -46.56
CA LEU B 110 -7.75 12.56 -46.95
C LEU B 110 -7.09 13.35 -48.05
N MET B 111 -5.78 13.57 -47.94
CA MET B 111 -5.06 14.25 -49.00
C MET B 111 -5.17 13.49 -50.31
N ALA B 112 -5.23 12.16 -50.25
CA ALA B 112 -5.36 11.32 -51.44
C ALA B 112 -6.81 11.13 -51.86
N GLY B 113 -7.76 11.82 -51.23
CA GLY B 113 -9.13 11.80 -51.69
C GLY B 113 -10.06 10.84 -50.97
N ASN B 114 -9.59 10.19 -49.92
CA ASN B 114 -10.38 9.22 -49.17
C ASN B 114 -10.89 9.91 -47.91
N GLU B 115 -12.10 10.46 -47.99
CA GLU B 115 -12.73 11.05 -46.81
C GLU B 115 -13.31 9.99 -45.89
N GLN B 116 -13.70 8.86 -46.46
CA GLN B 116 -14.47 7.86 -45.72
C GLN B 116 -13.62 7.22 -44.63
N VAL B 117 -12.35 6.93 -44.91
CA VAL B 117 -11.54 6.22 -43.93
C VAL B 117 -11.27 7.12 -42.72
N GLY B 118 -11.13 8.42 -42.93
CA GLY B 118 -11.02 9.33 -41.80
C GLY B 118 -12.29 9.33 -40.98
N PHE B 119 -13.43 9.35 -41.64
CA PHE B 119 -14.71 9.27 -40.94
C PHE B 119 -14.81 7.96 -40.16
N ASP B 120 -14.54 6.83 -40.81
CA ASP B 120 -14.69 5.53 -40.16
C ASP B 120 -13.73 5.38 -38.98
N LEU B 121 -12.50 5.88 -39.15
CA LEU B 121 -11.50 5.69 -38.11
C LEU B 121 -11.87 6.49 -36.86
N VAL B 122 -12.22 7.75 -37.05
CA VAL B 122 -12.63 8.59 -35.94
C VAL B 122 -13.89 8.02 -35.30
N LYS B 123 -14.84 7.57 -36.13
CA LYS B 123 -16.09 7.03 -35.61
C LYS B 123 -15.83 5.80 -34.74
N ALA B 124 -14.97 4.90 -35.20
CA ALA B 124 -14.66 3.70 -34.43
C ALA B 124 -14.01 4.06 -33.10
N CYS B 125 -13.03 4.96 -33.12
CA CYS B 125 -12.36 5.35 -31.89
C CYS B 125 -13.33 6.09 -30.97
N LYS B 126 -14.20 6.92 -31.55
CA LYS B 126 -15.19 7.62 -30.73
C LYS B 126 -16.11 6.65 -30.00
N GLU B 127 -16.59 5.61 -30.70
CA GLU B 127 -17.52 4.68 -30.07
C GLU B 127 -16.87 3.96 -28.90
N ALA B 128 -15.59 3.59 -29.05
CA ALA B 128 -14.84 2.99 -27.97
C ALA B 128 -14.70 3.96 -26.79
N CYS B 129 -14.31 5.20 -27.08
CA CYS B 129 -14.12 6.18 -26.02
C CYS B 129 -15.43 6.52 -25.32
N ALA B 130 -16.48 6.75 -26.09
CA ALA B 130 -17.78 7.10 -25.51
C ALA B 130 -18.29 6.00 -24.60
N ALA B 131 -18.10 4.74 -24.98
CA ALA B 131 -18.55 3.64 -24.13
C ALA B 131 -17.85 3.63 -22.78
N ALA B 132 -16.62 4.14 -22.70
CA ALA B 132 -15.89 4.20 -21.46
C ALA B 132 -15.90 5.60 -20.86
N ASN B 133 -16.67 6.51 -21.47
CA ASN B 133 -16.75 7.91 -21.06
C ASN B 133 -15.36 8.55 -21.04
N VAL B 134 -14.65 8.34 -22.12
CA VAL B 134 -13.34 8.92 -22.38
C VAL B 134 -13.52 9.97 -23.46
N LEU B 135 -12.82 11.09 -23.34
CA LEU B 135 -12.92 12.14 -24.34
C LEU B 135 -11.98 11.84 -25.51
N LEU B 136 -12.46 12.09 -26.74
CA LEU B 136 -11.68 11.86 -27.95
C LEU B 136 -11.33 13.18 -28.61
N LYS B 137 -10.04 13.48 -28.69
CA LYS B 137 -9.52 14.56 -29.52
C LYS B 137 -9.03 14.00 -30.84
N VAL B 138 -9.25 14.71 -31.93
CA VAL B 138 -8.78 14.25 -33.22
C VAL B 138 -7.71 15.22 -33.70
N ILE B 139 -6.49 14.72 -33.85
CA ILE B 139 -5.37 15.49 -34.41
C ILE B 139 -5.49 15.45 -35.92
N ILE B 140 -5.74 16.60 -36.55
CA ILE B 140 -5.83 16.56 -38.02
C ILE B 140 -4.50 16.88 -38.69
N GLU B 141 -3.49 17.36 -37.97
CA GLU B 141 -2.18 17.70 -38.53
C GLU B 141 -2.31 18.79 -39.61
N SER B 142 -2.82 19.94 -39.20
CA SER B 142 -3.09 21.03 -40.13
C SER B 142 -1.83 21.51 -40.86
N GLY B 143 -0.66 21.32 -40.23
CA GLY B 143 0.59 21.73 -40.86
C GLY B 143 1.04 20.84 -41.99
N GLU B 144 0.50 19.64 -42.11
CA GLU B 144 0.70 18.79 -43.28
C GLU B 144 -0.40 18.93 -44.31
N LEU B 145 -1.63 19.19 -43.85
CA LEU B 145 -2.73 19.47 -44.78
C LEU B 145 -2.48 20.76 -45.54
N LYS B 146 -2.04 21.80 -44.84
CA LYS B 146 -1.61 23.10 -45.37
C LYS B 146 -2.75 23.89 -46.01
N ASP B 147 -3.46 23.32 -46.97
CA ASP B 147 -4.51 24.04 -47.69
C ASP B 147 -5.72 24.31 -46.80
N GLU B 148 -6.23 25.53 -46.85
CA GLU B 148 -7.36 25.90 -46.00
C GLU B 148 -8.55 24.96 -46.19
N ALA B 149 -8.87 24.61 -47.44
CA ALA B 149 -10.03 23.74 -47.65
C ALA B 149 -9.82 22.34 -47.07
N LEU B 150 -8.57 21.85 -47.10
CA LEU B 150 -8.30 20.54 -46.50
C LEU B 150 -8.39 20.59 -44.99
N ILE B 151 -7.95 21.71 -44.40
CA ILE B 151 -8.04 21.84 -42.95
C ILE B 151 -9.50 21.87 -42.52
N ARG B 152 -10.34 22.62 -43.26
CA ARG B 152 -11.77 22.63 -42.97
C ARG B 152 -12.38 21.25 -43.18
N LYS B 153 -11.98 20.55 -44.24
CA LYS B 153 -12.61 19.27 -44.51
C LYS B 153 -12.29 18.25 -43.43
N ALA B 154 -11.02 18.17 -43.03
CA ALA B 154 -10.63 17.25 -41.97
C ALA B 154 -11.34 17.57 -40.66
N SER B 155 -11.50 18.87 -40.37
CA SER B 155 -12.23 19.29 -39.18
C SER B 155 -13.69 18.86 -39.27
N GLU B 156 -14.30 19.07 -40.44
CA GLU B 156 -15.71 18.71 -40.63
C GLU B 156 -15.94 17.23 -40.49
N ILE B 157 -15.08 16.41 -41.14
CA ILE B 157 -15.22 14.96 -41.05
C ILE B 157 -15.10 14.52 -39.60
N SER B 158 -14.10 15.03 -38.91
CA SER B 158 -13.88 14.63 -37.52
C SER B 158 -15.07 14.95 -36.65
N ILE B 159 -15.63 16.15 -36.82
CA ILE B 159 -16.80 16.55 -36.04
C ILE B 159 -17.98 15.65 -36.38
N LYS B 160 -18.22 15.39 -37.67
CA LYS B 160 -19.34 14.54 -38.03
C LYS B 160 -19.19 13.13 -37.44
N ALA B 161 -17.96 12.67 -37.29
CA ALA B 161 -17.71 11.33 -36.77
C ALA B 161 -17.72 11.27 -35.25
N GLY B 162 -17.85 12.40 -34.56
CA GLY B 162 -18.04 12.41 -33.12
C GLY B 162 -16.88 12.95 -32.30
N ALA B 163 -15.91 13.59 -32.93
CA ALA B 163 -14.77 14.13 -32.18
C ALA B 163 -15.29 15.07 -31.11
N ASP B 164 -14.77 14.90 -29.88
CA ASP B 164 -15.08 15.82 -28.80
C ASP B 164 -14.19 17.05 -28.83
N PHE B 165 -13.01 16.94 -29.46
CA PHE B 165 -12.07 18.02 -29.71
C PHE B 165 -11.48 17.81 -31.10
N ILE B 166 -11.13 18.91 -31.77
CA ILE B 166 -10.23 18.86 -32.90
C ILE B 166 -8.93 19.56 -32.52
N LYS B 167 -7.82 18.93 -32.85
CA LYS B 167 -6.49 19.30 -32.40
C LYS B 167 -5.61 19.55 -33.61
N THR B 168 -4.83 20.65 -33.57
CA THR B 168 -4.14 21.08 -34.78
C THR B 168 -3.10 20.04 -35.22
N SER B 169 -2.33 19.49 -34.29
CA SER B 169 -1.05 18.93 -34.70
C SER B 169 -0.57 17.87 -33.72
N THR B 170 0.37 17.03 -34.19
CA THR B 170 1.09 16.11 -33.31
C THR B 170 2.17 16.81 -32.50
N GLY B 171 2.66 17.96 -32.95
CA GLY B 171 3.85 18.54 -32.37
C GLY B 171 5.14 17.99 -32.91
N LEU B 172 5.07 17.01 -33.82
CA LEU B 172 6.25 16.29 -34.30
C LEU B 172 6.53 16.48 -35.79
N VAL B 173 5.81 17.37 -36.47
CA VAL B 173 6.12 17.63 -37.87
C VAL B 173 6.64 19.05 -37.95
N ALA B 174 6.99 19.49 -39.15
CA ALA B 174 7.69 20.77 -39.32
C ALA B 174 6.81 21.95 -38.93
N VAL B 175 5.54 21.90 -39.31
CA VAL B 175 4.60 22.98 -39.04
C VAL B 175 3.50 22.43 -38.16
N ASN B 176 3.33 23.01 -36.98
CA ASN B 176 2.28 22.63 -36.06
C ASN B 176 1.20 23.72 -36.11
N ALA B 177 0.68 24.19 -34.98
CA ALA B 177 -0.36 25.22 -35.04
C ALA B 177 0.19 26.53 -35.57
N THR B 178 -0.67 27.27 -36.26
CA THR B 178 -0.44 28.64 -36.66
C THR B 178 -1.69 29.43 -36.33
N PRO B 179 -1.60 30.75 -36.21
CA PRO B 179 -2.82 31.54 -36.00
C PRO B 179 -3.84 31.32 -37.11
N GLU B 180 -3.40 31.09 -38.34
CA GLU B 180 -4.36 30.89 -39.41
C GLU B 180 -5.09 29.56 -39.26
N SER B 181 -4.36 28.48 -39.01
CA SER B 181 -5.01 27.18 -38.91
C SER B 181 -5.88 27.10 -37.66
N ALA B 182 -5.44 27.71 -36.57
CA ALA B 182 -6.27 27.80 -35.38
C ALA B 182 -7.60 28.49 -35.67
N ARG B 183 -7.56 29.62 -36.39
CA ARG B 183 -8.78 30.34 -36.70
C ARG B 183 -9.66 29.53 -37.67
N ILE B 184 -9.06 28.90 -38.67
CA ILE B 184 -9.83 28.07 -39.59
C ILE B 184 -10.58 26.98 -38.83
N MET B 185 -9.88 26.30 -37.93
CA MET B 185 -10.52 25.19 -37.23
C MET B 185 -11.65 25.67 -36.31
N MET B 186 -11.42 26.75 -35.57
CA MET B 186 -12.49 27.27 -34.72
C MET B 186 -13.65 27.82 -35.54
N GLU B 187 -13.38 28.36 -36.72
CA GLU B 187 -14.47 28.76 -37.61
C GLU B 187 -15.33 27.56 -37.98
N VAL B 188 -14.70 26.40 -38.22
CA VAL B 188 -15.46 25.20 -38.53
C VAL B 188 -16.38 24.85 -37.36
N ILE B 189 -15.84 24.90 -36.14
CA ILE B 189 -16.67 24.63 -34.97
C ILE B 189 -17.88 25.56 -34.95
N ARG B 190 -17.65 26.85 -35.19
CA ARG B 190 -18.75 27.80 -35.23
C ARG B 190 -19.71 27.50 -36.37
N ASP B 191 -19.16 27.34 -37.59
CA ASP B 191 -20.02 27.22 -38.78
C ASP B 191 -20.91 26.00 -38.73
N MET B 192 -20.48 24.94 -38.03
CA MET B 192 -21.31 23.75 -37.90
C MET B 192 -22.21 23.82 -36.68
N GLY B 193 -22.07 24.86 -35.85
CA GLY B 193 -22.91 25.01 -34.67
C GLY B 193 -22.66 23.99 -33.59
N VAL B 194 -21.42 23.54 -33.44
CA VAL B 194 -21.12 22.49 -32.49
C VAL B 194 -20.22 23.02 -31.37
N GLU B 195 -20.31 24.31 -31.09
CA GLU B 195 -19.43 24.90 -30.09
C GLU B 195 -19.68 24.37 -28.69
N LYS B 196 -20.89 23.88 -28.40
CA LYS B 196 -21.14 23.30 -27.08
C LYS B 196 -20.54 21.91 -26.94
N SER B 197 -20.41 21.17 -28.05
CA SER B 197 -19.97 19.77 -27.98
C SER B 197 -18.54 19.54 -28.44
N VAL B 198 -17.89 20.49 -29.11
CA VAL B 198 -16.57 20.25 -29.69
C VAL B 198 -15.60 21.33 -29.22
N GLY B 199 -14.47 20.91 -28.66
CA GLY B 199 -13.43 21.82 -28.25
C GLY B 199 -12.32 21.92 -29.28
N PHE B 200 -11.40 22.83 -29.00
CA PHE B 200 -10.28 23.10 -29.89
C PHE B 200 -8.99 23.01 -29.10
N LYS B 201 -7.98 22.38 -29.69
CA LYS B 201 -6.70 22.24 -29.00
C LYS B 201 -5.58 22.70 -29.92
N VAL B 202 -4.81 23.67 -29.45
CA VAL B 202 -3.67 24.19 -30.20
C VAL B 202 -2.42 23.50 -29.68
N THR B 203 -1.71 22.84 -30.57
CA THR B 203 -0.48 22.13 -30.24
C THR B 203 0.69 22.81 -30.91
N GLY B 204 1.70 23.15 -30.13
CA GLY B 204 2.78 23.91 -30.69
C GLY B 204 2.32 25.32 -31.00
N GLY B 205 3.05 25.96 -31.89
CA GLY B 205 2.72 27.30 -32.30
C GLY B 205 3.03 28.35 -31.26
N ALA B 206 2.27 28.32 -30.16
CA ALA B 206 2.44 29.29 -29.08
C ALA B 206 3.74 29.02 -28.33
N ARG B 207 4.67 29.97 -28.41
CA ARG B 207 5.95 29.89 -27.73
C ARG B 207 6.02 30.74 -26.48
N THR B 208 5.31 31.86 -26.44
CA THR B 208 5.41 32.80 -25.35
C THR B 208 4.03 33.05 -24.78
N ALA B 209 4.01 33.64 -23.59
CA ALA B 209 2.74 34.04 -23.00
C ALA B 209 1.97 34.97 -23.93
N GLU B 210 2.69 35.81 -24.68
CA GLU B 210 2.03 36.70 -25.62
C GLU B 210 1.34 35.91 -26.73
N ASP B 211 2.03 34.87 -27.25
CA ASP B 211 1.40 34.00 -28.24
C ASP B 211 0.12 33.38 -27.68
N ALA B 212 0.21 32.81 -26.47
CA ALA B 212 -0.95 32.16 -25.86
C ALA B 212 -2.12 33.12 -25.73
N GLN B 213 -1.83 34.38 -25.39
CA GLN B 213 -2.89 35.37 -25.28
C GLN B 213 -3.64 35.54 -26.59
N LYS B 214 -2.91 35.61 -27.71
CA LYS B 214 -3.54 35.83 -29.01
C LYS B 214 -4.35 34.62 -29.46
N TYR B 215 -3.85 33.41 -29.18
CA TYR B 215 -4.62 32.22 -29.52
C TYR B 215 -5.94 32.18 -28.77
N LEU B 216 -5.92 32.53 -27.47
CA LEU B 216 -7.17 32.60 -26.73
C LEU B 216 -8.07 33.72 -27.26
N ALA B 217 -7.46 34.82 -27.69
CA ALA B 217 -8.24 35.93 -28.24
C ALA B 217 -9.05 35.50 -29.46
N ILE B 218 -8.54 34.54 -30.23
CA ILE B 218 -9.32 34.04 -31.36
C ILE B 218 -10.61 33.38 -30.87
N ALA B 219 -10.49 32.51 -29.87
CA ALA B 219 -11.68 31.84 -29.32
C ALA B 219 -12.63 32.85 -28.68
N ASP B 220 -12.08 33.82 -27.94
CA ASP B 220 -12.94 34.83 -27.32
C ASP B 220 -13.67 35.64 -28.38
N GLU B 221 -13.04 35.87 -29.53
CA GLU B 221 -13.71 36.62 -30.60
C GLU B 221 -14.82 35.81 -31.24
N LEU B 222 -14.59 34.53 -31.51
CA LEU B 222 -15.55 33.75 -32.29
C LEU B 222 -16.72 33.27 -31.45
N PHE B 223 -16.47 32.94 -30.19
CA PHE B 223 -17.45 32.48 -29.23
C PHE B 223 -17.45 33.47 -28.08
N GLY B 224 -18.20 33.19 -27.03
CA GLY B 224 -18.11 34.04 -25.86
C GLY B 224 -16.70 34.13 -25.31
N ALA B 225 -16.48 35.14 -24.48
CA ALA B 225 -15.29 35.09 -23.62
C ALA B 225 -15.39 34.01 -22.55
N ASP B 226 -16.56 33.41 -22.38
CA ASP B 226 -16.77 32.34 -21.42
C ASP B 226 -16.62 30.96 -22.05
N TRP B 227 -16.42 30.89 -23.36
CA TRP B 227 -16.49 29.61 -24.05
C TRP B 227 -15.28 28.73 -23.73
N ALA B 228 -14.07 29.31 -23.70
CA ALA B 228 -12.85 28.52 -23.68
C ALA B 228 -12.49 28.06 -22.25
N ASP B 229 -13.32 27.17 -21.71
CA ASP B 229 -12.99 26.46 -20.48
C ASP B 229 -12.29 25.14 -20.81
N ALA B 230 -12.02 24.32 -19.80
CA ALA B 230 -11.24 23.11 -20.02
C ALA B 230 -11.92 22.13 -20.98
N ARG B 231 -13.25 22.12 -21.03
CA ARG B 231 -13.97 21.23 -21.94
C ARG B 231 -13.91 21.69 -23.41
N HIS B 232 -13.51 22.94 -23.67
CA HIS B 232 -13.58 23.46 -25.03
C HIS B 232 -12.29 24.01 -25.58
N TYR B 233 -11.23 24.17 -24.78
CA TYR B 233 -9.99 24.77 -25.27
C TYR B 233 -8.83 24.17 -24.50
N ARG B 234 -7.77 23.78 -25.21
CA ARG B 234 -6.54 23.30 -24.58
C ARG B 234 -5.34 23.81 -25.36
N PHE B 235 -4.24 24.05 -24.63
CA PHE B 235 -2.92 24.23 -25.20
C PHE B 235 -2.15 22.93 -25.06
N GLY B 236 -1.78 22.31 -26.18
CA GLY B 236 -0.84 21.20 -26.12
C GLY B 236 0.57 21.76 -26.13
N ALA B 237 1.26 21.70 -25.00
CA ALA B 237 2.48 22.47 -24.87
C ALA B 237 3.44 21.82 -23.88
N SER B 238 4.70 22.24 -23.97
CA SER B 238 5.70 21.86 -22.98
C SER B 238 6.43 23.11 -22.54
N GLY B 239 7.34 23.61 -23.39
CA GLY B 239 8.11 24.79 -23.06
C GLY B 239 7.28 26.03 -22.81
N LEU B 240 6.04 26.08 -23.32
CA LEU B 240 5.18 27.24 -23.10
C LEU B 240 4.89 27.46 -21.62
N LEU B 241 4.86 26.39 -20.84
CA LEU B 241 4.57 26.52 -19.41
C LEU B 241 5.61 27.40 -18.71
N ALA B 242 6.87 27.28 -19.10
CA ALA B 242 7.89 28.13 -18.49
C ALA B 242 7.64 29.60 -18.78
N SER B 243 7.20 29.90 -20.00
CA SER B 243 6.93 31.29 -20.38
C SER B 243 5.73 31.85 -19.62
N LEU B 244 4.68 31.05 -19.43
CA LEU B 244 3.54 31.50 -18.65
C LEU B 244 3.92 31.72 -17.19
N LEU B 245 4.68 30.80 -16.60
CA LEU B 245 5.10 30.96 -15.21
C LEU B 245 5.96 32.20 -15.05
N LYS B 246 6.88 32.44 -15.99
CA LYS B 246 7.70 33.65 -15.91
C LYS B 246 6.83 34.90 -16.00
N ALA B 247 5.85 34.91 -16.90
CA ALA B 247 4.94 36.04 -16.96
C ALA B 247 4.20 36.23 -15.65
N LEU B 248 3.95 35.14 -14.92
CA LEU B 248 3.28 35.22 -13.65
C LEU B 248 4.24 35.40 -12.48
N GLY B 249 5.52 35.64 -12.76
CA GLY B 249 6.48 35.87 -11.70
C GLY B 249 7.05 34.63 -11.05
N HIS B 250 7.20 33.53 -11.80
CA HIS B 250 7.74 32.29 -11.25
C HIS B 250 8.74 31.65 -12.21
N ASP C 3 17.54 -37.89 -33.04
CA ASP C 3 17.10 -37.86 -31.65
C ASP C 3 17.29 -36.45 -31.08
N LEU C 4 18.50 -35.91 -31.24
CA LEU C 4 18.71 -34.50 -30.97
C LEU C 4 17.98 -33.61 -31.97
N LYS C 5 17.70 -34.13 -33.17
CA LYS C 5 16.93 -33.35 -34.14
C LYS C 5 15.46 -33.37 -33.78
N ALA C 6 14.93 -34.51 -33.32
CA ALA C 6 13.55 -34.56 -32.88
C ALA C 6 13.32 -33.61 -31.70
N SER C 7 14.24 -33.62 -30.74
CA SER C 7 14.09 -32.74 -29.59
C SER C 7 14.19 -31.28 -29.99
N SER C 8 15.07 -30.97 -30.95
CA SER C 8 15.23 -29.58 -31.38
C SER C 8 14.02 -29.08 -32.17
N LEU C 9 13.50 -29.90 -33.08
CA LEU C 9 12.29 -29.48 -33.79
C LEU C 9 11.12 -29.31 -32.83
N ARG C 10 11.03 -30.21 -31.84
CA ARG C 10 10.00 -30.10 -30.81
C ARG C 10 10.18 -28.81 -30.01
N ALA C 11 11.40 -28.53 -29.59
CA ALA C 11 11.65 -27.33 -28.81
C ALA C 11 11.32 -26.07 -29.62
N LEU C 12 11.65 -26.08 -30.91
CA LEU C 12 11.37 -24.94 -31.77
C LEU C 12 9.88 -24.63 -31.82
N LYS C 13 9.04 -25.67 -31.91
CA LYS C 13 7.60 -25.47 -31.95
C LYS C 13 7.00 -25.07 -30.61
N LEU C 14 7.80 -25.05 -29.55
CA LEU C 14 7.37 -24.59 -28.24
C LEU C 14 7.98 -23.24 -27.87
N MET C 15 8.57 -22.55 -28.83
CA MET C 15 9.33 -21.34 -28.52
C MET C 15 8.42 -20.10 -28.49
N ASP C 16 8.55 -19.32 -27.42
CA ASP C 16 8.11 -17.92 -27.43
C ASP C 16 9.33 -17.10 -27.81
N LEU C 17 9.38 -16.66 -29.06
CA LEU C 17 10.56 -16.00 -29.60
C LEU C 17 10.52 -14.51 -29.30
N SER C 18 11.64 -13.97 -28.85
CA SER C 18 11.77 -12.54 -28.65
C SER C 18 12.98 -12.05 -29.42
N THR C 19 13.12 -10.73 -29.54
CA THR C 19 14.26 -10.15 -30.25
C THR C 19 15.53 -10.34 -29.43
N LEU C 20 16.68 -10.18 -30.09
CA LEU C 20 17.96 -10.57 -29.49
C LEU C 20 18.30 -9.72 -28.26
N ASN C 21 18.57 -8.44 -28.45
CA ASN C 21 18.90 -7.58 -27.31
C ASN C 21 17.78 -6.58 -27.03
N GLY C 22 16.58 -7.09 -26.80
CA GLY C 22 15.46 -6.23 -26.39
C GLY C 22 15.16 -5.09 -27.33
N ASP C 23 15.38 -5.29 -28.63
CA ASP C 23 15.01 -4.27 -29.60
C ASP C 23 13.50 -4.10 -29.62
N TYR C 24 13.04 -2.83 -29.74
CA TYR C 24 11.62 -2.54 -29.63
C TYR C 24 11.06 -1.79 -30.83
N THR C 25 11.87 -1.49 -31.84
CA THR C 25 11.39 -0.75 -33.01
C THR C 25 10.39 -1.59 -33.79
N ASP C 26 9.51 -0.91 -34.54
CA ASP C 26 8.56 -1.63 -35.40
C ASP C 26 9.26 -2.57 -36.38
N GLU C 27 10.35 -2.11 -37.01
CA GLU C 27 11.03 -2.98 -37.98
C GLU C 27 11.59 -4.23 -37.32
N LYS C 28 12.16 -4.09 -36.12
CA LYS C 28 12.69 -5.26 -35.41
C LYS C 28 11.57 -6.20 -35.00
N VAL C 29 10.41 -5.66 -34.64
CA VAL C 29 9.27 -6.51 -34.34
C VAL C 29 8.79 -7.21 -35.61
N ILE C 30 8.72 -6.47 -36.71
CA ILE C 30 8.37 -7.08 -37.99
C ILE C 30 9.35 -8.19 -38.33
N ALA C 31 10.64 -7.94 -38.13
CA ALA C 31 11.64 -8.97 -38.40
C ALA C 31 11.45 -10.16 -37.48
N LEU C 32 11.07 -9.91 -36.23
CA LEU C 32 10.82 -10.99 -35.29
C LEU C 32 9.69 -11.88 -35.79
N CYS C 33 8.61 -11.28 -36.31
CA CYS C 33 7.52 -12.05 -36.89
C CYS C 33 8.02 -12.93 -38.03
N HIS C 34 8.88 -12.39 -38.90
CA HIS C 34 9.47 -13.17 -39.98
C HIS C 34 10.35 -14.29 -39.43
N GLN C 35 11.14 -14.00 -38.42
CA GLN C 35 12.04 -14.99 -37.85
C GLN C 35 11.28 -16.15 -37.21
N ALA C 36 10.08 -15.89 -36.69
CA ALA C 36 9.28 -16.94 -36.08
C ALA C 36 8.79 -17.94 -37.10
N LYS C 37 8.75 -17.54 -38.38
CA LYS C 37 8.40 -18.43 -39.48
C LYS C 37 9.69 -19.07 -39.98
N THR C 38 10.10 -20.16 -39.35
CA THR C 38 11.43 -20.72 -39.60
C THR C 38 11.39 -21.61 -40.84
N PRO C 39 12.56 -22.01 -41.34
CA PRO C 39 12.59 -22.99 -42.44
C PRO C 39 11.87 -24.29 -42.09
N VAL C 40 11.94 -24.73 -40.84
CA VAL C 40 11.46 -26.05 -40.47
C VAL C 40 10.12 -26.02 -39.75
N GLY C 41 9.56 -24.84 -39.50
CA GLY C 41 8.28 -24.74 -38.85
C GLY C 41 8.16 -23.43 -38.11
N ASN C 42 6.96 -23.18 -37.60
CA ASN C 42 6.67 -21.95 -36.86
C ASN C 42 6.92 -22.15 -35.37
N THR C 43 7.48 -21.12 -34.73
CA THR C 43 7.54 -21.09 -33.27
C THR C 43 6.12 -21.04 -32.72
N ALA C 44 6.00 -21.32 -31.43
CA ALA C 44 4.69 -21.28 -30.80
C ALA C 44 4.15 -19.85 -30.74
N ALA C 45 5.04 -18.90 -30.48
CA ALA C 45 4.63 -17.53 -30.21
C ALA C 45 5.79 -16.59 -30.48
N ILE C 46 5.46 -15.31 -30.48
CA ILE C 46 6.47 -14.27 -30.33
C ILE C 46 6.17 -13.52 -29.04
N SER C 47 7.21 -12.99 -28.43
CA SER C 47 7.10 -12.23 -27.18
C SER C 47 7.55 -10.80 -27.43
N ILE C 48 6.66 -9.85 -27.23
CA ILE C 48 6.91 -8.45 -27.56
C ILE C 48 6.26 -7.58 -26.50
N TYR C 49 6.63 -6.30 -26.48
CA TYR C 49 5.96 -5.36 -25.59
C TYR C 49 4.56 -5.00 -26.10
N PRO C 50 3.66 -4.59 -25.20
CA PRO C 50 2.25 -4.44 -25.59
C PRO C 50 2.03 -3.52 -26.78
N ARG C 51 2.77 -2.42 -26.89
CA ARG C 51 2.46 -1.46 -27.95
C ARG C 51 2.75 -2.02 -29.33
N SER C 52 3.56 -3.08 -29.43
CA SER C 52 3.90 -3.69 -30.70
C SER C 52 2.88 -4.71 -31.18
N ILE C 53 1.87 -5.03 -30.37
CA ILE C 53 0.95 -6.11 -30.74
C ILE C 53 0.18 -5.81 -32.03
N PRO C 54 -0.39 -4.61 -32.22
CA PRO C 54 -1.17 -4.42 -33.46
C PRO C 54 -0.35 -4.59 -34.73
N ILE C 55 0.88 -4.07 -34.79
CA ILE C 55 1.67 -4.24 -36.00
C ILE C 55 2.16 -5.68 -36.14
N ALA C 56 2.45 -6.34 -35.02
CA ALA C 56 2.87 -7.74 -35.08
C ALA C 56 1.73 -8.62 -35.59
N ARG C 57 0.49 -8.34 -35.16
CA ARG C 57 -0.65 -9.12 -35.63
C ARG C 57 -0.87 -8.94 -37.12
N LYS C 58 -0.76 -7.70 -37.61
CA LYS C 58 -0.86 -7.45 -39.04
C LYS C 58 0.20 -8.21 -39.81
N THR C 59 1.44 -8.17 -39.32
CA THR C 59 2.55 -8.82 -40.00
C THR C 59 2.38 -10.33 -40.03
N LEU C 60 2.00 -10.93 -38.88
CA LEU C 60 1.80 -12.37 -38.83
C LEU C 60 0.71 -12.84 -39.79
N LYS C 61 -0.41 -12.10 -39.85
CA LYS C 61 -1.48 -12.45 -40.78
C LYS C 61 -1.01 -12.33 -42.22
N GLU C 62 -0.26 -11.28 -42.54
CA GLU C 62 0.11 -11.05 -43.92
C GLU C 62 1.11 -12.10 -44.41
N GLN C 63 1.94 -12.63 -43.54
CA GLN C 63 2.83 -13.69 -43.96
C GLN C 63 2.15 -15.06 -43.94
N GLY C 64 0.86 -15.11 -43.60
CA GLY C 64 0.11 -16.34 -43.61
C GLY C 64 0.30 -17.24 -42.41
N THR C 65 0.72 -16.70 -41.27
CA THR C 65 0.96 -17.49 -40.06
C THR C 65 0.13 -16.96 -38.88
N PRO C 66 -1.19 -17.04 -38.95
CA PRO C 66 -2.01 -16.53 -37.84
C PRO C 66 -1.91 -17.36 -36.57
N GLU C 67 -1.38 -18.57 -36.66
CA GLU C 67 -1.31 -19.47 -35.51
C GLU C 67 -0.11 -19.19 -34.62
N ILE C 68 0.83 -18.34 -35.03
CA ILE C 68 1.87 -17.91 -34.11
C ILE C 68 1.23 -16.97 -33.09
N ARG C 69 1.28 -17.37 -31.82
CA ARG C 69 0.63 -16.59 -30.79
C ARG C 69 1.44 -15.32 -30.50
N ILE C 70 0.75 -14.30 -30.00
CA ILE C 70 1.40 -13.07 -29.57
C ILE C 70 1.34 -13.03 -28.05
N ALA C 71 2.50 -13.09 -27.43
CA ALA C 71 2.62 -13.00 -25.98
C ALA C 71 3.27 -11.67 -25.60
N THR C 72 2.86 -11.12 -24.47
CA THR C 72 3.44 -9.88 -24.01
C THR C 72 3.64 -9.98 -22.51
N VAL C 73 4.10 -8.89 -21.90
CA VAL C 73 4.46 -8.87 -20.49
C VAL C 73 3.80 -7.69 -19.83
N THR C 74 3.48 -7.84 -18.54
CA THR C 74 2.94 -6.77 -17.73
C THR C 74 3.58 -6.85 -16.36
N ASN C 75 3.49 -5.75 -15.61
CA ASN C 75 4.17 -5.62 -14.32
C ASN C 75 5.66 -5.92 -14.46
N PHE C 76 6.23 -5.51 -15.59
CA PHE C 76 7.46 -6.11 -16.08
C PHE C 76 8.54 -5.06 -16.24
N PRO C 77 9.79 -5.37 -15.89
CA PRO C 77 10.25 -6.63 -15.28
C PRO C 77 10.31 -6.60 -13.75
N HIS C 78 9.86 -5.48 -13.18
CA HIS C 78 10.09 -5.20 -11.77
C HIS C 78 9.31 -6.13 -10.86
N GLY C 79 8.13 -6.58 -11.25
CA GLY C 79 7.29 -7.31 -10.31
C GLY C 79 6.92 -6.49 -9.08
N ASN C 80 6.54 -5.24 -9.29
CA ASN C 80 6.09 -4.41 -8.17
C ASN C 80 4.80 -4.98 -7.60
N ASP C 81 4.43 -4.50 -6.40
CA ASP C 81 3.26 -5.04 -5.71
C ASP C 81 2.05 -4.13 -5.80
N ASP C 82 1.97 -3.28 -6.84
CA ASP C 82 0.80 -2.44 -7.06
C ASP C 82 -0.17 -3.20 -7.98
N ILE C 83 -1.23 -3.73 -7.40
CA ILE C 83 -2.18 -4.53 -8.16
C ILE C 83 -2.90 -3.68 -9.20
N GLU C 84 -3.28 -2.46 -8.84
CA GLU C 84 -4.04 -1.66 -9.80
C GLU C 84 -3.23 -1.38 -11.05
N ILE C 85 -1.92 -1.21 -10.91
CA ILE C 85 -1.07 -0.93 -12.07
C ILE C 85 -0.89 -2.19 -12.92
N ALA C 86 -0.58 -3.31 -12.29
CA ALA C 86 -0.47 -4.57 -13.02
C ALA C 86 -1.77 -4.88 -13.74
N LEU C 87 -2.90 -4.62 -13.10
CA LEU C 87 -4.18 -4.97 -13.72
C LEU C 87 -4.46 -4.05 -14.91
N ALA C 88 -4.15 -2.77 -14.78
CA ALA C 88 -4.37 -1.86 -15.91
C ALA C 88 -3.49 -2.23 -17.09
N GLU C 89 -2.21 -2.55 -16.83
CA GLU C 89 -1.34 -2.97 -17.91
C GLU C 89 -1.84 -4.26 -18.55
N THR C 90 -2.30 -5.20 -17.73
CA THR C 90 -2.87 -6.43 -18.29
C THR C 90 -4.11 -6.14 -19.12
N ARG C 91 -5.01 -5.27 -18.62
CA ARG C 91 -6.18 -4.93 -19.41
C ARG C 91 -5.79 -4.25 -20.71
N ALA C 92 -4.73 -3.43 -20.67
CA ALA C 92 -4.27 -2.81 -21.91
C ALA C 92 -3.69 -3.85 -22.87
N ALA C 93 -2.91 -4.80 -22.35
CA ALA C 93 -2.34 -5.84 -23.19
C ALA C 93 -3.44 -6.61 -23.91
N ILE C 94 -4.47 -7.01 -23.16
CA ILE C 94 -5.63 -7.66 -23.76
C ILE C 94 -6.22 -6.80 -24.85
N ALA C 95 -6.40 -5.51 -24.57
CA ALA C 95 -7.07 -4.63 -25.53
C ALA C 95 -6.23 -4.41 -26.78
N TYR C 96 -4.90 -4.42 -26.65
CA TYR C 96 -4.03 -4.37 -27.82
C TYR C 96 -4.24 -5.58 -28.73
N GLY C 97 -4.65 -6.72 -28.16
CA GLY C 97 -4.89 -7.92 -28.94
C GLY C 97 -3.99 -9.08 -28.56
N ALA C 98 -3.40 -9.06 -27.36
CA ALA C 98 -2.53 -10.15 -26.95
C ALA C 98 -3.29 -11.48 -26.92
N ASP C 99 -2.60 -12.55 -27.31
CA ASP C 99 -3.12 -13.89 -27.06
C ASP C 99 -2.77 -14.35 -25.66
N GLU C 100 -1.63 -13.91 -25.15
CA GLU C 100 -1.12 -14.35 -23.85
C GLU C 100 -0.44 -13.18 -23.17
N VAL C 101 -0.56 -13.13 -21.85
CA VAL C 101 0.05 -12.10 -21.03
C VAL C 101 0.92 -12.80 -19.99
N ASP C 102 2.21 -12.40 -19.95
CA ASP C 102 3.16 -12.88 -18.95
C ASP C 102 3.32 -11.76 -17.90
N VAL C 103 2.75 -11.96 -16.70
CA VAL C 103 2.79 -10.95 -15.65
C VAL C 103 3.86 -11.32 -14.63
N VAL C 104 4.60 -10.34 -14.16
CA VAL C 104 5.62 -10.63 -13.15
C VAL C 104 5.00 -10.68 -11.77
N PHE C 105 5.17 -11.81 -11.10
CA PHE C 105 4.74 -12.01 -9.73
C PHE C 105 5.44 -11.02 -8.80
N PRO C 106 4.77 -10.50 -7.79
CA PRO C 106 5.47 -9.61 -6.85
C PRO C 106 6.37 -10.42 -5.93
N TYR C 107 7.51 -10.86 -6.46
CA TYR C 107 8.36 -11.78 -5.72
C TYR C 107 9.08 -11.10 -4.57
N ARG C 108 9.41 -9.81 -4.69
CA ARG C 108 10.03 -9.15 -3.54
C ARG C 108 9.07 -9.08 -2.36
N ALA C 109 7.79 -8.83 -2.63
CA ALA C 109 6.79 -8.85 -1.56
C ALA C 109 6.71 -10.23 -0.91
N LEU C 110 6.74 -11.29 -1.72
CA LEU C 110 6.74 -12.64 -1.17
C LEU C 110 7.96 -12.87 -0.29
N MET C 111 9.12 -12.39 -0.73
CA MET C 111 10.34 -12.55 0.06
C MET C 111 10.25 -11.82 1.40
N ALA C 112 9.53 -10.70 1.45
CA ALA C 112 9.33 -9.99 2.71
C ALA C 112 8.16 -10.55 3.51
N GLY C 113 7.58 -11.66 3.11
CA GLY C 113 6.50 -12.29 3.84
C GLY C 113 5.10 -11.97 3.36
N ASN C 114 4.95 -11.25 2.24
CA ASN C 114 3.63 -10.88 1.76
C ASN C 114 3.25 -11.82 0.63
N GLU C 115 2.66 -12.95 0.99
CA GLU C 115 2.12 -13.88 0.01
C GLU C 115 0.80 -13.40 -0.56
N GLN C 116 0.05 -12.63 0.24
CA GLN C 116 -1.32 -12.34 -0.15
C GLN C 116 -1.38 -11.44 -1.38
N VAL C 117 -0.47 -10.47 -1.48
CA VAL C 117 -0.54 -9.53 -2.60
C VAL C 117 -0.24 -10.24 -3.91
N GLY C 118 0.64 -11.25 -3.90
CA GLY C 118 0.88 -12.05 -5.09
C GLY C 118 -0.33 -12.87 -5.50
N PHE C 119 -0.99 -13.51 -4.54
CA PHE C 119 -2.25 -14.18 -4.82
C PHE C 119 -3.25 -13.19 -5.42
N ASP C 120 -3.42 -12.05 -4.76
CA ASP C 120 -4.42 -11.09 -5.22
C ASP C 120 -4.07 -10.54 -6.60
N LEU C 121 -2.78 -10.28 -6.84
CA LEU C 121 -2.39 -9.69 -8.11
C LEU C 121 -2.60 -10.68 -9.25
N VAL C 122 -2.15 -11.92 -9.06
CA VAL C 122 -2.34 -12.94 -10.09
C VAL C 122 -3.82 -13.18 -10.35
N LYS C 123 -4.62 -13.27 -9.28
CA LYS C 123 -6.05 -13.52 -9.46
C LYS C 123 -6.69 -12.40 -10.26
N ALA C 124 -6.36 -11.16 -9.93
CA ALA C 124 -6.95 -10.02 -10.64
C ALA C 124 -6.63 -10.08 -12.12
N CYS C 125 -5.36 -10.33 -12.45
CA CYS C 125 -4.97 -10.39 -13.86
C CYS C 125 -5.57 -11.61 -14.54
N LYS C 126 -5.64 -12.74 -13.84
CA LYS C 126 -6.23 -13.94 -14.45
C LYS C 126 -7.69 -13.70 -14.81
N GLU C 127 -8.45 -13.06 -13.93
CA GLU C 127 -9.86 -12.82 -14.21
C GLU C 127 -10.02 -11.93 -15.44
N ALA C 128 -9.17 -10.92 -15.59
CA ALA C 128 -9.21 -10.11 -16.79
C ALA C 128 -8.88 -10.95 -18.04
N CYS C 129 -7.82 -11.74 -17.97
CA CYS C 129 -7.39 -12.53 -19.12
C CYS C 129 -8.43 -13.58 -19.48
N ALA C 130 -8.94 -14.30 -18.48
CA ALA C 130 -9.86 -15.39 -18.74
C ALA C 130 -11.14 -14.90 -19.42
N ALA C 131 -11.66 -13.75 -19.01
CA ALA C 131 -12.85 -13.22 -19.65
C ALA C 131 -12.60 -12.89 -21.12
N ALA C 132 -11.36 -12.63 -21.49
CA ALA C 132 -11.02 -12.31 -22.86
C ALA C 132 -10.44 -13.48 -23.64
N ASN C 133 -10.46 -14.69 -23.08
CA ASN C 133 -9.88 -15.87 -23.73
C ASN C 133 -8.38 -15.67 -23.97
N VAL C 134 -7.71 -15.01 -23.02
CA VAL C 134 -6.27 -14.78 -23.03
C VAL C 134 -5.63 -15.64 -21.94
N LEU C 135 -4.51 -16.27 -22.26
CA LEU C 135 -3.81 -17.10 -21.28
C LEU C 135 -2.89 -16.23 -20.44
N LEU C 136 -2.78 -16.53 -19.15
CA LEU C 136 -1.93 -15.77 -18.23
C LEU C 136 -0.75 -16.64 -17.81
N LYS C 137 0.46 -16.22 -18.15
CA LYS C 137 1.66 -16.81 -17.58
C LYS C 137 2.11 -15.94 -16.42
N VAL C 138 2.57 -16.56 -15.35
CA VAL C 138 3.06 -15.83 -14.18
C VAL C 138 4.57 -16.07 -14.06
N ILE C 139 5.33 -14.99 -14.16
CA ILE C 139 6.79 -15.02 -13.98
C ILE C 139 7.08 -14.93 -12.49
N ILE C 140 7.66 -15.99 -11.90
CA ILE C 140 7.96 -15.93 -10.47
C ILE C 140 9.38 -15.42 -10.19
N GLU C 141 10.23 -15.28 -11.21
CA GLU C 141 11.63 -14.82 -11.06
C GLU C 141 12.39 -15.71 -10.06
N SER C 142 12.44 -17.00 -10.42
CA SER C 142 13.04 -18.00 -9.55
C SER C 142 14.49 -17.67 -9.23
N GLY C 143 15.16 -16.96 -10.14
CA GLY C 143 16.55 -16.60 -9.89
C GLY C 143 16.73 -15.51 -8.86
N GLU C 144 15.69 -14.73 -8.56
CA GLU C 144 15.78 -13.82 -7.44
C GLU C 144 15.24 -14.46 -6.17
N LEU C 145 14.26 -15.36 -6.31
CA LEU C 145 13.78 -16.09 -5.15
C LEU C 145 14.88 -16.99 -4.58
N LYS C 146 15.61 -17.69 -5.45
CA LYS C 146 16.80 -18.49 -5.16
C LYS C 146 16.50 -19.71 -4.29
N ASP C 147 15.86 -19.51 -3.16
CA ASP C 147 15.60 -20.61 -2.24
C ASP C 147 14.54 -21.55 -2.81
N GLU C 148 14.81 -22.86 -2.70
CA GLU C 148 13.87 -23.87 -3.18
C GLU C 148 12.48 -23.67 -2.58
N ALA C 149 12.39 -23.41 -1.28
CA ALA C 149 11.10 -23.27 -0.63
C ALA C 149 10.35 -22.03 -1.11
N LEU C 150 11.08 -20.96 -1.45
CA LEU C 150 10.41 -19.76 -1.98
C LEU C 150 9.92 -20.00 -3.41
N ILE C 151 10.70 -20.74 -4.20
CA ILE C 151 10.29 -21.04 -5.58
C ILE C 151 9.02 -21.89 -5.58
N ARG C 152 8.95 -22.90 -4.70
CA ARG C 152 7.73 -23.68 -4.58
C ARG C 152 6.57 -22.83 -4.14
N LYS C 153 6.80 -21.94 -3.18
CA LYS C 153 5.69 -21.15 -2.64
C LYS C 153 5.14 -20.20 -3.71
N ALA C 154 6.02 -19.53 -4.44
CA ALA C 154 5.58 -18.64 -5.53
C ALA C 154 4.81 -19.41 -6.60
N SER C 155 5.29 -20.60 -6.95
CA SER C 155 4.58 -21.46 -7.90
C SER C 155 3.20 -21.84 -7.35
N GLU C 156 3.15 -22.27 -6.08
CA GLU C 156 1.90 -22.68 -5.46
C GLU C 156 0.90 -21.53 -5.39
N ILE C 157 1.36 -20.36 -4.95
CA ILE C 157 0.47 -19.19 -4.89
C ILE C 157 -0.07 -18.87 -6.28
N SER C 158 0.81 -18.84 -7.27
CA SER C 158 0.38 -18.47 -8.63
C SER C 158 -0.66 -19.45 -9.17
N ILE C 159 -0.43 -20.74 -8.96
CA ILE C 159 -1.37 -21.75 -9.44
C ILE C 159 -2.72 -21.59 -8.75
N LYS C 160 -2.70 -21.41 -7.43
CA LYS C 160 -3.96 -21.24 -6.68
C LYS C 160 -4.70 -19.99 -7.12
N ALA C 161 -3.98 -18.95 -7.52
CA ALA C 161 -4.61 -17.73 -7.96
C ALA C 161 -5.07 -17.79 -9.41
N GLY C 162 -4.73 -18.85 -10.12
CA GLY C 162 -5.26 -19.08 -11.47
C GLY C 162 -4.27 -19.05 -12.63
N ALA C 163 -2.97 -19.11 -12.37
CA ALA C 163 -1.99 -19.07 -13.46
C ALA C 163 -2.27 -20.17 -14.48
N ASP C 164 -2.26 -19.82 -15.76
CA ASP C 164 -2.33 -20.83 -16.79
C ASP C 164 -0.95 -21.42 -17.11
N PHE C 165 0.11 -20.68 -16.80
CA PHE C 165 1.50 -21.09 -16.90
C PHE C 165 2.24 -20.52 -15.70
N ILE C 166 3.28 -21.20 -15.26
CA ILE C 166 4.28 -20.59 -14.40
C ILE C 166 5.58 -20.54 -15.19
N LYS C 167 6.23 -19.38 -15.14
CA LYS C 167 7.35 -19.06 -16.00
C LYS C 167 8.51 -18.70 -15.09
N THR C 168 9.71 -19.22 -15.38
CA THR C 168 10.80 -19.06 -14.42
C THR C 168 11.18 -17.59 -14.24
N SER C 169 11.33 -16.84 -15.33
CA SER C 169 12.17 -15.65 -15.24
C SER C 169 11.75 -14.60 -16.25
N THR C 170 12.15 -13.35 -15.97
CA THR C 170 11.98 -12.27 -16.93
C THR C 170 13.00 -12.32 -18.05
N GLY C 171 14.12 -13.00 -17.86
CA GLY C 171 15.23 -12.95 -18.77
C GLY C 171 16.15 -11.75 -18.58
N LEU C 172 15.84 -10.86 -17.64
CA LEU C 172 16.56 -9.61 -17.48
C LEU C 172 17.29 -9.51 -16.16
N VAL C 173 17.35 -10.60 -15.39
CA VAL C 173 18.11 -10.56 -14.14
C VAL C 173 19.31 -11.50 -14.29
N ALA C 174 20.12 -11.57 -13.24
CA ALA C 174 21.39 -12.28 -13.32
C ALA C 174 21.20 -13.78 -13.49
N VAL C 175 20.23 -14.36 -12.78
CA VAL C 175 19.95 -15.78 -12.84
C VAL C 175 18.54 -15.96 -13.37
N ASN C 176 18.42 -16.67 -14.49
CA ASN C 176 17.12 -16.99 -15.04
C ASN C 176 16.84 -18.46 -14.81
N ALA C 177 16.37 -19.19 -15.81
CA ALA C 177 16.05 -20.59 -15.54
C ALA C 177 17.31 -21.38 -15.27
N THR C 178 17.17 -22.41 -14.44
CA THR C 178 18.18 -23.43 -14.21
C THR C 178 17.47 -24.78 -14.28
N PRO C 179 18.21 -25.86 -14.52
CA PRO C 179 17.57 -27.18 -14.48
C PRO C 179 16.92 -27.45 -13.14
N GLU C 180 17.50 -26.94 -12.06
CA GLU C 180 16.95 -27.21 -10.74
C GLU C 180 15.66 -26.44 -10.51
N SER C 181 15.62 -25.15 -10.88
CA SER C 181 14.39 -24.40 -10.66
C SER C 181 13.28 -24.90 -11.57
N ALA C 182 13.63 -25.28 -12.80
CA ALA C 182 12.66 -25.89 -13.70
C ALA C 182 12.04 -27.13 -13.09
N ARG C 183 12.88 -28.01 -12.55
CA ARG C 183 12.35 -29.24 -11.98
C ARG C 183 11.49 -28.95 -10.75
N ILE C 184 11.92 -28.02 -9.91
CA ILE C 184 11.12 -27.67 -8.73
C ILE C 184 9.73 -27.18 -9.16
N MET C 185 9.69 -26.30 -10.16
CA MET C 185 8.42 -25.73 -10.58
C MET C 185 7.53 -26.79 -11.22
N MET C 186 8.11 -27.65 -12.05
CA MET C 186 7.29 -28.70 -12.62
C MET C 186 6.85 -29.69 -11.56
N GLU C 187 7.65 -29.89 -10.50
CA GLU C 187 7.22 -30.71 -9.38
C GLU C 187 5.98 -30.12 -8.72
N VAL C 188 5.90 -28.80 -8.60
CA VAL C 188 4.72 -28.19 -8.00
C VAL C 188 3.49 -28.48 -8.85
N ILE C 189 3.61 -28.30 -10.17
CA ILE C 189 2.50 -28.63 -11.06
C ILE C 189 2.05 -30.07 -10.83
N ARG C 190 3.01 -31.00 -10.75
CA ARG C 190 2.64 -32.38 -10.47
C ARG C 190 2.03 -32.54 -9.09
N ASP C 191 2.69 -31.99 -8.05
CA ASP C 191 2.23 -32.27 -6.70
C ASP C 191 0.85 -31.68 -6.42
N MET C 192 0.48 -30.60 -7.11
CA MET C 192 -0.83 -30.01 -6.94
C MET C 192 -1.87 -30.61 -7.85
N GLY C 193 -1.48 -31.53 -8.74
CA GLY C 193 -2.40 -32.17 -9.64
C GLY C 193 -3.01 -31.27 -10.69
N VAL C 194 -2.27 -30.27 -11.16
CA VAL C 194 -2.79 -29.30 -12.13
C VAL C 194 -2.11 -29.44 -13.47
N GLU C 195 -1.59 -30.62 -13.79
CA GLU C 195 -0.87 -30.76 -15.05
C GLU C 195 -1.77 -30.49 -16.24
N LYS C 196 -3.08 -30.65 -16.09
CA LYS C 196 -3.98 -30.40 -17.21
C LYS C 196 -4.14 -28.90 -17.47
N SER C 197 -4.13 -28.09 -16.40
CA SER C 197 -4.48 -26.67 -16.50
C SER C 197 -3.30 -25.72 -16.41
N VAL C 198 -2.12 -26.20 -16.02
CA VAL C 198 -0.98 -25.31 -15.81
C VAL C 198 0.21 -25.79 -16.62
N GLY C 199 0.75 -24.91 -17.46
CA GLY C 199 1.95 -25.19 -18.19
C GLY C 199 3.18 -24.58 -17.55
N PHE C 200 4.32 -24.92 -18.12
CA PHE C 200 5.59 -24.46 -17.61
C PHE C 200 6.38 -23.78 -18.73
N LYS C 201 7.04 -22.68 -18.41
CA LYS C 201 7.82 -21.94 -19.40
C LYS C 201 9.23 -21.70 -18.88
N VAL C 202 10.22 -22.13 -19.65
CA VAL C 202 11.64 -21.93 -19.33
C VAL C 202 12.08 -20.66 -20.01
N THR C 203 12.56 -19.69 -19.26
CA THR C 203 13.08 -18.45 -19.83
C THR C 203 14.56 -18.37 -19.51
N GLY C 204 15.37 -18.20 -20.55
CA GLY C 204 16.80 -18.25 -20.35
C GLY C 204 17.24 -19.67 -20.02
N GLY C 205 18.41 -19.77 -19.40
CA GLY C 205 18.96 -21.04 -19.02
C GLY C 205 19.42 -21.87 -20.21
N ALA C 206 18.47 -22.30 -21.04
CA ALA C 206 18.78 -23.11 -22.20
C ALA C 206 19.44 -22.26 -23.28
N ARG C 207 20.72 -22.50 -23.55
CA ARG C 207 21.38 -21.81 -24.64
C ARG C 207 21.60 -22.67 -25.87
N THR C 208 21.68 -23.99 -25.69
CA THR C 208 22.00 -24.89 -26.79
C THR C 208 20.86 -25.87 -27.03
N ALA C 209 20.90 -26.50 -28.22
CA ALA C 209 19.94 -27.56 -28.51
C ALA C 209 20.07 -28.68 -27.48
N GLU C 210 21.29 -28.95 -27.03
CA GLU C 210 21.49 -29.95 -25.98
C GLU C 210 20.84 -29.50 -24.67
N ASP C 211 20.95 -28.20 -24.33
CA ASP C 211 20.24 -27.68 -23.17
C ASP C 211 18.73 -27.91 -23.30
N ALA C 212 18.17 -27.53 -24.44
CA ALA C 212 16.72 -27.64 -24.65
C ALA C 212 16.26 -29.08 -24.50
N GLN C 213 17.07 -30.03 -24.97
CA GLN C 213 16.72 -31.44 -24.83
C GLN C 213 16.59 -31.83 -23.36
N LYS C 214 17.51 -31.37 -22.52
CA LYS C 214 17.50 -31.75 -21.11
C LYS C 214 16.32 -31.11 -20.38
N TYR C 215 15.98 -29.87 -20.73
CA TYR C 215 14.84 -29.23 -20.10
C TYR C 215 13.54 -29.95 -20.44
N LEU C 216 13.40 -30.37 -21.70
CA LEU C 216 12.23 -31.14 -22.11
C LEU C 216 12.21 -32.51 -21.47
N ALA C 217 13.39 -33.13 -21.30
CA ALA C 217 13.43 -34.45 -20.66
C ALA C 217 12.85 -34.41 -19.25
N ILE C 218 13.01 -33.30 -18.54
CA ILE C 218 12.42 -33.18 -17.20
C ILE C 218 10.90 -33.27 -17.28
N ALA C 219 10.29 -32.52 -18.20
CA ALA C 219 8.84 -32.62 -18.37
C ALA C 219 8.43 -34.03 -18.78
N ASP C 220 9.20 -34.67 -19.67
CA ASP C 220 8.88 -36.01 -20.10
C ASP C 220 8.96 -37.00 -18.92
N GLU C 221 9.90 -36.77 -18.01
CA GLU C 221 10.04 -37.66 -16.86
C GLU C 221 8.87 -37.48 -15.88
N LEU C 222 8.46 -36.22 -15.64
CA LEU C 222 7.50 -35.95 -14.59
C LEU C 222 6.07 -36.23 -15.04
N PHE C 223 5.77 -35.96 -16.30
CA PHE C 223 4.46 -36.17 -16.88
C PHE C 223 4.65 -37.13 -18.05
N GLY C 224 3.60 -37.39 -18.81
CA GLY C 224 3.83 -38.19 -20.01
C GLY C 224 4.89 -37.59 -20.92
N ALA C 225 5.42 -38.40 -21.84
CA ALA C 225 6.17 -37.81 -22.93
C ALA C 225 5.29 -36.97 -23.86
N ASP C 226 3.98 -37.06 -23.69
CA ASP C 226 3.02 -36.32 -24.49
C ASP C 226 2.57 -35.00 -23.87
N TRP C 227 2.97 -34.71 -22.63
CA TRP C 227 2.38 -33.58 -21.93
C TRP C 227 2.84 -32.24 -22.50
N ALA C 228 4.10 -32.13 -22.87
CA ALA C 228 4.70 -30.82 -23.17
C ALA C 228 4.35 -30.39 -24.61
N ASP C 229 3.06 -30.11 -24.81
CA ASP C 229 2.60 -29.45 -26.03
C ASP C 229 2.62 -27.93 -25.82
N ALA C 230 2.15 -27.17 -26.82
CA ALA C 230 2.25 -25.72 -26.72
C ALA C 230 1.42 -25.17 -25.55
N ARG C 231 0.36 -25.86 -25.15
CA ARG C 231 -0.43 -25.39 -24.03
C ARG C 231 0.27 -25.61 -22.70
N HIS C 232 1.29 -26.45 -22.65
CA HIS C 232 1.86 -26.82 -21.37
C HIS C 232 3.36 -26.56 -21.26
N TYR C 233 4.03 -26.16 -22.33
CA TYR C 233 5.48 -26.00 -22.26
C TYR C 233 5.92 -24.95 -23.26
N ARG C 234 6.79 -24.03 -22.84
CA ARG C 234 7.36 -23.05 -23.75
C ARG C 234 8.82 -22.82 -23.37
N PHE C 235 9.63 -22.51 -24.38
CA PHE C 235 10.95 -21.94 -24.19
C PHE C 235 10.86 -20.45 -24.51
N GLY C 236 11.11 -19.59 -23.51
CA GLY C 236 11.29 -18.18 -23.78
C GLY C 236 12.74 -17.93 -24.13
N ALA C 237 13.00 -17.64 -25.40
CA ALA C 237 14.37 -17.66 -25.85
C ALA C 237 14.52 -16.74 -27.04
N SER C 238 15.78 -16.42 -27.34
CA SER C 238 16.11 -15.66 -28.53
C SER C 238 17.19 -16.42 -29.30
N GLY C 239 18.43 -16.31 -28.85
CA GLY C 239 19.56 -16.99 -29.46
C GLY C 239 19.42 -18.51 -29.50
N LEU C 240 18.58 -19.09 -28.65
CA LEU C 240 18.39 -20.53 -28.69
C LEU C 240 17.89 -20.99 -30.05
N LEU C 241 17.11 -20.13 -30.74
CA LEU C 241 16.59 -20.53 -32.04
C LEU C 241 17.71 -20.86 -33.02
N ALA C 242 18.82 -20.10 -32.96
CA ALA C 242 19.93 -20.41 -33.85
C ALA C 242 20.55 -21.75 -33.52
N SER C 243 20.69 -22.07 -32.23
CA SER C 243 21.26 -23.37 -31.87
C SER C 243 20.34 -24.51 -32.28
N LEU C 244 19.02 -24.33 -32.14
CA LEU C 244 18.10 -25.38 -32.57
C LEU C 244 18.15 -25.58 -34.07
N LEU C 245 18.13 -24.48 -34.83
CA LEU C 245 18.18 -24.59 -36.29
C LEU C 245 19.46 -25.25 -36.75
N LYS C 246 20.59 -24.94 -36.10
CA LYS C 246 21.85 -25.61 -36.45
C LYS C 246 21.74 -27.11 -36.27
N ALA C 247 21.13 -27.54 -35.16
CA ALA C 247 20.93 -28.98 -34.96
C ALA C 247 20.07 -29.59 -36.06
N LEU C 248 19.16 -28.81 -36.63
CA LEU C 248 18.30 -29.30 -37.70
C LEU C 248 18.89 -29.11 -39.08
N GLY C 249 20.15 -28.71 -39.17
CA GLY C 249 20.75 -28.52 -40.47
C GLY C 249 20.44 -27.18 -41.12
N HIS C 250 20.13 -26.16 -40.33
CA HIS C 250 19.87 -24.82 -40.88
C HIS C 250 20.67 -23.75 -40.14
N ASP D 3 35.55 -35.74 25.69
CA ASP D 3 36.45 -35.74 24.53
C ASP D 3 35.88 -36.60 23.43
N LEU D 4 34.58 -36.86 23.46
CA LEU D 4 33.93 -37.26 22.23
C LEU D 4 34.16 -36.16 21.19
N LYS D 5 34.01 -36.52 19.93
CA LYS D 5 34.13 -35.49 18.91
C LYS D 5 32.84 -34.70 18.80
N ALA D 6 31.70 -35.36 18.99
CA ALA D 6 30.42 -34.64 18.92
C ALA D 6 30.33 -33.56 20.00
N SER D 7 30.59 -33.91 21.26
CA SER D 7 30.45 -32.93 22.33
C SER D 7 31.43 -31.77 22.18
N SER D 8 32.62 -32.04 21.63
CA SER D 8 33.60 -30.98 21.44
C SER D 8 33.11 -29.96 20.42
N LEU D 9 32.55 -30.41 19.28
CA LEU D 9 32.00 -29.48 18.32
C LEU D 9 30.82 -28.71 18.90
N ARG D 10 29.98 -29.39 19.69
CA ARG D 10 28.88 -28.71 20.33
C ARG D 10 29.39 -27.62 21.29
N ALA D 11 30.33 -27.98 22.16
CA ALA D 11 30.86 -27.03 23.13
C ALA D 11 31.53 -25.84 22.43
N LEU D 12 32.24 -26.11 21.33
CA LEU D 12 32.90 -25.05 20.58
C LEU D 12 31.89 -24.03 20.06
N LYS D 13 30.76 -24.51 19.53
CA LYS D 13 29.73 -23.61 19.03
C LYS D 13 28.97 -22.91 20.14
N LEU D 14 29.20 -23.29 21.40
CA LEU D 14 28.60 -22.65 22.56
C LEU D 14 29.61 -21.78 23.32
N MET D 15 30.78 -21.54 22.74
CA MET D 15 31.87 -20.88 23.45
C MET D 15 31.75 -19.36 23.34
N ASP D 16 31.86 -18.68 24.47
CA ASP D 16 32.19 -17.25 24.49
C ASP D 16 33.72 -17.22 24.59
N LEU D 17 34.39 -16.92 23.48
CA LEU D 17 35.84 -17.02 23.45
C LEU D 17 36.49 -15.70 23.85
N SER D 18 37.44 -15.78 24.78
CA SER D 18 38.24 -14.62 25.15
C SER D 18 39.72 -14.96 25.00
N THR D 19 40.57 -13.94 25.08
CA THR D 19 42.01 -14.15 24.93
C THR D 19 42.54 -14.90 26.13
N GLY D 22 45.18 -12.50 30.44
CA GLY D 22 44.51 -12.21 29.19
C GLY D 22 44.93 -10.89 28.57
N ASP D 23 45.20 -10.91 27.27
CA ASP D 23 45.75 -9.78 26.53
C ASP D 23 44.65 -9.08 25.74
N TYR D 24 44.69 -7.75 25.74
CA TYR D 24 43.61 -6.97 25.15
C TYR D 24 44.06 -5.93 24.12
N THR D 25 45.30 -5.99 23.64
CA THR D 25 45.72 -5.06 22.62
C THR D 25 44.87 -5.23 21.36
N ASP D 26 44.84 -4.20 20.52
CA ASP D 26 44.08 -4.27 19.27
C ASP D 26 44.47 -5.50 18.46
N GLU D 27 45.76 -5.82 18.41
CA GLU D 27 46.21 -7.00 17.69
C GLU D 27 45.64 -8.27 18.30
N LYS D 28 45.64 -8.36 19.62
CA LYS D 28 45.11 -9.56 20.29
C LYS D 28 43.62 -9.71 20.06
N VAL D 29 42.87 -8.61 20.00
CA VAL D 29 41.44 -8.71 19.70
C VAL D 29 41.22 -9.14 18.27
N ILE D 30 41.99 -8.59 17.33
CA ILE D 30 41.90 -9.04 15.95
C ILE D 30 42.21 -10.53 15.89
N ALA D 31 43.31 -10.95 16.55
CA ALA D 31 43.67 -12.37 16.54
C ALA D 31 42.59 -13.23 17.20
N LEU D 32 41.95 -12.70 18.26
CA LEU D 32 40.86 -13.42 18.90
C LEU D 32 39.69 -13.59 17.94
N CYS D 33 39.34 -12.53 17.21
CA CYS D 33 38.30 -12.66 16.20
C CYS D 33 38.64 -13.74 15.18
N HIS D 34 39.91 -13.78 14.72
CA HIS D 34 40.30 -14.81 13.77
C HIS D 34 40.19 -16.18 14.39
N GLN D 35 40.61 -16.29 15.65
CA GLN D 35 40.59 -17.56 16.37
C GLN D 35 39.17 -18.07 16.58
N ALA D 36 38.19 -17.17 16.67
CA ALA D 36 36.80 -17.57 16.84
C ALA D 36 36.21 -18.22 15.59
N LYS D 37 36.76 -17.90 14.41
CA LYS D 37 36.39 -18.55 13.15
C LYS D 37 37.30 -19.76 12.96
N THR D 38 36.88 -20.88 13.53
CA THR D 38 37.74 -22.06 13.61
C THR D 38 37.60 -22.91 12.36
N PRO D 39 38.49 -23.89 12.19
CA PRO D 39 38.36 -24.81 11.05
C PRO D 39 37.04 -25.56 11.00
N VAL D 40 36.34 -25.76 12.11
CA VAL D 40 35.16 -26.62 12.13
C VAL D 40 33.86 -25.87 12.43
N GLY D 41 33.92 -24.57 12.62
CA GLY D 41 32.72 -23.81 12.94
C GLY D 41 33.08 -22.59 13.76
N ASN D 42 32.08 -21.75 13.98
CA ASN D 42 32.27 -20.51 14.73
C ASN D 42 31.91 -20.72 16.20
N THR D 43 32.70 -20.13 17.08
CA THR D 43 32.25 -20.05 18.46
C THR D 43 30.96 -19.23 18.50
N ALA D 44 30.24 -19.33 19.61
CA ALA D 44 29.00 -18.56 19.72
C ALA D 44 29.29 -17.07 19.80
N ALA D 45 30.39 -16.69 20.45
CA ALA D 45 30.63 -15.29 20.73
C ALA D 45 32.12 -15.11 21.01
N ILE D 46 32.52 -13.85 21.08
CA ILE D 46 33.78 -13.48 21.71
C ILE D 46 33.46 -12.60 22.90
N SER D 47 34.32 -12.66 23.91
CA SER D 47 34.21 -11.88 25.14
C SER D 47 35.40 -10.93 25.20
N ILE D 48 35.13 -9.63 25.19
CA ILE D 48 36.15 -8.59 25.10
C ILE D 48 35.77 -7.44 26.02
N TYR D 49 36.75 -6.56 26.29
CA TYR D 49 36.40 -5.38 27.05
C TYR D 49 35.65 -4.37 26.18
N PRO D 50 34.81 -3.52 26.77
CA PRO D 50 33.89 -2.70 25.96
C PRO D 50 34.57 -1.86 24.88
N ARG D 51 35.75 -1.29 25.17
CA ARG D 51 36.39 -0.40 24.18
C ARG D 51 36.81 -1.15 22.90
N SER D 52 36.92 -2.48 22.97
CA SER D 52 37.34 -3.26 21.80
C SER D 52 36.19 -3.63 20.90
N ILE D 53 34.95 -3.29 21.28
CA ILE D 53 33.78 -3.76 20.52
C ILE D 53 33.74 -3.20 19.11
N PRO D 54 33.95 -1.90 18.88
CA PRO D 54 33.86 -1.41 17.50
C PRO D 54 34.88 -2.05 16.57
N ILE D 55 36.14 -2.20 16.99
CA ILE D 55 37.12 -2.83 16.11
C ILE D 55 36.84 -4.32 15.95
N ALA D 56 36.33 -4.97 17.01
CA ALA D 56 35.95 -6.39 16.89
C ALA D 56 34.79 -6.58 15.93
N ARG D 57 33.81 -5.68 15.98
CA ARG D 57 32.68 -5.83 15.08
C ARG D 57 33.13 -5.73 13.63
N LYS D 58 33.97 -4.73 13.33
CA LYS D 58 34.51 -4.63 11.97
C LYS D 58 35.32 -5.87 11.62
N THR D 59 36.14 -6.37 12.56
CA THR D 59 36.99 -7.53 12.24
C THR D 59 36.14 -8.76 11.93
N LEU D 60 35.11 -9.02 12.75
CA LEU D 60 34.21 -10.14 12.51
C LEU D 60 33.46 -10.00 11.19
N LYS D 61 32.98 -8.80 10.88
CA LYS D 61 32.30 -8.59 9.60
C LYS D 61 33.24 -8.83 8.43
N GLU D 62 34.46 -8.32 8.53
CA GLU D 62 35.37 -8.44 7.40
C GLU D 62 35.89 -9.86 7.23
N GLN D 63 36.01 -10.64 8.30
CA GLN D 63 36.41 -12.02 8.11
C GLN D 63 35.23 -12.89 7.71
N GLY D 64 34.05 -12.30 7.52
CA GLY D 64 32.89 -13.04 7.06
C GLY D 64 32.14 -13.81 8.12
N THR D 65 32.27 -13.44 9.39
CA THR D 65 31.55 -14.11 10.46
C THR D 65 30.72 -13.08 11.22
N PRO D 66 29.73 -12.48 10.57
CA PRO D 66 28.95 -11.45 11.28
C PRO D 66 28.04 -12.03 12.36
N GLU D 67 27.77 -13.33 12.38
CA GLU D 67 26.85 -13.83 13.41
C GLU D 67 27.53 -14.23 14.72
N ILE D 68 28.87 -14.19 14.80
CA ILE D 68 29.55 -14.40 16.08
C ILE D 68 29.24 -13.21 16.98
N ARG D 69 28.67 -13.49 18.16
CA ARG D 69 28.21 -12.42 19.05
C ARG D 69 29.37 -11.72 19.75
N ILE D 70 29.15 -10.48 20.13
CA ILE D 70 30.14 -9.76 20.92
C ILE D 70 29.58 -9.62 22.33
N ALA D 71 30.23 -10.27 23.27
CA ALA D 71 29.85 -10.18 24.68
C ALA D 71 30.88 -9.32 25.39
N THR D 72 30.43 -8.57 26.39
CA THR D 72 31.38 -7.76 27.13
C THR D 72 31.01 -7.80 28.60
N VAL D 73 31.78 -7.06 29.41
CA VAL D 73 31.64 -7.13 30.85
C VAL D 73 31.51 -5.73 31.45
N THR D 74 30.72 -5.65 32.53
CA THR D 74 30.53 -4.45 33.33
C THR D 74 30.51 -4.82 34.81
N ASN D 75 30.70 -3.80 35.65
CA ASN D 75 30.87 -3.95 37.09
C ASN D 75 31.98 -4.96 37.36
N PHE D 76 33.02 -4.94 36.51
CA PHE D 76 33.88 -6.10 36.36
C PHE D 76 35.34 -5.77 36.65
N PRO D 77 36.07 -6.66 37.36
CA PRO D 77 35.61 -7.91 37.94
C PRO D 77 35.16 -7.78 39.40
N HIS D 78 35.13 -6.55 39.92
CA HIS D 78 34.96 -6.33 41.35
C HIS D 78 33.56 -6.69 41.83
N GLY D 79 32.54 -6.45 41.00
CA GLY D 79 31.19 -6.59 41.51
C GLY D 79 30.88 -5.63 42.66
N ASN D 80 31.26 -4.36 42.53
CA ASN D 80 30.95 -3.37 43.57
C ASN D 80 29.44 -3.14 43.66
N ASP D 81 29.02 -2.44 44.72
CA ASP D 81 27.60 -2.27 44.99
C ASP D 81 27.06 -0.91 44.55
N ASP D 82 27.78 -0.20 43.68
CA ASP D 82 27.37 1.12 43.17
C ASP D 82 26.58 0.90 41.88
N ILE D 83 25.26 1.05 41.98
CA ILE D 83 24.41 0.76 40.82
C ILE D 83 24.64 1.78 39.71
N GLU D 84 24.77 3.05 40.07
CA GLU D 84 24.89 4.06 39.02
C GLU D 84 26.16 3.84 38.20
N ILE D 85 27.23 3.33 38.81
CA ILE D 85 28.43 3.03 38.04
C ILE D 85 28.21 1.81 37.16
N ALA D 86 27.68 0.72 37.72
CA ALA D 86 27.42 -0.47 36.91
C ALA D 86 26.49 -0.14 35.75
N LEU D 87 25.46 0.68 36.01
CA LEU D 87 24.49 1.02 34.97
C LEU D 87 25.12 1.88 33.89
N ALA D 88 25.95 2.86 34.28
CA ALA D 88 26.62 3.67 33.26
C ALA D 88 27.58 2.82 32.43
N GLU D 89 28.31 1.90 33.07
CA GLU D 89 29.17 1.01 32.28
C GLU D 89 28.34 0.16 31.31
N THR D 90 27.20 -0.36 31.78
CA THR D 90 26.35 -1.17 30.92
C THR D 90 25.84 -0.34 29.75
N ARG D 91 25.41 0.90 30.03
CA ARG D 91 24.94 1.76 28.96
C ARG D 91 26.05 2.04 27.96
N ALA D 92 27.28 2.21 28.44
CA ALA D 92 28.38 2.42 27.52
C ALA D 92 28.62 1.18 26.68
N ALA D 93 28.55 0.00 27.30
CA ALA D 93 28.71 -1.27 26.60
C ALA D 93 27.69 -1.43 25.47
N ILE D 94 26.42 -1.12 25.77
CA ILE D 94 25.39 -1.10 24.76
C ILE D 94 25.74 -0.13 23.63
N ALA D 95 26.19 1.08 23.98
CA ALA D 95 26.46 2.11 22.98
C ALA D 95 27.64 1.75 22.09
N TYR D 96 28.65 1.10 22.68
CA TYR D 96 29.78 0.56 21.92
C TYR D 96 29.32 -0.43 20.86
N GLY D 97 28.20 -1.11 21.10
CA GLY D 97 27.63 -2.03 20.15
C GLY D 97 27.56 -3.48 20.60
N ALA D 98 27.70 -3.73 21.91
CA ALA D 98 27.70 -5.09 22.41
C ALA D 98 26.39 -5.81 22.09
N ASP D 99 26.49 -7.12 21.81
CA ASP D 99 25.30 -7.96 21.74
C ASP D 99 24.88 -8.48 23.10
N GLU D 100 25.84 -8.67 23.99
CA GLU D 100 25.61 -9.25 25.30
C GLU D 100 26.52 -8.55 26.30
N VAL D 101 26.00 -8.35 27.51
CA VAL D 101 26.72 -7.69 28.58
C VAL D 101 26.71 -8.67 29.77
N ASP D 102 27.89 -9.02 30.25
CA ASP D 102 28.03 -9.89 31.42
C ASP D 102 28.37 -8.99 32.61
N VAL D 103 27.40 -8.77 33.49
CA VAL D 103 27.61 -7.85 34.63
C VAL D 103 27.92 -8.67 35.88
N VAL D 104 28.85 -8.19 36.71
CA VAL D 104 29.17 -8.91 37.94
C VAL D 104 28.17 -8.53 39.02
N PHE D 105 27.51 -9.54 39.57
CA PHE D 105 26.60 -9.36 40.69
C PHE D 105 27.36 -8.81 41.89
N PRO D 106 26.76 -7.92 42.69
CA PRO D 106 27.42 -7.49 43.92
C PRO D 106 27.39 -8.60 44.97
N TYR D 107 28.26 -9.60 44.79
CA TYR D 107 28.18 -10.77 45.64
C TYR D 107 28.68 -10.48 47.05
N ARG D 108 29.65 -9.57 47.21
CA ARG D 108 30.09 -9.22 48.55
C ARG D 108 28.95 -8.58 49.34
N ALA D 109 28.16 -7.74 48.68
CA ALA D 109 26.97 -7.18 49.35
C ALA D 109 26.00 -8.28 49.76
N LEU D 110 25.77 -9.26 48.89
CA LEU D 110 24.92 -10.40 49.26
C LEU D 110 25.51 -11.17 50.44
N MET D 111 26.82 -11.37 50.44
CA MET D 111 27.47 -12.04 51.56
C MET D 111 27.29 -11.26 52.87
N ALA D 112 27.22 -9.93 52.78
CA ALA D 112 27.02 -9.13 53.97
C ALA D 112 25.55 -8.99 54.32
N GLY D 113 24.66 -9.70 53.65
CA GLY D 113 23.27 -9.73 54.01
C GLY D 113 22.36 -8.78 53.26
N ASN D 114 22.88 -8.09 52.24
CA ASN D 114 22.11 -7.12 51.46
C ASN D 114 21.71 -7.82 50.17
N GLU D 115 20.50 -8.40 50.16
CA GLU D 115 19.96 -8.96 48.94
C GLU D 115 19.41 -7.90 48.00
N GLN D 116 18.96 -6.76 48.53
CA GLN D 116 18.21 -5.81 47.72
C GLN D 116 19.08 -5.17 46.64
N VAL D 117 20.33 -4.81 46.97
CA VAL D 117 21.15 -4.10 46.01
C VAL D 117 21.49 -4.96 44.80
N GLY D 118 21.65 -6.28 45.00
CA GLY D 118 21.86 -7.17 43.87
C GLY D 118 20.66 -7.23 42.97
N PHE D 119 19.46 -7.31 43.56
CA PHE D 119 18.23 -7.25 42.77
C PHE D 119 18.16 -5.93 41.98
N ASP D 120 18.38 -4.81 42.66
CA ASP D 120 18.27 -3.50 42.01
C ASP D 120 19.32 -3.33 40.92
N LEU D 121 20.55 -3.80 41.18
CA LEU D 121 21.61 -3.63 40.20
C LEU D 121 21.34 -4.46 38.94
N VAL D 122 20.97 -5.74 39.12
CA VAL D 122 20.67 -6.56 37.94
C VAL D 122 19.46 -6.00 37.20
N LYS D 123 18.43 -5.60 37.95
CA LYS D 123 17.22 -5.08 37.31
C LYS D 123 17.52 -3.81 36.52
N ALA D 124 18.31 -2.90 37.10
CA ALA D 124 18.66 -1.67 36.39
C ALA D 124 19.39 -1.97 35.10
N CYS D 125 20.41 -2.84 35.16
CA CYS D 125 21.17 -3.17 33.96
C CYS D 125 20.31 -3.95 32.95
N LYS D 126 19.42 -4.82 33.44
CA LYS D 126 18.54 -5.55 32.52
C LYS D 126 17.64 -4.59 31.74
N GLU D 127 17.09 -3.57 32.42
CA GLU D 127 16.17 -2.66 31.75
C GLU D 127 16.87 -1.94 30.60
N ALA D 128 18.11 -1.51 30.83
CA ALA D 128 18.90 -0.91 29.75
C ALA D 128 19.13 -1.90 28.63
N CYS D 129 19.51 -3.14 28.98
CA CYS D 129 19.81 -4.13 27.95
C CYS D 129 18.56 -4.51 27.16
N ALA D 130 17.45 -4.74 27.85
CA ALA D 130 16.23 -5.11 27.15
C ALA D 130 15.81 -4.02 26.17
N ALA D 131 15.95 -2.76 26.57
CA ALA D 131 15.55 -1.67 25.67
C ALA D 131 16.37 -1.66 24.39
N ALA D 132 17.59 -2.18 24.43
CA ALA D 132 18.48 -2.21 23.28
C ALA D 132 18.58 -3.59 22.64
N ASN D 133 17.69 -4.51 22.98
N ASN D 133 17.65 -4.50 22.94
CA ASN D 133 17.72 -5.88 22.45
CA ASN D 133 17.69 -5.89 22.52
C ASN D 133 19.01 -6.62 22.80
C ASN D 133 19.08 -6.50 22.74
N VAL D 134 19.59 -6.33 23.96
CA VAL D 134 20.88 -6.88 24.35
C VAL D 134 20.65 -7.91 25.45
N LEU D 135 21.40 -9.03 25.42
CA LEU D 135 21.23 -10.06 26.44
C LEU D 135 22.07 -9.71 27.66
N LEU D 136 21.53 -9.96 28.85
CA LEU D 136 22.26 -9.70 30.09
C LEU D 136 22.58 -11.03 30.77
N LYS D 137 23.87 -11.32 30.89
CA LYS D 137 24.36 -12.41 31.71
C LYS D 137 24.78 -11.85 33.06
N VAL D 138 24.50 -12.57 34.14
CA VAL D 138 24.87 -12.09 35.48
C VAL D 138 25.91 -13.04 36.07
N ILE D 139 27.10 -12.50 36.34
CA ILE D 139 28.18 -13.26 36.97
C ILE D 139 27.96 -13.23 38.47
N ILE D 140 27.72 -14.40 39.06
CA ILE D 140 27.53 -14.41 40.52
C ILE D 140 28.82 -14.66 41.29
N GLU D 141 29.89 -15.09 40.61
CA GLU D 141 31.19 -15.39 41.22
C GLU D 141 31.02 -16.49 42.28
N SER D 142 30.53 -17.64 41.80
CA SER D 142 30.21 -18.75 42.71
C SER D 142 31.44 -19.20 43.49
N GLY D 143 32.64 -19.01 42.94
CA GLY D 143 33.86 -19.39 43.62
C GLY D 143 34.23 -18.48 44.78
N GLU D 144 33.64 -17.28 44.84
CA GLU D 144 33.74 -16.42 46.02
C GLU D 144 32.56 -16.58 46.96
N LEU D 145 31.36 -16.83 46.44
CA LEU D 145 30.23 -17.11 47.33
C LEU D 145 30.45 -18.40 48.12
N LYS D 146 30.92 -19.45 47.45
CA LYS D 146 31.33 -20.73 48.02
C LYS D 146 30.17 -21.53 48.63
N ASP D 147 29.40 -20.92 49.52
CA ASP D 147 28.32 -21.65 50.18
C ASP D 147 27.21 -21.97 49.18
N GLU D 148 26.74 -23.23 49.21
CA GLU D 148 25.71 -23.67 48.25
C GLU D 148 24.48 -22.77 48.33
N ALA D 149 24.03 -22.45 49.53
CA ALA D 149 22.83 -21.63 49.69
C ALA D 149 23.05 -20.23 49.16
N LEU D 150 24.27 -19.68 49.30
CA LEU D 150 24.52 -18.36 48.73
C LEU D 150 24.55 -18.41 47.22
N ILE D 151 25.10 -19.49 46.66
CA ILE D 151 25.12 -19.65 45.21
C ILE D 151 23.69 -19.72 44.68
N ARG D 152 22.83 -20.47 45.38
CA ARG D 152 21.42 -20.52 45.00
C ARG D 152 20.75 -19.16 45.15
N LYS D 153 21.03 -18.46 46.26
CA LYS D 153 20.34 -17.19 46.47
C LYS D 153 20.75 -16.13 45.43
N ALA D 154 22.04 -16.05 45.10
CA ALA D 154 22.47 -15.10 44.07
C ALA D 154 21.84 -15.44 42.72
N SER D 155 21.76 -16.74 42.41
CA SER D 155 21.14 -17.19 41.17
C SER D 155 19.66 -16.80 41.14
N GLU D 156 18.98 -17.03 42.27
CA GLU D 156 17.56 -16.70 42.39
C GLU D 156 17.31 -15.20 42.28
N ILE D 157 18.09 -14.39 42.99
CA ILE D 157 17.91 -12.93 42.92
C ILE D 157 18.12 -12.45 41.49
N SER D 158 19.18 -12.92 40.84
CA SER D 158 19.49 -12.48 39.49
C SER D 158 18.37 -12.83 38.52
N ILE D 159 17.83 -14.05 38.64
CA ILE D 159 16.73 -14.47 37.77
C ILE D 159 15.50 -13.61 38.00
N LYS D 160 15.15 -13.37 39.27
CA LYS D 160 14.00 -12.52 39.55
C LYS D 160 14.20 -11.11 39.01
N ALA D 161 15.44 -10.65 38.95
CA ALA D 161 15.71 -9.30 38.47
C ALA D 161 15.78 -9.22 36.96
N GLY D 162 15.71 -10.36 36.26
CA GLY D 162 15.60 -10.36 34.82
C GLY D 162 16.81 -10.89 34.08
N ALA D 163 17.75 -11.55 34.76
CA ALA D 163 18.94 -12.07 34.10
C ALA D 163 18.54 -13.01 32.96
N ASP D 164 19.15 -12.82 31.79
CA ASP D 164 18.93 -13.74 30.67
C ASP D 164 19.83 -14.95 30.74
N PHE D 165 20.98 -14.84 31.41
CA PHE D 165 21.89 -15.93 31.73
C PHE D 165 22.38 -15.72 33.14
N ILE D 166 22.68 -16.80 33.83
CA ILE D 166 23.52 -16.73 35.03
C ILE D 166 24.85 -17.40 34.71
N LYS D 167 25.92 -16.76 35.13
CA LYS D 167 27.29 -17.10 34.76
C LYS D 167 28.07 -17.33 36.06
N THR D 168 28.86 -18.41 36.12
CA THR D 168 29.47 -18.80 37.40
C THR D 168 30.45 -17.75 37.91
N SER D 169 31.31 -17.20 37.03
CA SER D 169 32.56 -16.58 37.47
C SER D 169 33.05 -15.51 36.50
N THR D 170 33.90 -14.62 37.02
CA THR D 170 34.61 -13.69 36.13
C THR D 170 35.78 -14.37 35.44
N GLY D 171 36.28 -15.47 35.99
CA GLY D 171 37.51 -16.06 35.53
C GLY D 171 38.77 -15.46 36.13
N LEU D 172 38.64 -14.45 37.01
CA LEU D 172 39.80 -13.73 37.52
C LEU D 172 40.00 -13.91 39.01
N VAL D 173 39.29 -14.84 39.65
CA VAL D 173 39.49 -15.13 41.06
C VAL D 173 40.05 -16.55 41.18
N ALA D 174 40.36 -16.99 42.40
CA ALA D 174 41.07 -18.26 42.57
C ALA D 174 40.22 -19.45 42.14
N VAL D 175 38.93 -19.43 42.45
CA VAL D 175 38.02 -20.52 42.12
C VAL D 175 36.96 -19.97 41.19
N ASN D 176 36.87 -20.56 40.01
CA ASN D 176 35.86 -20.18 39.02
C ASN D 176 34.81 -21.30 38.98
N ALA D 177 34.37 -21.76 37.81
CA ALA D 177 33.36 -22.80 37.79
C ALA D 177 33.92 -24.09 38.38
N THR D 178 33.03 -24.87 38.99
CA THR D 178 33.29 -26.23 39.41
C THR D 178 32.09 -27.06 38.99
N PRO D 179 32.25 -28.39 38.86
CA PRO D 179 31.09 -29.22 38.49
C PRO D 179 29.92 -29.05 39.44
N GLU D 180 30.19 -28.81 40.73
CA GLU D 180 29.13 -28.64 41.71
C GLU D 180 28.43 -27.30 41.58
N SER D 181 29.19 -26.22 41.39
CA SER D 181 28.53 -24.93 41.25
C SER D 181 27.74 -24.89 39.96
N ALA D 182 28.24 -25.54 38.90
CA ALA D 182 27.47 -25.68 37.67
C ALA D 182 26.12 -26.34 37.93
N ARG D 183 26.12 -27.47 38.67
CA ARG D 183 24.89 -28.20 38.94
C ARG D 183 23.93 -27.42 39.84
N ILE D 184 24.45 -26.76 40.90
CA ILE D 184 23.61 -25.96 41.78
C ILE D 184 22.89 -24.85 41.00
N MET D 185 23.66 -24.11 40.19
CA MET D 185 23.06 -22.99 39.46
C MET D 185 22.03 -23.48 38.43
N MET D 186 22.34 -24.55 37.70
CA MET D 186 21.34 -25.09 36.76
C MET D 186 20.15 -25.70 37.47
N GLU D 187 20.34 -26.27 38.67
CA GLU D 187 19.20 -26.73 39.44
C GLU D 187 18.25 -25.58 39.75
N VAL D 188 18.81 -24.40 40.07
CA VAL D 188 17.99 -23.22 40.37
C VAL D 188 17.16 -22.82 39.17
N ILE D 189 17.76 -22.82 37.99
CA ILE D 189 17.01 -22.55 36.76
C ILE D 189 15.83 -23.51 36.64
N ARG D 190 16.11 -24.80 36.86
CA ARG D 190 15.05 -25.81 36.81
C ARG D 190 14.02 -25.60 37.91
N ASP D 191 14.49 -25.39 39.15
CA ASP D 191 13.56 -25.33 40.28
C ASP D 191 12.63 -24.13 40.18
N MET D 192 13.05 -23.05 39.52
CA MET D 192 12.19 -21.88 39.34
C MET D 192 11.35 -21.98 38.07
N GLY D 193 11.54 -23.01 37.25
CA GLY D 193 10.77 -23.18 36.03
C GLY D 193 11.04 -22.16 34.96
N VAL D 194 12.27 -21.67 34.88
CA VAL D 194 12.64 -20.60 33.95
C VAL D 194 13.64 -21.09 32.92
N GLU D 195 13.62 -22.40 32.61
CA GLU D 195 14.60 -22.96 31.68
C GLU D 195 14.46 -22.39 30.27
N LYS D 196 13.30 -21.90 29.87
CA LYS D 196 13.18 -21.36 28.53
C LYS D 196 13.81 -19.98 28.39
N SER D 197 13.79 -19.17 29.46
CA SER D 197 14.20 -17.77 29.39
C SER D 197 15.55 -17.47 30.04
N VAL D 198 16.12 -18.41 30.78
CA VAL D 198 17.38 -18.18 31.50
C VAL D 198 18.37 -19.29 31.11
N GLY D 199 19.53 -18.89 30.59
CA GLY D 199 20.59 -19.82 30.26
C GLY D 199 21.68 -19.86 31.33
N PHE D 200 22.63 -20.77 31.13
CA PHE D 200 23.69 -20.96 32.09
C PHE D 200 25.03 -20.90 31.38
N LYS D 201 26.00 -20.25 31.99
CA LYS D 201 27.33 -20.10 31.40
C LYS D 201 28.41 -20.56 32.38
N VAL D 202 29.24 -21.50 31.94
CA VAL D 202 30.36 -22.03 32.71
C VAL D 202 31.59 -21.21 32.33
N THR D 203 32.22 -20.55 33.30
CA THR D 203 33.45 -19.80 33.03
C THR D 203 34.59 -20.42 33.82
N GLY D 204 35.67 -20.79 33.12
CA GLY D 204 36.70 -21.56 33.80
C GLY D 204 36.21 -22.98 34.03
N GLY D 205 36.85 -23.65 34.97
CA GLY D 205 36.46 -25.01 35.28
C GLY D 205 36.88 -26.02 34.22
N ALA D 206 36.26 -25.95 33.05
CA ALA D 206 36.58 -26.86 31.94
C ALA D 206 37.95 -26.56 31.38
N ARG D 207 38.90 -27.47 31.58
CA ARG D 207 40.21 -27.37 30.94
C ARG D 207 40.27 -28.19 29.65
N THR D 208 39.64 -29.36 29.65
CA THR D 208 39.81 -30.33 28.58
C THR D 208 38.48 -30.57 27.88
N ALA D 209 38.58 -31.16 26.69
CA ALA D 209 37.38 -31.57 25.98
C ALA D 209 36.57 -32.54 26.81
N GLU D 210 37.24 -33.40 27.59
CA GLU D 210 36.54 -34.31 28.48
C GLU D 210 35.76 -33.53 29.54
N ASP D 211 36.36 -32.47 30.09
CA ASP D 211 35.65 -31.61 31.05
C ASP D 211 34.39 -31.02 30.44
N ALA D 212 34.52 -30.42 29.26
CA ALA D 212 33.39 -29.78 28.60
C ALA D 212 32.24 -30.77 28.42
N GLN D 213 32.57 -32.03 28.10
CA GLN D 213 31.54 -33.04 27.93
C GLN D 213 30.71 -33.22 29.20
N LYS D 214 31.39 -33.30 30.34
CA LYS D 214 30.66 -33.53 31.59
C LYS D 214 29.81 -32.34 31.98
N TYR D 215 30.32 -31.12 31.74
CA TYR D 215 29.52 -29.94 32.02
C TYR D 215 28.26 -29.91 31.16
N LEU D 216 28.38 -30.30 29.87
CA LEU D 216 27.18 -30.41 29.04
C LEU D 216 26.27 -31.54 29.51
N ALA D 217 26.85 -32.65 29.96
CA ALA D 217 26.05 -33.76 30.47
C ALA D 217 25.18 -33.35 31.64
N ILE D 218 25.63 -32.38 32.45
CA ILE D 218 24.78 -31.90 33.53
C ILE D 218 23.51 -31.25 32.97
N ALA D 219 23.67 -30.36 31.99
CA ALA D 219 22.51 -29.76 31.35
C ALA D 219 21.68 -30.82 30.62
N ASP D 220 22.33 -31.77 29.96
CA ASP D 220 21.57 -32.83 29.30
C ASP D 220 20.77 -33.64 30.30
N GLU D 221 21.32 -33.83 31.51
CA GLU D 221 20.58 -34.58 32.53
C GLU D 221 19.38 -33.78 33.06
N LEU D 222 19.57 -32.48 33.31
CA LEU D 222 18.55 -31.69 34.00
C LEU D 222 17.42 -31.26 33.05
N PHE D 223 17.76 -30.94 31.83
CA PHE D 223 16.79 -30.53 30.84
C PHE D 223 16.92 -31.53 29.69
N GLY D 224 16.20 -31.30 28.60
CA GLY D 224 16.39 -32.14 27.44
C GLY D 224 17.84 -32.13 26.97
N ALA D 225 18.19 -33.13 26.16
CA ALA D 225 19.42 -33.02 25.38
C ALA D 225 19.34 -31.95 24.29
N ASP D 226 18.17 -31.36 24.06
CA ASP D 226 18.01 -30.27 23.11
C ASP D 226 18.08 -28.90 23.78
N TRP D 227 18.13 -28.84 25.11
CA TRP D 227 17.98 -27.56 25.78
C TRP D 227 19.19 -26.66 25.58
N ALA D 228 20.40 -27.24 25.59
CA ALA D 228 21.64 -26.45 25.66
C ALA D 228 22.08 -25.91 24.30
N ASP D 229 21.25 -25.05 23.71
CA ASP D 229 21.65 -24.31 22.53
C ASP D 229 22.32 -22.99 22.95
N ALA D 230 22.68 -22.17 21.95
CA ALA D 230 23.42 -20.94 22.22
C ALA D 230 22.63 -19.97 23.09
N ARG D 231 21.29 -20.01 23.02
CA ARG D 231 20.48 -19.15 23.85
C ARG D 231 20.46 -19.59 25.31
N HIS D 232 20.89 -20.82 25.61
CA HIS D 232 20.77 -21.36 26.96
C HIS D 232 22.05 -21.89 27.56
N TYR D 233 23.15 -21.97 26.82
CA TYR D 233 24.35 -22.56 27.38
C TYR D 233 25.58 -21.94 26.75
N ARG D 234 26.57 -21.57 27.58
CA ARG D 234 27.83 -21.05 27.07
C ARG D 234 29.00 -21.55 27.90
N PHE D 235 30.13 -21.74 27.21
CA PHE D 235 31.43 -21.89 27.86
C PHE D 235 32.18 -20.56 27.74
N GLY D 236 32.45 -19.94 28.87
CA GLY D 236 33.36 -18.81 28.88
C GLY D 236 34.76 -19.36 29.02
N ALA D 237 35.55 -19.28 27.97
CA ALA D 237 36.79 -20.03 27.93
C ALA D 237 37.78 -19.37 26.99
N SER D 238 39.05 -19.74 27.15
CA SER D 238 40.10 -19.35 26.24
C SER D 238 40.89 -20.59 25.81
N GLY D 239 41.76 -21.07 26.69
CA GLY D 239 42.58 -22.23 26.43
C GLY D 239 41.80 -23.51 26.16
N LEU D 240 40.54 -23.56 26.60
CA LEU D 240 39.72 -24.74 26.32
C LEU D 240 39.55 -24.96 24.82
N LEU D 241 39.51 -23.89 24.02
CA LEU D 241 39.27 -24.05 22.59
C LEU D 241 40.34 -24.92 21.92
N ALA D 242 41.61 -24.77 22.31
CA ALA D 242 42.64 -25.61 21.70
C ALA D 242 42.44 -27.07 22.06
N SER D 243 42.01 -27.34 23.29
CA SER D 243 41.76 -28.71 23.69
C SER D 243 40.62 -29.32 22.88
N LEU D 244 39.57 -28.54 22.63
CA LEU D 244 38.47 -29.03 21.82
C LEU D 244 38.90 -29.28 20.39
N LEU D 245 39.65 -28.32 19.82
CA LEU D 245 40.10 -28.47 18.43
C LEU D 245 41.01 -29.69 18.28
N LYS D 246 41.92 -29.91 19.23
CA LYS D 246 42.75 -31.12 19.14
C LYS D 246 41.90 -32.37 19.22
N ALA D 247 40.88 -32.37 20.08
CA ALA D 247 39.97 -33.51 20.13
C ALA D 247 39.33 -33.76 18.78
N LEU D 248 39.14 -32.72 17.97
CA LEU D 248 38.59 -32.81 16.62
C LEU D 248 39.67 -33.03 15.57
N GLY D 249 40.89 -33.32 15.99
CA GLY D 249 41.98 -33.59 15.09
C GLY D 249 42.69 -32.38 14.51
N HIS D 250 42.32 -31.17 14.91
CA HIS D 250 42.98 -29.98 14.36
C HIS D 250 44.08 -29.42 15.25
N GLY D 251 43.95 -29.52 16.56
CA GLY D 251 45.05 -29.08 17.42
C GLY D 251 46.33 -29.87 17.18
N LEU E 4 -19.46 33.47 29.50
CA LEU E 4 -19.42 32.04 29.19
C LEU E 4 -20.24 31.22 30.18
N LYS E 5 -20.68 31.85 31.27
CA LYS E 5 -21.50 31.15 32.24
C LYS E 5 -22.96 31.14 31.84
N ALA E 6 -23.46 32.26 31.31
CA ALA E 6 -24.81 32.25 30.75
C ALA E 6 -24.86 31.29 29.57
N SER E 7 -23.83 31.35 28.72
CA SER E 7 -23.78 30.50 27.54
C SER E 7 -23.71 29.02 27.92
N SER E 8 -22.96 28.69 28.98
CA SER E 8 -22.84 27.29 29.38
C SER E 8 -24.13 26.78 30.02
N LEU E 9 -24.77 27.58 30.86
CA LEU E 9 -26.04 27.13 31.44
C LEU E 9 -27.07 26.94 30.34
N ARG E 10 -27.09 27.83 29.36
CA ARG E 10 -28.02 27.71 28.24
C ARG E 10 -27.80 26.41 27.47
N ALA E 11 -26.55 26.11 27.14
CA ALA E 11 -26.25 24.90 26.37
C ALA E 11 -26.64 23.64 27.14
N LEU E 12 -26.42 23.67 28.45
CA LEU E 12 -26.74 22.52 29.30
C LEU E 12 -28.24 22.21 29.26
N LYS E 13 -29.07 23.22 29.38
CA LYS E 13 -30.51 23.01 29.35
C LYS E 13 -30.99 22.61 27.96
N LEU E 14 -30.11 22.63 26.96
CA LEU E 14 -30.45 22.17 25.62
C LEU E 14 -29.81 20.82 25.31
N MET E 15 -29.27 20.14 26.30
CA MET E 15 -28.48 18.94 26.03
C MET E 15 -29.37 17.70 25.91
N ASP E 16 -29.15 16.91 24.86
CA ASP E 16 -29.61 15.52 24.84
C ASP E 16 -28.44 14.70 25.37
N LEU E 17 -28.50 14.30 26.63
CA LEU E 17 -27.34 13.68 27.24
C LEU E 17 -27.36 12.18 26.96
N SER E 18 -26.23 11.64 26.52
CA SER E 18 -26.11 10.21 26.34
C SER E 18 -24.89 9.71 27.10
N THR E 19 -24.77 8.39 27.22
CA THR E 19 -23.66 7.81 27.96
C THR E 19 -22.33 8.05 27.23
N LEU E 20 -21.24 7.98 27.99
CA LEU E 20 -19.92 8.33 27.47
C LEU E 20 -19.40 7.36 26.43
N ASN E 21 -19.00 6.16 26.87
CA ASN E 21 -18.34 5.17 26.01
C ASN E 21 -19.32 4.14 25.46
N GLY E 22 -20.49 4.60 25.00
CA GLY E 22 -21.50 3.72 24.45
C GLY E 22 -22.07 2.71 25.42
N ASP E 23 -21.98 2.96 26.71
CA ASP E 23 -22.53 2.03 27.68
C ASP E 23 -24.05 1.99 27.55
N TYR E 24 -24.64 0.79 27.53
CA TYR E 24 -26.09 0.70 27.42
C TYR E 24 -26.73 -0.20 28.47
N THR E 25 -25.99 -0.67 29.46
CA THR E 25 -26.61 -1.50 30.48
C THR E 25 -27.66 -0.67 31.23
N ASP E 26 -28.61 -1.39 31.84
CA ASP E 26 -29.64 -0.72 32.65
C ASP E 26 -29.02 0.19 33.70
N GLU E 27 -27.95 -0.28 34.36
CA GLU E 27 -27.32 0.54 35.40
C GLU E 27 -26.74 1.82 34.82
N LYS E 28 -26.14 1.72 33.63
CA LYS E 28 -25.58 2.89 32.96
C LYS E 28 -26.70 3.84 32.53
N VAL E 29 -27.84 3.30 32.12
CA VAL E 29 -28.98 4.16 31.79
C VAL E 29 -29.51 4.83 33.04
N ILE E 30 -29.64 4.08 34.14
CA ILE E 30 -30.11 4.64 35.39
C ILE E 30 -29.18 5.77 35.83
N ALA E 31 -27.88 5.53 35.79
CA ALA E 31 -26.93 6.59 36.14
C ALA E 31 -27.05 7.78 35.20
N LEU E 32 -27.31 7.53 33.92
CA LEU E 32 -27.47 8.63 32.98
C LEU E 32 -28.65 9.51 33.36
N CYS E 33 -29.77 8.89 33.76
CA CYS E 33 -30.92 9.64 34.24
C CYS E 33 -30.55 10.52 35.42
N HIS E 34 -29.76 10.00 36.36
CA HIS E 34 -29.32 10.82 37.48
C HIS E 34 -28.42 11.95 36.98
N GLN E 35 -27.54 11.64 36.04
CA GLN E 35 -26.62 12.65 35.52
C GLN E 35 -27.34 13.80 34.83
N ALA E 36 -28.51 13.54 34.23
CA ALA E 36 -29.27 14.58 33.52
C ALA E 36 -29.87 15.61 34.47
N LYS E 37 -30.06 15.25 35.74
CA LYS E 37 -30.50 16.18 36.78
C LYS E 37 -29.25 16.80 37.41
N THR E 38 -28.78 17.89 36.82
CA THR E 38 -27.50 18.43 37.25
C THR E 38 -27.70 19.35 38.44
N PRO E 39 -26.60 19.70 39.11
CA PRO E 39 -26.68 20.66 40.22
C PRO E 39 -27.25 22.03 39.83
N VAL E 40 -27.17 22.41 38.56
CA VAL E 40 -27.59 23.73 38.09
C VAL E 40 -28.82 23.69 37.20
N GLY E 41 -29.39 22.52 36.99
CA GLY E 41 -30.57 22.41 36.13
C GLY E 41 -30.57 21.07 35.42
N ASN E 42 -31.70 20.80 34.77
CA ASN E 42 -31.89 19.55 34.06
C ASN E 42 -31.52 19.72 32.60
N THR E 43 -30.87 18.72 32.03
CA THR E 43 -30.70 18.71 30.59
C THR E 43 -32.06 18.62 29.91
N ALA E 44 -32.09 18.95 28.62
CA ALA E 44 -33.37 18.88 27.92
C ALA E 44 -33.87 17.44 27.83
N ALA E 45 -32.93 16.50 27.66
CA ALA E 45 -33.28 15.12 27.38
C ALA E 45 -32.12 14.20 27.72
N ILE E 46 -32.40 12.90 27.68
CA ILE E 46 -31.35 11.89 27.60
C ILE E 46 -31.57 11.16 26.28
N SER E 47 -30.48 10.65 25.69
CA SER E 47 -30.52 9.86 24.46
C SER E 47 -30.05 8.44 24.76
N ILE E 48 -30.93 7.47 24.54
CA ILE E 48 -30.70 6.07 24.91
C ILE E 48 -31.27 5.18 23.82
N TYR E 49 -30.87 3.92 23.83
CA TYR E 49 -31.46 2.98 22.91
C TYR E 49 -32.89 2.62 23.31
N PRO E 50 -33.72 2.22 22.35
CA PRO E 50 -35.16 2.03 22.64
C PRO E 50 -35.45 1.07 23.79
N ARG E 51 -34.70 -0.02 23.94
CA ARG E 51 -35.04 -1.00 24.96
C ARG E 51 -34.88 -0.46 26.37
N SER E 52 -34.12 0.62 26.53
CA SER E 52 -33.86 1.27 27.81
C SER E 52 -34.92 2.30 28.20
N ILE E 53 -35.86 2.58 27.30
CA ILE E 53 -36.85 3.63 27.58
C ILE E 53 -37.71 3.32 28.79
N PRO E 54 -38.27 2.11 28.96
CA PRO E 54 -39.14 1.89 30.12
C PRO E 54 -38.42 2.04 31.46
N ILE E 55 -37.19 1.52 31.59
CA ILE E 55 -36.50 1.71 32.86
C ILE E 55 -36.04 3.16 33.01
N ALA E 56 -35.67 3.82 31.91
CA ALA E 56 -35.29 5.22 32.01
C ALA E 56 -36.47 6.09 32.46
N ARG E 57 -37.68 5.80 31.94
CA ARG E 57 -38.86 6.58 32.31
C ARG E 57 -39.19 6.40 33.78
N LYS E 58 -39.13 5.16 34.27
CA LYS E 58 -39.36 4.94 35.69
C LYS E 58 -38.36 5.73 36.53
N THR E 59 -37.09 5.71 36.13
CA THR E 59 -36.04 6.36 36.91
C THR E 59 -36.22 7.87 36.96
N LEU E 60 -36.51 8.47 35.80
CA LEU E 60 -36.75 9.91 35.73
C LEU E 60 -37.97 10.31 36.56
N LYS E 61 -39.04 9.51 36.49
CA LYS E 61 -40.21 9.81 37.32
C LYS E 61 -39.86 9.73 38.79
N GLU E 62 -39.07 8.74 39.18
CA GLU E 62 -38.80 8.54 40.60
C GLU E 62 -37.92 9.66 41.15
N GLN E 63 -37.06 10.26 40.33
CA GLN E 63 -36.32 11.43 40.79
C GLN E 63 -37.13 12.71 40.63
N GLY E 64 -38.39 12.63 40.19
CA GLY E 64 -39.20 13.82 40.12
C GLY E 64 -38.91 14.72 38.94
N THR E 65 -38.34 14.19 37.86
CA THR E 65 -38.00 14.99 36.68
C THR E 65 -38.69 14.46 35.43
N PRO E 66 -40.02 14.54 35.37
CA PRO E 66 -40.73 14.03 34.18
C PRO E 66 -40.50 14.88 32.95
N GLU E 67 -39.93 16.08 33.10
CA GLU E 67 -39.70 17.01 32.01
C GLU E 67 -38.41 16.76 31.26
N ILE E 68 -37.51 15.94 31.78
CA ILE E 68 -36.37 15.53 30.98
C ILE E 68 -36.88 14.53 29.96
N ARG E 69 -36.80 14.91 28.69
CA ARG E 69 -37.38 14.11 27.63
C ARG E 69 -36.53 12.86 27.38
N ILE E 70 -37.16 11.82 26.83
CA ILE E 70 -36.45 10.62 26.48
C ILE E 70 -36.38 10.55 24.96
N ALA E 71 -35.17 10.67 24.43
CA ALA E 71 -34.93 10.60 23.00
C ALA E 71 -34.23 9.30 22.70
N THR E 72 -34.54 8.71 21.53
CA THR E 72 -33.93 7.48 21.09
C THR E 72 -33.67 7.57 19.58
N VAL E 73 -33.18 6.45 19.02
CA VAL E 73 -32.71 6.38 17.64
C VAL E 73 -33.32 5.20 16.92
N THR E 74 -33.55 5.38 15.63
CA THR E 74 -34.01 4.30 14.78
C THR E 74 -33.30 4.41 13.44
N ASN E 75 -33.32 3.30 12.70
CA ASN E 75 -32.55 3.15 11.48
C ASN E 75 -31.07 3.44 11.73
N PHE E 76 -30.59 3.09 12.91
CA PHE E 76 -29.39 3.65 13.50
C PHE E 76 -28.38 2.54 13.77
N PRO E 77 -27.09 2.78 13.54
CA PRO E 77 -26.59 4.05 13.02
C PRO E 77 -26.45 4.05 11.50
N HIS E 78 -26.88 2.96 10.85
CA HIS E 78 -26.53 2.71 9.45
C HIS E 78 -27.21 3.67 8.47
N GLY E 79 -28.42 4.11 8.76
CA GLY E 79 -29.16 4.86 7.75
C GLY E 79 -29.45 4.07 6.49
N ASN E 80 -29.83 2.80 6.64
CA ASN E 80 -30.20 1.99 5.49
C ASN E 80 -31.46 2.55 4.82
N ASP E 81 -31.73 2.08 3.60
CA ASP E 81 -32.83 2.64 2.82
C ASP E 81 -34.06 1.75 2.82
N ASP E 82 -34.22 0.87 3.80
CA ASP E 82 -35.39 0.01 3.91
C ASP E 82 -36.43 0.71 4.77
N ILE E 83 -37.49 1.23 4.13
CA ILE E 83 -38.49 2.01 4.85
C ILE E 83 -39.25 1.16 5.85
N GLU E 84 -39.63 -0.07 5.47
CA GLU E 84 -40.44 -0.87 6.38
C GLU E 84 -39.69 -1.18 7.68
N ILE E 85 -38.37 -1.33 7.60
CA ILE E 85 -37.57 -1.58 8.80
C ILE E 85 -37.46 -0.33 9.66
N ALA E 86 -37.15 0.81 9.03
CA ALA E 86 -37.10 2.07 9.78
C ALA E 86 -38.44 2.38 10.43
N LEU E 87 -39.54 2.13 9.71
CA LEU E 87 -40.85 2.43 10.26
C LEU E 87 -41.20 1.50 11.43
N ALA E 88 -40.83 0.22 11.32
CA ALA E 88 -41.09 -0.71 12.42
C ALA E 88 -40.30 -0.32 13.67
N GLU E 89 -39.03 0.02 13.51
CA GLU E 89 -38.24 0.45 14.65
C GLU E 89 -38.80 1.73 15.27
N THR E 90 -39.24 2.68 14.44
CA THR E 90 -39.86 3.88 14.98
C THR E 90 -41.13 3.56 15.73
N ARG E 91 -41.99 2.71 15.18
CA ARG E 91 -43.23 2.36 15.87
C ARG E 91 -42.94 1.66 17.20
N ALA E 92 -41.89 0.84 17.25
CA ALA E 92 -41.51 0.21 18.52
C ALA E 92 -40.95 1.23 19.50
N ALA E 93 -40.15 2.18 19.01
CA ALA E 93 -39.64 3.25 19.87
C ALA E 93 -40.79 4.04 20.50
N ILE E 94 -41.78 4.41 19.68
CA ILE E 94 -42.97 5.08 20.18
C ILE E 94 -43.65 4.23 21.27
N ALA E 95 -43.82 2.93 20.99
CA ALA E 95 -44.54 2.04 21.88
C ALA E 95 -43.77 1.80 23.19
N TYR E 96 -42.44 1.76 23.11
CA TYR E 96 -41.61 1.73 24.31
C TYR E 96 -41.87 2.94 25.21
N GLY E 97 -42.25 4.08 24.61
CA GLY E 97 -42.54 5.29 25.36
C GLY E 97 -41.66 6.49 25.06
N ALA E 98 -40.97 6.47 23.92
CA ALA E 98 -40.10 7.59 23.59
C ALA E 98 -40.89 8.91 23.54
N ASP E 99 -40.24 9.99 23.97
CA ASP E 99 -40.76 11.34 23.68
C ASP E 99 -40.30 11.82 22.31
N GLU E 100 -39.13 11.40 21.87
CA GLU E 100 -38.52 11.87 20.63
C GLU E 100 -37.80 10.68 20.01
N VAL E 101 -37.82 10.64 18.69
CA VAL E 101 -37.16 9.60 17.89
C VAL E 101 -36.22 10.30 16.92
N ASP E 102 -34.95 9.89 16.93
CA ASP E 102 -33.93 10.36 15.99
C ASP E 102 -33.69 9.26 14.92
N VAL E 103 -34.16 9.50 13.68
CA VAL E 103 -34.05 8.50 12.63
C VAL E 103 -32.89 8.86 11.70
N VAL E 104 -32.11 7.88 11.31
CA VAL E 104 -31.03 8.19 10.38
C VAL E 104 -31.59 8.25 8.97
N PHE E 105 -31.42 9.39 8.33
CA PHE E 105 -31.75 9.57 6.92
C PHE E 105 -30.92 8.59 6.08
N PRO E 106 -31.50 8.01 5.00
CA PRO E 106 -30.68 7.16 4.11
C PRO E 106 -29.73 7.96 3.22
N TYR E 107 -28.65 8.40 3.85
CA TYR E 107 -27.75 9.33 3.18
C TYR E 107 -26.94 8.64 2.10
N ARG E 108 -26.64 7.35 2.22
CA ARG E 108 -25.93 6.70 1.13
C ARG E 108 -26.79 6.62 -0.14
N ALA E 109 -28.10 6.37 0.00
CA ALA E 109 -29.01 6.39 -1.14
C ALA E 109 -29.06 7.77 -1.78
N LEU E 110 -29.10 8.81 -0.95
CA LEU E 110 -29.08 10.18 -1.48
C LEU E 110 -27.80 10.42 -2.26
N MET E 111 -26.66 9.98 -1.73
CA MET E 111 -25.41 10.11 -2.45
C MET E 111 -25.42 9.36 -3.78
N ALA E 112 -26.16 8.27 -3.86
CA ALA E 112 -26.27 7.54 -5.13
C ALA E 112 -27.37 8.08 -6.03
N GLY E 113 -27.97 9.21 -5.68
CA GLY E 113 -28.97 9.84 -6.53
C GLY E 113 -30.41 9.52 -6.16
N ASN E 114 -30.64 8.79 -5.07
CA ASN E 114 -32.01 8.43 -4.69
C ASN E 114 -32.44 9.36 -3.56
N GLU E 115 -33.01 10.52 -3.96
CA GLU E 115 -33.60 11.43 -2.98
C GLU E 115 -34.93 10.93 -2.47
N GLN E 116 -35.64 10.16 -3.30
CA GLN E 116 -37.03 9.85 -3.03
C GLN E 116 -37.17 8.94 -1.83
N VAL E 117 -36.25 7.99 -1.66
CA VAL E 117 -36.38 7.03 -0.56
C VAL E 117 -36.18 7.74 0.77
N GLY E 118 -35.30 8.74 0.81
CA GLY E 118 -35.16 9.55 2.02
C GLY E 118 -36.40 10.37 2.34
N PHE E 119 -36.99 11.00 1.33
CA PHE E 119 -38.28 11.67 1.52
C PHE E 119 -39.32 10.68 2.04
N ASP E 120 -39.45 9.53 1.38
CA ASP E 120 -40.50 8.60 1.77
C ASP E 120 -40.26 8.05 3.16
N LEU E 121 -39.00 7.76 3.52
CA LEU E 121 -38.67 7.17 4.82
C LEU E 121 -38.94 8.15 5.95
N VAL E 122 -38.49 9.40 5.78
CA VAL E 122 -38.76 10.42 6.80
C VAL E 122 -40.26 10.67 6.92
N LYS E 123 -40.96 10.74 5.78
CA LYS E 123 -42.41 10.96 5.82
C LYS E 123 -43.11 9.86 6.59
N ALA E 124 -42.75 8.60 6.33
CA ALA E 124 -43.38 7.47 7.00
C ALA E 124 -43.14 7.53 8.51
N CYS E 125 -41.89 7.78 8.92
CA CYS E 125 -41.61 7.85 10.35
C CYS E 125 -42.25 9.09 11.00
N LYS E 126 -42.27 10.22 10.29
CA LYS E 126 -42.92 11.41 10.83
C LYS E 126 -44.39 11.16 11.08
N GLU E 127 -45.08 10.50 10.13
CA GLU E 127 -46.50 10.24 10.30
C GLU E 127 -46.74 9.39 11.53
N ALA E 128 -45.90 8.37 11.75
CA ALA E 128 -46.05 7.56 12.96
C ALA E 128 -45.82 8.39 14.22
N CYS E 129 -44.75 9.19 14.26
CA CYS E 129 -44.45 9.95 15.48
C CYS E 129 -45.51 11.01 15.77
N ALA E 130 -45.90 11.75 14.75
CA ALA E 130 -46.86 12.83 14.94
C ALA E 130 -48.18 12.29 15.51
N ALA E 131 -48.64 11.14 15.01
CA ALA E 131 -49.89 10.59 15.54
C ALA E 131 -49.75 10.24 17.03
N ALA E 132 -48.54 10.01 17.51
CA ALA E 132 -48.29 9.65 18.89
C ALA E 132 -47.82 10.81 19.73
N ASN E 133 -47.81 12.03 19.18
CA ASN E 133 -47.28 13.22 19.85
C ASN E 133 -45.79 13.06 20.17
N VAL E 134 -45.04 12.44 19.25
CA VAL E 134 -43.59 12.23 19.40
C VAL E 134 -42.88 13.11 18.38
N LEU E 135 -41.77 13.72 18.79
CA LEU E 135 -41.01 14.58 17.90
C LEU E 135 -40.05 13.73 17.08
N LEU E 136 -39.88 14.06 15.81
CA LEU E 136 -38.96 13.31 14.95
C LEU E 136 -37.76 14.18 14.60
N LYS E 137 -36.58 13.75 15.05
CA LYS E 137 -35.33 14.33 14.56
C LYS E 137 -34.77 13.45 13.45
N VAL E 138 -34.23 14.07 12.39
CA VAL E 138 -33.66 13.33 11.28
C VAL E 138 -32.15 13.57 11.25
N ILE E 139 -31.39 12.51 11.47
CA ILE E 139 -29.93 12.53 11.35
C ILE E 139 -29.59 12.43 9.86
N ILE E 140 -28.99 13.49 9.30
CA ILE E 140 -28.59 13.42 7.89
C ILE E 140 -27.16 12.92 7.72
N GLU E 141 -26.36 12.86 8.80
CA GLU E 141 -24.97 12.40 8.78
C GLU E 141 -24.12 13.30 7.86
N SER E 142 -24.06 14.58 8.24
CA SER E 142 -23.38 15.59 7.44
C SER E 142 -21.91 15.27 7.23
N GLY E 143 -21.30 14.50 8.14
CA GLY E 143 -19.91 14.11 8.00
C GLY E 143 -19.65 13.04 6.97
N GLU E 144 -20.68 12.30 6.56
CA GLU E 144 -20.53 11.40 5.43
C GLU E 144 -20.95 12.06 4.12
N LEU E 145 -21.94 12.94 4.16
CA LEU E 145 -22.33 13.70 2.98
C LEU E 145 -21.21 14.63 2.51
N LYS E 146 -20.55 15.30 3.47
CA LYS E 146 -19.34 16.10 3.27
C LYS E 146 -19.58 17.36 2.42
N ASP E 147 -20.11 17.19 1.22
CA ASP E 147 -20.29 18.29 0.29
C ASP E 147 -21.44 19.20 0.74
N GLU E 148 -21.21 20.51 0.65
CA GLU E 148 -22.24 21.48 1.07
C GLU E 148 -23.57 21.25 0.34
N ALA E 149 -23.53 21.00 -0.97
CA ALA E 149 -24.77 20.83 -1.71
C ALA E 149 -25.54 19.58 -1.25
N LEU E 150 -24.83 18.52 -0.87
CA LEU E 150 -25.51 17.33 -0.35
C LEU E 150 -26.08 17.58 1.03
N ILE E 151 -25.35 18.31 1.89
CA ILE E 151 -25.84 18.61 3.22
C ILE E 151 -27.10 19.45 3.15
N ARG E 152 -27.12 20.45 2.25
CA ARG E 152 -28.32 21.25 2.05
C ARG E 152 -29.46 20.37 1.53
N LYS E 153 -29.15 19.50 0.56
CA LYS E 153 -30.18 18.67 -0.03
C LYS E 153 -30.76 17.70 1.00
N ALA E 154 -29.91 17.06 1.82
CA ALA E 154 -30.45 16.16 2.84
C ALA E 154 -31.34 16.93 3.81
N SER E 155 -30.94 18.14 4.20
CA SER E 155 -31.76 18.97 5.08
C SER E 155 -33.08 19.33 4.41
N GLU E 156 -33.05 19.75 3.14
CA GLU E 156 -34.25 20.17 2.44
C GLU E 156 -35.24 19.01 2.31
N ILE E 157 -34.76 17.83 1.93
CA ILE E 157 -35.64 16.67 1.80
C ILE E 157 -36.27 16.33 3.15
N SER E 158 -35.44 16.30 4.21
CA SER E 158 -35.97 15.94 5.51
C SER E 158 -37.06 16.92 5.96
N ILE E 159 -36.81 18.22 5.77
CA ILE E 159 -37.79 19.21 6.16
C ILE E 159 -39.08 19.04 5.35
N LYS E 160 -38.96 18.88 4.03
CA LYS E 160 -40.15 18.69 3.22
C LYS E 160 -40.93 17.44 3.64
N ALA E 161 -40.22 16.43 4.13
CA ALA E 161 -40.86 15.19 4.55
C ALA E 161 -41.45 15.27 5.95
N GLY E 162 -41.17 16.34 6.69
CA GLY E 162 -41.80 16.57 7.97
C GLY E 162 -40.90 16.51 9.18
N ALA E 163 -39.58 16.55 9.00
CA ALA E 163 -38.67 16.53 10.13
C ALA E 163 -38.99 17.67 11.09
N ASP E 164 -39.06 17.33 12.38
CA ASP E 164 -39.22 18.34 13.44
C ASP E 164 -37.87 18.95 13.83
N PHE E 165 -36.78 18.22 13.59
CA PHE E 165 -35.40 18.61 13.80
C PHE E 165 -34.58 18.05 12.66
N ILE E 166 -33.51 18.73 12.32
CA ILE E 166 -32.45 18.12 11.56
C ILE E 166 -31.22 18.08 12.44
N LYS E 167 -30.55 16.94 12.42
CA LYS E 167 -29.48 16.61 13.34
C LYS E 167 -28.25 16.24 12.53
N THR E 168 -27.09 16.76 12.94
CA THR E 168 -25.91 16.62 12.09
C THR E 168 -25.51 15.15 11.92
N SER E 169 -25.46 14.38 13.01
CA SER E 169 -24.64 13.17 13.00
C SER E 169 -25.16 12.12 13.98
N THR E 170 -24.74 10.86 13.73
CA THR E 170 -24.99 9.78 14.68
C THR E 170 -24.03 9.78 15.85
N GLY E 171 -22.86 10.40 15.68
CA GLY E 171 -21.79 10.25 16.65
C GLY E 171 -20.94 9.02 16.46
N LEU E 172 -21.25 8.18 15.47
CA LEU E 172 -20.58 6.90 15.32
C LEU E 172 -19.77 6.81 14.04
N VAL E 173 -19.61 7.90 13.31
CA VAL E 173 -18.78 7.91 12.12
C VAL E 173 -17.57 8.81 12.36
N ALA E 174 -16.67 8.89 11.37
CA ALA E 174 -15.39 9.54 11.62
C ALA E 174 -15.56 11.04 11.84
N VAL E 175 -16.46 11.68 11.11
CA VAL E 175 -16.70 13.11 11.19
C VAL E 175 -18.13 13.35 11.65
N ASN E 176 -18.29 14.10 12.75
CA ASN E 176 -19.63 14.44 13.19
C ASN E 176 -19.91 15.91 12.86
N ALA E 177 -20.48 16.68 13.78
CA ALA E 177 -20.77 18.07 13.49
C ALA E 177 -19.49 18.89 13.38
N THR E 178 -19.55 19.94 12.57
CA THR E 178 -18.55 20.98 12.47
C THR E 178 -19.26 22.33 12.48
N PRO E 179 -18.56 23.41 12.80
CA PRO E 179 -19.21 24.73 12.68
C PRO E 179 -19.75 24.99 11.29
N GLU E 180 -19.08 24.44 10.27
CA GLU E 180 -19.50 24.69 8.88
C GLU E 180 -20.78 23.93 8.54
N SER E 181 -20.87 22.66 8.95
CA SER E 181 -22.08 21.89 8.64
C SER E 181 -23.27 22.42 9.44
N ALA E 182 -23.02 22.82 10.69
CA ALA E 182 -24.05 23.47 11.50
C ALA E 182 -24.61 24.71 10.81
N ARG E 183 -23.73 25.57 10.31
CA ARG E 183 -24.20 26.79 9.65
C ARG E 183 -24.98 26.45 8.39
N ILE E 184 -24.49 25.48 7.60
CA ILE E 184 -25.22 25.07 6.39
C ILE E 184 -26.63 24.60 6.74
N MET E 185 -26.75 23.73 7.74
CA MET E 185 -28.04 23.19 8.08
C MET E 185 -28.98 24.25 8.65
N MET E 186 -28.49 25.13 9.51
CA MET E 186 -29.37 26.19 9.99
C MET E 186 -29.73 27.17 8.87
N GLU E 187 -28.83 27.37 7.91
CA GLU E 187 -29.17 28.22 6.76
C GLU E 187 -30.34 27.64 5.98
N VAL E 188 -30.41 26.31 5.87
CA VAL E 188 -31.52 25.69 5.17
C VAL E 188 -32.84 25.97 5.89
N ILE E 189 -32.85 25.83 7.23
CA ILE E 189 -34.04 26.14 8.01
C ILE E 189 -34.50 27.58 7.75
N ARG E 190 -33.55 28.52 7.80
CA ARG E 190 -33.88 29.91 7.53
C ARG E 190 -34.37 30.09 6.10
N ASP E 191 -33.62 29.56 5.13
CA ASP E 191 -33.94 29.80 3.73
C ASP E 191 -35.28 29.19 3.33
N MET E 192 -35.71 28.13 4.00
CA MET E 192 -37.02 27.54 3.71
C MET E 192 -38.14 28.16 4.53
N GLY E 193 -37.84 29.08 5.44
CA GLY E 193 -38.87 29.70 6.26
C GLY E 193 -39.53 28.78 7.27
N VAL E 194 -38.80 27.79 7.77
CA VAL E 194 -39.39 26.82 8.69
C VAL E 194 -38.79 26.95 10.09
N GLU E 195 -38.34 28.16 10.47
CA GLU E 195 -37.72 28.29 11.80
C GLU E 195 -38.69 27.97 12.92
N LYS E 196 -39.99 28.16 12.73
CA LYS E 196 -40.92 27.88 13.81
C LYS E 196 -41.12 26.38 14.03
N SER E 197 -41.07 25.58 12.97
CA SER E 197 -41.41 24.17 13.00
C SER E 197 -40.23 23.23 12.96
N VAL E 198 -39.02 23.70 12.64
CA VAL E 198 -37.87 22.81 12.49
C VAL E 198 -36.74 23.31 13.39
N GLY E 199 -36.25 22.43 14.28
CA GLY E 199 -35.12 22.73 15.11
C GLY E 199 -33.84 22.12 14.55
N PHE E 200 -32.74 22.46 15.20
CA PHE E 200 -31.42 22.00 14.80
C PHE E 200 -30.73 21.34 15.98
N LYS E 201 -30.07 20.22 15.72
CA LYS E 201 -29.34 19.50 16.75
C LYS E 201 -27.93 19.21 16.25
N VAL E 202 -26.93 19.67 17.00
CA VAL E 202 -25.53 19.39 16.69
C VAL E 202 -25.08 18.21 17.54
N THR E 203 -24.56 17.17 16.89
CA THR E 203 -24.03 15.98 17.55
C THR E 203 -22.54 15.94 17.38
N GLY E 204 -21.80 15.82 18.47
CA GLY E 204 -20.37 15.99 18.37
C GLY E 204 -20.04 17.45 18.13
N GLY E 205 -18.86 17.71 17.60
CA GLY E 205 -18.45 19.07 17.37
C GLY E 205 -18.15 19.83 18.65
N ALA E 206 -19.18 20.14 19.44
CA ALA E 206 -18.97 20.88 20.70
C ALA E 206 -18.36 19.97 21.75
N ARG E 207 -17.04 20.02 21.91
CA ARG E 207 -16.43 19.27 22.99
C ARG E 207 -16.24 20.10 24.25
N THR E 208 -16.07 21.42 24.13
CA THR E 208 -15.81 22.27 25.27
C THR E 208 -16.92 23.31 25.42
N ALA E 209 -16.94 23.95 26.60
CA ALA E 209 -17.87 25.05 26.84
C ALA E 209 -17.65 26.18 25.86
N GLU E 210 -16.40 26.42 25.45
CA GLU E 210 -16.14 27.44 24.45
C GLU E 210 -16.72 27.05 23.10
N ASP E 211 -16.61 25.77 22.72
CA ASP E 211 -17.26 25.28 21.51
C ASP E 211 -18.77 25.52 21.57
N ALA E 212 -19.40 25.14 22.69
CA ALA E 212 -20.85 25.27 22.78
C ALA E 212 -21.29 26.71 22.57
N GLN E 213 -20.55 27.68 23.13
CA GLN E 213 -20.92 29.08 22.95
C GLN E 213 -20.94 29.46 21.47
N LYS E 214 -19.92 29.06 20.73
CA LYS E 214 -19.85 29.46 19.32
C LYS E 214 -20.91 28.76 18.48
N TYR E 215 -21.23 27.51 18.80
CA TYR E 215 -22.33 26.87 18.07
C TYR E 215 -23.65 27.59 18.32
N LEU E 216 -23.91 28.00 19.57
CA LEU E 216 -25.12 28.77 19.86
C LEU E 216 -25.10 30.15 19.19
N ALA E 217 -23.92 30.77 19.07
CA ALA E 217 -23.86 32.07 18.40
C ALA E 217 -24.31 31.98 16.94
N ILE E 218 -24.09 30.84 16.26
CA ILE E 218 -24.60 30.68 14.91
C ILE E 218 -26.13 30.79 14.92
N ALA E 219 -26.77 30.09 15.87
CA ALA E 219 -28.23 30.20 15.99
C ALA E 219 -28.67 31.61 16.30
N ASP E 220 -27.94 32.31 17.18
CA ASP E 220 -28.31 33.67 17.54
C ASP E 220 -28.17 34.62 16.34
N GLU E 221 -27.15 34.40 15.51
CA GLU E 221 -26.94 35.27 14.36
C GLU E 221 -28.03 35.06 13.31
N LEU E 222 -28.39 33.80 13.05
CA LEU E 222 -29.30 33.51 11.94
C LEU E 222 -30.75 33.77 12.32
N PHE E 223 -31.12 33.47 13.55
CA PHE E 223 -32.47 33.65 14.06
C PHE E 223 -32.37 34.64 15.23
N GLY E 224 -33.47 34.89 15.92
CA GLY E 224 -33.35 35.71 17.11
C GLY E 224 -32.36 35.12 18.10
N ALA E 225 -31.87 35.97 19.01
CA ALA E 225 -31.17 35.37 20.15
C ALA E 225 -32.11 34.57 21.04
N ASP E 226 -33.42 34.69 20.82
CA ASP E 226 -34.42 33.96 21.57
C ASP E 226 -34.88 32.67 20.90
N TRP E 227 -34.41 32.40 19.68
CA TRP E 227 -34.97 31.27 18.92
C TRP E 227 -34.55 29.91 19.50
N ALA E 228 -33.33 29.78 19.98
CA ALA E 228 -32.77 28.46 20.29
C ALA E 228 -33.20 28.01 21.69
N ASP E 229 -34.49 27.74 21.82
CA ASP E 229 -35.03 27.06 22.99
C ASP E 229 -34.99 25.54 22.75
N ALA E 230 -35.52 24.78 23.71
CA ALA E 230 -35.44 23.32 23.62
C ALA E 230 -36.16 22.77 22.40
N ARG E 231 -37.19 23.45 21.93
CA ARG E 231 -37.89 22.95 20.75
C ARG E 231 -37.09 23.19 19.46
N HIS E 232 -36.07 24.02 19.50
CA HIS E 232 -35.41 24.42 18.27
C HIS E 232 -33.91 24.20 18.24
N TYR E 233 -33.29 23.79 19.36
CA TYR E 233 -31.85 23.61 19.42
C TYR E 233 -31.50 22.55 20.45
N ARG E 234 -30.61 21.62 20.10
CA ARG E 234 -30.12 20.62 21.05
C ARG E 234 -28.63 20.44 20.84
N PHE E 235 -27.92 20.13 21.94
CA PHE E 235 -26.58 19.57 21.85
C PHE E 235 -26.67 18.08 22.16
N GLY E 236 -26.36 17.24 21.18
CA GLY E 236 -26.23 15.82 21.45
C GLY E 236 -24.82 15.54 21.96
N ALA E 237 -24.68 15.26 23.25
CA ALA E 237 -23.34 15.23 23.81
C ALA E 237 -23.29 14.36 25.06
N SER E 238 -22.07 14.01 25.45
CA SER E 238 -21.81 13.27 26.67
C SER E 238 -20.76 14.04 27.47
N GLY E 239 -19.50 13.95 27.07
CA GLY E 239 -18.42 14.67 27.74
C GLY E 239 -18.58 16.18 27.77
N LEU E 240 -19.39 16.75 26.88
CA LEU E 240 -19.59 18.20 26.93
C LEU E 240 -20.20 18.65 28.25
N LEU E 241 -21.05 17.81 28.86
CA LEU E 241 -21.71 18.19 30.10
C LEU E 241 -20.72 18.49 31.21
N ALA E 242 -19.65 17.69 31.31
CA ALA E 242 -18.64 17.98 32.33
C ALA E 242 -17.96 19.30 32.02
N SER E 243 -17.72 19.57 30.74
CA SER E 243 -17.09 20.83 30.36
C SER E 243 -17.98 22.02 30.68
N LEU E 244 -19.29 21.90 30.48
CA LEU E 244 -20.19 22.98 30.81
C LEU E 244 -20.26 23.21 32.31
N LEU E 245 -20.41 22.12 33.06
CA LEU E 245 -20.53 22.23 34.51
C LEU E 245 -19.29 22.88 35.12
N LYS E 246 -18.10 22.49 34.64
CA LYS E 246 -16.88 23.10 35.14
C LYS E 246 -16.85 24.60 34.88
N ALA E 247 -17.29 25.03 33.70
CA ALA E 247 -17.37 26.46 33.45
C ALA E 247 -18.30 27.14 34.45
N LEU E 248 -19.31 26.42 34.93
CA LEU E 248 -20.27 26.93 35.91
C LEU E 248 -19.83 26.67 37.34
N GLY E 249 -18.61 26.21 37.55
CA GLY E 249 -18.12 25.99 38.90
C GLY E 249 -18.53 24.70 39.57
N HIS E 250 -18.96 23.68 38.82
CA HIS E 250 -19.39 22.45 39.45
C HIS E 250 -18.58 21.21 39.08
N GLY E 251 -18.05 21.13 37.87
CA GLY E 251 -17.19 20.00 37.51
C GLY E 251 -16.02 19.77 38.46
N ASP F 3 14.69 38.62 30.67
CA ASP F 3 15.04 38.02 31.96
C ASP F 3 15.04 36.49 31.88
N LEU F 4 16.13 35.86 32.32
CA LEU F 4 16.25 34.42 32.14
C LEU F 4 15.48 33.63 33.18
N LYS F 5 15.05 34.25 34.28
CA LYS F 5 14.23 33.51 35.22
C LYS F 5 12.77 33.52 34.79
N ALA F 6 12.28 34.66 34.30
CA ALA F 6 10.93 34.70 33.78
C ALA F 6 10.80 33.75 32.60
N SER F 7 11.80 33.78 31.72
CA SER F 7 11.79 32.90 30.56
C SER F 7 11.88 31.44 30.96
N SER F 8 12.66 31.13 32.00
CA SER F 8 12.78 29.74 32.43
C SER F 8 11.49 29.22 33.04
N LEU F 9 10.85 30.01 33.90
CA LEU F 9 9.58 29.55 34.46
C LEU F 9 8.54 29.36 33.36
N ARG F 10 8.55 30.26 32.37
CA ARG F 10 7.61 30.15 31.26
C ARG F 10 7.83 28.86 30.49
N ALA F 11 9.08 28.55 30.15
CA ALA F 11 9.37 27.34 29.39
C ALA F 11 8.99 26.10 30.20
N LEU F 12 9.24 26.12 31.51
CA LEU F 12 8.91 24.98 32.36
C LEU F 12 7.43 24.67 32.29
N LYS F 13 6.58 25.70 32.36
CA LYS F 13 5.14 25.48 32.32
C LYS F 13 4.64 25.06 30.96
N LEU F 14 5.50 25.08 29.94
CA LEU F 14 5.15 24.63 28.60
C LEU F 14 5.80 23.30 28.26
N MET F 15 6.34 22.59 29.24
CA MET F 15 7.13 21.40 28.98
C MET F 15 6.23 20.16 28.90
N ASP F 16 6.42 19.36 27.85
CA ASP F 16 5.97 17.96 27.81
C ASP F 16 7.16 17.16 28.33
N LEU F 17 7.11 16.76 29.59
CA LEU F 17 8.27 16.15 30.21
C LEU F 17 8.27 14.65 29.94
N SER F 18 9.40 14.11 29.53
CA SER F 18 9.53 12.67 29.33
C SER F 18 10.71 12.15 30.13
N THR F 19 10.81 10.82 30.22
CA THR F 19 11.90 10.24 31.00
C THR F 19 13.25 10.48 30.30
N LEU F 20 14.32 10.45 31.11
CA LEU F 20 15.63 10.88 30.63
C LEU F 20 16.20 9.93 29.58
N ASN F 21 16.41 8.67 29.95
CA ASN F 21 17.08 7.67 29.12
C ASN F 21 16.09 6.76 28.39
N GLY F 22 14.93 7.28 28.00
CA GLY F 22 13.92 6.44 27.37
C GLY F 22 13.34 5.35 28.26
N ASP F 23 13.55 5.44 29.57
CA ASP F 23 12.98 4.47 30.51
C ASP F 23 11.46 4.44 30.40
N TYR F 24 10.90 3.23 30.44
CA TYR F 24 9.48 3.01 30.23
C TYR F 24 8.80 2.22 31.34
N THR F 25 9.54 1.80 32.37
CA THR F 25 8.95 0.99 33.42
C THR F 25 7.89 1.78 34.18
N ASP F 26 6.98 1.04 34.84
CA ASP F 26 5.99 1.68 35.69
C ASP F 26 6.64 2.59 36.73
N GLU F 27 7.74 2.13 37.34
CA GLU F 27 8.40 2.93 38.35
C GLU F 27 8.93 4.23 37.76
N LYS F 28 9.51 4.16 36.57
CA LYS F 28 10.03 5.37 35.95
C LYS F 28 8.89 6.31 35.58
N VAL F 29 7.76 5.77 35.13
CA VAL F 29 6.62 6.61 34.81
C VAL F 29 6.08 7.28 36.06
N ILE F 30 5.94 6.51 37.15
CA ILE F 30 5.48 7.09 38.41
C ILE F 30 6.42 8.21 38.85
N ALA F 31 7.73 7.95 38.76
CA ALA F 31 8.71 8.97 39.10
C ALA F 31 8.59 10.19 38.19
N LEU F 32 8.30 9.97 36.89
CA LEU F 32 8.13 11.08 35.97
C LEU F 32 6.96 11.96 36.40
N CYS F 33 5.85 11.33 36.80
CA CYS F 33 4.71 12.10 37.28
C CYS F 33 5.09 12.98 38.46
N HIS F 34 5.87 12.43 39.41
CA HIS F 34 6.32 13.24 40.53
C HIS F 34 7.22 14.36 40.06
N GLN F 35 8.08 14.07 39.08
CA GLN F 35 9.01 15.08 38.57
C GLN F 35 8.28 16.23 37.88
N ALA F 36 7.13 15.98 37.26
CA ALA F 36 6.40 17.03 36.57
C ALA F 36 5.80 18.05 37.54
N LYS F 37 5.61 17.66 38.79
CA LYS F 37 5.15 18.58 39.83
C LYS F 37 6.40 19.22 40.43
N THR F 38 6.88 20.28 39.78
CA THR F 38 8.16 20.83 40.20
C THR F 38 7.96 21.78 41.38
N PRO F 39 9.04 22.14 42.07
CA PRO F 39 8.92 23.13 43.16
C PRO F 39 8.37 24.48 42.72
N VAL F 40 8.54 24.86 41.45
CA VAL F 40 8.13 26.17 41.00
C VAL F 40 6.82 26.14 40.22
N GLY F 41 6.24 24.96 40.05
CA GLY F 41 5.03 24.82 39.26
C GLY F 41 5.04 23.52 38.48
N ASN F 42 3.93 23.23 37.81
CA ASN F 42 3.79 22.00 37.05
C ASN F 42 4.17 22.20 35.60
N THR F 43 4.79 21.17 35.01
CA THR F 43 4.94 21.16 33.56
C THR F 43 3.56 21.07 32.91
N ALA F 44 3.50 21.40 31.61
CA ALA F 44 2.23 21.32 30.90
C ALA F 44 1.77 19.87 30.79
N ALA F 45 2.70 18.95 30.61
CA ALA F 45 2.33 17.58 30.31
C ALA F 45 3.49 16.66 30.64
N ILE F 46 3.20 15.37 30.64
CA ILE F 46 4.23 14.34 30.59
C ILE F 46 4.02 13.59 29.29
N SER F 47 5.10 13.07 28.71
CA SER F 47 5.05 12.31 27.46
C SER F 47 5.51 10.89 27.73
N ILE F 48 4.63 9.92 27.51
CA ILE F 48 4.86 8.52 27.87
C ILE F 48 4.28 7.63 26.78
N TYR F 49 4.67 6.37 26.81
CA TYR F 49 4.10 5.41 25.88
C TYR F 49 2.67 5.05 26.29
N PRO F 50 1.84 4.64 25.33
CA PRO F 50 0.40 4.46 25.64
C PRO F 50 0.11 3.52 26.80
N ARG F 51 0.83 2.40 26.93
CA ARG F 51 0.48 1.43 27.96
C ARG F 51 0.69 1.98 29.37
N SER F 52 1.45 3.06 29.51
CA SER F 52 1.73 3.69 30.80
C SER F 52 0.67 4.70 31.21
N ILE F 53 -0.28 5.02 30.33
CA ILE F 53 -1.24 6.07 30.64
C ILE F 53 -2.11 5.74 31.84
N PRO F 54 -2.67 4.54 31.99
CA PRO F 54 -3.56 4.32 33.14
C PRO F 54 -2.86 4.51 34.48
N ILE F 55 -1.63 4.00 34.64
CA ILE F 55 -0.93 4.20 35.90
C ILE F 55 -0.46 5.65 36.05
N ALA F 56 -0.09 6.31 34.96
CA ALA F 56 0.29 7.72 35.07
C ALA F 56 -0.89 8.57 35.52
N ARG F 57 -2.08 8.30 34.97
CA ARG F 57 -3.27 9.05 35.35
C ARG F 57 -3.60 8.88 36.82
N LYS F 58 -3.52 7.65 37.34
CA LYS F 58 -3.74 7.43 38.77
C LYS F 58 -2.73 8.20 39.61
N THR F 59 -1.46 8.17 39.23
CA THR F 59 -0.42 8.82 40.00
C THR F 59 -0.63 10.32 40.06
N LEU F 60 -0.93 10.92 38.89
CA LEU F 60 -1.18 12.35 38.81
C LEU F 60 -2.40 12.76 39.62
N LYS F 61 -3.47 11.96 39.56
CA LYS F 61 -4.64 12.25 40.40
C LYS F 61 -4.28 12.16 41.88
N GLU F 62 -3.45 11.18 42.24
CA GLU F 62 -3.14 10.97 43.64
C GLU F 62 -2.28 12.08 44.21
N GLN F 63 -1.43 12.68 43.39
CA GLN F 63 -0.71 13.85 43.85
C GLN F 63 -1.52 15.13 43.68
N GLY F 64 -2.76 15.03 43.20
CA GLY F 64 -3.61 16.20 43.14
C GLY F 64 -3.31 17.13 41.97
N THR F 65 -2.73 16.62 40.88
CA THR F 65 -2.39 17.45 39.73
C THR F 65 -3.07 16.92 38.48
N PRO F 66 -4.41 17.00 38.43
CA PRO F 66 -5.12 16.52 37.24
C PRO F 66 -4.87 17.39 36.03
N GLU F 67 -4.30 18.58 36.23
CA GLU F 67 -4.08 19.48 35.10
C GLU F 67 -2.80 19.21 34.34
N ILE F 68 -1.91 18.35 34.85
CA ILE F 68 -0.77 17.93 34.04
C ILE F 68 -1.30 16.97 32.99
N ARG F 69 -1.18 17.36 31.72
CA ARG F 69 -1.74 16.57 30.64
C ARG F 69 -0.90 15.33 30.39
N ILE F 70 -1.55 14.29 29.85
CA ILE F 70 -0.85 13.07 29.46
C ILE F 70 -0.83 13.03 27.94
N ALA F 71 0.37 13.14 27.39
CA ALA F 71 0.61 13.05 25.95
C ALA F 71 1.31 11.74 25.66
N THR F 72 0.98 11.14 24.51
CA THR F 72 1.59 9.89 24.10
C THR F 72 1.90 9.98 22.61
N VAL F 73 2.37 8.87 22.05
CA VAL F 73 2.87 8.83 20.68
C VAL F 73 2.26 7.64 19.97
N THR F 74 2.03 7.82 18.67
CA THR F 74 1.56 6.76 17.80
C THR F 74 2.29 6.86 16.48
N ASN F 75 2.24 5.77 15.72
CA ASN F 75 3.01 5.64 14.48
C ASN F 75 4.48 5.93 14.71
N PHE F 76 4.96 5.56 15.89
CA PHE F 76 6.18 6.11 16.48
C PHE F 76 7.20 5.02 16.76
N PRO F 77 8.49 5.28 16.51
CA PRO F 77 8.98 6.55 15.98
C PRO F 77 9.10 6.54 14.46
N HIS F 78 8.66 5.46 13.82
CA HIS F 78 9.02 5.20 12.42
C HIS F 78 8.37 6.15 11.43
N GLY F 79 7.14 6.60 11.69
CA GLY F 79 6.41 7.35 10.67
C GLY F 79 6.13 6.55 9.43
N ASN F 80 5.75 5.28 9.58
CA ASN F 80 5.37 4.46 8.44
C ASN F 80 4.10 5.02 7.79
N ASP F 81 3.81 4.53 6.59
CA ASP F 81 2.72 5.10 5.81
C ASP F 81 1.47 4.22 5.83
N ASP F 82 1.32 3.36 6.83
CA ASP F 82 0.14 2.51 6.98
C ASP F 82 -0.89 3.24 7.83
N ILE F 83 -1.94 3.74 7.18
CA ILE F 83 -2.94 4.53 7.89
C ILE F 83 -3.71 3.67 8.89
N GLU F 84 -4.08 2.45 8.51
CA GLU F 84 -4.88 1.66 9.43
C GLU F 84 -4.14 1.33 10.72
N ILE F 85 -2.82 1.16 10.66
CA ILE F 85 -2.03 0.89 11.87
C ILE F 85 -1.92 2.16 12.72
N ALA F 86 -1.60 3.28 12.07
CA ALA F 86 -1.52 4.54 12.79
C ALA F 86 -2.86 4.88 13.44
N LEU F 87 -3.96 4.62 12.76
CA LEU F 87 -5.25 4.93 13.32
C LEU F 87 -5.59 4.00 14.48
N ALA F 88 -5.25 2.71 14.34
CA ALA F 88 -5.53 1.76 15.41
C ALA F 88 -4.75 2.13 16.67
N GLU F 89 -3.48 2.49 16.51
CA GLU F 89 -2.67 2.94 17.63
C GLU F 89 -3.24 4.21 18.26
N THR F 90 -3.67 5.15 17.43
CA THR F 90 -4.28 6.36 17.97
C THR F 90 -5.56 6.05 18.73
N ARG F 91 -6.40 5.16 18.17
CA ARG F 91 -7.62 4.82 18.86
C ARG F 91 -7.31 4.15 20.20
N ALA F 92 -6.25 3.34 20.26
CA ALA F 92 -5.88 2.70 21.52
C ALA F 92 -5.36 3.71 22.52
N ALA F 93 -4.54 4.67 22.05
CA ALA F 93 -4.04 5.72 22.94
C ALA F 93 -5.19 6.50 23.56
N ILE F 94 -6.18 6.87 22.74
CA ILE F 94 -7.37 7.52 23.25
C ILE F 94 -8.04 6.67 24.31
N ALA F 95 -8.20 5.37 24.03
CA ALA F 95 -8.91 4.49 24.95
C ALA F 95 -8.16 4.30 26.26
N TYR F 96 -6.82 4.27 26.21
CA TYR F 96 -6.01 4.23 27.42
C TYR F 96 -6.28 5.44 28.30
N GLY F 97 -6.66 6.57 27.69
CA GLY F 97 -6.94 7.79 28.41
C GLY F 97 -6.06 8.98 28.06
N ALA F 98 -5.39 8.97 26.91
CA ALA F 98 -4.51 10.09 26.57
C ALA F 98 -5.30 11.38 26.49
N ASP F 99 -4.66 12.48 26.95
CA ASP F 99 -5.18 13.82 26.68
C ASP F 99 -4.72 14.32 25.32
N GLU F 100 -3.54 13.89 24.87
CA GLU F 100 -2.94 14.36 23.65
C GLU F 100 -2.22 13.19 22.98
N VAL F 101 -2.24 13.15 21.65
CA VAL F 101 -1.58 12.12 20.88
C VAL F 101 -0.64 12.81 19.89
N ASP F 102 0.64 12.43 19.93
CA ASP F 102 1.64 12.92 18.98
C ASP F 102 1.88 11.81 17.96
N VAL F 103 1.41 12.00 16.72
CA VAL F 103 1.53 10.99 15.68
C VAL F 103 2.68 11.36 14.74
N VAL F 104 3.46 10.37 14.33
CA VAL F 104 4.54 10.68 13.40
C VAL F 104 3.99 10.72 11.98
N PHE F 105 4.18 11.86 11.32
CA PHE F 105 3.84 12.04 9.93
C PHE F 105 4.64 11.07 9.06
N PRO F 106 4.06 10.52 7.98
CA PRO F 106 4.86 9.63 7.11
C PRO F 106 5.81 10.43 6.22
N TYR F 107 6.91 10.88 6.84
CA TYR F 107 7.80 11.79 6.17
C TYR F 107 8.61 11.10 5.08
N ARG F 108 8.92 9.81 5.23
CA ARG F 108 9.61 9.13 4.13
C ARG F 108 8.72 9.08 2.88
N ALA F 109 7.42 8.83 3.05
CA ALA F 109 6.50 8.86 1.91
C ALA F 109 6.48 10.23 1.25
N LEU F 110 6.44 11.29 2.05
CA LEU F 110 6.48 12.64 1.50
C LEU F 110 7.76 12.86 0.70
N MET F 111 8.89 12.40 1.25
CA MET F 111 10.14 12.53 0.52
C MET F 111 10.12 11.77 -0.80
N ALA F 112 9.38 10.68 -0.90
CA ALA F 112 9.25 9.98 -2.18
C ALA F 112 8.14 10.54 -3.05
N GLY F 113 7.54 11.66 -2.66
CA GLY F 113 6.54 12.33 -3.49
C GLY F 113 5.10 12.02 -3.14
N ASN F 114 4.86 11.27 -2.06
CA ASN F 114 3.50 10.90 -1.67
C ASN F 114 3.09 11.83 -0.53
N GLU F 115 2.51 12.97 -0.91
CA GLU F 115 1.92 13.91 0.04
C GLU F 115 0.57 13.43 0.54
N GLN F 116 -0.13 12.66 -0.29
CA GLN F 116 -1.53 12.35 0.00
C GLN F 116 -1.65 11.43 1.21
N VAL F 117 -0.74 10.47 1.35
CA VAL F 117 -0.86 9.53 2.45
C VAL F 117 -0.63 10.24 3.78
N GLY F 118 0.25 11.25 3.79
CA GLY F 118 0.41 12.05 5.00
C GLY F 118 -0.83 12.85 5.34
N PHE F 119 -1.46 13.46 4.34
CA PHE F 119 -2.73 14.13 4.57
C PHE F 119 -3.76 13.16 5.13
N ASP F 120 -3.91 12.00 4.49
CA ASP F 120 -4.95 11.06 4.90
C ASP F 120 -4.67 10.52 6.30
N LEU F 121 -3.41 10.26 6.62
CA LEU F 121 -3.08 9.66 7.92
C LEU F 121 -3.35 10.65 9.04
N VAL F 122 -2.90 11.90 8.87
CA VAL F 122 -3.16 12.92 9.89
C VAL F 122 -4.66 13.16 10.02
N LYS F 123 -5.38 13.24 8.88
CA LYS F 123 -6.82 13.46 8.93
C LYS F 123 -7.53 12.34 9.66
N ALA F 124 -7.16 11.09 9.38
CA ALA F 124 -7.79 9.96 10.03
C ALA F 124 -7.56 10.01 11.54
N CYS F 125 -6.32 10.29 11.97
CA CYS F 125 -6.02 10.35 13.39
C CYS F 125 -6.65 11.58 14.05
N LYS F 126 -6.66 12.72 13.36
CA LYS F 126 -7.32 13.90 13.92
C LYS F 126 -8.80 13.65 14.15
N GLU F 127 -9.46 12.97 13.21
CA GLU F 127 -10.89 12.72 13.38
C GLU F 127 -11.16 11.90 14.63
N ALA F 128 -10.35 10.86 14.87
CA ALA F 128 -10.51 10.05 16.08
C ALA F 128 -10.26 10.88 17.34
N CYS F 129 -9.18 11.68 17.34
CA CYS F 129 -8.84 12.45 18.53
C CYS F 129 -9.90 13.49 18.83
N ALA F 130 -10.31 14.24 17.80
CA ALA F 130 -11.27 15.32 18.02
C ALA F 130 -12.58 14.79 18.57
N ALA F 131 -13.03 13.64 18.06
CA ALA F 131 -14.27 13.06 18.58
C ALA F 131 -14.14 12.68 20.05
N ALA F 132 -12.93 12.46 20.54
CA ALA F 132 -12.69 12.10 21.93
C ALA F 132 -12.22 13.27 22.79
N ASN F 133 -12.22 14.48 22.24
CA ASN F 133 -11.67 15.68 22.90
C ASN F 133 -10.19 15.50 23.25
N VAL F 134 -9.45 14.82 22.39
CA VAL F 134 -7.99 14.67 22.47
C VAL F 134 -7.34 15.54 21.40
N LEU F 135 -6.24 16.19 21.78
CA LEU F 135 -5.48 17.04 20.88
C LEU F 135 -4.49 16.18 20.11
N LEU F 136 -4.31 16.48 18.81
CA LEU F 136 -3.39 15.75 17.95
C LEU F 136 -2.20 16.64 17.62
N LYS F 137 -1.01 16.20 18.04
CA LYS F 137 0.23 16.80 17.57
C LYS F 137 0.79 15.94 16.44
N VAL F 138 1.35 16.57 15.42
CA VAL F 138 1.92 15.84 14.30
C VAL F 138 3.43 16.08 14.28
N ILE F 139 4.18 15.01 14.47
CA ILE F 139 5.65 15.02 14.38
C ILE F 139 6.02 14.93 12.90
N ILE F 140 6.62 15.99 12.35
CA ILE F 140 7.02 15.92 10.95
C ILE F 140 8.44 15.41 10.78
N GLU F 141 9.23 15.30 11.85
CA GLU F 141 10.62 14.81 11.78
C GLU F 141 11.45 15.71 10.86
N SER F 142 11.51 17.00 11.24
CA SER F 142 12.18 18.02 10.43
C SER F 142 13.64 17.69 10.20
N GLY F 143 14.26 16.95 11.12
CA GLY F 143 15.66 16.60 10.99
C GLY F 143 15.93 15.51 9.97
N GLU F 144 14.91 14.76 9.57
CA GLU F 144 15.06 13.87 8.42
C GLU F 144 14.61 14.53 7.13
N LEU F 145 13.62 15.43 7.19
CA LEU F 145 13.23 16.18 6.01
C LEU F 145 14.35 17.08 5.54
N LYS F 146 15.02 17.77 6.48
CA LYS F 146 16.22 18.57 6.28
C LYS F 146 15.99 19.80 5.41
N ASP F 147 15.47 19.61 4.20
CA ASP F 147 15.28 20.70 3.25
C ASP F 147 14.13 21.63 3.67
N GLU F 148 14.36 22.93 3.56
CA GLU F 148 13.36 23.90 3.99
C GLU F 148 12.01 23.69 3.31
N ALA F 149 12.02 23.44 1.99
CA ALA F 149 10.76 23.28 1.27
C ALA F 149 10.00 22.04 1.72
N LEU F 150 10.71 20.98 2.09
CA LEU F 150 10.05 19.78 2.61
C LEU F 150 9.46 20.04 3.99
N ILE F 151 10.18 20.77 4.84
CA ILE F 151 9.70 21.10 6.17
C ILE F 151 8.45 21.95 6.08
N ARG F 152 8.45 22.94 5.17
CA ARG F 152 7.23 23.74 4.99
C ARG F 152 6.10 22.86 4.50
N LYS F 153 6.39 21.98 3.55
CA LYS F 153 5.34 21.15 2.97
C LYS F 153 4.74 20.20 4.01
N ALA F 154 5.59 19.53 4.78
CA ALA F 154 5.06 18.61 5.80
C ALA F 154 4.19 19.37 6.79
N SER F 155 4.61 20.57 7.17
CA SER F 155 3.81 21.42 8.06
C SER F 155 2.49 21.80 7.41
N GLU F 156 2.53 22.22 6.15
CA GLU F 156 1.30 22.64 5.46
C GLU F 156 0.32 21.49 5.35
N ILE F 157 0.79 20.30 4.96
CA ILE F 157 -0.09 19.14 4.83
C ILE F 157 -0.73 18.82 6.18
N SER F 158 0.09 18.80 7.23
CA SER F 158 -0.42 18.45 8.56
C SER F 158 -1.50 19.42 9.01
N ILE F 159 -1.26 20.71 8.81
CA ILE F 159 -2.24 21.73 9.19
C ILE F 159 -3.53 21.56 8.40
N LYS F 160 -3.42 21.38 7.08
CA LYS F 160 -4.61 21.18 6.26
C LYS F 160 -5.37 19.94 6.68
N ALA F 161 -4.64 18.94 7.15
CA ALA F 161 -5.31 17.71 7.56
C ALA F 161 -5.90 17.80 8.96
N GLY F 162 -5.63 18.88 9.70
CA GLY F 162 -6.27 19.09 10.97
C GLY F 162 -5.37 19.05 12.20
N ALA F 163 -4.06 19.09 12.03
CA ALA F 163 -3.15 19.05 13.19
C ALA F 163 -3.46 20.17 14.17
N ASP F 164 -3.53 19.84 15.46
CA ASP F 164 -3.65 20.86 16.50
C ASP F 164 -2.30 21.44 16.89
N PHE F 165 -1.23 20.71 16.62
CA PHE F 165 0.15 21.11 16.85
C PHE F 165 0.98 20.55 15.71
N ILE F 166 2.06 21.23 15.37
CA ILE F 166 3.12 20.59 14.62
C ILE F 166 4.35 20.52 15.50
N LYS F 167 5.00 19.36 15.49
CA LYS F 167 6.07 19.02 16.42
C LYS F 167 7.30 18.67 15.60
N THR F 168 8.46 19.19 16.02
CA THR F 168 9.63 19.08 15.14
C THR F 168 10.04 17.64 14.93
N SER F 169 10.10 16.84 16.00
CA SER F 169 10.94 15.66 16.00
C SER F 169 10.43 14.59 16.94
N THR F 170 10.84 13.34 16.69
CA THR F 170 10.60 12.25 17.63
C THR F 170 11.55 12.27 18.82
N GLY F 171 12.71 12.91 18.68
CA GLY F 171 13.77 12.79 19.66
C GLY F 171 14.63 11.57 19.48
N LEU F 172 14.33 10.71 18.50
CA LEU F 172 15.00 9.43 18.33
C LEU F 172 15.79 9.34 17.03
N VAL F 173 15.96 10.43 16.30
CA VAL F 173 16.80 10.42 15.10
C VAL F 173 17.99 11.31 15.35
N ALA F 174 18.88 11.40 14.36
CA ALA F 174 20.16 12.08 14.57
C ALA F 174 19.98 13.57 14.79
N VAL F 175 19.08 14.20 14.05
CA VAL F 175 18.85 15.63 14.15
C VAL F 175 17.41 15.86 14.62
N ASN F 176 17.26 16.61 15.71
CA ASN F 176 15.92 16.97 16.15
C ASN F 176 15.65 18.44 15.84
N ALA F 177 15.08 19.19 16.77
CA ALA F 177 14.78 20.59 16.48
C ALA F 177 16.06 21.39 16.31
N THR F 178 16.00 22.43 15.50
CA THR F 178 17.02 23.45 15.38
C THR F 178 16.31 24.80 15.38
N PRO F 179 17.01 25.88 15.72
CA PRO F 179 16.37 27.20 15.62
C PRO F 179 15.84 27.46 14.22
N GLU F 180 16.50 26.92 13.20
CA GLU F 180 16.05 27.16 11.82
C GLU F 180 14.77 26.39 11.51
N SER F 181 14.69 25.12 11.94
CA SER F 181 13.46 24.38 11.66
C SER F 181 12.30 24.90 12.50
N ALA F 182 12.58 25.30 13.75
CA ALA F 182 11.55 25.93 14.56
C ALA F 182 10.98 27.17 13.90
N ARG F 183 11.85 28.03 13.38
CA ARG F 183 11.37 29.25 12.74
C ARG F 183 10.56 28.94 11.48
N ILE F 184 11.06 28.01 10.65
CA ILE F 184 10.34 27.62 9.44
C ILE F 184 8.92 27.14 9.78
N MET F 185 8.82 26.24 10.76
CA MET F 185 7.51 25.68 11.11
C MET F 185 6.57 26.73 11.67
N MET F 186 7.08 27.61 12.53
CA MET F 186 6.19 28.67 13.00
C MET F 186 5.85 29.64 11.88
N GLU F 187 6.75 29.84 10.92
CA GLU F 187 6.42 30.68 9.78
C GLU F 187 5.23 30.13 9.00
N VAL F 188 5.14 28.80 8.87
CA VAL F 188 3.99 28.20 8.17
C VAL F 188 2.70 28.48 8.94
N ILE F 189 2.73 28.32 10.27
CA ILE F 189 1.57 28.63 11.09
C ILE F 189 1.12 30.06 10.83
N ARG F 190 2.07 30.99 10.83
CA ARG F 190 1.75 32.38 10.54
C ARG F 190 1.22 32.56 9.12
N ASP F 191 1.95 32.02 8.14
CA ASP F 191 1.60 32.28 6.75
C ASP F 191 0.26 31.65 6.38
N MET F 192 -0.13 30.57 7.06
CA MET F 192 -1.45 29.99 6.80
C MET F 192 -2.54 30.62 7.64
N GLY F 193 -2.20 31.53 8.55
CA GLY F 193 -3.21 32.19 9.36
C GLY F 193 -3.91 31.29 10.36
N VAL F 194 -3.20 30.29 10.89
CA VAL F 194 -3.81 29.31 11.78
C VAL F 194 -3.25 29.44 13.19
N GLU F 195 -2.80 30.64 13.57
CA GLU F 195 -2.18 30.81 14.88
C GLU F 195 -3.16 30.50 16.02
N LYS F 196 -4.46 30.65 15.80
CA LYS F 196 -5.40 30.34 16.87
C LYS F 196 -5.59 28.85 17.07
N SER F 197 -5.49 28.06 16.02
CA SER F 197 -5.85 26.65 16.05
C SER F 197 -4.67 25.70 16.00
N VAL F 198 -3.46 26.18 15.70
CA VAL F 198 -2.30 25.30 15.56
C VAL F 198 -1.18 25.80 16.45
N GLY F 199 -0.67 24.91 17.32
CA GLY F 199 0.47 25.21 18.13
C GLY F 199 1.75 24.59 17.57
N PHE F 200 2.85 24.91 18.24
CA PHE F 200 4.17 24.47 17.83
C PHE F 200 4.86 23.78 18.99
N LYS F 201 5.53 22.66 18.72
CA LYS F 201 6.24 21.93 19.77
C LYS F 201 7.68 21.67 19.32
N VAL F 202 8.64 22.13 20.11
CA VAL F 202 10.05 21.90 19.83
C VAL F 202 10.53 20.71 20.66
N THR F 203 11.04 19.69 19.99
CA THR F 203 11.54 18.47 20.62
C THR F 203 13.03 18.40 20.37
N GLY F 204 13.79 18.26 21.44
CA GLY F 204 15.22 18.38 21.31
C GLY F 204 15.57 19.84 21.06
N GLY F 205 16.77 20.05 20.54
CA GLY F 205 17.21 21.41 20.30
C GLY F 205 17.53 22.17 21.58
N ALA F 206 16.52 22.49 22.39
CA ALA F 206 16.72 23.24 23.64
C ALA F 206 17.28 22.35 24.73
N ARG F 207 18.59 22.48 24.99
N ARG F 207 18.60 22.46 24.98
CA ARG F 207 19.21 21.71 26.08
CA ARG F 207 19.20 21.72 26.10
C ARG F 207 19.44 22.54 27.33
C ARG F 207 19.34 22.56 27.35
N THR F 208 19.51 23.87 27.21
CA THR F 208 19.76 24.76 28.33
C THR F 208 18.67 25.80 28.46
N ALA F 209 18.63 26.44 29.63
CA ALA F 209 17.70 27.54 29.86
C ALA F 209 17.91 28.66 28.87
N GLU F 210 19.15 28.89 28.44
CA GLU F 210 19.44 29.90 27.42
C GLU F 210 18.86 29.49 26.06
N ASP F 211 18.95 28.20 25.71
CA ASP F 211 18.28 27.71 24.51
C ASP F 211 16.78 27.97 24.57
N ALA F 212 16.15 27.60 25.68
CA ALA F 212 14.71 27.75 25.79
C ALA F 212 14.27 29.19 25.57
N GLN F 213 15.03 30.15 26.11
CA GLN F 213 14.65 31.55 25.94
C GLN F 213 14.63 31.95 24.46
N LYS F 214 15.64 31.53 23.70
CA LYS F 214 15.70 31.92 22.29
C LYS F 214 14.62 31.23 21.46
N TYR F 215 14.31 29.96 21.77
CA TYR F 215 13.23 29.30 21.05
C TYR F 215 11.90 30.02 21.31
N LEU F 216 11.66 30.44 22.55
CA LEU F 216 10.45 31.20 22.86
C LEU F 216 10.47 32.58 22.22
N ALA F 217 11.65 33.22 22.14
CA ALA F 217 11.74 34.52 21.48
C ALA F 217 11.31 34.45 20.01
N ILE F 218 11.52 33.32 19.34
CA ILE F 218 11.02 33.19 17.96
C ILE F 218 9.49 33.31 17.95
N ALA F 219 8.83 32.58 18.84
CA ALA F 219 7.38 32.66 18.92
C ALA F 219 6.92 34.07 19.27
N ASP F 220 7.62 34.72 20.20
CA ASP F 220 7.23 36.07 20.58
C ASP F 220 7.38 37.05 19.43
N GLU F 221 8.39 36.85 18.58
CA GLU F 221 8.62 37.72 17.43
C GLU F 221 7.55 37.52 16.35
N LEU F 222 7.17 36.26 16.10
CA LEU F 222 6.28 36.00 14.97
C LEU F 222 4.82 36.26 15.32
N PHE F 223 4.45 36.00 16.55
CA PHE F 223 3.11 36.21 17.07
C PHE F 223 3.22 37.17 18.25
N GLY F 224 2.13 37.46 18.94
CA GLY F 224 2.27 38.25 20.16
C GLY F 224 3.22 37.61 21.16
N ALA F 225 3.71 38.42 22.11
CA ALA F 225 4.37 37.82 23.27
C ALA F 225 3.40 37.03 24.12
N ASP F 226 2.11 37.14 23.86
CA ASP F 226 1.06 36.42 24.56
C ASP F 226 0.64 35.11 23.89
N TRP F 227 1.17 34.81 22.70
CA TRP F 227 0.66 33.68 21.93
C TRP F 227 1.06 32.33 22.53
N ALA F 228 2.28 32.22 23.06
CA ALA F 228 2.86 30.91 23.39
C ALA F 228 2.40 30.43 24.77
N ASP F 229 1.09 30.16 24.86
CA ASP F 229 0.55 29.51 26.05
C ASP F 229 0.58 27.99 25.84
N ALA F 230 0.04 27.23 26.80
CA ALA F 230 0.13 25.78 26.71
C ALA F 230 -0.58 25.22 25.50
N ARG F 231 -1.61 25.90 25.00
CA ARG F 231 -2.32 25.41 23.81
C ARG F 231 -1.53 25.65 22.52
N HIS F 232 -0.50 26.49 22.54
CA HIS F 232 0.17 26.85 21.30
C HIS F 232 1.66 26.61 21.30
N TYR F 233 2.26 26.22 22.43
CA TYR F 233 3.71 26.04 22.49
C TYR F 233 4.06 24.98 23.54
N ARG F 234 4.95 24.07 23.17
CA ARG F 234 5.46 23.06 24.10
C ARG F 234 6.95 22.87 23.85
N PHE F 235 7.67 22.56 24.93
CA PHE F 235 9.02 22.00 24.84
C PHE F 235 8.93 20.52 25.13
N GLY F 236 9.27 19.69 24.16
CA GLY F 236 9.42 18.27 24.39
C GLY F 236 10.83 18.01 24.86
N ALA F 237 10.99 17.66 26.14
CA ALA F 237 12.32 17.66 26.71
C ALA F 237 12.38 16.76 27.93
N SER F 238 13.61 16.46 28.35
CA SER F 238 13.84 15.74 29.60
C SER F 238 14.87 16.48 30.45
N GLY F 239 16.15 16.37 30.09
CA GLY F 239 17.21 17.07 30.80
C GLY F 239 17.08 18.59 30.82
N LEU F 240 16.30 19.18 29.90
CA LEU F 240 16.10 20.62 29.94
C LEU F 240 15.46 21.07 31.25
N LEU F 241 14.61 20.24 31.85
CA LEU F 241 13.93 20.64 33.08
C LEU F 241 14.93 20.96 34.19
N ALA F 242 16.01 20.18 34.30
CA ALA F 242 17.01 20.47 35.31
C ALA F 242 17.69 21.81 35.03
N SER F 243 17.94 22.12 33.76
CA SER F 243 18.58 23.39 33.45
C SER F 243 17.68 24.57 33.82
N LEU F 244 16.37 24.45 33.57
CA LEU F 244 15.45 25.52 33.93
C LEU F 244 15.36 25.69 35.44
N LEU F 245 15.24 24.58 36.17
CA LEU F 245 15.14 24.67 37.61
C LEU F 245 16.38 25.31 38.20
N LYS F 246 17.56 24.95 37.69
CA LYS F 246 18.80 25.55 38.15
C LYS F 246 18.81 27.05 37.91
N ALA F 247 18.35 27.49 36.74
CA ALA F 247 18.23 28.92 36.48
C ALA F 247 17.27 29.59 37.45
N LEU F 248 16.27 28.86 37.94
CA LEU F 248 15.31 29.39 38.90
C LEU F 248 15.76 29.17 40.34
N GLY F 249 16.99 28.71 40.56
CA GLY F 249 17.46 28.52 41.92
C GLY F 249 17.05 27.22 42.58
N HIS F 250 16.59 26.25 41.81
CA HIS F 250 16.36 24.91 42.35
C HIS F 250 17.21 23.91 41.58
N ASP G 3 48.99 40.97 34.29
CA ASP G 3 50.19 40.46 34.93
C ASP G 3 50.30 38.96 34.75
N LEU G 4 51.48 38.40 35.05
CA LEU G 4 51.66 36.97 34.86
C LEU G 4 50.96 36.15 35.93
N LYS G 5 50.54 36.78 37.04
CA LYS G 5 49.75 36.05 38.02
C LYS G 5 48.28 36.05 37.62
N ALA G 6 47.78 37.18 37.12
CA ALA G 6 46.42 37.20 36.60
C ALA G 6 46.30 36.24 35.43
N SER G 7 47.30 36.25 34.54
CA SER G 7 47.28 35.37 33.39
C SER G 7 47.36 33.91 33.79
N SER G 8 48.15 33.61 34.82
CA SER G 8 48.28 32.22 35.27
C SER G 8 47.01 31.71 35.94
N LEU G 9 46.38 32.52 36.80
CA LEU G 9 45.13 32.08 37.41
C LEU G 9 44.06 31.88 36.34
N ARG G 10 44.03 32.79 35.36
CA ARG G 10 43.09 32.66 34.26
C ARG G 10 43.33 31.36 33.49
N ALA G 11 44.59 31.08 33.16
CA ALA G 11 44.91 29.88 32.39
C ALA G 11 44.55 28.62 33.19
N LEU G 12 44.82 28.65 34.50
CA LEU G 12 44.51 27.53 35.36
C LEU G 12 43.02 27.21 35.33
N LYS G 13 42.17 28.23 35.39
CA LYS G 13 40.73 27.98 35.38
C LYS G 13 40.22 27.57 34.00
N LEU G 14 41.07 27.59 32.97
CA LEU G 14 40.72 27.13 31.63
C LEU G 14 41.38 25.79 31.28
N MET G 15 41.92 25.09 32.26
CA MET G 15 42.72 23.91 31.98
C MET G 15 41.85 22.66 31.88
N ASP G 16 42.07 21.86 30.85
CA ASP G 16 41.63 20.47 30.83
C ASP G 16 42.81 19.64 31.33
N LEU G 17 42.77 19.23 32.59
CA LEU G 17 43.92 18.60 33.23
C LEU G 17 43.90 17.10 33.02
N SER G 18 45.03 16.55 32.55
CA SER G 18 45.18 15.12 32.38
C SER G 18 46.39 14.64 33.17
N THR G 19 46.50 13.31 33.31
CA THR G 19 47.60 12.76 34.08
C THR G 19 48.93 12.98 33.35
N LEU G 20 50.03 12.85 34.09
CA LEU G 20 51.33 13.30 33.58
C LEU G 20 51.78 12.50 32.37
N ASN G 21 51.76 11.16 32.46
CA ASN G 21 52.29 10.30 31.42
C ASN G 21 51.24 9.44 30.74
N GLY G 22 49.96 9.74 30.93
CA GLY G 22 48.92 8.92 30.36
C GLY G 22 48.43 7.80 31.25
N ASP G 23 48.92 7.71 32.49
CA ASP G 23 48.48 6.69 33.42
C ASP G 23 46.96 6.68 33.52
N TYR G 24 46.36 5.47 33.53
CA TYR G 24 44.91 5.35 33.49
C TYR G 24 44.32 4.49 34.60
N THR G 25 45.12 4.04 35.55
CA THR G 25 44.54 3.25 36.64
C THR G 25 43.54 4.10 37.41
N ASP G 26 42.60 3.44 38.08
CA ASP G 26 41.62 4.16 38.88
C ASP G 26 42.29 5.14 39.83
N GLU G 27 43.38 4.71 40.48
CA GLU G 27 44.06 5.56 41.45
C GLU G 27 44.65 6.80 40.80
N LYS G 28 45.20 6.66 39.59
CA LYS G 28 45.74 7.82 38.90
C LYS G 28 44.63 8.78 38.49
N VAL G 29 43.49 8.24 38.07
CA VAL G 29 42.35 9.09 37.73
C VAL G 29 41.81 9.76 38.99
N ILE G 30 41.71 9.00 40.08
CA ILE G 30 41.28 9.58 41.35
C ILE G 30 42.22 10.69 41.77
N ALA G 31 43.54 10.45 41.68
CA ALA G 31 44.50 11.48 42.03
C ALA G 31 44.34 12.67 41.09
N LEU G 32 44.02 12.41 39.83
CA LEU G 32 43.80 13.50 38.90
C LEU G 32 42.63 14.38 39.33
N CYS G 33 41.54 13.76 39.80
CA CYS G 33 40.41 14.53 40.31
C CYS G 33 40.83 15.42 41.47
N HIS G 34 41.62 14.88 42.41
CA HIS G 34 42.09 15.68 43.53
C HIS G 34 42.97 16.82 43.04
N GLN G 35 43.85 16.52 42.09
CA GLN G 35 44.79 17.52 41.58
C GLN G 35 44.07 18.68 40.89
N ALA G 36 42.92 18.41 40.27
CA ALA G 36 42.20 19.46 39.58
C ALA G 36 41.61 20.48 40.54
N LYS G 37 41.39 20.10 41.79
CA LYS G 37 40.93 21.02 42.84
C LYS G 37 42.17 21.63 43.48
N THR G 38 42.66 22.70 42.89
CA THR G 38 43.95 23.28 43.25
C THR G 38 43.77 24.23 44.43
N PRO G 39 44.87 24.63 45.07
CA PRO G 39 44.73 25.62 46.17
C PRO G 39 44.08 26.93 45.74
N VAL G 40 44.34 27.39 44.51
CA VAL G 40 43.87 28.69 44.06
C VAL G 40 42.57 28.60 43.28
N GLY G 41 42.02 27.40 43.10
CA GLY G 41 40.80 27.25 42.34
C GLY G 41 40.74 25.95 41.56
N ASN G 42 39.59 25.67 40.94
CA ASN G 42 39.40 24.43 40.22
C ASN G 42 39.73 24.62 38.75
N THR G 43 40.35 23.59 38.16
CA THR G 43 40.49 23.58 36.72
C THR G 43 39.11 23.48 36.07
N ALA G 44 39.07 23.80 34.77
CA ALA G 44 37.82 23.72 34.02
C ALA G 44 37.38 22.28 33.86
N ALA G 45 38.32 21.37 33.64
CA ALA G 45 37.99 20.00 33.31
C ALA G 45 39.16 19.09 33.68
N ILE G 46 38.87 17.80 33.65
CA ILE G 46 39.89 16.78 33.54
C ILE G 46 39.63 16.03 32.25
N SER G 47 40.71 15.49 31.67
CA SER G 47 40.64 14.74 30.42
C SER G 47 41.11 13.33 30.71
N ILE G 48 40.22 12.35 30.53
CA ILE G 48 40.49 10.97 30.89
C ILE G 48 39.91 10.10 29.78
N TYR G 49 40.28 8.82 29.79
CA TYR G 49 39.70 7.86 28.86
C TYR G 49 38.29 7.49 29.28
N PRO G 50 37.46 7.04 28.33
CA PRO G 50 36.03 6.86 28.65
C PRO G 50 35.73 5.95 29.84
N ARG G 51 36.46 4.84 30.03
CA ARG G 51 36.10 3.87 31.06
C ARG G 51 36.29 4.42 32.47
N SER G 52 37.05 5.50 32.60
CA SER G 52 37.34 6.12 33.88
C SER G 52 36.28 7.15 34.30
N ILE G 53 35.33 7.46 33.43
CA ILE G 53 34.37 8.54 33.74
C ILE G 53 33.53 8.23 34.97
N PRO G 54 32.95 7.03 35.13
CA PRO G 54 32.09 6.82 36.31
C PRO G 54 32.81 6.99 37.64
N ILE G 55 34.03 6.47 37.79
CA ILE G 55 34.73 6.68 39.04
C ILE G 55 35.17 8.15 39.14
N ALA G 56 35.50 8.78 38.02
CA ALA G 56 35.88 10.18 38.07
C ALA G 56 34.71 11.04 38.54
N ARG G 57 33.50 10.75 38.07
CA ARG G 57 32.34 11.54 38.49
C ARG G 57 32.06 11.37 39.98
N LYS G 58 32.11 10.14 40.47
CA LYS G 58 31.92 9.89 41.89
C LYS G 58 32.97 10.62 42.71
N THR G 59 34.21 10.60 42.26
CA THR G 59 35.29 11.26 43.00
C THR G 59 35.08 12.77 42.99
N LEU G 60 34.73 13.33 41.83
CA LEU G 60 34.48 14.77 41.77
C LEU G 60 33.32 15.18 42.67
N LYS G 61 32.23 14.40 42.66
CA LYS G 61 31.10 14.71 43.54
C LYS G 61 31.48 14.63 45.01
N GLU G 62 32.28 13.63 45.39
CA GLU G 62 32.58 13.41 46.80
C GLU G 62 33.49 14.49 47.36
N GLN G 63 34.34 15.08 46.53
CA GLN G 63 35.14 16.21 46.97
C GLN G 63 34.37 17.52 46.84
N GLY G 64 33.11 17.48 46.41
CA GLY G 64 32.26 18.66 46.36
C GLY G 64 32.52 19.59 45.19
N THR G 65 33.10 19.10 44.09
CA THR G 65 33.42 19.93 42.93
C THR G 65 32.72 19.37 41.69
N PRO G 66 31.39 19.43 41.65
CA PRO G 66 30.66 18.88 40.50
C PRO G 66 30.85 19.71 39.24
N GLU G 67 31.36 20.93 39.33
CA GLU G 67 31.49 21.80 38.17
C GLU G 67 32.78 21.58 37.39
N ILE G 68 33.71 20.77 37.88
CA ILE G 68 34.84 20.38 37.05
C ILE G 68 34.31 19.42 35.98
N ARG G 69 34.45 19.80 34.72
CA ARG G 69 33.90 19.01 33.62
C ARG G 69 34.72 17.74 33.41
N ILE G 70 34.06 16.70 32.89
CA ILE G 70 34.75 15.49 32.51
C ILE G 70 34.78 15.45 30.99
N ALA G 71 35.99 15.56 30.45
CA ALA G 71 36.25 15.49 29.02
C ALA G 71 36.94 14.18 28.70
N THR G 72 36.62 13.61 27.55
CA THR G 72 37.20 12.34 27.13
C THR G 72 37.51 12.42 25.64
N VAL G 73 38.01 11.32 25.07
CA VAL G 73 38.45 11.28 23.67
C VAL G 73 37.86 10.08 22.96
N THR G 74 37.65 10.24 21.66
CA THR G 74 37.17 9.19 20.79
C THR G 74 37.90 9.31 19.47
N ASN G 75 37.86 8.22 18.69
CA ASN G 75 38.62 8.10 17.46
C ASN G 75 40.09 8.40 17.69
N PHE G 76 40.59 8.03 18.88
CA PHE G 76 41.80 8.59 19.44
C PHE G 76 42.85 7.53 19.72
N PRO G 77 44.13 7.82 19.43
CA PRO G 77 44.65 9.08 18.85
C PRO G 77 44.80 9.05 17.34
N HIS G 78 44.34 7.96 16.72
CA HIS G 78 44.68 7.69 15.32
C HIS G 78 44.00 8.66 14.37
N GLY G 79 42.78 9.10 14.67
CA GLY G 79 42.02 9.84 13.68
C GLY G 79 41.75 9.03 12.44
N ASN G 80 41.34 7.78 12.60
CA ASN G 80 40.97 6.96 11.45
C ASN G 80 39.71 7.51 10.77
N ASP G 81 39.44 7.04 9.55
CA ASP G 81 38.33 7.58 8.78
C ASP G 81 37.09 6.69 8.77
N ASP G 82 36.95 5.82 9.78
CA ASP G 82 35.76 4.97 9.92
C ASP G 82 34.74 5.69 10.81
N ILE G 83 33.66 6.17 10.19
CA ILE G 83 32.67 6.98 10.90
C ILE G 83 31.93 6.14 11.93
N GLU G 84 31.56 4.91 11.60
CA GLU G 84 30.77 4.10 12.53
C GLU G 84 31.55 3.75 13.79
N ILE G 85 32.87 3.57 13.71
CA ILE G 85 33.65 3.31 14.93
C ILE G 85 33.75 4.56 15.78
N ALA G 86 34.09 5.70 15.17
CA ALA G 86 34.16 6.97 15.86
C ALA G 86 32.83 7.32 16.51
N LEU G 87 31.73 7.05 15.81
CA LEU G 87 30.42 7.36 16.35
C LEU G 87 30.08 6.44 17.51
N ALA G 88 30.41 5.15 17.39
CA ALA G 88 30.10 4.22 18.47
C ALA G 88 30.86 4.58 19.74
N GLU G 89 32.16 4.92 19.61
CA GLU G 89 32.97 5.35 20.76
C GLU G 89 32.39 6.63 21.37
N THR G 90 31.97 7.56 20.53
CA THR G 90 31.35 8.78 21.01
C THR G 90 30.05 8.45 21.74
N ARG G 91 29.24 7.56 21.19
CA ARG G 91 28.03 7.18 21.89
C ARG G 91 28.35 6.51 23.22
N ALA G 92 29.44 5.74 23.27
CA ALA G 92 29.83 5.12 24.54
C ALA G 92 30.32 6.18 25.53
N ALA G 93 31.10 7.14 25.06
CA ALA G 93 31.60 8.20 25.93
C ALA G 93 30.45 8.94 26.58
N ILE G 94 29.45 9.32 25.78
CA ILE G 94 28.25 9.96 26.30
C ILE G 94 27.59 9.09 27.37
N ALA G 95 27.46 7.80 27.08
CA ALA G 95 26.76 6.91 28.00
C ALA G 95 27.52 6.70 29.32
N TYR G 96 28.85 6.69 29.29
CA TYR G 96 29.64 6.67 30.52
C TYR G 96 29.37 7.88 31.39
N GLY G 97 29.01 9.01 30.78
CA GLY G 97 28.74 10.22 31.52
C GLY G 97 29.62 11.42 31.19
N ALA G 98 30.25 11.43 30.01
CA ALA G 98 31.10 12.54 29.62
C ALA G 98 30.31 13.83 29.54
N ASP G 99 30.95 14.94 29.94
CA ASP G 99 30.44 16.28 29.67
C ASP G 99 30.88 16.78 28.31
N GLU G 100 32.06 16.34 27.87
CA GLU G 100 32.69 16.78 26.64
C GLU G 100 33.41 15.60 26.03
N VAL G 101 33.36 15.52 24.70
CA VAL G 101 34.01 14.49 23.91
C VAL G 101 34.96 15.21 22.96
N ASP G 102 36.24 14.83 22.97
CA ASP G 102 37.23 15.35 22.04
C ASP G 102 37.48 14.28 20.96
N VAL G 103 37.00 14.50 19.72
CA VAL G 103 37.15 13.50 18.66
C VAL G 103 38.29 13.87 17.72
N VAL G 104 39.08 12.87 17.30
CA VAL G 104 40.16 13.17 16.39
C VAL G 104 39.60 13.23 14.96
N PHE G 105 39.77 14.38 14.31
CA PHE G 105 39.43 14.54 12.92
C PHE G 105 40.21 13.57 12.04
N PRO G 106 39.61 13.03 10.96
CA PRO G 106 40.43 12.16 10.07
C PRO G 106 41.38 12.97 9.19
N TYR G 107 42.48 13.41 9.81
CA TYR G 107 43.40 14.32 9.16
C TYR G 107 44.20 13.63 8.06
N ARG G 108 44.51 12.33 8.20
CA ARG G 108 45.18 11.64 7.09
C ARG G 108 44.30 11.59 5.85
N ALA G 109 42.99 11.36 6.03
CA ALA G 109 42.05 11.37 4.91
C ALA G 109 42.03 12.74 4.23
N LEU G 110 42.00 13.82 5.03
CA LEU G 110 42.04 15.16 4.47
C LEU G 110 43.32 15.39 3.68
N MET G 111 44.45 14.93 4.24
CA MET G 111 45.71 15.08 3.52
C MET G 111 45.70 14.35 2.18
N ALA G 112 44.99 13.23 2.08
CA ALA G 112 44.86 12.50 0.83
C ALA G 112 43.74 13.03 -0.06
N GLY G 113 43.13 14.15 0.31
CA GLY G 113 42.10 14.77 -0.51
C GLY G 113 40.68 14.44 -0.11
N ASN G 114 40.45 13.74 0.99
CA ASN G 114 39.08 13.36 1.36
C ASN G 114 38.62 14.29 2.48
N GLU G 115 38.01 15.41 2.06
CA GLU G 115 37.40 16.36 2.98
C GLU G 115 36.03 15.89 3.46
N GLN G 116 35.35 15.08 2.66
CA GLN G 116 33.97 14.76 2.98
C GLN G 116 33.87 13.86 4.21
N VAL G 117 34.79 12.90 4.33
CA VAL G 117 34.67 11.95 5.45
C VAL G 117 34.92 12.67 6.77
N GLY G 118 35.78 13.69 6.78
CA GLY G 118 35.98 14.50 7.97
C GLY G 118 34.74 15.28 8.35
N PHE G 119 34.10 15.91 7.34
CA PHE G 119 32.82 16.56 7.59
C PHE G 119 31.80 15.59 8.16
N ASP G 120 31.65 14.43 7.51
CA ASP G 120 30.64 13.46 7.93
C ASP G 120 30.94 12.93 9.33
N LEU G 121 32.22 12.68 9.64
CA LEU G 121 32.53 12.10 10.94
C LEU G 121 32.23 13.10 12.06
N VAL G 122 32.66 14.35 11.89
CA VAL G 122 32.38 15.37 12.91
C VAL G 122 30.88 15.59 13.05
N LYS G 123 30.16 15.66 11.94
CA LYS G 123 28.72 15.86 11.97
C LYS G 123 28.03 14.74 12.73
N ALA G 124 28.43 13.48 12.48
CA ALA G 124 27.83 12.34 13.14
C ALA G 124 28.03 12.41 14.66
N CYS G 125 29.28 12.70 15.08
CA CYS G 125 29.60 12.77 16.51
C CYS G 125 28.96 13.98 17.18
N LYS G 126 28.93 15.13 16.50
CA LYS G 126 28.27 16.30 17.04
C LYS G 126 26.78 16.04 17.30
N GLU G 127 26.11 15.36 16.36
CA GLU G 127 24.69 15.10 16.51
C GLU G 127 24.39 14.22 17.72
N ALA G 128 25.23 13.20 17.94
CA ALA G 128 25.08 12.38 19.14
C ALA G 128 25.33 13.22 20.39
N CYS G 129 26.41 14.01 20.38
CA CYS G 129 26.77 14.82 21.54
C CYS G 129 25.71 15.86 21.84
N ALA G 130 25.26 16.59 20.82
CA ALA G 130 24.31 17.67 21.04
C ALA G 130 23.01 17.14 21.64
N ALA G 131 22.53 16.00 21.14
CA ALA G 131 21.30 15.43 21.69
C ALA G 131 21.45 15.07 23.17
N ALA G 132 22.67 14.86 23.65
CA ALA G 132 22.92 14.50 25.03
C ALA G 132 23.41 15.69 25.87
N ASN G 133 23.39 16.91 25.32
CA ASN G 133 23.92 18.10 25.99
C ASN G 133 25.40 17.94 26.33
N VAL G 134 26.13 17.27 25.44
CA VAL G 134 27.58 17.09 25.52
C VAL G 134 28.24 17.96 24.44
N LEU G 135 29.33 18.62 24.80
CA LEU G 135 30.07 19.47 23.88
C LEU G 135 31.06 18.61 23.12
N LEU G 136 31.23 18.89 21.81
CA LEU G 136 32.14 18.16 20.96
C LEU G 136 33.33 19.05 20.61
N LYS G 137 34.52 18.63 21.01
CA LYS G 137 35.76 19.21 20.54
C LYS G 137 36.32 18.35 19.42
N VAL G 138 36.87 19.01 18.40
CA VAL G 138 37.43 18.31 17.26
C VAL G 138 38.94 18.58 17.21
N ILE G 139 39.73 17.51 17.38
CA ILE G 139 41.19 17.55 17.29
C ILE G 139 41.58 17.47 15.81
N ILE G 140 42.19 18.53 15.27
CA ILE G 140 42.59 18.46 13.86
C ILE G 140 44.01 17.95 13.69
N GLU G 141 44.78 17.82 14.77
CA GLU G 141 46.18 17.38 14.70
C GLU G 141 47.00 18.30 13.79
N SER G 142 47.02 19.59 14.19
CA SER G 142 47.68 20.62 13.38
C SER G 142 49.16 20.31 13.14
N GLY G 143 49.80 19.58 14.05
CA GLY G 143 51.19 19.25 13.86
C GLY G 143 51.45 18.18 12.82
N GLU G 144 50.44 17.40 12.44
CA GLU G 144 50.57 16.47 11.31
C GLU G 144 50.10 17.10 10.01
N LEU G 145 49.12 18.00 10.08
CA LEU G 145 48.70 18.73 8.88
C LEU G 145 49.83 19.63 8.38
N LYS G 146 50.47 20.35 9.31
CA LYS G 146 51.65 21.20 9.15
C LYS G 146 51.43 22.44 8.30
N ASP G 147 50.93 22.25 7.08
CA ASP G 147 50.75 23.37 6.17
C ASP G 147 49.60 24.28 6.60
N GLU G 148 49.81 25.58 6.50
CA GLU G 148 48.81 26.55 6.91
C GLU G 148 47.47 26.31 6.23
N ALA G 149 47.46 26.05 4.93
CA ALA G 149 46.19 25.87 4.23
C ALA G 149 45.45 24.63 4.70
N LEU G 150 46.17 23.58 5.09
CA LEU G 150 45.53 22.39 5.63
C LEU G 150 44.96 22.64 7.02
N ILE G 151 45.69 23.39 7.85
CA ILE G 151 45.19 23.69 9.20
C ILE G 151 43.90 24.50 9.11
N ARG G 152 43.87 25.50 8.21
CA ARG G 152 42.64 26.24 7.96
C ARG G 152 41.53 25.33 7.42
N LYS G 153 41.87 24.43 6.52
CA LYS G 153 40.83 23.59 5.90
C LYS G 153 40.20 22.67 6.93
N ALA G 154 41.02 21.97 7.72
CA ALA G 154 40.48 21.07 8.74
C ALA G 154 39.64 21.84 9.76
N SER G 155 40.09 23.04 10.13
CA SER G 155 39.33 23.88 11.04
C SER G 155 37.98 24.26 10.44
N GLU G 156 37.98 24.70 9.19
CA GLU G 156 36.74 25.11 8.51
C GLU G 156 35.77 23.94 8.39
N ILE G 157 36.27 22.77 7.98
CA ILE G 157 35.42 21.59 7.84
C ILE G 157 34.77 21.27 9.17
N SER G 158 35.58 21.29 10.22
CA SER G 158 35.10 20.92 11.55
C SER G 158 34.00 21.87 12.03
N ILE G 159 34.22 23.18 11.82
CA ILE G 159 33.24 24.17 12.24
C ILE G 159 31.93 23.99 11.47
N LYS G 160 32.04 23.80 10.15
CA LYS G 160 30.83 23.60 9.38
C LYS G 160 30.07 22.38 9.83
N ALA G 161 30.79 21.34 10.27
CA ALA G 161 30.13 20.12 10.70
C ALA G 161 29.57 20.22 12.11
N GLY G 162 29.85 21.29 12.83
CA GLY G 162 29.21 21.53 14.11
C GLY G 162 30.12 21.48 15.31
N ALA G 163 31.43 21.51 15.12
CA ALA G 163 32.36 21.46 16.26
C ALA G 163 32.06 22.59 17.24
N ASP G 164 32.00 22.24 18.53
CA ASP G 164 31.88 23.25 19.58
C ASP G 164 33.24 23.82 19.99
N PHE G 165 34.30 23.11 19.71
CA PHE G 165 35.67 23.54 19.90
C PHE G 165 36.50 22.98 18.75
N ILE G 166 37.56 23.67 18.38
CA ILE G 166 38.62 23.06 17.61
C ILE G 166 39.87 22.98 18.48
N LYS G 167 40.51 21.82 18.47
CA LYS G 167 41.58 21.48 19.37
C LYS G 167 42.81 21.16 18.52
N THR G 168 43.96 21.71 18.92
CA THR G 168 45.13 21.62 18.07
C THR G 168 45.57 20.19 17.87
N SER G 169 45.63 19.42 18.96
CA SER G 169 46.48 18.25 18.92
C SER G 169 46.02 17.18 19.91
N THR G 170 46.44 15.94 19.64
CA THR G 170 46.24 14.84 20.56
C THR G 170 47.17 14.89 21.75
N GLY G 171 48.32 15.56 21.62
CA GLY G 171 49.36 15.49 22.63
C GLY G 171 50.27 14.29 22.48
N LEU G 172 50.02 13.41 21.51
CA LEU G 172 50.76 12.16 21.39
C LEU G 172 51.59 12.08 20.13
N VAL G 173 51.69 13.16 19.36
CA VAL G 173 52.54 13.20 18.16
C VAL G 173 53.69 14.17 18.39
N ALA G 174 54.58 14.26 17.41
CA ALA G 174 55.84 14.99 17.58
C ALA G 174 55.60 16.48 17.74
N VAL G 175 54.66 17.04 16.98
CA VAL G 175 54.36 18.48 17.05
C VAL G 175 52.90 18.64 17.49
N ASN G 176 52.70 19.33 18.60
CA ASN G 176 51.36 19.67 19.08
C ASN G 176 51.13 21.15 18.82
N ALA G 177 50.58 21.91 19.75
CA ALA G 177 50.30 23.31 19.45
C ALA G 177 51.60 24.08 19.23
N THR G 178 51.52 25.09 18.37
CA THR G 178 52.55 26.09 18.17
C THR G 178 51.82 27.42 18.21
N PRO G 179 52.52 28.52 18.51
CA PRO G 179 51.84 29.83 18.46
C PRO G 179 51.25 30.12 17.09
N GLU G 180 51.90 29.61 16.05
CA GLU G 180 51.45 29.87 14.69
C GLU G 180 50.18 29.09 14.37
N SER G 181 50.10 27.81 14.77
CA SER G 181 48.87 27.07 14.47
C SER G 181 47.71 27.56 15.33
N ALA G 182 47.99 27.94 16.58
CA ALA G 182 46.96 28.53 17.44
C ALA G 182 46.37 29.78 16.79
N ARG G 183 47.22 30.65 16.26
CA ARG G 183 46.72 31.85 15.61
C ARG G 183 45.95 31.51 14.32
N ILE G 184 46.45 30.59 13.50
CA ILE G 184 45.73 30.20 12.30
C ILE G 184 44.34 29.71 12.65
N MET G 185 44.23 28.81 13.63
CA MET G 185 42.93 28.23 13.98
C MET G 185 41.99 29.28 14.54
N MET G 186 42.47 30.12 15.44
CA MET G 186 41.61 31.18 15.94
C MET G 186 41.26 32.17 14.84
N GLU G 187 42.18 32.38 13.88
CA GLU G 187 41.84 33.21 12.73
C GLU G 187 40.65 32.64 11.97
N VAL G 188 40.55 31.31 11.90
CA VAL G 188 39.40 30.68 11.22
C VAL G 188 38.12 30.99 11.97
N ILE G 189 38.15 30.82 13.29
CA ILE G 189 36.99 31.12 14.12
C ILE G 189 36.53 32.55 13.88
N ARG G 190 37.48 33.49 13.87
CA ARG G 190 37.14 34.87 13.57
C ARG G 190 36.60 35.00 12.14
N ASP G 191 37.32 34.46 11.16
CA ASP G 191 36.99 34.70 9.76
C ASP G 191 35.63 34.11 9.39
N MET G 192 35.21 33.04 10.07
CA MET G 192 33.90 32.45 9.83
C MET G 192 32.81 33.07 10.68
N GLY G 193 33.14 33.99 11.57
CA GLY G 193 32.14 34.61 12.41
C GLY G 193 31.48 33.69 13.41
N VAL G 194 32.20 32.70 13.91
CA VAL G 194 31.61 31.72 14.82
C VAL G 194 32.20 31.84 16.22
N GLU G 195 32.65 33.04 16.60
CA GLU G 195 33.28 33.18 17.92
C GLU G 195 32.30 32.90 19.06
N LYS G 196 31.00 33.04 18.85
CA LYS G 196 30.09 32.75 19.94
C LYS G 196 29.89 31.25 20.13
N SER G 197 29.98 30.47 19.06
CA SER G 197 29.62 29.07 19.09
C SER G 197 30.81 28.12 19.03
N VAL G 198 32.01 28.60 18.72
CA VAL G 198 33.16 27.72 18.56
C VAL G 198 34.30 28.21 19.42
N GLY G 199 34.79 27.34 20.29
CA GLY G 199 35.95 27.63 21.08
C GLY G 199 37.23 27.01 20.53
N PHE G 200 38.32 27.35 21.20
CA PHE G 200 39.66 26.92 20.80
C PHE G 200 40.37 26.26 21.97
N LYS G 201 41.09 25.18 21.70
CA LYS G 201 41.80 24.45 22.77
C LYS G 201 43.26 24.23 22.40
N VAL G 202 44.16 24.68 23.29
CA VAL G 202 45.61 24.50 23.11
C VAL G 202 46.03 23.21 23.80
N THR G 203 46.59 22.28 23.03
CA THR G 203 47.08 21.02 23.56
C THR G 203 48.58 20.98 23.34
N GLY G 204 49.35 20.80 24.43
CA GLY G 204 50.79 20.89 24.29
C GLY G 204 51.18 22.34 24.02
N GLY G 205 52.37 22.50 23.46
CA GLY G 205 52.88 23.83 23.14
C GLY G 205 53.25 24.68 24.34
N ALA G 206 52.24 25.06 25.12
CA ALA G 206 52.40 25.88 26.32
C ALA G 206 53.01 25.08 27.47
N ARG G 207 54.33 25.17 27.67
CA ARG G 207 54.93 24.44 28.77
C ARG G 207 55.08 25.29 30.03
N THR G 208 55.21 26.61 29.88
CA THR G 208 55.47 27.50 30.99
C THR G 208 54.29 28.46 31.20
N ALA G 209 54.26 29.07 32.40
CA ALA G 209 53.28 30.12 32.67
C ALA G 209 53.44 31.28 31.70
N GLU G 210 54.67 31.56 31.27
CA GLU G 210 54.89 32.60 30.28
C GLU G 210 54.31 32.20 28.92
N ASP G 211 54.45 30.93 28.54
CA ASP G 211 53.83 30.43 27.32
C ASP G 211 52.31 30.61 27.35
N ALA G 212 51.69 30.21 28.46
CA ALA G 212 50.24 30.29 28.60
C ALA G 212 49.76 31.73 28.42
N GLN G 213 50.52 32.71 28.93
CA GLN G 213 50.16 34.11 28.78
C GLN G 213 50.12 34.53 27.31
N LYS G 214 51.11 34.09 26.52
CA LYS G 214 51.17 34.49 25.12
C LYS G 214 50.07 33.82 24.32
N TYR G 215 49.76 32.56 24.64
CA TYR G 215 48.67 31.87 23.97
C TYR G 215 47.34 32.55 24.23
N LEU G 216 47.11 33.00 25.47
CA LEU G 216 45.91 33.76 25.78
C LEU G 216 45.92 35.14 25.10
N ALA G 217 47.09 35.77 24.95
CA ALA G 217 47.15 37.08 24.27
C ALA G 217 46.69 37.01 22.83
N ILE G 218 46.91 35.86 22.17
CA ILE G 218 46.37 35.69 20.81
C ILE G 218 44.85 35.81 20.85
N ALA G 219 44.21 35.08 21.77
CA ALA G 219 42.76 35.15 21.89
C ALA G 219 42.30 36.57 22.23
N ASP G 220 43.00 37.24 23.15
CA ASP G 220 42.62 38.60 23.52
C ASP G 220 42.76 39.55 22.33
N GLU G 221 43.77 39.36 21.50
CA GLU G 221 43.96 40.24 20.35
C GLU G 221 42.87 40.03 19.30
N LEU G 222 42.51 38.77 19.03
CA LEU G 222 41.64 38.45 17.91
C LEU G 222 40.18 38.69 18.24
N PHE G 223 39.79 38.45 19.48
CA PHE G 223 38.45 38.63 20.01
C PHE G 223 38.58 39.62 21.18
N GLY G 224 37.51 39.86 21.91
CA GLY G 224 37.63 40.65 23.13
C GLY G 224 38.59 40.03 24.12
N ALA G 225 39.06 40.84 25.09
CA ALA G 225 39.72 40.26 26.25
C ALA G 225 38.77 39.46 27.13
N ASP G 226 37.47 39.56 26.87
CA ASP G 226 36.44 38.83 27.60
C ASP G 226 36.05 37.50 26.95
N TRP G 227 36.57 37.20 25.75
CA TRP G 227 36.07 36.08 24.97
C TRP G 227 36.50 34.73 25.54
N ALA G 228 37.75 34.62 26.02
CA ALA G 228 38.34 33.32 26.35
C ALA G 228 37.89 32.89 27.75
N ASP G 229 36.59 32.62 27.87
CA ASP G 229 36.07 31.96 29.07
C ASP G 229 36.10 30.45 28.86
N ALA G 230 35.59 29.70 29.85
CA ALA G 230 35.69 28.24 29.78
C ALA G 230 34.98 27.66 28.56
N ARG G 231 33.95 28.34 28.05
CA ARG G 231 33.23 27.85 26.87
C ARG G 231 34.01 28.07 25.57
N HIS G 232 35.02 28.91 25.58
CA HIS G 232 35.69 29.26 24.33
C HIS G 232 37.19 29.02 24.34
N TYR G 233 37.78 28.65 25.47
CA TYR G 233 39.22 28.52 25.51
C TYR G 233 39.60 27.45 26.53
N ARG G 234 40.53 26.58 26.15
CA ARG G 234 41.04 25.57 27.06
C ARG G 234 42.53 25.39 26.84
N PHE G 235 43.23 25.10 27.93
CA PHE G 235 44.57 24.55 27.85
C PHE G 235 44.47 23.07 28.15
N GLY G 236 44.79 22.22 27.17
CA GLY G 236 44.97 20.80 27.43
C GLY G 236 46.39 20.53 27.88
N ALA G 237 46.56 20.19 29.15
CA ALA G 237 47.91 20.21 29.72
C ALA G 237 47.97 19.27 30.92
N SER G 238 49.21 18.96 31.32
CA SER G 238 49.47 18.26 32.58
C SER G 238 50.53 19.05 33.35
N GLY G 239 51.79 18.95 32.93
CA GLY G 239 52.89 19.67 33.59
C GLY G 239 52.73 21.18 33.63
N LEU G 240 51.91 21.76 32.74
CA LEU G 240 51.67 23.21 32.77
C LEU G 240 51.10 23.65 34.11
N LEU G 241 50.31 22.81 34.77
CA LEU G 241 49.71 23.19 36.03
C LEU G 241 50.78 23.54 37.07
N ALA G 242 51.90 22.81 37.06
CA ALA G 242 52.97 23.13 38.00
C ALA G 242 53.56 24.50 37.71
N SER G 243 53.76 24.83 36.43
CA SER G 243 54.31 26.15 36.12
C SER G 243 53.36 27.27 36.52
N LEU G 244 52.06 27.07 36.28
CA LEU G 244 51.08 28.07 36.67
C LEU G 244 51.02 28.24 38.17
N LEU G 245 50.97 27.13 38.91
CA LEU G 245 50.89 27.24 40.37
C LEU G 245 52.12 27.93 40.94
N LYS G 246 53.32 27.59 40.45
CA LYS G 246 54.51 28.26 40.96
C LYS G 246 54.45 29.76 40.69
N ALA G 247 53.95 30.16 39.52
CA ALA G 247 53.76 31.59 39.26
C ALA G 247 52.80 32.22 40.27
N LEU G 248 51.85 31.43 40.78
CA LEU G 248 50.90 31.91 41.78
C LEU G 248 51.38 31.70 43.21
N GLY G 249 52.63 31.26 43.39
CA GLY G 249 53.16 31.09 44.72
C GLY G 249 52.76 29.79 45.40
N HIS G 250 52.62 28.70 44.65
CA HIS G 250 52.32 27.39 45.23
C HIS G 250 53.24 26.31 44.67
N ASP H 3 -38.70 -44.47 13.93
CA ASP H 3 -39.44 -44.19 15.16
C ASP H 3 -38.85 -42.97 15.87
N LEU H 4 -37.54 -42.98 16.09
CA LEU H 4 -36.85 -41.77 16.52
C LEU H 4 -36.68 -40.78 15.37
N LYS H 5 -36.98 -41.18 14.14
CA LYS H 5 -36.94 -40.23 13.04
C LYS H 5 -38.25 -39.47 12.91
N ALA H 6 -39.37 -40.15 13.13
CA ALA H 6 -40.67 -39.48 13.06
C ALA H 6 -40.78 -38.38 14.09
N SER H 7 -40.47 -38.69 15.35
CA SER H 7 -40.58 -37.70 16.42
C SER H 7 -39.55 -36.59 16.28
N SER H 8 -38.35 -36.91 15.81
CA SER H 8 -37.31 -35.90 15.65
C SER H 8 -37.73 -34.86 14.63
N LEU H 9 -38.28 -35.32 13.49
CA LEU H 9 -38.83 -34.41 12.49
C LEU H 9 -40.02 -33.65 13.05
N ARG H 10 -40.89 -34.34 13.79
CA ARG H 10 -42.03 -33.69 14.42
C ARG H 10 -41.57 -32.60 15.37
N ALA H 11 -40.59 -32.92 16.22
CA ALA H 11 -40.09 -31.95 17.18
C ALA H 11 -39.44 -30.77 16.48
N LEU H 12 -38.70 -31.04 15.39
CA LEU H 12 -38.04 -29.96 14.65
C LEU H 12 -39.05 -28.95 14.14
N LYS H 13 -40.18 -29.43 13.60
CA LYS H 13 -41.22 -28.53 13.12
C LYS H 13 -41.98 -27.85 14.24
N LEU H 14 -41.72 -28.23 15.51
CA LEU H 14 -42.30 -27.57 16.67
C LEU H 14 -41.28 -26.71 17.42
N MET H 15 -40.12 -26.47 16.85
CA MET H 15 -39.02 -25.80 17.54
C MET H 15 -39.13 -24.27 17.42
N ASP H 16 -39.05 -23.59 18.57
CA ASP H 16 -38.70 -22.16 18.60
C ASP H 16 -37.18 -22.09 18.75
N LEU H 17 -36.49 -21.80 17.67
CA LEU H 17 -35.04 -21.88 17.64
C LEU H 17 -34.40 -20.54 18.03
N SER H 18 -33.41 -20.59 18.91
CA SER H 18 -32.63 -19.40 19.26
C SER H 18 -31.14 -19.72 19.10
N THR H 19 -30.30 -18.70 19.22
CA THR H 19 -28.86 -18.89 18.98
C THR H 19 -28.22 -19.76 20.06
N ASP H 23 -25.09 -14.46 21.79
CA ASP H 23 -24.96 -14.13 20.38
C ASP H 23 -26.25 -13.56 19.77
N TYR H 24 -26.34 -12.23 19.67
CA TYR H 24 -27.54 -11.57 19.16
C TYR H 24 -27.23 -10.58 18.04
N THR H 25 -25.98 -10.55 17.57
CA THR H 25 -25.59 -9.62 16.52
C THR H 25 -26.41 -9.85 15.26
N ASP H 26 -26.46 -8.83 14.41
CA ASP H 26 -27.17 -8.98 13.14
C ASP H 26 -26.71 -10.24 12.40
N GLU H 27 -25.40 -10.51 12.39
CA GLU H 27 -24.92 -11.71 11.71
C GLU H 27 -25.49 -12.98 12.34
N LYS H 28 -25.52 -13.03 13.68
CA LYS H 28 -26.06 -14.19 14.39
C LYS H 28 -27.56 -14.35 14.18
N VAL H 29 -28.30 -13.24 14.07
CA VAL H 29 -29.72 -13.37 13.77
C VAL H 29 -29.91 -13.89 12.36
N ILE H 30 -29.14 -13.31 11.42
CA ILE H 30 -29.19 -13.77 10.04
C ILE H 30 -28.83 -15.24 9.96
N ALA H 31 -27.72 -15.65 10.61
CA ALA H 31 -27.34 -17.05 10.64
C ALA H 31 -28.43 -17.91 11.30
N LEU H 32 -29.07 -17.38 12.34
CA LEU H 32 -30.16 -18.10 12.97
C LEU H 32 -31.33 -18.31 11.99
N CYS H 33 -31.67 -17.29 11.22
CA CYS H 33 -32.70 -17.45 10.19
C CYS H 33 -32.31 -18.53 9.20
N HIS H 34 -31.05 -18.54 8.76
CA HIS H 34 -30.60 -19.59 7.84
C HIS H 34 -30.67 -20.96 8.50
N GLN H 35 -30.27 -21.05 9.77
CA GLN H 35 -30.25 -22.34 10.45
C GLN H 35 -31.66 -22.92 10.59
N ALA H 36 -32.67 -22.05 10.69
CA ALA H 36 -34.05 -22.49 10.86
C ALA H 36 -34.60 -23.14 9.61
N LYS H 37 -34.04 -22.81 8.46
CA LYS H 37 -34.40 -23.47 7.20
C LYS H 37 -33.47 -24.66 7.09
N THR H 38 -33.88 -25.78 7.68
CA THR H 38 -33.03 -26.96 7.79
C THR H 38 -33.14 -27.80 6.53
N PRO H 39 -32.25 -28.79 6.36
CA PRO H 39 -32.38 -29.71 5.22
C PRO H 39 -33.69 -30.48 5.17
N VAL H 40 -34.38 -30.65 6.28
CA VAL H 40 -35.56 -31.52 6.30
C VAL H 40 -36.84 -30.74 6.47
N GLY H 41 -36.78 -29.41 6.47
CA GLY H 41 -37.97 -28.62 6.75
C GLY H 41 -37.69 -27.46 7.68
N ASN H 42 -38.69 -26.61 7.88
CA ASN H 42 -38.50 -25.42 8.67
C ASN H 42 -38.87 -25.63 10.14
N THR H 43 -38.13 -25.00 11.03
CA THR H 43 -38.60 -24.92 12.40
C THR H 43 -39.91 -24.13 12.43
N ALA H 44 -40.63 -24.23 13.56
CA ALA H 44 -41.88 -23.50 13.70
C ALA H 44 -41.62 -22.00 13.81
N ALA H 45 -40.57 -21.62 14.53
CA ALA H 45 -40.32 -20.22 14.84
C ALA H 45 -38.85 -20.05 15.12
N ILE H 46 -38.42 -18.78 15.19
CA ILE H 46 -37.16 -18.39 15.77
C ILE H 46 -37.49 -17.51 16.96
N SER H 47 -36.61 -17.54 17.96
CA SER H 47 -36.77 -16.77 19.20
C SER H 47 -35.63 -15.76 19.24
N ILE H 48 -35.96 -14.46 19.21
CA ILE H 48 -34.95 -13.42 19.13
C ILE H 48 -35.36 -12.24 20.03
N TYR H 49 -34.40 -11.37 20.30
CA TYR H 49 -34.71 -10.16 21.06
C TYR H 49 -35.46 -9.18 20.17
N PRO H 50 -36.27 -8.29 20.78
CA PRO H 50 -37.20 -7.48 19.97
C PRO H 50 -36.54 -6.64 18.89
N ARG H 51 -35.36 -6.08 19.15
CA ARG H 51 -34.75 -5.18 18.16
C ARG H 51 -34.35 -5.92 16.89
N SER H 52 -34.24 -7.25 16.95
CA SER H 52 -33.84 -8.04 15.79
C SER H 52 -34.97 -8.43 14.87
N ILE H 53 -36.21 -8.11 15.22
CA ILE H 53 -37.35 -8.61 14.46
C ILE H 53 -37.38 -8.08 13.02
N PRO H 54 -37.22 -6.77 12.77
CA PRO H 54 -37.34 -6.29 11.37
C PRO H 54 -36.34 -6.90 10.39
N ILE H 55 -35.07 -7.02 10.78
CA ILE H 55 -34.11 -7.65 9.89
C ILE H 55 -34.37 -9.16 9.79
N ALA H 56 -34.80 -9.79 10.87
CA ALA H 56 -35.08 -11.22 10.81
C ALA H 56 -36.24 -11.50 9.86
N ARG H 57 -37.28 -10.65 9.91
CA ARG H 57 -38.41 -10.85 9.02
C ARG H 57 -37.95 -10.71 7.57
N LYS H 58 -37.15 -9.68 7.30
CA LYS H 58 -36.57 -9.51 5.98
C LYS H 58 -35.72 -10.71 5.57
N THR H 59 -34.95 -11.26 6.52
CA THR H 59 -34.12 -12.42 6.19
C THR H 59 -34.98 -13.64 5.89
N LEU H 60 -35.96 -13.90 6.74
CA LEU H 60 -36.83 -15.06 6.51
C LEU H 60 -37.55 -14.93 5.17
N LYS H 61 -38.02 -13.73 4.86
CA LYS H 61 -38.70 -13.52 3.59
C LYS H 61 -37.77 -13.78 2.40
N GLU H 62 -36.53 -13.29 2.46
CA GLU H 62 -35.63 -13.36 1.31
C GLU H 62 -35.10 -14.77 1.08
N GLN H 63 -34.95 -15.57 2.14
CA GLN H 63 -34.59 -16.96 1.96
C GLN H 63 -35.79 -17.82 1.59
N GLY H 64 -36.97 -17.22 1.40
CA GLY H 64 -38.12 -17.97 0.97
C GLY H 64 -38.86 -18.75 2.03
N THR H 65 -38.75 -18.38 3.30
CA THR H 65 -39.47 -19.06 4.37
C THR H 65 -40.29 -18.05 5.17
N PRO H 66 -41.28 -17.39 4.55
CA PRO H 66 -42.08 -16.39 5.28
C PRO H 66 -43.01 -16.98 6.31
N GLU H 67 -43.19 -18.30 6.35
CA GLU H 67 -44.07 -18.97 7.29
C GLU H 67 -43.42 -19.29 8.62
N ILE H 68 -42.11 -19.12 8.74
CA ILE H 68 -41.42 -19.26 10.01
C ILE H 68 -41.80 -18.11 10.93
N ARG H 69 -42.36 -18.43 12.08
CA ARG H 69 -42.83 -17.39 13.00
C ARG H 69 -41.66 -16.67 13.67
N ILE H 70 -41.91 -15.44 14.07
CA ILE H 70 -40.94 -14.70 14.86
C ILE H 70 -41.51 -14.54 16.25
N ALA H 71 -40.85 -15.17 17.22
CA ALA H 71 -41.17 -15.06 18.64
C ALA H 71 -40.10 -14.23 19.34
N THR H 72 -40.53 -13.45 20.32
CA THR H 72 -39.60 -12.61 21.06
C THR H 72 -39.97 -12.65 22.54
N VAL H 73 -39.24 -11.90 23.37
CA VAL H 73 -39.43 -12.00 24.82
C VAL H 73 -39.59 -10.63 25.44
N THR H 74 -40.37 -10.57 26.53
CA THR H 74 -40.58 -9.33 27.27
C THR H 74 -40.60 -9.65 28.75
N ASN H 75 -40.43 -8.60 29.56
CA ASN H 75 -40.25 -8.72 31.00
C ASN H 75 -39.13 -9.70 31.28
N PHE H 76 -38.11 -9.64 30.44
CA PHE H 76 -37.26 -10.81 30.31
C PHE H 76 -35.81 -10.49 30.63
N PRO H 77 -35.10 -11.39 31.31
CA PRO H 77 -35.55 -12.67 31.86
C PRO H 77 -35.98 -12.61 33.34
N HIS H 78 -36.01 -11.38 33.87
CA HIS H 78 -36.14 -11.18 35.31
C HIS H 78 -37.53 -11.55 35.83
N GLY H 79 -38.57 -11.31 35.04
CA GLY H 79 -39.94 -11.43 35.55
C GLY H 79 -40.26 -10.47 36.68
N ASN H 80 -39.87 -9.22 36.54
CA ASN H 80 -40.22 -8.23 37.56
C ASN H 80 -41.75 -8.01 37.58
N ASP H 81 -42.21 -7.34 38.63
CA ASP H 81 -43.63 -7.16 38.86
C ASP H 81 -44.12 -5.78 38.46
N ASP H 82 -43.40 -5.09 37.58
CA ASP H 82 -43.81 -3.78 37.08
C ASP H 82 -44.60 -3.98 35.80
N ILE H 83 -45.93 -3.85 35.89
CA ILE H 83 -46.81 -4.13 34.75
C ILE H 83 -46.60 -3.13 33.63
N GLU H 84 -46.45 -1.84 33.97
CA GLU H 84 -46.28 -0.85 32.90
C GLU H 84 -44.98 -1.07 32.13
N ILE H 85 -43.94 -1.57 32.78
CA ILE H 85 -42.70 -1.85 32.04
C ILE H 85 -42.89 -3.08 31.15
N ALA H 86 -43.41 -4.18 31.72
CA ALA H 86 -43.68 -5.36 30.89
C ALA H 86 -44.63 -5.03 29.74
N LEU H 87 -45.62 -4.16 29.99
CA LEU H 87 -46.60 -3.83 28.96
C LEU H 87 -45.98 -3.01 27.84
N ALA H 88 -45.14 -2.03 28.18
CA ALA H 88 -44.48 -1.23 27.15
C ALA H 88 -43.55 -2.09 26.29
N GLU H 89 -42.80 -3.00 26.92
CA GLU H 89 -41.93 -3.91 26.16
C GLU H 89 -42.78 -4.77 25.24
N THR H 90 -43.91 -5.25 25.74
CA THR H 90 -44.81 -6.06 24.92
C THR H 90 -45.36 -5.24 23.75
N ARG H 91 -45.77 -4.00 24.00
CA ARG H 91 -46.26 -3.16 22.92
C ARG H 91 -45.16 -2.88 21.90
N ALA H 92 -43.92 -2.68 22.38
CA ALA H 92 -42.82 -2.50 21.46
C ALA H 92 -42.57 -3.75 20.62
N ALA H 93 -42.63 -4.93 21.26
CA ALA H 93 -42.44 -6.17 20.51
C ALA H 93 -43.47 -6.33 19.42
N ILE H 94 -44.74 -6.04 19.73
CA ILE H 94 -45.79 -6.07 18.71
C ILE H 94 -45.44 -5.12 17.57
N ALA H 95 -45.00 -3.91 17.90
CA ALA H 95 -44.71 -2.88 16.91
C ALA H 95 -43.51 -3.24 16.06
N TYR H 96 -42.51 -3.90 16.64
CA TYR H 96 -41.39 -4.41 15.86
C TYR H 96 -41.84 -5.41 14.81
N GLY H 97 -42.93 -6.11 15.07
CA GLY H 97 -43.49 -7.06 14.11
C GLY H 97 -43.50 -8.49 14.57
N ALA H 98 -43.36 -8.73 15.88
CA ALA H 98 -43.34 -10.10 16.39
C ALA H 98 -44.66 -10.79 16.11
N ASP H 99 -44.58 -12.09 15.78
CA ASP H 99 -45.77 -12.92 15.70
C ASP H 99 -46.21 -13.41 17.06
N GLU H 100 -45.27 -13.56 17.97
CA GLU H 100 -45.52 -14.14 19.28
C GLU H 100 -44.63 -13.44 20.30
N VAL H 101 -45.15 -13.26 21.51
CA VAL H 101 -44.41 -12.61 22.60
C VAL H 101 -44.41 -13.59 23.76
N ASP H 102 -43.22 -13.92 24.27
CA ASP H 102 -43.08 -14.77 25.46
C ASP H 102 -42.73 -13.86 26.65
N VAL H 103 -43.69 -13.60 27.52
CA VAL H 103 -43.49 -12.69 28.64
C VAL H 103 -43.19 -13.50 29.90
N VAL H 104 -42.26 -13.01 30.71
CA VAL H 104 -41.93 -13.73 31.95
C VAL H 104 -42.94 -13.37 33.01
N PHE H 105 -43.59 -14.39 33.56
CA PHE H 105 -44.49 -14.23 34.68
C PHE H 105 -43.73 -13.66 35.88
N PRO H 106 -44.33 -12.79 36.67
CA PRO H 106 -43.64 -12.32 37.88
C PRO H 106 -43.63 -13.42 38.92
N TYR H 107 -42.74 -14.39 38.74
CA TYR H 107 -42.79 -15.58 39.57
C TYR H 107 -42.32 -15.29 40.98
N ARG H 108 -41.38 -14.36 41.15
CA ARG H 108 -40.94 -13.99 42.50
C ARG H 108 -42.07 -13.38 43.31
N ALA H 109 -42.90 -12.54 42.68
CA ALA H 109 -44.04 -11.98 43.39
C ALA H 109 -45.02 -13.07 43.83
N LEU H 110 -45.29 -14.03 42.95
CA LEU H 110 -46.15 -15.16 43.32
C LEU H 110 -45.55 -15.94 44.48
N MET H 111 -44.23 -16.14 44.45
CA MET H 111 -43.56 -16.81 45.56
C MET H 111 -43.76 -16.04 46.85
N ALA H 112 -43.85 -14.71 46.77
CA ALA H 112 -44.10 -13.86 47.91
C ALA H 112 -45.58 -13.74 48.24
N GLY H 113 -46.43 -14.49 47.54
CA GLY H 113 -47.84 -14.54 47.85
C GLY H 113 -48.70 -13.60 47.05
N ASN H 114 -48.16 -12.92 46.06
CA ASN H 114 -48.92 -11.96 45.29
C ASN H 114 -49.35 -12.65 44.00
N GLU H 115 -50.56 -13.23 44.02
CA GLU H 115 -51.13 -13.82 42.82
C GLU H 115 -51.71 -12.77 41.88
N GLN H 116 -52.17 -11.65 42.42
CA GLN H 116 -52.90 -10.70 41.59
C GLN H 116 -52.01 -10.04 40.55
N VAL H 117 -50.78 -9.69 40.92
CA VAL H 117 -49.93 -8.99 39.98
C VAL H 117 -49.58 -9.90 38.81
N GLY H 118 -49.43 -11.21 39.05
CA GLY H 118 -49.22 -12.14 37.95
C GLY H 118 -50.41 -12.19 37.03
N PHE H 119 -51.62 -12.27 37.59
CA PHE H 119 -52.82 -12.18 36.79
C PHE H 119 -52.88 -10.86 36.01
N ASP H 120 -52.66 -9.73 36.72
CA ASP H 120 -52.77 -8.41 36.07
C ASP H 120 -51.73 -8.23 34.97
N LEU H 121 -50.52 -8.73 35.18
CA LEU H 121 -49.47 -8.53 34.17
C LEU H 121 -49.77 -9.34 32.92
N VAL H 122 -50.10 -10.62 33.09
CA VAL H 122 -50.43 -11.45 31.94
C VAL H 122 -51.63 -10.91 31.20
N LYS H 123 -52.67 -10.51 31.94
CA LYS H 123 -53.88 -10.00 31.30
C LYS H 123 -53.60 -8.73 30.49
N ALA H 124 -52.82 -7.80 31.05
CA ALA H 124 -52.48 -6.58 30.31
C ALA H 124 -51.71 -6.91 29.02
N CYS H 125 -50.73 -7.80 29.12
CA CYS H 125 -49.94 -8.18 27.95
C CYS H 125 -50.79 -8.94 26.94
N LYS H 126 -51.70 -9.81 27.41
CA LYS H 126 -52.58 -10.54 26.48
C LYS H 126 -53.47 -9.59 25.69
N GLU H 127 -54.05 -8.58 26.36
CA GLU H 127 -54.96 -7.66 25.66
C GLU H 127 -54.25 -6.90 24.54
N ALA H 128 -53.03 -6.46 24.79
CA ALA H 128 -52.22 -5.84 23.74
C ALA H 128 -51.94 -6.87 22.64
N CYS H 129 -51.55 -8.08 23.01
CA CYS H 129 -51.27 -9.09 22.00
C CYS H 129 -52.52 -9.47 21.22
N ALA H 130 -53.64 -9.71 21.92
CA ALA H 130 -54.85 -10.11 21.22
C ALA H 130 -55.31 -9.02 20.25
N ALA H 131 -55.21 -7.76 20.66
CA ALA H 131 -55.62 -6.67 19.81
C ALA H 131 -54.82 -6.60 18.51
N ALA H 132 -53.60 -7.12 18.51
CA ALA H 132 -52.75 -7.13 17.34
C ALA H 132 -52.68 -8.49 16.66
N ASN H 133 -53.43 -9.48 17.16
CA ASN H 133 -53.47 -10.82 16.59
C ASN H 133 -52.12 -11.54 16.71
N VAL H 134 -51.42 -11.29 17.82
CA VAL H 134 -50.15 -11.95 18.11
C VAL H 134 -50.36 -12.84 19.33
N LEU H 135 -49.69 -13.98 19.34
CA LEU H 135 -49.87 -14.98 20.38
C LEU H 135 -48.99 -14.67 21.60
N LEU H 136 -49.53 -14.94 22.80
CA LEU H 136 -48.81 -14.69 24.05
C LEU H 136 -48.47 -15.99 24.76
N LYS H 137 -47.18 -16.26 24.91
CA LYS H 137 -46.68 -17.32 25.76
C LYS H 137 -46.25 -16.74 27.10
N VAL H 138 -46.56 -17.43 28.18
CA VAL H 138 -46.20 -16.96 29.52
C VAL H 138 -45.14 -17.90 30.08
N ILE H 139 -43.95 -17.34 30.35
CA ILE H 139 -42.85 -18.06 30.98
C ILE H 139 -43.07 -18.05 32.48
N ILE H 140 -43.31 -19.21 33.08
CA ILE H 140 -43.51 -19.22 34.53
C ILE H 140 -42.23 -19.49 35.30
N GLU H 141 -41.16 -19.93 34.63
CA GLU H 141 -39.88 -20.22 35.26
C GLU H 141 -40.03 -21.30 36.34
N SER H 142 -40.49 -22.47 35.89
CA SER H 142 -40.78 -23.60 36.78
C SER H 142 -39.54 -24.04 37.54
N GLY H 143 -38.36 -23.82 36.96
CA GLY H 143 -37.11 -24.18 37.63
C GLY H 143 -36.74 -23.27 38.78
N GLU H 144 -37.33 -22.08 38.87
CA GLU H 144 -37.20 -21.23 40.05
C GLU H 144 -38.36 -21.40 41.01
N LEU H 145 -39.55 -21.65 40.48
CA LEU H 145 -40.68 -21.94 41.37
C LEU H 145 -40.44 -23.23 42.15
N LYS H 146 -39.95 -24.28 41.48
CA LYS H 146 -39.56 -25.57 42.04
C LYS H 146 -40.72 -26.38 42.61
N ASP H 147 -41.50 -25.77 43.49
CA ASP H 147 -42.57 -26.48 44.15
C ASP H 147 -43.72 -26.81 43.20
N GLU H 148 -44.19 -28.06 43.26
CA GLU H 148 -45.25 -28.51 42.36
C GLU H 148 -46.48 -27.60 42.48
N ALA H 149 -46.86 -27.26 43.71
CA ALA H 149 -48.05 -26.43 43.91
C ALA H 149 -47.86 -25.05 43.31
N LEU H 150 -46.63 -24.51 43.36
CA LEU H 150 -46.39 -23.20 42.76
C LEU H 150 -46.41 -23.28 41.24
N ILE H 151 -45.86 -24.35 40.67
CA ILE H 151 -45.88 -24.51 39.21
C ILE H 151 -47.32 -24.60 38.71
N ARG H 152 -48.16 -25.37 39.43
CA ARG H 152 -49.58 -25.39 39.08
C ARG H 152 -50.20 -24.01 39.26
N LYS H 153 -49.84 -23.29 40.33
CA LYS H 153 -50.49 -22.02 40.60
C LYS H 153 -50.17 -20.99 39.52
N ALA H 154 -48.89 -20.86 39.16
CA ALA H 154 -48.51 -19.95 38.08
C ALA H 154 -49.14 -20.37 36.75
N SER H 155 -49.24 -21.68 36.52
CA SER H 155 -49.88 -22.17 35.31
C SER H 155 -51.36 -21.79 35.29
N GLU H 156 -52.05 -22.00 36.42
CA GLU H 156 -53.47 -21.69 36.47
C GLU H 156 -53.71 -20.19 36.32
N ILE H 157 -52.94 -19.36 37.04
CA ILE H 157 -53.15 -17.91 36.96
C ILE H 157 -52.97 -17.44 35.53
N SER H 158 -51.91 -17.91 34.86
CA SER H 158 -51.61 -17.49 33.49
C SER H 158 -52.73 -17.86 32.52
N ILE H 159 -53.27 -19.06 32.63
CA ILE H 159 -54.36 -19.45 31.75
C ILE H 159 -55.58 -18.56 31.99
N LYS H 160 -55.91 -18.34 33.27
CA LYS H 160 -57.06 -17.50 33.59
C LYS H 160 -56.92 -16.09 33.05
N ALA H 161 -55.70 -15.58 32.94
CA ALA H 161 -55.47 -14.24 32.45
C ALA H 161 -55.39 -14.17 30.92
N GLY H 162 -55.42 -15.30 30.25
CA GLY H 162 -55.53 -15.35 28.79
C GLY H 162 -54.32 -15.86 28.05
N ALA H 163 -53.35 -16.48 28.73
CA ALA H 163 -52.16 -16.99 28.05
C ALA H 163 -52.55 -17.96 26.96
N ASP H 164 -51.96 -17.79 25.78
CA ASP H 164 -52.11 -18.72 24.67
C ASP H 164 -51.17 -19.92 24.78
N PHE H 165 -50.07 -19.77 25.51
CA PHE H 165 -49.12 -20.83 25.83
C PHE H 165 -48.64 -20.59 27.25
N ILE H 166 -48.30 -21.66 27.96
CA ILE H 166 -47.48 -21.54 29.16
C ILE H 166 -46.14 -22.18 28.84
N LYS H 167 -45.08 -21.51 29.25
CA LYS H 167 -43.72 -21.86 28.85
C LYS H 167 -42.88 -22.12 30.10
N THR H 168 -42.08 -23.20 30.08
CA THR H 168 -41.44 -23.63 31.32
C THR H 168 -40.47 -22.57 31.84
N SER H 169 -39.64 -22.01 30.97
CA SER H 169 -38.42 -21.40 31.48
C SER H 169 -37.91 -20.33 30.54
N THR H 170 -37.07 -19.44 31.07
CA THR H 170 -36.35 -18.49 30.23
C THR H 170 -35.18 -19.12 29.47
N GLY H 171 -34.67 -20.25 29.93
CA GLY H 171 -33.43 -20.79 29.42
C GLY H 171 -32.19 -20.20 30.03
N LEU H 172 -32.33 -19.23 30.94
CA LEU H 172 -31.21 -18.49 31.48
C LEU H 172 -31.05 -18.68 32.99
N VAL H 173 -31.78 -19.62 33.59
CA VAL H 173 -31.61 -19.93 35.00
C VAL H 173 -31.03 -21.35 35.08
N ALA H 174 -30.68 -21.77 36.29
CA ALA H 174 -29.93 -23.01 36.47
C ALA H 174 -30.75 -24.22 36.07
N VAL H 175 -32.04 -24.22 36.37
CA VAL H 175 -32.93 -25.32 36.04
C VAL H 175 -34.01 -24.78 35.11
N ASN H 176 -34.09 -25.37 33.94
CA ASN H 176 -35.12 -25.02 32.96
C ASN H 176 -36.15 -26.16 32.95
N ALA H 177 -36.57 -26.67 31.80
CA ALA H 177 -37.58 -27.72 31.81
C ALA H 177 -37.01 -28.99 32.41
N THR H 178 -37.89 -29.75 33.04
CA THR H 178 -37.62 -31.12 33.49
C THR H 178 -38.83 -31.94 33.08
N PRO H 179 -38.68 -33.26 32.97
CA PRO H 179 -39.85 -34.09 32.68
C PRO H 179 -40.99 -33.90 33.66
N GLU H 180 -40.68 -33.63 34.93
CA GLU H 180 -41.74 -33.47 35.92
C GLU H 180 -42.48 -32.15 35.77
N SER H 181 -41.74 -31.05 35.58
CA SER H 181 -42.44 -29.78 35.42
C SER H 181 -43.22 -29.76 34.11
N ALA H 182 -42.68 -30.39 33.07
CA ALA H 182 -43.43 -30.56 31.83
C ALA H 182 -44.75 -31.27 32.09
N ARG H 183 -44.73 -32.35 32.88
CA ARG H 183 -45.97 -33.08 33.14
C ARG H 183 -46.95 -32.26 33.97
N ILE H 184 -46.44 -31.58 35.02
CA ILE H 184 -47.32 -30.77 35.87
C ILE H 184 -48.07 -29.73 35.04
N MET H 185 -47.35 -29.00 34.18
CA MET H 185 -47.96 -27.91 33.42
C MET H 185 -48.97 -28.43 32.39
N MET H 186 -48.62 -29.53 31.71
CA MET H 186 -49.58 -30.10 30.79
C MET H 186 -50.78 -30.69 31.53
N GLU H 187 -50.58 -31.22 32.74
CA GLU H 187 -51.71 -31.65 33.56
C GLU H 187 -52.63 -30.48 33.86
N VAL H 188 -52.06 -29.31 34.14
CA VAL H 188 -52.88 -28.11 34.41
C VAL H 188 -53.74 -27.78 33.19
N ILE H 189 -53.13 -27.78 32.00
CA ILE H 189 -53.89 -27.54 30.79
C ILE H 189 -55.05 -28.53 30.69
N ARG H 190 -54.76 -29.81 30.92
CA ARG H 190 -55.81 -30.81 30.88
C ARG H 190 -56.85 -30.59 31.98
N ASP H 191 -56.38 -30.37 33.22
CA ASP H 191 -57.30 -30.28 34.36
C ASP H 191 -58.24 -29.08 34.25
N MET H 192 -57.81 -28.02 33.58
CA MET H 192 -58.66 -26.86 33.37
C MET H 192 -59.48 -26.95 32.10
N GLY H 193 -59.28 -27.98 31.29
CA GLY H 193 -60.05 -28.13 30.07
C GLY H 193 -59.76 -27.08 29.03
N VAL H 194 -58.52 -26.60 28.94
CA VAL H 194 -58.17 -25.55 27.99
C VAL H 194 -57.19 -26.07 26.95
N GLU H 195 -57.23 -27.38 26.67
CA GLU H 195 -56.28 -27.98 25.74
C GLU H 195 -56.39 -27.44 24.32
N LYS H 196 -57.57 -26.97 23.92
CA LYS H 196 -57.72 -26.40 22.58
C LYS H 196 -57.17 -24.98 22.46
N SER H 197 -57.17 -24.19 23.54
CA SER H 197 -56.83 -22.77 23.47
C SER H 197 -55.45 -22.45 24.04
N VAL H 198 -54.83 -23.36 24.76
CA VAL H 198 -53.55 -23.12 25.42
C VAL H 198 -52.57 -24.20 25.00
N GLY H 199 -51.41 -23.77 24.54
CA GLY H 199 -50.32 -24.68 24.24
C GLY H 199 -49.26 -24.72 25.35
N PHE H 200 -48.31 -25.61 25.16
CA PHE H 200 -47.23 -25.85 26.10
C PHE H 200 -45.91 -25.73 25.37
N LYS H 201 -44.94 -25.08 26.00
CA LYS H 201 -43.62 -24.91 25.41
C LYS H 201 -42.57 -25.32 26.43
N VAL H 202 -41.74 -26.29 26.05
CA VAL H 202 -40.65 -26.78 26.89
C VAL H 202 -39.39 -26.04 26.47
N THR H 203 -38.75 -25.37 27.42
CA THR H 203 -37.52 -24.64 27.17
C THR H 203 -36.39 -25.23 27.99
N GLY H 204 -35.29 -25.59 27.32
CA GLY H 204 -34.21 -26.30 27.95
C GLY H 204 -34.65 -27.71 28.25
N GLY H 205 -33.92 -28.35 29.17
CA GLY H 205 -34.26 -29.71 29.54
C GLY H 205 -33.88 -30.72 28.48
N ALA H 206 -34.54 -30.65 27.33
CA ALA H 206 -34.29 -31.57 26.22
C ALA H 206 -32.93 -31.28 25.59
N ARG H 207 -32.08 -32.29 25.56
CA ARG H 207 -30.75 -32.20 25.00
C ARG H 207 -30.56 -33.07 23.78
N THR H 208 -31.24 -34.22 23.71
CA THR H 208 -31.07 -35.20 22.65
C THR H 208 -32.41 -35.46 21.97
N ALA H 209 -32.31 -36.07 20.77
CA ALA H 209 -33.53 -36.47 20.06
C ALA H 209 -34.35 -37.43 20.89
N GLU H 210 -33.69 -38.28 21.68
CA GLU H 210 -34.39 -39.17 22.58
C GLU H 210 -35.15 -38.39 23.65
N ASP H 211 -34.54 -37.32 24.18
CA ASP H 211 -35.24 -36.46 25.13
C ASP H 211 -36.48 -35.86 24.51
N ALA H 212 -36.34 -35.28 23.31
CA ALA H 212 -37.46 -34.65 22.64
C ALA H 212 -38.61 -35.64 22.44
N GLN H 213 -38.27 -36.92 22.17
CA GLN H 213 -39.30 -37.94 22.05
C GLN H 213 -40.05 -38.13 23.38
N LYS H 214 -39.31 -38.14 24.48
CA LYS H 214 -39.95 -38.38 25.78
C LYS H 214 -40.89 -37.23 26.14
N TYR H 215 -40.47 -35.98 25.84
CA TYR H 215 -41.30 -34.82 26.11
C TYR H 215 -42.59 -34.81 25.29
N LEU H 216 -42.48 -35.16 23.99
CA LEU H 216 -43.69 -35.28 23.17
C LEU H 216 -44.55 -36.44 23.64
N ALA H 217 -43.94 -37.50 24.15
CA ALA H 217 -44.72 -38.63 24.66
C ALA H 217 -45.65 -38.22 25.79
N ILE H 218 -45.25 -37.23 26.60
CA ILE H 218 -46.14 -36.73 27.65
C ILE H 218 -47.40 -36.10 27.04
N ALA H 219 -47.21 -35.22 26.05
CA ALA H 219 -48.35 -34.60 25.36
C ALA H 219 -49.20 -35.64 24.64
N ASP H 220 -48.56 -36.63 23.99
CA ASP H 220 -49.33 -37.67 23.33
C ASP H 220 -50.15 -38.50 24.31
N GLU H 221 -49.63 -38.70 25.53
CA GLU H 221 -50.37 -39.46 26.53
C GLU H 221 -51.56 -38.68 27.09
N LEU H 222 -51.37 -37.40 27.41
CA LEU H 222 -52.40 -36.64 28.10
C LEU H 222 -53.50 -36.16 27.16
N PHE H 223 -53.16 -35.84 25.93
CA PHE H 223 -54.09 -35.39 24.90
C PHE H 223 -53.99 -36.39 23.76
N GLY H 224 -54.67 -36.13 22.64
CA GLY H 224 -54.49 -36.99 21.49
C GLY H 224 -53.04 -37.05 21.04
N ALA H 225 -52.71 -38.07 20.25
CA ALA H 225 -51.46 -37.99 19.51
C ALA H 225 -51.49 -36.91 18.45
N ASP H 226 -52.66 -36.32 18.18
CA ASP H 226 -52.81 -35.22 17.24
C ASP H 226 -52.81 -33.85 17.91
N TRP H 227 -52.75 -33.78 19.24
CA TRP H 227 -52.93 -32.48 19.89
C TRP H 227 -51.72 -31.58 19.65
N ALA H 228 -50.51 -32.14 19.71
CA ALA H 228 -49.28 -31.34 19.76
C ALA H 228 -48.86 -30.85 18.38
N ASP H 229 -49.68 -29.96 17.82
CA ASP H 229 -49.27 -29.21 16.64
C ASP H 229 -48.61 -27.88 17.05
N ALA H 230 -48.25 -27.07 16.06
CA ALA H 230 -47.50 -25.85 16.32
C ALA H 230 -48.30 -24.88 17.19
N ARG H 231 -49.62 -24.93 17.12
CA ARG H 231 -50.46 -24.07 17.93
C ARG H 231 -50.49 -24.51 19.40
N HIS H 232 -50.03 -25.73 19.69
CA HIS H 232 -50.18 -26.30 21.01
C HIS H 232 -48.90 -26.83 21.63
N TYR H 233 -47.80 -26.92 20.90
CA TYR H 233 -46.57 -27.50 21.44
C TYR H 233 -45.36 -26.86 20.78
N ARG H 234 -44.38 -26.47 21.60
CA ARG H 234 -43.11 -25.95 21.10
C ARG H 234 -41.94 -26.47 21.93
N PHE H 235 -40.81 -26.64 21.25
CA PHE H 235 -39.52 -26.80 21.89
C PHE H 235 -38.79 -25.47 21.78
N GLY H 236 -38.48 -24.87 22.94
CA GLY H 236 -37.59 -23.73 22.95
C GLY H 236 -36.18 -24.26 23.02
N ALA H 237 -35.42 -24.13 21.94
CA ALA H 237 -34.18 -24.88 21.89
C ALA H 237 -33.16 -24.19 21.00
N SER H 238 -31.92 -24.61 21.19
CA SER H 238 -30.79 -24.19 20.39
C SER H 238 -30.03 -25.42 19.90
N GLY H 239 -29.19 -25.97 20.80
CA GLY H 239 -28.38 -27.14 20.52
C GLY H 239 -29.14 -28.41 20.20
N LEU H 240 -30.41 -28.50 20.61
CA LEU H 240 -31.23 -29.67 20.31
C LEU H 240 -31.37 -29.92 18.82
N LEU H 241 -31.34 -28.85 18.02
CA LEU H 241 -31.55 -29.00 16.57
C LEU H 241 -30.51 -29.91 15.94
N ALA H 242 -29.26 -29.79 16.33
CA ALA H 242 -28.24 -30.66 15.75
C ALA H 242 -28.50 -32.12 16.12
N SER H 243 -28.97 -32.38 17.34
CA SER H 243 -29.26 -33.77 17.70
C SER H 243 -30.42 -34.29 16.86
N LEU H 244 -31.44 -33.47 16.63
CA LEU H 244 -32.55 -33.91 15.78
C LEU H 244 -32.07 -34.13 14.35
N LEU H 245 -31.26 -33.20 13.83
CA LEU H 245 -30.73 -33.37 12.48
C LEU H 245 -29.87 -34.61 12.39
N LYS H 246 -29.04 -34.83 13.41
CA LYS H 246 -28.20 -36.02 13.44
C LYS H 246 -29.04 -37.29 13.45
N ALA H 247 -30.13 -37.30 14.24
CA ALA H 247 -31.05 -38.43 14.21
C ALA H 247 -31.68 -38.63 12.84
N LEU H 248 -31.86 -37.55 12.09
CA LEU H 248 -32.46 -37.63 10.77
C LEU H 248 -31.44 -37.83 9.67
N GLY H 249 -30.17 -38.08 10.03
CA GLY H 249 -29.13 -38.33 9.05
C GLY H 249 -28.53 -37.10 8.43
N HIS H 250 -28.35 -36.02 9.20
CA HIS H 250 -27.74 -34.81 8.67
C HIS H 250 -26.69 -34.18 9.56
N GLY H 251 -26.64 -34.51 10.85
CA GLY H 251 -25.57 -34.03 11.71
C GLY H 251 -24.23 -34.59 11.30
N ASP I 3 -2.83 -42.10 16.94
CA ASP I 3 -3.84 -41.51 17.83
C ASP I 3 -3.20 -40.39 18.67
N LEU I 4 -1.90 -40.48 18.93
CA LEU I 4 -1.20 -39.30 19.40
C LEU I 4 -1.00 -38.30 18.28
N LYS I 5 -1.31 -38.69 17.06
CA LYS I 5 -1.29 -37.76 15.94
C LYS I 5 -2.63 -37.04 15.81
N ALA I 6 -3.73 -37.74 16.05
CA ALA I 6 -5.03 -37.08 15.99
C ALA I 6 -5.16 -36.01 17.08
N SER I 7 -4.85 -36.36 18.33
CA SER I 7 -4.98 -35.38 19.41
C SER I 7 -3.98 -34.22 19.26
N SER I 8 -2.78 -34.50 18.74
CA SER I 8 -1.78 -33.46 18.58
C SER I 8 -2.22 -32.41 17.58
N LEU I 9 -2.76 -32.85 16.43
CA LEU I 9 -3.31 -31.91 15.45
C LEU I 9 -4.50 -31.18 16.02
N ARG I 10 -5.36 -31.88 16.76
CA ARG I 10 -6.49 -31.22 17.41
C ARG I 10 -6.00 -30.14 18.37
N ALA I 11 -5.01 -30.47 19.20
CA ALA I 11 -4.48 -29.51 20.16
C ALA I 11 -3.85 -28.33 19.44
N LEU I 12 -3.14 -28.58 18.34
CA LEU I 12 -2.48 -27.51 17.60
C LEU I 12 -3.49 -26.49 17.11
N LYS I 13 -4.62 -26.97 16.58
CA LYS I 13 -5.67 -26.08 16.09
C LYS I 13 -6.44 -25.40 17.20
N LEU I 14 -6.19 -25.78 18.46
CA LEU I 14 -6.77 -25.12 19.62
C LEU I 14 -5.76 -24.26 20.37
N MET I 15 -4.59 -24.01 19.78
CA MET I 15 -3.51 -23.32 20.45
C MET I 15 -3.63 -21.80 20.30
N ASP I 16 -3.53 -21.10 21.43
CA ASP I 16 -3.20 -19.67 21.47
C ASP I 16 -1.68 -19.62 21.62
N LEU I 17 -0.98 -19.30 20.53
CA LEU I 17 0.47 -19.40 20.50
C LEU I 17 1.11 -18.07 20.91
N SER I 18 2.10 -18.14 21.79
CA SER I 18 2.87 -16.97 22.17
C SER I 18 4.36 -17.26 21.99
N THR I 19 5.17 -16.22 22.11
CA THR I 19 6.62 -16.38 21.94
C THR I 19 7.18 -17.23 23.06
N ASP I 23 10.36 -13.01 22.59
CA ASP I 23 9.93 -11.95 23.47
C ASP I 23 8.94 -11.04 22.75
N TYR I 24 8.88 -9.74 23.11
CA TYR I 24 7.83 -8.89 22.57
C TYR I 24 8.31 -8.00 21.42
N THR I 25 9.55 -8.16 20.96
CA THR I 25 10.06 -7.32 19.88
C THR I 25 9.23 -7.52 18.61
N ASP I 26 9.22 -6.49 17.75
CA ASP I 26 8.48 -6.60 16.49
C ASP I 26 8.94 -7.81 15.69
N GLU I 27 10.24 -8.08 15.69
CA GLU I 27 10.74 -9.24 14.97
C GLU I 27 10.19 -10.53 15.54
N LYS I 28 10.15 -10.66 16.88
CA LYS I 28 9.60 -11.86 17.50
C LYS I 28 8.11 -11.99 17.26
N VAL I 29 7.38 -10.87 17.25
CA VAL I 29 5.95 -10.97 16.98
C VAL I 29 5.71 -11.42 15.54
N ILE I 30 6.46 -10.83 14.59
CA ILE I 30 6.36 -11.29 13.20
C ILE I 30 6.70 -12.77 13.08
N ALA I 31 7.80 -13.19 13.70
CA ALA I 31 8.15 -14.61 13.66
C ALA I 31 7.07 -15.48 14.28
N LEU I 32 6.43 -14.99 15.35
CA LEU I 32 5.33 -15.72 15.97
C LEU I 32 4.17 -15.91 14.99
N CYS I 33 3.82 -14.86 14.25
CA CYS I 33 2.79 -15.00 13.22
C CYS I 33 3.18 -16.09 12.22
N HIS I 34 4.43 -16.10 11.78
CA HIS I 34 4.87 -17.15 10.85
C HIS I 34 4.78 -18.52 11.49
N GLN I 35 5.19 -18.62 12.76
CA GLN I 35 5.21 -19.90 13.45
C GLN I 35 3.80 -20.44 13.62
N ALA I 36 2.79 -19.57 13.73
CA ALA I 36 1.41 -19.98 13.90
C ALA I 36 0.85 -20.64 12.63
N LYS I 37 1.41 -20.32 11.47
CA LYS I 37 1.05 -20.97 10.21
C LYS I 37 1.98 -22.18 10.05
N THR I 38 1.58 -23.30 10.61
CA THR I 38 2.43 -24.49 10.68
C THR I 38 2.32 -25.33 9.41
N PRO I 39 3.22 -26.30 9.25
CA PRO I 39 3.09 -27.23 8.13
C PRO I 39 1.78 -28.00 8.10
N VAL I 40 1.10 -28.20 9.22
CA VAL I 40 -0.06 -29.07 9.25
C VAL I 40 -1.36 -28.30 9.49
N GLY I 41 -1.31 -26.97 9.52
CA GLY I 41 -2.50 -26.20 9.82
C GLY I 41 -2.21 -24.99 10.70
N ASN I 42 -3.22 -24.16 10.94
CA ASN I 42 -3.06 -22.94 11.73
C ASN I 42 -3.43 -23.16 13.19
N THR I 43 -2.67 -22.55 14.10
CA THR I 43 -3.14 -22.49 15.47
C THR I 43 -4.44 -21.69 15.52
N ALA I 44 -5.16 -21.79 16.63
CA ALA I 44 -6.41 -21.04 16.74
C ALA I 44 -6.15 -19.55 16.81
N ALA I 45 -5.07 -19.15 17.45
CA ALA I 45 -4.82 -17.75 17.72
C ALA I 45 -3.34 -17.57 18.03
N ILE I 46 -2.93 -16.30 18.08
CA ILE I 46 -1.67 -15.93 18.70
C ILE I 46 -2.00 -15.04 19.90
N SER I 47 -1.13 -15.09 20.91
CA SER I 47 -1.26 -14.31 22.15
C SER I 47 -0.09 -13.35 22.23
N ILE I 48 -0.38 -12.05 22.19
CA ILE I 48 0.64 -11.00 22.12
C ILE I 48 0.21 -9.84 23.01
N TYR I 49 1.15 -8.94 23.30
CA TYR I 49 0.82 -7.74 24.06
C TYR I 49 0.07 -6.74 23.16
N PRO I 50 -0.77 -5.88 23.76
CA PRO I 50 -1.70 -5.07 22.94
C PRO I 50 -1.02 -4.23 21.87
N ARG I 51 0.15 -3.65 22.16
CA ARG I 51 0.78 -2.76 21.20
C ARG I 51 1.20 -3.49 19.94
N SER I 52 1.31 -4.81 19.99
CA SER I 52 1.73 -5.59 18.84
C SER I 52 0.59 -5.97 17.92
N ILE I 53 -0.66 -5.65 18.28
CA ILE I 53 -1.80 -6.15 17.51
C ILE I 53 -1.84 -5.60 16.09
N PRO I 54 -1.67 -4.30 15.83
CA PRO I 54 -1.79 -3.82 14.44
C PRO I 54 -0.78 -4.45 13.48
N ILE I 55 0.48 -4.57 13.88
CA ILE I 55 1.46 -5.20 13.00
C ILE I 55 1.21 -6.72 12.89
N ALA I 56 0.74 -7.36 13.96
CA ALA I 56 0.42 -8.79 13.86
C ALA I 56 -0.72 -9.03 12.87
N ARG I 57 -1.74 -8.17 12.90
CA ARG I 57 -2.87 -8.34 11.98
C ARG I 57 -2.41 -8.20 10.53
N LYS I 58 -1.58 -7.18 10.26
CA LYS I 58 -1.03 -7.04 8.91
C LYS I 58 -0.21 -8.27 8.53
N THR I 59 0.59 -8.80 9.47
CA THR I 59 1.42 -9.95 9.16
C THR I 59 0.56 -11.18 8.88
N LEU I 60 -0.46 -11.41 9.69
CA LEU I 60 -1.35 -12.55 9.47
C LEU I 60 -2.07 -12.44 8.13
N LYS I 61 -2.55 -11.23 7.80
CA LYS I 61 -3.21 -11.03 6.51
C LYS I 61 -2.26 -11.30 5.36
N GLU I 62 -1.03 -10.80 5.47
CA GLU I 62 -0.10 -10.89 4.36
C GLU I 62 0.43 -12.31 4.17
N GLN I 63 0.54 -13.09 5.24
CA GLN I 63 0.92 -14.48 5.05
C GLN I 63 -0.27 -15.33 4.65
N GLY I 64 -1.45 -14.74 4.50
CA GLY I 64 -2.61 -15.45 4.04
C GLY I 64 -3.35 -16.23 5.09
N THR I 65 -3.23 -15.87 6.36
CA THR I 65 -3.95 -16.57 7.43
C THR I 65 -4.76 -15.56 8.22
N PRO I 66 -5.75 -14.91 7.59
CA PRO I 66 -6.52 -13.89 8.31
C PRO I 66 -7.46 -14.47 9.34
N GLU I 67 -7.69 -15.77 9.33
CA GLU I 67 -8.61 -16.40 10.27
C GLU I 67 -7.95 -16.76 11.60
N ILE I 68 -6.63 -16.66 11.70
CA ILE I 68 -5.94 -16.81 12.99
C ILE I 68 -6.27 -15.63 13.88
N ARG I 69 -6.81 -15.90 15.06
CA ARG I 69 -7.27 -14.87 15.98
C ARG I 69 -6.12 -14.18 16.70
N ILE I 70 -6.37 -12.95 17.12
CA ILE I 70 -5.40 -12.21 17.92
C ILE I 70 -5.98 -12.09 19.32
N ALA I 71 -5.33 -12.72 20.28
CA ALA I 71 -5.70 -12.62 21.68
C ALA I 71 -4.65 -11.76 22.37
N THR I 72 -5.06 -10.98 23.34
CA THR I 72 -4.10 -10.17 24.07
C THR I 72 -4.48 -10.21 25.54
N VAL I 73 -3.72 -9.48 26.36
CA VAL I 73 -3.89 -9.56 27.81
C VAL I 73 -4.02 -8.16 28.40
N THR I 74 -4.82 -8.07 29.46
CA THR I 74 -5.00 -6.84 30.20
C THR I 74 -5.04 -7.19 31.69
N ASN I 75 -4.85 -6.15 32.52
CA ASN I 75 -4.69 -6.30 33.97
C ASN I 75 -3.58 -7.29 34.29
N PHE I 76 -2.53 -7.26 33.48
CA PHE I 76 -1.67 -8.43 33.35
C PHE I 76 -0.22 -8.10 33.67
N PRO I 77 0.50 -8.99 34.35
CA PRO I 77 0.05 -10.28 34.89
C PRO I 77 -0.41 -10.18 36.34
N HIS I 78 -0.46 -8.94 36.85
CA HIS I 78 -0.60 -8.71 38.29
C HIS I 78 -1.98 -9.08 38.81
N GLY I 79 -3.03 -8.86 38.02
CA GLY I 79 -4.38 -9.01 38.55
C GLY I 79 -4.69 -8.04 39.68
N ASN I 80 -4.31 -6.78 39.53
CA ASN I 80 -4.65 -5.79 40.53
C ASN I 80 -6.15 -5.58 40.59
N ASP I 81 -6.61 -4.90 41.63
CA ASP I 81 -8.04 -4.73 41.84
C ASP I 81 -8.54 -3.36 41.42
N ASP I 82 -7.77 -2.64 40.63
CA ASP I 82 -8.19 -1.31 40.15
C ASP I 82 -8.99 -1.55 38.86
N ILE I 83 -10.32 -1.43 38.96
CA ILE I 83 -11.19 -1.71 37.82
C ILE I 83 -10.99 -0.70 36.71
N GLU I 84 -10.85 0.59 37.05
CA GLU I 84 -10.73 1.58 36.00
C GLU I 84 -9.47 1.36 35.16
N ILE I 85 -8.41 0.83 35.78
CA ILE I 85 -7.20 0.57 35.00
C ILE I 85 -7.39 -0.65 34.10
N ALA I 86 -7.93 -1.76 34.66
CA ALA I 86 -8.19 -2.94 33.83
C ALA I 86 -9.12 -2.60 32.68
N LEU I 87 -10.12 -1.76 32.94
CA LEU I 87 -11.08 -1.40 31.91
C LEU I 87 -10.45 -0.54 30.83
N ALA I 88 -9.62 0.43 31.20
CA ALA I 88 -8.98 1.24 30.18
C ALA I 88 -8.03 0.39 29.33
N GLU I 89 -7.28 -0.52 29.96
CA GLU I 89 -6.40 -1.39 29.18
C GLU I 89 -7.23 -2.26 28.25
N THR I 90 -8.36 -2.77 28.74
CA THR I 90 -9.26 -3.57 27.90
C THR I 90 -9.80 -2.75 26.74
N ARG I 91 -10.22 -1.52 27.00
CA ARG I 91 -10.72 -0.67 25.93
C ARG I 91 -9.61 -0.42 24.89
N ALA I 92 -8.38 -0.25 25.36
CA ALA I 92 -7.27 -0.06 24.45
C ALA I 92 -7.02 -1.30 23.59
N ALA I 93 -7.08 -2.49 24.21
CA ALA I 93 -6.90 -3.74 23.48
C ALA I 93 -7.94 -3.89 22.38
N ILE I 94 -9.20 -3.61 22.71
CA ILE I 94 -10.25 -3.62 21.71
C ILE I 94 -9.91 -2.64 20.58
N ALA I 95 -9.47 -1.44 20.94
CA ALA I 95 -9.20 -0.40 19.95
C ALA I 95 -8.00 -0.73 19.07
N TYR I 96 -6.98 -1.39 19.63
CA TYR I 96 -5.86 -1.89 18.84
C TYR I 96 -6.32 -2.89 17.79
N GLY I 97 -7.42 -3.60 18.04
CA GLY I 97 -7.94 -4.56 17.10
C GLY I 97 -7.98 -6.00 17.60
N ALA I 98 -7.90 -6.20 18.91
CA ALA I 98 -7.89 -7.56 19.44
C ALA I 98 -9.18 -8.30 19.09
N ASP I 99 -9.05 -9.60 18.78
CA ASP I 99 -10.25 -10.42 18.69
C ASP I 99 -10.69 -10.92 20.04
N GLU I 100 -9.74 -11.08 20.95
CA GLU I 100 -9.98 -11.66 22.26
C GLU I 100 -9.07 -10.98 23.26
N VAL I 101 -9.60 -10.79 24.48
CA VAL I 101 -8.86 -10.17 25.58
C VAL I 101 -8.87 -11.16 26.74
N ASP I 102 -7.68 -11.52 27.24
CA ASP I 102 -7.53 -12.35 28.45
C ASP I 102 -7.19 -11.42 29.61
N VAL I 103 -8.15 -11.19 30.53
CA VAL I 103 -7.94 -10.27 31.65
C VAL I 103 -7.65 -11.08 32.92
N VAL I 104 -6.72 -10.59 33.74
CA VAL I 104 -6.38 -11.30 34.98
C VAL I 104 -7.40 -10.95 36.05
N PHE I 105 -8.04 -11.96 36.59
CA PHE I 105 -8.95 -11.81 37.70
C PHE I 105 -8.19 -11.23 38.90
N PRO I 106 -8.82 -10.36 39.68
CA PRO I 106 -8.15 -9.88 40.90
C PRO I 106 -8.13 -10.96 41.96
N TYR I 107 -7.23 -11.94 41.78
CA TYR I 107 -7.27 -13.14 42.60
C TYR I 107 -6.80 -12.86 44.03
N ARG I 108 -5.85 -11.95 44.20
CA ARG I 108 -5.42 -11.58 45.55
C ARG I 108 -6.56 -10.97 46.34
N ALA I 109 -7.36 -10.12 45.70
CA ALA I 109 -8.54 -9.57 46.37
C ALA I 109 -9.52 -10.66 46.78
N LEU I 110 -9.75 -11.64 45.91
CA LEU I 110 -10.58 -12.79 46.29
C LEU I 110 -9.99 -13.54 47.47
N MET I 111 -8.66 -13.74 47.48
CA MET I 111 -8.02 -14.40 48.60
C MET I 111 -8.23 -13.63 49.90
N ALA I 112 -8.32 -12.31 49.83
CA ALA I 112 -8.56 -11.47 50.99
C ALA I 112 -10.02 -11.32 51.33
N GLY I 113 -10.90 -12.06 50.66
CA GLY I 113 -12.31 -12.07 50.99
C GLY I 113 -13.20 -11.15 50.18
N ASN I 114 -12.68 -10.49 49.16
CA ASN I 114 -13.45 -9.55 48.36
C ASN I 114 -13.85 -10.27 47.06
N GLU I 115 -15.06 -10.85 47.06
CA GLU I 115 -15.58 -11.45 45.85
C GLU I 115 -16.15 -10.40 44.91
N GLN I 116 -16.62 -9.27 45.46
CA GLN I 116 -17.35 -8.30 44.67
C GLN I 116 -16.47 -7.64 43.61
N VAL I 117 -15.24 -7.29 43.98
CA VAL I 117 -14.40 -6.55 43.04
C VAL I 117 -14.05 -7.42 41.85
N GLY I 118 -13.89 -8.74 42.06
CA GLY I 118 -13.69 -9.63 40.92
C GLY I 118 -14.89 -9.69 40.00
N PHE I 119 -16.08 -9.79 40.58
CA PHE I 119 -17.30 -9.72 39.77
C PHE I 119 -17.36 -8.42 38.99
N ASP I 120 -17.16 -7.29 39.68
CA ASP I 120 -17.27 -5.98 39.02
C ASP I 120 -16.22 -5.81 37.93
N LEU I 121 -14.99 -6.29 38.16
CA LEU I 121 -13.94 -6.10 37.16
C LEU I 121 -14.21 -6.92 35.91
N VAL I 122 -14.55 -8.19 36.07
CA VAL I 122 -14.87 -9.02 34.90
C VAL I 122 -16.08 -8.46 34.17
N LYS I 123 -17.10 -8.08 34.93
CA LYS I 123 -18.33 -7.56 34.32
C LYS I 123 -18.05 -6.30 33.51
N ALA I 124 -17.26 -5.38 34.07
CA ALA I 124 -16.93 -4.15 33.35
C ALA I 124 -16.18 -4.46 32.06
N CYS I 125 -15.17 -5.32 32.12
CA CYS I 125 -14.41 -5.67 30.93
C CYS I 125 -15.27 -6.45 29.93
N LYS I 126 -16.15 -7.33 30.42
CA LYS I 126 -17.04 -8.05 29.51
C LYS I 126 -17.95 -7.11 28.74
N GLU I 127 -18.51 -6.11 29.42
CA GLU I 127 -19.46 -5.21 28.75
C GLU I 127 -18.77 -4.49 27.60
N ALA I 128 -17.54 -4.03 27.81
CA ALA I 128 -16.75 -3.41 26.75
C ALA I 128 -16.48 -4.40 25.63
N CYS I 129 -16.07 -5.62 25.99
CA CYS I 129 -15.78 -6.62 24.97
C CYS I 129 -17.03 -7.01 24.21
N ALA I 130 -18.14 -7.22 24.92
CA ALA I 130 -19.37 -7.62 24.23
C ALA I 130 -19.79 -6.56 23.21
N ALA I 131 -19.67 -5.29 23.58
CA ALA I 131 -20.09 -4.22 22.67
C ALA I 131 -19.27 -4.20 21.39
N ALA I 132 -18.05 -4.72 21.41
CA ALA I 132 -17.16 -4.77 20.26
C ALA I 132 -17.06 -6.14 19.61
N ASN I 133 -17.93 -7.09 19.97
CA ASN I 133 -17.86 -8.45 19.43
C ASN I 133 -16.52 -9.13 19.74
N VAL I 134 -15.95 -8.84 20.90
CA VAL I 134 -14.66 -9.38 21.31
C VAL I 134 -14.88 -10.37 22.44
N LEU I 135 -14.15 -11.50 22.41
CA LEU I 135 -14.31 -12.52 23.44
C LEU I 135 -13.45 -12.19 24.65
N LEU I 136 -13.98 -12.45 25.84
CA LEU I 136 -13.26 -12.20 27.09
C LEU I 136 -12.91 -13.50 27.80
N LYS I 137 -11.63 -13.77 27.93
CA LYS I 137 -11.15 -14.85 28.79
C LYS I 137 -10.73 -14.25 30.14
N VAL I 138 -11.03 -14.95 31.24
CA VAL I 138 -10.67 -14.47 32.58
C VAL I 138 -9.63 -15.41 33.14
N ILE I 139 -8.43 -14.89 33.41
CA ILE I 139 -7.35 -15.65 34.01
C ILE I 139 -7.54 -15.64 35.52
N ILE I 140 -7.79 -16.81 36.10
CA ILE I 140 -7.96 -16.83 37.56
C ILE I 140 -6.68 -17.07 38.32
N GLU I 141 -5.60 -17.49 37.63
CA GLU I 141 -4.32 -17.77 38.27
C GLU I 141 -4.47 -18.87 39.32
N SER I 142 -4.94 -20.02 38.84
CA SER I 142 -5.24 -21.14 39.73
C SER I 142 -4.02 -21.58 40.51
N GLY I 143 -2.82 -21.37 39.96
CA GLY I 143 -1.59 -21.72 40.64
C GLY I 143 -1.23 -20.79 41.78
N GLU I 144 -1.82 -19.61 41.85
CA GLU I 144 -1.69 -18.77 43.03
C GLU I 144 -2.86 -18.93 43.99
N LEU I 145 -4.07 -19.22 43.49
CA LEU I 145 -5.19 -19.51 44.37
C LEU I 145 -4.95 -20.77 45.18
N LYS I 146 -4.42 -21.82 44.54
CA LYS I 146 -3.99 -23.07 45.17
C LYS I 146 -5.16 -23.89 45.71
N ASP I 147 -5.98 -23.30 46.57
CA ASP I 147 -7.06 -24.05 47.19
C ASP I 147 -8.18 -24.37 46.20
N GLU I 148 -8.64 -25.63 46.20
CA GLU I 148 -9.69 -26.07 45.30
C GLU I 148 -10.93 -25.18 45.42
N ALA I 149 -11.31 -24.84 46.65
CA ALA I 149 -12.49 -24.04 46.84
C ALA I 149 -12.33 -22.63 46.29
N LEU I 150 -11.11 -22.08 46.34
CA LEU I 150 -10.88 -20.77 45.75
C LEU I 150 -10.90 -20.84 44.24
N ILE I 151 -10.34 -21.91 43.66
CA ILE I 151 -10.37 -22.05 42.20
C ILE I 151 -11.79 -22.16 41.72
N ARG I 152 -12.62 -22.96 42.40
CA ARG I 152 -14.03 -22.99 42.07
C ARG I 152 -14.66 -21.62 42.23
N LYS I 153 -14.34 -20.91 43.32
CA LYS I 153 -15.02 -19.64 43.54
C LYS I 153 -14.66 -18.62 42.47
N ALA I 154 -13.37 -18.50 42.14
CA ALA I 154 -12.97 -17.56 41.10
C ALA I 154 -13.59 -17.94 39.76
N SER I 155 -13.68 -19.25 39.47
CA SER I 155 -14.34 -19.69 38.25
C SER I 155 -15.81 -19.29 38.22
N GLU I 156 -16.52 -19.51 39.33
CA GLU I 156 -17.93 -19.18 39.40
C GLU I 156 -18.16 -17.68 39.26
N ILE I 157 -17.38 -16.86 39.97
CA ILE I 157 -17.56 -15.41 39.88
C ILE I 157 -17.36 -14.94 38.45
N SER I 158 -16.31 -15.43 37.80
CA SER I 158 -16.01 -15.00 36.43
C SER I 158 -17.14 -15.35 35.49
N ILE I 159 -17.67 -16.56 35.61
CA ILE I 159 -18.77 -16.99 34.74
C ILE I 159 -19.99 -16.12 34.98
N LYS I 160 -20.34 -15.88 36.24
CA LYS I 160 -21.49 -15.05 36.53
C LYS I 160 -21.32 -13.64 35.99
N ALA I 161 -20.09 -13.14 35.93
CA ALA I 161 -19.86 -11.79 35.44
C ALA I 161 -19.80 -11.74 33.92
N GLY I 162 -19.85 -12.89 33.26
CA GLY I 162 -19.96 -12.93 31.82
C GLY I 162 -18.75 -13.45 31.09
N ALA I 163 -17.81 -14.09 31.78
CA ALA I 163 -16.62 -14.59 31.11
C ALA I 163 -17.01 -15.52 29.96
N ASP I 164 -16.40 -15.31 28.79
CA ASP I 164 -16.58 -16.23 27.68
C ASP I 164 -15.66 -17.44 27.78
N PHE I 165 -14.55 -17.30 28.51
CA PHE I 165 -13.60 -18.35 28.85
C PHE I 165 -13.12 -18.13 30.27
N ILE I 166 -12.79 -19.21 30.95
CA ILE I 166 -11.96 -19.14 32.14
C ILE I 166 -10.63 -19.79 31.80
N LYS I 167 -9.55 -19.14 32.21
CA LYS I 167 -8.19 -19.47 31.82
C LYS I 167 -7.37 -19.72 33.10
N THR I 168 -6.58 -20.79 33.12
CA THR I 168 -5.94 -21.21 34.37
C THR I 168 -4.97 -20.16 34.91
N SER I 169 -4.15 -19.58 34.04
CA SER I 169 -2.88 -18.99 34.49
C SER I 169 -2.42 -17.89 33.53
N THR I 170 -1.57 -17.01 34.04
CA THR I 170 -0.86 -16.06 33.19
C THR I 170 0.30 -16.69 32.45
N GLY I 171 0.82 -17.82 32.95
CA GLY I 171 2.04 -18.38 32.45
C GLY I 171 3.29 -17.78 33.04
N LEU I 172 3.15 -16.79 33.93
CA LEU I 172 4.29 -16.05 34.45
C LEU I 172 4.46 -16.24 35.95
N VAL I 173 3.73 -17.17 36.56
CA VAL I 173 3.95 -17.46 37.98
C VAL I 173 4.53 -18.87 38.08
N ALA I 174 4.88 -19.29 39.31
CA ALA I 174 5.63 -20.53 39.49
C ALA I 174 4.81 -21.76 39.12
N VAL I 175 3.52 -21.76 39.44
CA VAL I 175 2.63 -22.88 39.17
C VAL I 175 1.55 -22.35 38.24
N ASN I 176 1.46 -22.95 37.06
CA ASN I 176 0.45 -22.59 36.08
C ASN I 176 -0.59 -23.72 36.01
N ALA I 177 -1.00 -24.18 34.84
CA ALA I 177 -2.01 -25.23 34.80
C ALA I 177 -1.48 -26.52 35.42
N THR I 178 -2.38 -27.28 36.02
CA THR I 178 -2.14 -28.64 36.46
C THR I 178 -3.34 -29.48 36.05
N PRO I 179 -3.19 -30.80 35.96
CA PRO I 179 -4.35 -31.65 35.64
C PRO I 179 -5.49 -31.46 36.61
N GLU I 180 -5.20 -31.18 37.88
CA GLU I 180 -6.25 -31.02 38.87
C GLU I 180 -6.97 -29.69 38.70
N SER I 181 -6.23 -28.60 38.49
CA SER I 181 -6.89 -27.33 38.31
C SER I 181 -7.66 -27.32 37.00
N ALA I 182 -7.14 -27.97 35.97
CA ALA I 182 -7.91 -28.13 34.75
C ALA I 182 -9.25 -28.82 35.01
N ARG I 183 -9.21 -29.93 35.77
CA ARG I 183 -10.44 -30.67 36.04
C ARG I 183 -11.40 -29.88 36.92
N ILE I 184 -10.89 -29.21 37.95
CA ILE I 184 -11.76 -28.42 38.83
C ILE I 184 -12.50 -27.35 38.03
N MET I 185 -11.78 -26.62 37.20
CA MET I 185 -12.39 -25.52 36.46
C MET I 185 -13.41 -26.00 35.44
N MET I 186 -13.09 -27.07 34.70
CA MET I 186 -14.06 -27.59 33.75
C MET I 186 -15.28 -28.18 34.44
N GLU I 187 -15.08 -28.74 35.64
CA GLU I 187 -16.22 -29.21 36.44
C GLU I 187 -17.15 -28.04 36.77
N VAL I 188 -16.58 -26.86 37.06
CA VAL I 188 -17.41 -25.69 37.36
C VAL I 188 -18.27 -25.33 36.16
N ILE I 189 -17.67 -25.32 34.98
CA ILE I 189 -18.43 -25.07 33.76
C ILE I 189 -19.58 -26.07 33.65
N ARG I 190 -19.28 -27.35 33.87
CA ARG I 190 -20.31 -28.38 33.84
C ARG I 190 -21.33 -28.18 34.95
N ASP I 191 -20.86 -27.95 36.19
CA ASP I 191 -21.79 -27.87 37.31
C ASP I 191 -22.72 -26.67 37.19
N MET I 192 -22.31 -25.61 36.51
CA MET I 192 -23.18 -24.47 36.30
C MET I 192 -24.02 -24.58 35.04
N GLY I 193 -23.80 -25.61 34.23
CA GLY I 193 -24.57 -25.79 33.00
C GLY I 193 -24.31 -24.74 31.95
N VAL I 194 -23.08 -24.23 31.87
CA VAL I 194 -22.74 -23.17 30.93
C VAL I 194 -21.73 -23.65 29.90
N GLU I 195 -21.72 -24.96 29.60
CA GLU I 195 -20.75 -25.50 28.66
C GLU I 195 -20.92 -24.96 27.23
N LYS I 196 -22.11 -24.50 26.87
CA LYS I 196 -22.27 -23.95 25.53
C LYS I 196 -21.68 -22.55 25.40
N SER I 197 -21.69 -21.76 26.48
CA SER I 197 -21.29 -20.36 26.42
C SER I 197 -19.93 -20.05 27.04
N VAL I 198 -19.34 -20.99 27.79
CA VAL I 198 -18.07 -20.73 28.45
C VAL I 198 -17.09 -21.82 28.07
N GLY I 199 -15.93 -21.41 27.55
CA GLY I 199 -14.87 -22.32 27.23
C GLY I 199 -13.78 -22.33 28.31
N PHE I 200 -12.83 -23.22 28.10
CA PHE I 200 -11.75 -23.43 29.05
C PHE I 200 -10.41 -23.32 28.35
N LYS I 201 -9.45 -22.66 28.98
CA LYS I 201 -8.12 -22.49 28.42
C LYS I 201 -7.08 -22.91 29.44
N VAL I 202 -6.25 -23.87 29.06
CA VAL I 202 -5.15 -24.36 29.88
C VAL I 202 -3.89 -23.62 29.45
N THR I 203 -3.25 -22.93 30.39
CA THR I 203 -2.02 -22.20 30.12
C THR I 203 -0.86 -22.79 30.90
N GLY I 204 0.21 -23.14 30.20
CA GLY I 204 1.29 -23.85 30.84
C GLY I 204 0.84 -25.27 31.14
N GLY I 205 1.54 -25.90 32.07
CA GLY I 205 1.20 -27.25 32.44
C GLY I 205 1.58 -28.27 31.38
N ALA I 206 0.91 -28.21 30.24
CA ALA I 206 1.20 -29.14 29.15
C ALA I 206 2.56 -28.85 28.58
N ARG I 207 3.43 -29.86 28.61
CA ARG I 207 4.77 -29.74 28.07
C ARG I 207 4.98 -30.61 26.84
N THR I 208 4.28 -31.74 26.73
CA THR I 208 4.46 -32.69 25.65
C THR I 208 3.14 -32.96 24.95
N ALA I 209 3.25 -33.57 23.76
CA ALA I 209 2.04 -33.97 23.03
C ALA I 209 1.22 -34.94 23.85
N GLU I 210 1.87 -35.80 24.62
CA GLU I 210 1.15 -36.72 25.50
C GLU I 210 0.36 -35.97 26.57
N ASP I 211 0.96 -34.92 27.16
CA ASP I 211 0.25 -34.09 28.15
C ASP I 211 -1.02 -33.48 27.55
N ALA I 212 -0.88 -32.89 26.37
CA ALA I 212 -2.01 -32.24 25.72
C ALA I 212 -3.15 -33.23 25.51
N GLN I 213 -2.81 -34.47 25.17
CA GLN I 213 -3.84 -35.48 24.96
C GLN I 213 -4.64 -35.69 26.23
N LYS I 214 -3.97 -35.75 27.39
CA LYS I 214 -4.68 -35.98 28.63
C LYS I 214 -5.54 -34.80 29.02
N TYR I 215 -5.04 -33.58 28.78
CA TYR I 215 -5.84 -32.40 29.06
C TYR I 215 -7.11 -32.37 28.21
N LEU I 216 -7.00 -32.70 26.92
CA LEU I 216 -8.19 -32.82 26.08
C LEU I 216 -9.06 -34.00 26.52
N ALA I 217 -8.43 -35.07 26.99
CA ALA I 217 -9.21 -36.20 27.49
C ALA I 217 -10.13 -35.80 28.63
N ILE I 218 -9.72 -34.83 29.46
CA ILE I 218 -10.59 -34.36 30.54
C ILE I 218 -11.85 -33.72 29.97
N ALA I 219 -11.70 -32.82 28.99
CA ALA I 219 -12.86 -32.22 28.35
C ALA I 219 -13.72 -33.27 27.65
N ASP I 220 -13.08 -34.22 26.97
CA ASP I 220 -13.85 -35.26 26.29
C ASP I 220 -14.65 -36.10 27.28
N GLU I 221 -14.10 -36.31 28.47
CA GLU I 221 -14.80 -37.08 29.49
C GLU I 221 -16.00 -36.31 30.06
N LEU I 222 -15.84 -35.02 30.36
CA LEU I 222 -16.86 -34.27 31.07
C LEU I 222 -17.99 -33.81 30.15
N PHE I 223 -17.65 -33.48 28.91
CA PHE I 223 -18.60 -33.05 27.90
C PHE I 223 -18.49 -34.05 26.75
N GLY I 224 -19.17 -33.80 25.66
CA GLY I 224 -18.97 -34.63 24.49
C GLY I 224 -17.52 -34.60 24.02
N ALA I 225 -17.15 -35.59 23.22
CA ALA I 225 -15.91 -35.45 22.44
C ALA I 225 -16.03 -34.38 21.37
N ASP I 226 -17.23 -33.83 21.16
CA ASP I 226 -17.45 -32.75 20.20
C ASP I 226 -17.40 -31.37 20.85
N TRP I 227 -17.28 -31.30 22.17
CA TRP I 227 -17.43 -30.02 22.85
C TRP I 227 -16.24 -29.11 22.60
N ALA I 228 -15.03 -29.66 22.59
CA ALA I 228 -13.78 -28.89 22.63
C ALA I 228 -13.38 -28.35 21.26
N ASP I 229 -14.21 -27.45 20.72
CA ASP I 229 -13.84 -26.71 19.53
C ASP I 229 -13.15 -25.40 19.93
N ALA I 230 -12.82 -24.57 18.93
CA ALA I 230 -12.08 -23.35 19.20
C ALA I 230 -12.86 -22.41 20.11
N ARG I 231 -14.19 -22.45 20.05
CA ARG I 231 -14.99 -21.60 20.92
C ARG I 231 -14.97 -22.06 22.38
N HIS I 232 -14.53 -23.29 22.66
CA HIS I 232 -14.64 -23.84 24.01
C HIS I 232 -13.35 -24.36 24.63
N TYR I 233 -12.26 -24.45 23.89
CA TYR I 233 -11.04 -25.02 24.45
C TYR I 233 -9.83 -24.38 23.78
N ARG I 234 -8.83 -24.00 24.58
CA ARG I 234 -7.58 -23.48 24.05
C ARG I 234 -6.40 -24.00 24.86
N PHE I 235 -5.28 -24.18 24.17
CA PHE I 235 -3.96 -24.33 24.80
C PHE I 235 -3.23 -23.02 24.67
N GLY I 236 -2.95 -22.39 25.79
CA GLY I 236 -2.06 -21.26 25.80
C GLY I 236 -0.66 -21.79 25.94
N ALA I 237 0.13 -21.69 24.88
CA ALA I 237 1.37 -22.44 24.84
C ALA I 237 2.40 -21.74 23.97
N SER I 238 3.65 -22.13 24.19
CA SER I 238 4.77 -21.72 23.35
C SER I 238 5.51 -22.97 22.91
N GLY I 239 6.32 -23.54 23.84
CA GLY I 239 7.12 -24.72 23.58
C GLY I 239 6.33 -25.97 23.23
N LEU I 240 5.04 -26.04 23.62
CA LEU I 240 4.23 -27.20 23.29
C LEU I 240 4.10 -27.42 21.79
N LEU I 241 4.13 -26.34 21.00
CA LEU I 241 3.92 -26.48 19.56
C LEU I 241 4.98 -27.38 18.92
N ALA I 242 6.23 -27.25 19.32
CA ALA I 242 7.28 -28.10 18.77
C ALA I 242 7.05 -29.57 19.13
N SER I 243 6.56 -29.84 20.34
CA SER I 243 6.30 -31.23 20.72
C SER I 243 5.16 -31.80 19.88
N LEU I 244 4.13 -31.01 19.62
CA LEU I 244 3.04 -31.45 18.75
C LEU I 244 3.52 -31.66 17.32
N LEU I 245 4.29 -30.71 16.80
CA LEU I 245 4.78 -30.85 15.43
C LEU I 245 5.66 -32.09 15.29
N LYS I 246 6.54 -32.32 16.27
CA LYS I 246 7.39 -33.50 16.21
C LYS I 246 6.56 -34.78 16.29
N ALA I 247 5.53 -34.79 17.12
CA ALA I 247 4.62 -35.94 17.15
C ALA I 247 3.96 -36.16 15.80
N LEU I 248 3.75 -35.11 15.03
CA LEU I 248 3.15 -35.22 13.70
C LEU I 248 4.19 -35.42 12.61
N GLY I 249 5.45 -35.62 12.98
CA GLY I 249 6.49 -35.86 12.01
C GLY I 249 7.08 -34.63 11.35
N HIS I 250 7.18 -33.51 12.08
CA HIS I 250 7.75 -32.31 11.50
C HIS I 250 8.84 -31.70 12.37
N GLY I 251 8.71 -31.80 13.68
CA GLY I 251 9.72 -31.30 14.58
C GLY I 251 11.02 -32.08 14.49
N THR J 2 -36.70 41.14 -19.49
CA THR J 2 -37.33 40.05 -18.75
C THR J 2 -38.16 39.17 -19.69
N ASP J 3 -38.43 39.67 -20.90
CA ASP J 3 -39.22 38.85 -21.83
C ASP J 3 -38.40 37.69 -22.38
N LEU J 4 -37.07 37.82 -22.42
CA LEU J 4 -36.26 36.66 -22.76
C LEU J 4 -36.14 35.72 -21.58
N LYS J 5 -36.46 36.17 -20.37
CA LYS J 5 -36.47 35.28 -19.23
C LYS J 5 -37.79 34.52 -19.13
N ALA J 6 -38.92 35.20 -19.38
CA ALA J 6 -40.21 34.52 -19.36
C ALA J 6 -40.31 33.43 -20.44
N SER J 7 -40.00 33.79 -21.70
CA SER J 7 -40.10 32.79 -22.76
C SER J 7 -39.06 31.68 -22.58
N SER J 8 -37.89 31.99 -22.01
CA SER J 8 -36.90 30.96 -21.76
C SER J 8 -37.41 29.93 -20.76
N LEU J 9 -38.05 30.39 -19.67
CA LEU J 9 -38.61 29.45 -18.71
C LEU J 9 -39.70 28.61 -19.34
N ARG J 10 -40.53 29.24 -20.18
CA ARG J 10 -41.56 28.50 -20.89
C ARG J 10 -40.96 27.44 -21.81
N ALA J 11 -39.93 27.84 -22.58
CA ALA J 11 -39.30 26.90 -23.51
C ALA J 11 -38.68 25.74 -22.77
N LEU J 12 -38.07 26.02 -21.62
CA LEU J 12 -37.47 24.97 -20.81
C LEU J 12 -38.51 23.93 -20.38
N LYS J 13 -39.67 24.41 -19.92
CA LYS J 13 -40.74 23.52 -19.49
C LYS J 13 -41.44 22.83 -20.65
N LEU J 14 -41.09 23.19 -21.90
CA LEU J 14 -41.59 22.53 -23.08
C LEU J 14 -40.53 21.65 -23.74
N MET J 15 -39.41 21.41 -23.08
CA MET J 15 -38.29 20.75 -23.71
C MET J 15 -38.41 19.22 -23.61
N ASP J 16 -38.22 18.54 -24.74
CA ASP J 16 -37.85 17.12 -24.76
C ASP J 16 -36.33 17.11 -24.78
N LEU J 17 -35.71 16.83 -23.64
CA LEU J 17 -34.26 16.97 -23.52
C LEU J 17 -33.54 15.69 -23.90
N SER J 18 -32.50 15.80 -24.72
CA SER J 18 -31.65 14.65 -25.04
C SER J 18 -30.19 15.00 -24.75
N THR J 19 -29.33 13.99 -24.77
CA THR J 19 -27.90 14.18 -24.44
C THR J 19 -27.20 15.01 -25.49
N ASP J 23 -23.98 10.19 -27.08
CA ASP J 23 -23.82 9.78 -25.69
C ASP J 23 -25.04 9.05 -25.16
N TYR J 24 -24.94 7.73 -25.10
CA TYR J 24 -26.06 6.88 -24.74
C TYR J 24 -25.76 5.95 -23.58
N THR J 25 -24.56 6.01 -23.00
CA THR J 25 -24.22 5.10 -21.92
C THR J 25 -25.17 5.31 -20.76
N ASP J 26 -25.27 4.27 -19.93
CA ASP J 26 -26.07 4.38 -18.72
C ASP J 26 -25.66 5.62 -17.95
N GLU J 27 -24.35 5.89 -17.92
CA GLU J 27 -23.87 7.04 -17.18
C GLU J 27 -24.41 8.33 -17.79
N LYS J 28 -24.42 8.44 -19.13
CA LYS J 28 -24.92 9.65 -19.78
C LYS J 28 -26.44 9.80 -19.65
N VAL J 29 -27.19 8.70 -19.67
CA VAL J 29 -28.62 8.80 -19.49
C VAL J 29 -28.94 9.22 -18.06
N ILE J 30 -28.24 8.65 -17.09
CA ILE J 30 -28.46 9.08 -15.71
C ILE J 30 -28.20 10.58 -15.57
N ALA J 31 -27.05 11.04 -16.10
CA ALA J 31 -26.74 12.47 -16.04
C ALA J 31 -27.79 13.30 -16.76
N LEU J 32 -28.34 12.78 -17.86
CA LEU J 32 -29.39 13.48 -18.57
C LEU J 32 -30.64 13.65 -17.71
N CYS J 33 -31.02 12.60 -16.97
CA CYS J 33 -32.15 12.71 -16.04
C CYS J 33 -31.91 13.80 -14.99
N HIS J 34 -30.69 13.87 -14.47
CA HIS J 34 -30.37 14.94 -13.53
C HIS J 34 -30.47 16.29 -14.22
N GLN J 35 -29.99 16.38 -15.47
CA GLN J 35 -30.00 17.64 -16.21
C GLN J 35 -31.43 18.12 -16.46
N ALA J 36 -32.38 17.19 -16.56
CA ALA J 36 -33.78 17.54 -16.82
C ALA J 36 -34.45 18.19 -15.62
N LYS J 37 -33.97 17.91 -14.40
CA LYS J 37 -34.42 18.56 -13.17
C LYS J 37 -33.56 19.80 -12.97
N THR J 38 -33.96 20.90 -13.58
CA THR J 38 -33.12 22.09 -13.60
C THR J 38 -33.37 22.94 -12.37
N PRO J 39 -32.50 23.92 -12.12
CA PRO J 39 -32.74 24.86 -11.02
C PRO J 39 -34.07 25.60 -11.11
N VAL J 40 -34.58 25.87 -12.30
CA VAL J 40 -35.78 26.69 -12.42
C VAL J 40 -37.05 25.87 -12.65
N GLY J 41 -36.94 24.56 -12.83
CA GLY J 41 -38.09 23.75 -13.17
C GLY J 41 -37.66 22.51 -13.95
N ASN J 42 -38.64 21.64 -14.19
CA ASN J 42 -38.39 20.41 -14.95
C ASN J 42 -38.73 20.61 -16.42
N THR J 43 -37.90 20.01 -17.29
CA THR J 43 -38.30 19.90 -18.68
C THR J 43 -39.55 19.05 -18.82
N ALA J 44 -40.19 19.13 -19.97
CA ALA J 44 -41.38 18.32 -20.22
C ALA J 44 -41.04 16.84 -20.26
N ALA J 45 -39.90 16.50 -20.84
CA ALA J 45 -39.59 15.10 -21.09
C ALA J 45 -38.08 14.96 -21.27
N ILE J 46 -37.62 13.72 -21.29
CA ILE J 46 -36.31 13.39 -21.83
C ILE J 46 -36.52 12.49 -23.04
N SER J 47 -35.59 12.58 -24.01
CA SER J 47 -35.61 11.82 -25.25
C SER J 47 -34.41 10.89 -25.27
N ILE J 48 -34.66 9.58 -25.28
CA ILE J 48 -33.62 8.59 -25.13
C ILE J 48 -33.94 7.41 -26.05
N TYR J 49 -32.95 6.55 -26.28
CA TYR J 49 -33.22 5.35 -27.03
C TYR J 49 -34.00 4.35 -26.18
N PRO J 50 -34.78 3.46 -26.83
CA PRO J 50 -35.72 2.60 -26.08
C PRO J 50 -35.08 1.76 -24.98
N ARG J 51 -33.87 1.24 -25.19
CA ARG J 51 -33.26 0.35 -24.19
C ARG J 51 -32.93 1.08 -22.89
N SER J 52 -32.86 2.41 -22.93
CA SER J 52 -32.55 3.22 -21.75
C SER J 52 -33.77 3.59 -20.93
N ILE J 53 -34.96 3.24 -21.40
CA ILE J 53 -36.20 3.66 -20.73
C ILE J 53 -36.31 3.10 -19.32
N PRO J 54 -36.09 1.81 -19.07
CA PRO J 54 -36.26 1.31 -17.69
C PRO J 54 -35.34 2.00 -16.69
N ILE J 55 -34.07 2.19 -17.01
CA ILE J 55 -33.17 2.83 -16.05
C ILE J 55 -33.50 4.32 -15.93
N ALA J 56 -33.94 4.96 -17.00
CA ALA J 56 -34.35 6.35 -16.92
C ALA J 56 -35.59 6.51 -16.04
N ARG J 57 -36.55 5.61 -16.17
CA ARG J 57 -37.74 5.75 -15.35
C ARG J 57 -37.38 5.65 -13.87
N LYS J 58 -36.53 4.68 -13.54
CA LYS J 58 -36.07 4.56 -12.16
C LYS J 58 -35.32 5.81 -11.72
N THR J 59 -34.46 6.35 -12.60
CA THR J 59 -33.67 7.51 -12.20
C THR J 59 -34.53 8.71 -11.91
N LEU J 60 -35.52 8.98 -12.79
CA LEU J 60 -36.44 10.10 -12.62
C LEU J 60 -37.27 9.94 -11.35
N LYS J 61 -37.77 8.73 -11.09
CA LYS J 61 -38.52 8.50 -9.86
C LYS J 61 -37.64 8.76 -8.65
N GLU J 62 -36.41 8.29 -8.70
CA GLU J 62 -35.57 8.39 -7.52
C GLU J 62 -35.10 9.81 -7.28
N GLN J 63 -34.93 10.61 -8.33
CA GLN J 63 -34.59 12.01 -8.09
C GLN J 63 -35.81 12.84 -7.76
N GLY J 64 -36.98 12.21 -7.69
CA GLY J 64 -38.20 12.90 -7.30
C GLY J 64 -38.92 13.65 -8.39
N THR J 65 -38.70 13.31 -9.67
CA THR J 65 -39.39 13.96 -10.78
C THR J 65 -40.10 12.92 -11.64
N PRO J 66 -41.09 12.21 -11.09
CA PRO J 66 -41.76 11.15 -11.88
C PRO J 66 -42.61 11.69 -13.02
N GLU J 67 -42.94 12.98 -13.01
CA GLU J 67 -43.80 13.57 -14.03
C GLU J 67 -43.05 14.01 -15.28
N ILE J 68 -41.72 13.98 -15.26
CA ILE J 68 -40.95 14.20 -16.48
C ILE J 68 -41.19 13.01 -17.41
N ARG J 69 -41.70 13.29 -18.60
CA ARG J 69 -42.08 12.24 -19.52
C ARG J 69 -40.83 11.57 -20.10
N ILE J 70 -41.00 10.32 -20.52
CA ILE J 70 -39.92 9.65 -21.24
C ILE J 70 -40.39 9.49 -22.67
N ALA J 71 -39.70 10.15 -23.58
CA ALA J 71 -39.97 10.03 -25.00
C ALA J 71 -38.86 9.21 -25.64
N THR J 72 -39.21 8.44 -26.66
CA THR J 72 -38.20 7.66 -27.36
C THR J 72 -38.49 7.72 -28.86
N VAL J 73 -37.68 6.99 -29.65
CA VAL J 73 -37.75 7.06 -31.11
C VAL J 73 -37.82 5.66 -31.70
N THR J 74 -38.53 5.57 -32.83
CA THR J 74 -38.64 4.35 -33.61
C THR J 74 -38.57 4.72 -35.09
N ASN J 75 -38.29 3.70 -35.91
CA ASN J 75 -38.03 3.86 -37.35
C ASN J 75 -36.93 4.87 -37.60
N PHE J 76 -35.95 4.91 -36.70
CA PHE J 76 -35.12 6.08 -36.47
C PHE J 76 -33.66 5.76 -36.75
N PRO J 77 -32.92 6.67 -37.41
CA PRO J 77 -33.41 7.95 -37.95
C PRO J 77 -33.74 7.81 -39.43
N HIS J 78 -33.69 6.58 -39.95
CA HIS J 78 -33.70 6.37 -41.39
C HIS J 78 -35.04 6.70 -42.01
N GLY J 79 -36.14 6.45 -41.29
CA GLY J 79 -37.45 6.56 -41.90
C GLY J 79 -37.66 5.56 -43.02
N ASN J 80 -37.27 4.31 -42.83
CA ASN J 80 -37.51 3.29 -43.86
C ASN J 80 -39.01 3.04 -44.02
N ASP J 81 -39.36 2.33 -45.10
CA ASP J 81 -40.76 2.12 -45.46
C ASP J 81 -41.27 0.73 -45.10
N ASP J 82 -40.59 0.03 -44.18
CA ASP J 82 -41.01 -1.29 -43.72
C ASP J 82 -41.89 -1.09 -42.50
N ILE J 83 -43.20 -1.27 -42.68
CA ILE J 83 -44.13 -0.98 -41.58
C ILE J 83 -43.97 -1.99 -40.44
N GLU J 84 -43.82 -3.28 -40.75
CA GLU J 84 -43.77 -4.26 -39.67
C GLU J 84 -42.55 -4.03 -38.77
N ILE J 85 -41.45 -3.52 -39.33
CA ILE J 85 -40.29 -3.20 -38.50
C ILE J 85 -40.57 -1.97 -37.64
N ALA J 86 -41.12 -0.91 -38.26
CA ALA J 86 -41.46 0.28 -37.49
C ALA J 86 -42.45 -0.06 -36.38
N LEU J 87 -43.43 -0.91 -36.69
CA LEU J 87 -44.45 -1.28 -35.71
C LEU J 87 -43.86 -2.13 -34.59
N ALA J 88 -42.95 -3.06 -34.94
CA ALA J 88 -42.31 -3.87 -33.91
C ALA J 88 -41.45 -3.01 -32.98
N GLU J 89 -40.68 -2.08 -33.54
CA GLU J 89 -39.93 -1.14 -32.70
C GLU J 89 -40.85 -0.30 -31.83
N THR J 90 -41.96 0.18 -32.39
CA THR J 90 -42.90 0.96 -31.59
C THR J 90 -43.49 0.12 -30.46
N ARG J 91 -43.85 -1.13 -30.73
CA ARG J 91 -44.38 -1.98 -29.66
C ARG J 91 -43.34 -2.23 -28.59
N ALA J 92 -42.07 -2.40 -28.99
CA ALA J 92 -41.04 -2.62 -27.99
C ALA J 92 -40.86 -1.37 -27.13
N ALA J 93 -40.90 -0.19 -27.76
CA ALA J 93 -40.81 1.08 -27.05
C ALA J 93 -41.91 1.22 -26.00
N ILE J 94 -43.14 0.90 -26.37
CA ILE J 94 -44.26 0.86 -25.44
C ILE J 94 -43.97 -0.11 -24.29
N ALA J 95 -43.45 -1.29 -24.62
CA ALA J 95 -43.26 -2.32 -23.60
C ALA J 95 -42.15 -1.95 -22.61
N TYR J 96 -41.10 -1.27 -23.10
CA TYR J 96 -40.05 -0.75 -22.22
C TYR J 96 -40.61 0.25 -21.22
N GLY J 97 -41.72 0.89 -21.54
CA GLY J 97 -42.35 1.84 -20.63
C GLY J 97 -42.39 3.27 -21.14
N ALA J 98 -42.22 3.49 -22.45
CA ALA J 98 -42.22 4.87 -22.95
C ALA J 98 -43.54 5.59 -22.66
N ASP J 99 -43.45 6.90 -22.39
CA ASP J 99 -44.67 7.70 -22.39
C ASP J 99 -45.04 8.19 -23.77
N GLU J 100 -44.04 8.40 -24.64
CA GLU J 100 -44.20 8.98 -25.96
C GLU J 100 -43.23 8.31 -26.91
N VAL J 101 -43.67 8.09 -28.15
CA VAL J 101 -42.85 7.47 -29.19
C VAL J 101 -42.79 8.45 -30.34
N ASP J 102 -41.58 8.82 -30.77
CA ASP J 102 -41.36 9.67 -31.93
C ASP J 102 -40.95 8.79 -33.10
N VAL J 103 -41.84 8.57 -34.04
CA VAL J 103 -41.57 7.65 -35.14
C VAL J 103 -41.18 8.46 -36.38
N VAL J 104 -40.16 8.00 -37.10
CA VAL J 104 -39.76 8.72 -38.31
C VAL J 104 -40.71 8.33 -39.44
N PHE J 105 -41.34 9.34 -40.03
CA PHE J 105 -42.17 9.17 -41.22
C PHE J 105 -41.32 8.63 -42.36
N PRO J 106 -41.86 7.72 -43.19
CA PRO J 106 -41.09 7.28 -44.38
C PRO J 106 -41.11 8.35 -45.46
N TYR J 107 -40.32 9.41 -45.24
CA TYR J 107 -40.36 10.58 -46.11
C TYR J 107 -39.76 10.29 -47.48
N ARG J 108 -38.77 9.41 -47.55
CA ARG J 108 -38.22 9.11 -48.87
C ARG J 108 -39.28 8.45 -49.75
N ALA J 109 -40.10 7.58 -49.17
CA ALA J 109 -41.20 7.00 -49.93
C ALA J 109 -42.16 8.08 -50.39
N LEU J 110 -42.50 9.02 -49.50
CA LEU J 110 -43.33 10.14 -49.92
C LEU J 110 -42.65 10.92 -51.04
N MET J 111 -41.33 11.15 -50.90
CA MET J 111 -40.59 11.82 -51.96
C MET J 111 -40.67 11.05 -53.26
N ALA J 112 -40.76 9.72 -53.19
CA ALA J 112 -40.88 8.91 -54.39
C ALA J 112 -42.31 8.78 -54.90
N GLY J 113 -43.27 9.45 -54.28
CA GLY J 113 -44.62 9.45 -54.77
C GLY J 113 -45.57 8.48 -54.10
N ASN J 114 -45.13 7.83 -53.03
CA ASN J 114 -45.93 6.87 -52.27
C ASN J 114 -46.44 7.55 -51.01
N GLU J 115 -47.64 8.13 -51.08
CA GLU J 115 -48.25 8.69 -49.88
C GLU J 115 -48.83 7.61 -48.98
N GLN J 116 -49.22 6.49 -49.56
CA GLN J 116 -50.00 5.51 -48.81
C GLN J 116 -49.18 4.86 -47.69
N VAL J 117 -47.91 4.56 -47.95
CA VAL J 117 -47.11 3.81 -46.98
C VAL J 117 -46.86 4.64 -45.72
N GLY J 118 -46.70 5.96 -45.87
CA GLY J 118 -46.57 6.83 -44.72
C GLY J 118 -47.85 6.87 -43.90
N PHE J 119 -48.99 6.95 -44.58
CA PHE J 119 -50.27 6.86 -43.90
C PHE J 119 -50.41 5.54 -43.15
N ASP J 120 -50.11 4.42 -43.82
CA ASP J 120 -50.28 3.12 -43.17
C ASP J 120 -49.32 2.95 -42.01
N LEU J 121 -48.09 3.45 -42.15
CA LEU J 121 -47.08 3.28 -41.11
C LEU J 121 -47.44 4.08 -39.87
N VAL J 122 -47.80 5.35 -40.05
CA VAL J 122 -48.20 6.16 -38.90
C VAL J 122 -49.45 5.58 -38.25
N LYS J 123 -50.41 5.16 -39.06
CA LYS J 123 -51.65 4.59 -38.55
C LYS J 123 -51.38 3.34 -37.72
N ALA J 124 -50.51 2.46 -38.21
CA ALA J 124 -50.18 1.26 -37.46
C ALA J 124 -49.54 1.61 -36.12
N CYS J 125 -48.57 2.53 -36.12
CA CYS J 125 -47.90 2.89 -34.88
C CYS J 125 -48.84 3.64 -33.92
N LYS J 126 -49.72 4.50 -34.45
CA LYS J 126 -50.67 5.19 -33.58
C LYS J 126 -51.62 4.21 -32.90
N GLU J 127 -52.13 3.22 -33.65
CA GLU J 127 -53.06 2.26 -33.05
C GLU J 127 -52.40 1.53 -31.89
N ALA J 128 -51.12 1.18 -32.04
CA ALA J 128 -50.38 0.57 -30.95
C ALA J 128 -50.24 1.53 -29.76
N CYS J 129 -49.85 2.78 -30.04
CA CYS J 129 -49.65 3.75 -28.97
C CYS J 129 -50.96 4.08 -28.26
N ALA J 130 -52.02 4.29 -29.03
CA ALA J 130 -53.32 4.63 -28.46
C ALA J 130 -53.82 3.54 -27.54
N ALA J 131 -53.61 2.27 -27.89
CA ALA J 131 -54.04 1.18 -27.02
C ALA J 131 -53.31 1.20 -25.68
N ALA J 132 -52.12 1.78 -25.63
CA ALA J 132 -51.31 1.83 -24.42
C ALA J 132 -51.31 3.20 -23.75
N ASN J 133 -52.16 4.13 -24.21
CA ASN J 133 -52.17 5.51 -23.70
C ASN J 133 -50.83 6.20 -23.92
N VAL J 134 -50.17 5.91 -25.04
CA VAL J 134 -48.88 6.51 -25.35
C VAL J 134 -49.07 7.53 -26.46
N LEU J 135 -48.35 8.66 -26.37
CA LEU J 135 -48.44 9.70 -27.41
C LEU J 135 -47.51 9.36 -28.58
N LEU J 136 -47.98 9.60 -29.80
CA LEU J 136 -47.19 9.34 -31.00
C LEU J 136 -46.85 10.66 -31.67
N LYS J 137 -45.55 10.98 -31.73
CA LYS J 137 -45.05 12.09 -32.52
C LYS J 137 -44.52 11.54 -33.85
N VAL J 138 -44.75 12.28 -34.94
CA VAL J 138 -44.27 11.82 -36.24
C VAL J 138 -43.19 12.79 -36.73
N ILE J 139 -41.97 12.29 -36.87
CA ILE J 139 -40.86 13.05 -37.41
C ILE J 139 -40.98 13.02 -38.93
N ILE J 140 -41.22 14.16 -39.56
CA ILE J 140 -41.34 14.14 -41.03
C ILE J 140 -40.04 14.45 -41.76
N GLU J 141 -39.00 14.91 -41.05
CA GLU J 141 -37.71 15.26 -41.61
C GLU J 141 -37.84 16.35 -42.67
N SER J 142 -38.36 17.50 -42.22
CA SER J 142 -38.61 18.63 -43.13
C SER J 142 -37.34 19.11 -43.79
N GLY J 143 -36.19 18.92 -43.14
CA GLY J 143 -34.94 19.35 -43.75
C GLY J 143 -34.47 18.47 -44.90
N GLU J 144 -35.01 17.26 -45.00
CA GLU J 144 -34.81 16.40 -46.17
C GLU J 144 -35.94 16.52 -47.18
N LEU J 145 -37.17 16.76 -46.73
CA LEU J 145 -38.26 17.01 -47.67
C LEU J 145 -38.03 18.30 -48.44
N LYS J 146 -37.61 19.36 -47.74
CA LYS J 146 -37.19 20.66 -48.28
C LYS J 146 -38.32 21.45 -48.95
N ASP J 147 -39.00 20.86 -49.91
CA ASP J 147 -40.05 21.57 -50.64
C ASP J 147 -41.25 21.83 -49.72
N GLU J 148 -41.77 23.06 -49.76
CA GLU J 148 -42.89 23.43 -48.90
C GLU J 148 -44.08 22.50 -49.08
N ALA J 149 -44.42 22.18 -50.33
CA ALA J 149 -45.59 21.33 -50.59
C ALA J 149 -45.38 19.93 -50.05
N LEU J 150 -44.15 19.43 -50.09
CA LEU J 150 -43.88 18.12 -49.50
C LEU J 150 -43.95 18.18 -47.98
N ILE J 151 -43.48 19.28 -47.39
CA ILE J 151 -43.58 19.40 -45.93
C ILE J 151 -45.04 19.43 -45.50
N ARG J 152 -45.88 20.19 -46.22
CA ARG J 152 -47.31 20.21 -45.90
C ARG J 152 -47.93 18.84 -46.08
N LYS J 153 -47.59 18.15 -47.18
CA LYS J 153 -48.21 16.85 -47.45
C LYS J 153 -47.83 15.80 -46.41
N ALA J 154 -46.55 15.73 -46.02
CA ALA J 154 -46.16 14.81 -44.97
C ALA J 154 -46.86 15.12 -43.65
N SER J 155 -47.02 16.42 -43.35
CA SER J 155 -47.76 16.83 -42.15
C SER J 155 -49.22 16.40 -42.24
N GLU J 156 -49.86 16.62 -43.40
CA GLU J 156 -51.26 16.26 -43.58
C GLU J 156 -51.47 14.76 -43.44
N ILE J 157 -50.61 13.96 -44.09
CA ILE J 157 -50.73 12.50 -44.02
C ILE J 157 -50.63 12.04 -42.57
N SER J 158 -49.61 12.53 -41.86
CA SER J 158 -49.40 12.11 -40.48
C SER J 158 -50.60 12.47 -39.62
N ILE J 159 -51.13 13.69 -39.80
CA ILE J 159 -52.31 14.10 -39.05
C ILE J 159 -53.49 13.20 -39.39
N LYS J 160 -53.72 12.92 -40.67
CA LYS J 160 -54.83 12.04 -41.00
C LYS J 160 -54.66 10.65 -40.39
N ALA J 161 -53.42 10.20 -40.24
CA ALA J 161 -53.17 8.86 -39.75
C ALA J 161 -53.23 8.77 -38.24
N GLY J 162 -53.38 9.90 -37.53
CA GLY J 162 -53.58 9.89 -36.10
C GLY J 162 -52.44 10.45 -35.28
N ALA J 163 -51.49 11.15 -35.90
CA ALA J 163 -50.36 11.70 -35.15
C ALA J 163 -50.85 12.62 -34.04
N ASP J 164 -50.31 12.44 -32.84
CA ASP J 164 -50.61 13.36 -31.74
C ASP J 164 -49.74 14.60 -31.78
N PHE J 165 -48.55 14.49 -32.40
CA PHE J 165 -47.62 15.58 -32.65
C PHE J 165 -47.02 15.38 -34.04
N ILE J 166 -46.69 16.49 -34.71
CA ILE J 166 -45.79 16.43 -35.86
C ILE J 166 -44.50 17.13 -35.49
N LYS J 167 -43.38 16.51 -35.87
CA LYS J 167 -42.03 16.90 -35.44
C LYS J 167 -41.16 17.15 -36.65
N THR J 168 -40.39 18.23 -36.62
CA THR J 168 -39.66 18.67 -37.81
C THR J 168 -38.65 17.63 -38.28
N SER J 169 -37.86 17.07 -37.37
CA SER J 169 -36.57 16.48 -37.75
C SER J 169 -36.13 15.42 -36.76
N THR J 170 -35.20 14.57 -37.22
CA THR J 170 -34.52 13.64 -36.31
C THR J 170 -33.42 14.33 -35.52
N GLY J 171 -32.92 15.47 -36.01
CA GLY J 171 -31.73 16.09 -35.46
C GLY J 171 -30.44 15.53 -35.99
N LEU J 172 -30.49 14.51 -36.86
CA LEU J 172 -29.29 13.81 -37.30
C LEU J 172 -28.99 13.98 -38.79
N VAL J 173 -29.71 14.87 -39.48
CA VAL J 173 -29.42 15.16 -40.87
C VAL J 173 -28.89 16.59 -40.95
N ALA J 174 -28.54 17.04 -42.17
CA ALA J 174 -27.84 18.31 -42.30
C ALA J 174 -28.74 19.49 -41.93
N VAL J 175 -30.01 19.43 -42.30
CA VAL J 175 -30.94 20.52 -42.02
C VAL J 175 -32.05 19.95 -41.14
N ASN J 176 -32.22 20.56 -39.98
CA ASN J 176 -33.27 20.17 -39.04
C ASN J 176 -34.36 21.25 -39.07
N ALA J 177 -34.86 21.72 -37.93
CA ALA J 177 -35.90 22.73 -37.97
C ALA J 177 -35.35 24.05 -38.53
N THR J 178 -36.22 24.79 -39.19
CA THR J 178 -35.97 26.16 -39.62
C THR J 178 -37.20 26.97 -39.26
N PRO J 179 -37.08 28.30 -39.17
CA PRO J 179 -38.29 29.11 -38.95
C PRO J 179 -39.35 28.90 -40.02
N GLU J 180 -38.95 28.63 -41.26
CA GLU J 180 -39.91 28.42 -42.33
C GLU J 180 -40.63 27.09 -42.18
N SER J 181 -39.89 26.01 -41.92
CA SER J 181 -40.55 24.72 -41.81
C SER J 181 -41.42 24.65 -40.57
N ALA J 182 -40.99 25.30 -39.48
CA ALA J 182 -41.82 25.42 -38.29
C ALA J 182 -43.15 26.11 -38.61
N ARG J 183 -43.10 27.22 -39.35
CA ARG J 183 -44.34 27.94 -39.68
C ARG J 183 -45.21 27.12 -40.63
N ILE J 184 -44.61 26.46 -41.62
CA ILE J 184 -45.37 25.64 -42.56
C ILE J 184 -46.12 24.54 -41.81
N MET J 185 -45.42 23.82 -40.93
CA MET J 185 -46.07 22.70 -40.23
C MET J 185 -47.19 23.18 -39.31
N MET J 186 -46.97 24.27 -38.56
CA MET J 186 -48.06 24.77 -37.71
C MET J 186 -49.22 25.34 -38.52
N GLU J 187 -48.94 25.92 -39.68
CA GLU J 187 -50.03 26.34 -40.57
C GLU J 187 -50.90 25.15 -40.96
N VAL J 188 -50.27 24.00 -41.21
CA VAL J 188 -51.04 22.79 -41.53
C VAL J 188 -51.94 22.43 -40.37
N ILE J 189 -51.40 22.45 -39.15
CA ILE J 189 -52.22 22.15 -37.97
C ILE J 189 -53.44 23.06 -37.93
N ARG J 190 -53.21 24.36 -38.11
CA ARG J 190 -54.32 25.32 -38.12
C ARG J 190 -55.24 25.09 -39.32
N ASP J 191 -54.67 24.96 -40.52
CA ASP J 191 -55.50 24.85 -41.72
C ASP J 191 -56.39 23.62 -41.70
N MET J 192 -55.99 22.56 -41.00
CA MET J 192 -56.83 21.38 -40.86
C MET J 192 -57.75 21.45 -39.65
N GLY J 193 -57.63 22.48 -38.81
CA GLY J 193 -58.48 22.62 -37.65
C GLY J 193 -58.26 21.58 -36.58
N VAL J 194 -57.04 21.12 -36.39
CA VAL J 194 -56.73 20.06 -35.45
C VAL J 194 -55.81 20.58 -34.34
N GLU J 195 -55.88 21.88 -34.05
CA GLU J 195 -54.98 22.44 -33.03
C GLU J 195 -55.23 21.86 -31.64
N LYS J 196 -56.42 21.39 -31.32
CA LYS J 196 -56.61 20.86 -29.97
C LYS J 196 -55.99 19.48 -29.82
N SER J 197 -55.93 18.69 -30.90
CA SER J 197 -55.48 17.30 -30.82
C SER J 197 -54.08 17.04 -31.40
N VAL J 198 -53.50 17.99 -32.13
CA VAL J 198 -52.20 17.77 -32.78
C VAL J 198 -51.25 18.86 -32.32
N GLY J 199 -50.12 18.45 -31.72
CA GLY J 199 -49.09 19.38 -31.30
C GLY J 199 -47.93 19.47 -32.28
N PHE J 200 -47.03 20.40 -31.99
CA PHE J 200 -45.90 20.67 -32.85
C PHE J 200 -44.60 20.62 -32.05
N LYS J 201 -43.57 20.00 -32.63
CA LYS J 201 -42.27 19.87 -31.98
C LYS J 201 -41.19 20.33 -32.94
N VAL J 202 -40.40 21.31 -32.53
CA VAL J 202 -39.26 21.79 -33.28
C VAL J 202 -38.01 21.10 -32.74
N THR J 203 -37.28 20.43 -33.61
CA THR J 203 -36.07 19.72 -33.23
C THR J 203 -34.87 20.41 -33.86
N GLY J 204 -33.88 20.77 -33.05
CA GLY J 204 -32.80 21.54 -33.61
C GLY J 204 -33.30 22.94 -33.94
N GLY J 205 -32.59 23.57 -34.87
CA GLY J 205 -32.96 24.92 -35.27
C GLY J 205 -32.62 25.96 -34.23
N ALA J 206 -33.34 25.93 -33.10
CA ALA J 206 -33.14 26.90 -32.02
C ALA J 206 -31.83 26.60 -31.29
N ARG J 207 -30.89 27.53 -31.38
CA ARG J 207 -29.60 27.41 -30.71
C ARG J 207 -29.50 28.27 -29.46
N THR J 208 -30.13 29.45 -29.47
CA THR J 208 -30.08 30.38 -28.38
C THR J 208 -31.47 30.60 -27.80
N ALA J 209 -31.48 31.19 -26.60
CA ALA J 209 -32.75 31.57 -25.99
C ALA J 209 -33.54 32.49 -26.88
N GLU J 210 -32.84 33.36 -27.63
CA GLU J 210 -33.51 34.24 -28.56
C GLU J 210 -34.19 33.46 -29.68
N ASP J 211 -33.51 32.43 -30.20
CA ASP J 211 -34.14 31.58 -31.21
C ASP J 211 -35.43 30.96 -30.68
N ALA J 212 -35.36 30.37 -29.47
CA ALA J 212 -36.54 29.73 -28.89
C ALA J 212 -37.71 30.71 -28.77
N GLN J 213 -37.43 31.95 -28.41
CA GLN J 213 -38.51 32.93 -28.27
C GLN J 213 -39.24 33.10 -29.59
N LYS J 214 -38.50 33.16 -30.70
CA LYS J 214 -39.14 33.41 -31.99
C LYS J 214 -39.94 32.20 -32.44
N TYR J 215 -39.43 31.00 -32.17
CA TYR J 215 -40.19 29.79 -32.51
C TYR J 215 -41.51 29.76 -31.73
N LEU J 216 -41.49 30.12 -30.43
CA LEU J 216 -42.74 30.20 -29.66
C LEU J 216 -43.64 31.32 -30.15
N ALA J 217 -43.05 32.44 -30.59
CA ALA J 217 -43.83 33.54 -31.16
C ALA J 217 -44.59 33.10 -32.40
N ILE J 218 -44.05 32.14 -33.16
CA ILE J 218 -44.82 31.63 -34.30
C ILE J 218 -46.11 31.00 -33.82
N ALA J 219 -46.02 30.12 -32.81
CA ALA J 219 -47.21 29.48 -32.28
C ALA J 219 -48.17 30.49 -31.68
N ASP J 220 -47.64 31.50 -30.95
CA ASP J 220 -48.50 32.51 -30.35
C ASP J 220 -49.26 33.30 -31.41
N GLU J 221 -48.66 33.52 -32.57
CA GLU J 221 -49.34 34.24 -33.64
C GLU J 221 -50.46 33.40 -34.25
N LEU J 222 -50.19 32.11 -34.48
CA LEU J 222 -51.13 31.28 -35.22
C LEU J 222 -52.30 30.81 -34.36
N PHE J 223 -52.03 30.52 -33.10
CA PHE J 223 -53.01 30.08 -32.14
C PHE J 223 -53.01 31.07 -30.99
N GLY J 224 -53.78 30.80 -29.95
CA GLY J 224 -53.70 31.64 -28.77
C GLY J 224 -52.29 31.67 -28.20
N ALA J 225 -52.04 32.67 -27.35
CA ALA J 225 -50.86 32.59 -26.49
C ALA J 225 -50.98 31.49 -25.44
N ASP J 226 -52.17 30.90 -25.29
CA ASP J 226 -52.36 29.81 -24.36
C ASP J 226 -52.19 28.45 -25.02
N TRP J 227 -51.99 28.42 -26.34
CA TRP J 227 -52.05 27.14 -27.02
C TRP J 227 -50.83 26.26 -26.71
N ALA J 228 -49.64 26.87 -26.64
CA ALA J 228 -48.39 26.09 -26.63
C ALA J 228 -48.05 25.61 -25.21
N ASP J 229 -48.89 24.72 -24.70
CA ASP J 229 -48.59 23.98 -23.48
C ASP J 229 -47.85 22.67 -23.84
N ALA J 230 -47.60 21.84 -22.83
CA ALA J 230 -46.81 20.63 -23.04
C ALA J 230 -47.51 19.64 -23.97
N ARG J 231 -48.84 19.64 -24.02
CA ARG J 231 -49.56 18.74 -24.93
C ARG J 231 -49.48 19.21 -26.40
N HIS J 232 -49.09 20.47 -26.64
CA HIS J 232 -49.15 21.00 -27.99
C HIS J 232 -47.82 21.57 -28.51
N TYR J 233 -46.79 21.67 -27.68
CA TYR J 233 -45.55 22.29 -28.15
C TYR J 233 -44.36 21.68 -27.42
N ARG J 234 -43.31 21.32 -28.17
CA ARG J 234 -42.07 20.82 -27.58
C ARG J 234 -40.86 21.35 -28.33
N PHE J 235 -39.79 21.56 -27.58
CA PHE J 235 -38.45 21.74 -28.13
C PHE J 235 -37.70 20.43 -27.96
N GLY J 236 -37.33 19.79 -29.07
CA GLY J 236 -36.39 18.70 -29.01
C GLY J 236 -34.99 19.29 -29.09
N ALA J 237 -34.24 19.26 -28.00
CA ALA J 237 -33.01 20.01 -27.89
C ALA J 237 -32.07 19.36 -26.91
N SER J 238 -30.80 19.76 -26.99
CA SER J 238 -29.79 19.37 -26.02
C SER J 238 -29.07 20.61 -25.52
N GLY J 239 -28.15 21.13 -26.34
CA GLY J 239 -27.40 22.32 -25.96
C GLY J 239 -28.26 23.55 -25.73
N LEU J 240 -29.47 23.59 -26.28
CA LEU J 240 -30.34 24.75 -26.06
C LEU J 240 -30.65 24.95 -24.58
N LEU J 241 -30.71 23.87 -23.80
CA LEU J 241 -31.01 24.04 -22.37
C LEU J 241 -29.99 24.90 -21.67
N ALA J 242 -28.71 24.76 -22.00
CA ALA J 242 -27.69 25.59 -21.38
C ALA J 242 -27.90 27.06 -21.69
N SER J 243 -28.29 27.35 -22.92
CA SER J 243 -28.53 28.73 -23.32
C SER J 243 -29.73 29.31 -22.59
N LEU J 244 -30.78 28.52 -22.41
CA LEU J 244 -31.94 28.99 -21.65
C LEU J 244 -31.58 29.24 -20.19
N LEU J 245 -30.85 28.31 -19.57
CA LEU J 245 -30.47 28.49 -18.16
C LEU J 245 -29.57 29.71 -17.98
N LYS J 246 -28.60 29.93 -18.87
CA LYS J 246 -27.78 31.13 -18.75
C LYS J 246 -28.61 32.39 -18.89
N ALA J 247 -29.55 32.41 -19.83
CA ALA J 247 -30.45 33.55 -19.94
C ALA J 247 -31.20 33.77 -18.64
N LEU J 248 -31.47 32.70 -17.88
CA LEU J 248 -32.12 32.80 -16.58
C LEU J 248 -31.14 32.94 -15.43
N GLY J 249 -29.86 33.13 -15.71
CA GLY J 249 -28.89 33.34 -14.65
C GLY J 249 -28.39 32.08 -13.96
N HIS J 250 -28.14 31.01 -14.71
CA HIS J 250 -27.56 29.79 -14.14
C HIS J 250 -26.49 29.20 -15.08
N ASP K 3 -17.75 -40.13 -36.38
CA ASP K 3 -18.29 -40.22 -35.02
C ASP K 3 -18.16 -38.89 -34.28
N LEU K 4 -16.94 -38.35 -34.24
CA LEU K 4 -16.81 -36.94 -33.91
C LEU K 4 -17.43 -36.04 -34.98
N LYS K 5 -17.79 -36.60 -36.13
CA LYS K 5 -18.53 -35.85 -37.11
C LYS K 5 -20.01 -35.85 -36.77
N ALA K 6 -20.51 -36.96 -36.23
CA ALA K 6 -21.91 -37.04 -35.82
C ALA K 6 -22.20 -36.05 -34.70
N SER K 7 -21.37 -36.03 -33.66
CA SER K 7 -21.61 -35.09 -32.56
C SER K 7 -21.38 -33.65 -33.02
N SER K 8 -20.42 -33.41 -33.92
CA SER K 8 -20.21 -32.04 -34.37
C SER K 8 -21.40 -31.52 -35.17
N LEU K 9 -21.95 -32.36 -36.06
CA LEU K 9 -23.16 -31.94 -36.77
C LEU K 9 -24.31 -31.77 -35.80
N ARG K 10 -24.43 -32.69 -34.83
CA ARG K 10 -25.47 -32.56 -33.82
C ARG K 10 -25.32 -31.26 -33.04
N ALA K 11 -24.09 -30.95 -32.63
CA ALA K 11 -23.84 -29.75 -31.85
C ALA K 11 -24.15 -28.50 -32.65
N LEU K 12 -23.81 -28.51 -33.93
CA LEU K 12 -24.07 -27.38 -34.81
C LEU K 12 -25.55 -27.07 -34.86
N LYS K 13 -26.39 -28.11 -34.96
CA LYS K 13 -27.83 -27.89 -35.03
C LYS K 13 -28.44 -27.49 -33.69
N LEU K 14 -27.65 -27.50 -32.61
CA LEU K 14 -28.07 -27.04 -31.30
C LEU K 14 -27.46 -25.69 -30.92
N MET K 15 -26.85 -25.00 -31.87
CA MET K 15 -26.09 -23.81 -31.54
C MET K 15 -26.99 -22.58 -31.53
N ASP K 16 -26.87 -21.79 -30.49
CA ASP K 16 -27.31 -20.39 -30.49
C ASP K 16 -26.09 -19.54 -30.85
N LEU K 17 -26.04 -19.09 -32.10
CA LEU K 17 -24.86 -18.44 -32.64
C LEU K 17 -24.93 -16.94 -32.39
N SER K 18 -23.84 -16.35 -31.91
CA SER K 18 -23.73 -14.91 -31.74
C SER K 18 -22.47 -14.43 -32.44
N THR K 19 -22.35 -13.11 -32.63
CA THR K 19 -21.18 -12.58 -33.33
C THR K 19 -19.93 -12.72 -32.46
N LEU K 20 -18.77 -12.63 -33.12
CA LEU K 20 -17.52 -12.99 -32.45
C LEU K 20 -17.20 -12.04 -31.29
N ASN K 21 -17.20 -10.73 -31.55
CA ASN K 21 -16.68 -9.75 -30.61
C ASN K 21 -17.79 -9.04 -29.83
N GLY K 22 -19.00 -9.57 -29.80
CA GLY K 22 -20.11 -8.87 -29.17
C GLY K 22 -20.72 -7.77 -30.00
N ASP K 23 -20.42 -7.72 -31.30
CA ASP K 23 -20.81 -6.62 -32.18
C ASP K 23 -22.32 -6.44 -32.21
N TYR K 24 -22.75 -5.20 -32.44
CA TYR K 24 -24.18 -4.87 -32.44
C TYR K 24 -24.64 -4.22 -33.74
N THR K 25 -23.76 -4.04 -34.71
CA THR K 25 -24.15 -3.36 -35.95
C THR K 25 -25.15 -4.18 -36.76
N ASP K 26 -25.96 -3.47 -37.56
CA ASP K 26 -26.88 -4.13 -38.48
C ASP K 26 -26.14 -5.04 -39.45
N GLU K 27 -25.00 -4.57 -39.98
CA GLU K 27 -24.22 -5.37 -40.91
C GLU K 27 -23.72 -6.65 -40.26
N LYS K 28 -23.22 -6.55 -39.00
CA LYS K 28 -22.76 -7.75 -38.29
C LYS K 28 -23.92 -8.68 -37.94
N VAL K 29 -25.08 -8.12 -37.60
CA VAL K 29 -26.24 -8.96 -37.31
C VAL K 29 -26.69 -9.67 -38.58
N ILE K 30 -26.74 -8.95 -39.70
CA ILE K 30 -27.06 -9.56 -40.97
C ILE K 30 -26.04 -10.64 -41.30
N ALA K 31 -24.76 -10.36 -41.10
CA ALA K 31 -23.72 -11.35 -41.36
C ALA K 31 -23.91 -12.56 -40.47
N LEU K 32 -24.36 -12.34 -39.24
CA LEU K 32 -24.64 -13.43 -38.33
C LEU K 32 -25.75 -14.32 -38.85
N CYS K 33 -26.83 -13.72 -39.37
CA CYS K 33 -27.92 -14.52 -39.93
C CYS K 33 -27.41 -15.41 -41.06
N HIS K 34 -26.56 -14.85 -41.94
CA HIS K 34 -25.97 -15.63 -43.02
C HIS K 34 -25.06 -16.74 -42.48
N GLN K 35 -24.27 -16.43 -41.46
CA GLN K 35 -23.36 -17.42 -40.89
C GLN K 35 -24.11 -18.58 -40.27
N ALA K 36 -25.31 -18.34 -39.76
CA ALA K 36 -26.10 -19.38 -39.14
C ALA K 36 -26.60 -20.40 -40.16
N LYS K 37 -26.68 -20.01 -41.42
CA LYS K 37 -27.03 -20.92 -42.51
C LYS K 37 -25.72 -21.51 -43.03
N THR K 38 -25.28 -22.60 -42.39
CA THR K 38 -23.97 -23.18 -42.66
C THR K 38 -24.05 -24.10 -43.86
N PRO K 39 -22.90 -24.53 -44.41
CA PRO K 39 -22.94 -25.53 -45.50
C PRO K 39 -23.64 -26.81 -45.10
N VAL K 40 -23.44 -27.27 -43.86
CA VAL K 40 -23.96 -28.56 -43.44
C VAL K 40 -25.32 -28.48 -42.77
N GLY K 41 -25.87 -27.29 -42.58
CA GLY K 41 -27.16 -27.15 -41.93
C GLY K 41 -27.25 -25.83 -41.20
N ASN K 42 -28.44 -25.57 -40.65
CA ASN K 42 -28.73 -24.34 -39.93
C ASN K 42 -28.51 -24.55 -38.43
N THR K 43 -27.94 -23.53 -37.78
CA THR K 43 -27.91 -23.55 -36.32
C THR K 43 -29.34 -23.50 -35.78
N ALA K 44 -29.47 -23.82 -34.48
CA ALA K 44 -30.78 -23.76 -33.85
C ALA K 44 -31.28 -22.33 -33.77
N ALA K 45 -30.38 -21.38 -33.50
CA ALA K 45 -30.80 -20.01 -33.20
C ALA K 45 -29.65 -19.07 -33.47
N ILE K 46 -29.98 -17.80 -33.45
CA ILE K 46 -29.01 -16.73 -33.31
C ILE K 46 -29.31 -15.99 -32.03
N SER K 47 -28.27 -15.44 -31.42
CA SER K 47 -28.39 -14.68 -30.19
C SER K 47 -27.97 -13.25 -30.45
N ILE K 48 -28.89 -12.32 -30.28
CA ILE K 48 -28.63 -10.93 -30.61
C ILE K 48 -29.29 -10.06 -29.55
N TYR K 49 -28.92 -8.78 -29.55
CA TYR K 49 -29.55 -7.80 -28.67
C TYR K 49 -30.94 -7.43 -29.18
N PRO K 50 -31.82 -6.98 -28.28
CA PRO K 50 -33.24 -6.83 -28.67
C PRO K 50 -33.48 -5.95 -29.87
N ARG K 51 -32.76 -4.82 -29.99
CA ARG K 51 -33.08 -3.88 -31.06
C ARG K 51 -32.78 -4.45 -32.44
N SER K 52 -31.95 -5.50 -32.51
CA SER K 52 -31.59 -6.12 -33.78
C SER K 52 -32.61 -7.13 -34.25
N ILE K 53 -33.61 -7.46 -33.42
CA ILE K 53 -34.52 -8.55 -33.77
C ILE K 53 -35.29 -8.29 -35.06
N PRO K 54 -35.88 -7.11 -35.29
CA PRO K 54 -36.65 -6.93 -36.53
C PRO K 54 -35.83 -7.09 -37.79
N ILE K 55 -34.61 -6.54 -37.84
CA ILE K 55 -33.79 -6.72 -39.03
C ILE K 55 -33.33 -8.16 -39.13
N ALA K 56 -33.07 -8.81 -37.99
CA ALA K 56 -32.67 -10.21 -38.04
C ALA K 56 -33.78 -11.08 -38.60
N ARG K 57 -35.02 -10.83 -38.15
CA ARG K 57 -36.14 -11.62 -38.67
C ARG K 57 -36.31 -11.42 -40.16
N LYS K 58 -36.23 -10.17 -40.62
CA LYS K 58 -36.29 -9.91 -42.05
C LYS K 58 -35.20 -10.66 -42.80
N THR K 59 -33.98 -10.65 -42.27
CA THR K 59 -32.87 -11.29 -42.95
C THR K 59 -33.05 -12.80 -43.02
N LEU K 60 -33.45 -13.42 -41.91
CA LEU K 60 -33.64 -14.87 -41.89
C LEU K 60 -34.73 -15.31 -42.86
N LYS K 61 -35.84 -14.58 -42.91
CA LYS K 61 -36.90 -14.93 -43.86
C LYS K 61 -36.41 -14.81 -45.30
N GLU K 62 -35.68 -13.74 -45.61
CA GLU K 62 -35.27 -13.49 -46.99
C GLU K 62 -34.22 -14.48 -47.48
N GLN K 63 -33.38 -15.00 -46.59
CA GLN K 63 -32.41 -16.01 -46.98
C GLN K 63 -32.99 -17.42 -46.97
N GLY K 64 -34.27 -17.56 -46.65
CA GLY K 64 -34.88 -18.86 -46.70
C GLY K 64 -34.65 -19.75 -45.50
N THR K 65 -34.34 -19.18 -44.33
CA THR K 65 -34.15 -19.94 -43.09
C THR K 65 -35.06 -19.40 -41.99
N PRO K 66 -36.39 -19.50 -42.16
CA PRO K 66 -37.29 -18.96 -41.13
C PRO K 66 -37.28 -19.72 -39.81
N GLU K 67 -36.79 -20.96 -39.80
CA GLU K 67 -36.79 -21.81 -38.61
C GLU K 67 -35.59 -21.58 -37.70
N ILE K 68 -34.62 -20.77 -38.11
CA ILE K 68 -33.57 -20.35 -37.18
C ILE K 68 -34.20 -19.41 -36.16
N ARG K 69 -34.14 -19.80 -34.89
CA ARG K 69 -34.79 -19.03 -33.83
C ARG K 69 -34.02 -17.75 -33.54
N ILE K 70 -34.74 -16.76 -33.04
CA ILE K 70 -34.10 -15.53 -32.61
C ILE K 70 -34.17 -15.49 -31.09
N ALA K 71 -33.00 -15.56 -30.49
CA ALA K 71 -32.84 -15.47 -29.03
C ALA K 71 -32.21 -14.14 -28.66
N THR K 72 -32.62 -13.59 -27.51
CA THR K 72 -32.08 -12.33 -27.05
C THR K 72 -31.86 -12.43 -25.54
N VAL K 73 -31.40 -11.33 -24.96
CA VAL K 73 -31.02 -11.29 -23.54
C VAL K 73 -31.69 -10.11 -22.86
N THR K 74 -31.96 -10.28 -21.56
CA THR K 74 -32.51 -9.22 -20.73
C THR K 74 -31.88 -9.34 -19.36
N ASN K 75 -31.98 -8.24 -18.59
CA ASN K 75 -31.31 -8.10 -17.30
C ASN K 75 -29.81 -8.38 -17.44
N PHE K 76 -29.26 -7.97 -18.59
CA PHE K 76 -28.04 -8.57 -19.09
C PHE K 76 -26.92 -7.56 -19.25
N PRO K 77 -25.67 -7.91 -18.91
CA PRO K 77 -25.19 -9.17 -18.33
C PRO K 77 -25.12 -9.10 -16.81
N HIS K 78 -25.61 -8.00 -16.27
CA HIS K 78 -25.37 -7.69 -14.86
C HIS K 78 -26.14 -8.61 -13.92
N GLY K 79 -27.35 -9.03 -14.30
CA GLY K 79 -28.20 -9.75 -13.36
C GLY K 79 -28.54 -8.94 -12.11
N ASN K 80 -28.95 -7.68 -12.29
CA ASN K 80 -29.41 -6.88 -11.16
C ASN K 80 -30.70 -7.46 -10.58
N ASP K 81 -31.06 -6.98 -9.37
CA ASP K 81 -32.20 -7.52 -8.64
C ASP K 81 -33.44 -6.63 -8.71
N ASP K 82 -33.56 -5.81 -9.76
CA ASP K 82 -34.75 -4.99 -9.98
C ASP K 82 -35.72 -5.73 -10.90
N ILE K 83 -36.82 -6.25 -10.34
CA ILE K 83 -37.75 -7.07 -11.13
C ILE K 83 -38.42 -6.22 -12.21
N GLU K 84 -38.82 -4.99 -11.88
CA GLU K 84 -39.54 -4.19 -12.86
C GLU K 84 -38.69 -3.87 -14.08
N ILE K 85 -37.39 -3.70 -13.89
CA ILE K 85 -36.54 -3.40 -15.03
C ILE K 85 -36.38 -4.65 -15.90
N ALA K 86 -36.07 -5.79 -15.28
CA ALA K 86 -35.96 -7.04 -16.04
C ALA K 86 -37.26 -7.35 -16.75
N LEU K 87 -38.40 -7.09 -16.10
CA LEU K 87 -39.67 -7.43 -16.74
C LEU K 87 -39.93 -6.52 -17.94
N ALA K 88 -39.63 -5.22 -17.81
CA ALA K 88 -39.86 -4.32 -18.93
C ALA K 88 -38.97 -4.66 -20.11
N GLU K 89 -37.69 -4.96 -19.86
CA GLU K 89 -36.78 -5.39 -20.92
C GLU K 89 -37.29 -6.66 -21.59
N THR K 90 -37.74 -7.61 -20.77
CA THR K 90 -38.29 -8.85 -21.31
C THR K 90 -39.54 -8.57 -22.13
N ARG K 91 -40.45 -7.73 -21.63
CA ARG K 91 -41.63 -7.40 -22.41
C ARG K 91 -41.23 -6.70 -23.71
N ALA K 92 -40.18 -5.89 -23.67
CA ALA K 92 -39.70 -5.30 -24.92
C ALA K 92 -39.13 -6.35 -25.86
N ALA K 93 -38.37 -7.30 -25.32
CA ALA K 93 -37.80 -8.35 -26.15
C ALA K 93 -38.90 -9.09 -26.89
N ILE K 94 -39.95 -9.48 -26.17
CA ILE K 94 -41.11 -10.12 -26.80
C ILE K 94 -41.68 -9.25 -27.91
N ALA K 95 -41.86 -7.94 -27.65
CA ALA K 95 -42.50 -7.08 -28.64
C ALA K 95 -41.64 -6.88 -29.89
N TYR K 96 -40.32 -6.87 -29.76
CA TYR K 96 -39.48 -6.83 -30.96
C TYR K 96 -39.70 -8.07 -31.83
N GLY K 97 -40.06 -9.18 -31.22
CA GLY K 97 -40.25 -10.42 -31.96
C GLY K 97 -39.35 -11.56 -31.52
N ALA K 98 -38.80 -11.52 -30.30
CA ALA K 98 -37.95 -12.62 -29.88
C ALA K 98 -38.73 -13.93 -29.91
N ASP K 99 -38.04 -15.02 -30.31
CA ASP K 99 -38.58 -16.34 -30.07
C ASP K 99 -38.23 -16.83 -28.67
N GLU K 100 -37.09 -16.40 -28.16
CA GLU K 100 -36.60 -16.85 -26.85
C GLU K 100 -35.93 -15.67 -26.18
N VAL K 101 -36.07 -15.61 -24.85
CA VAL K 101 -35.47 -14.56 -24.04
C VAL K 101 -34.59 -15.24 -23.00
N ASP K 102 -33.29 -14.88 -22.98
CA ASP K 102 -32.33 -15.36 -21.99
C ASP K 102 -32.17 -14.25 -20.94
N VAL K 103 -32.72 -14.46 -19.73
CA VAL K 103 -32.70 -13.46 -18.66
C VAL K 103 -31.60 -13.81 -17.65
N VAL K 104 -30.87 -12.82 -17.18
CA VAL K 104 -29.84 -13.12 -16.18
C VAL K 104 -30.48 -13.16 -14.80
N PHE K 105 -30.33 -14.30 -14.14
CA PHE K 105 -30.76 -14.48 -12.77
C PHE K 105 -30.04 -13.51 -11.84
N PRO K 106 -30.71 -12.98 -10.82
CA PRO K 106 -29.99 -12.10 -9.88
C PRO K 106 -29.08 -12.92 -8.99
N TYR K 107 -27.93 -13.33 -9.54
CA TYR K 107 -27.06 -14.23 -8.82
C TYR K 107 -26.35 -13.56 -7.64
N ARG K 108 -26.06 -12.26 -7.74
CA ARG K 108 -25.48 -11.57 -6.58
C ARG K 108 -26.46 -11.53 -5.42
N ALA K 109 -27.74 -11.30 -5.69
CA ALA K 109 -28.73 -11.31 -4.61
C ALA K 109 -28.79 -12.69 -3.93
N LEU K 110 -28.78 -13.75 -4.73
CA LEU K 110 -28.75 -15.10 -4.17
C LEU K 110 -27.53 -15.32 -3.31
N MET K 111 -26.37 -14.85 -3.76
CA MET K 111 -25.15 -15.01 -2.97
C MET K 111 -25.23 -14.29 -1.63
N ALA K 112 -25.93 -13.15 -1.55
CA ALA K 112 -26.13 -12.47 -0.26
C ALA K 112 -27.33 -13.04 0.49
N GLY K 113 -27.91 -14.15 0.02
CA GLY K 113 -28.96 -14.83 0.74
C GLY K 113 -30.38 -14.50 0.33
N ASN K 114 -30.57 -13.73 -0.74
CA ASN K 114 -31.92 -13.36 -1.18
C ASN K 114 -32.29 -14.29 -2.32
N GLU K 115 -32.90 -15.44 -1.97
CA GLU K 115 -33.41 -16.36 -2.97
C GLU K 115 -34.72 -15.91 -3.57
N GLN K 116 -35.48 -15.11 -2.81
CA GLN K 116 -36.84 -14.81 -3.21
C GLN K 116 -36.87 -13.90 -4.43
N VAL K 117 -35.97 -12.91 -4.49
CA VAL K 117 -36.04 -11.96 -5.59
C VAL K 117 -35.71 -12.67 -6.90
N GLY K 118 -34.84 -13.69 -6.84
CA GLY K 118 -34.57 -14.50 -8.02
C GLY K 118 -35.76 -15.30 -8.48
N PHE K 119 -36.44 -15.97 -7.53
CA PHE K 119 -37.70 -16.65 -7.84
C PHE K 119 -38.71 -15.66 -8.43
N ASP K 120 -38.90 -14.52 -7.78
CA ASP K 120 -39.87 -13.56 -8.25
C ASP K 120 -39.50 -13.03 -9.64
N LEU K 121 -38.20 -12.81 -9.88
CA LEU K 121 -37.80 -12.23 -11.16
C LEU K 121 -38.03 -13.22 -12.30
N VAL K 122 -37.61 -14.48 -12.12
CA VAL K 122 -37.82 -15.46 -13.18
C VAL K 122 -39.30 -15.67 -13.44
N LYS K 123 -40.09 -15.81 -12.37
CA LYS K 123 -41.52 -16.03 -12.55
C LYS K 123 -42.16 -14.88 -13.31
N ALA K 124 -41.78 -13.64 -12.98
CA ALA K 124 -42.36 -12.49 -13.66
C ALA K 124 -42.09 -12.54 -15.15
N CYS K 125 -40.83 -12.80 -15.52
CA CYS K 125 -40.43 -12.86 -16.93
C CYS K 125 -41.01 -14.08 -17.63
N LYS K 126 -41.06 -15.23 -16.93
CA LYS K 126 -41.65 -16.42 -17.50
C LYS K 126 -43.12 -16.19 -17.87
N GLU K 127 -43.88 -15.55 -16.97
CA GLU K 127 -45.29 -15.32 -17.23
C GLU K 127 -45.49 -14.45 -18.45
N ALA K 128 -44.65 -13.41 -18.60
CA ALA K 128 -44.71 -12.59 -19.80
C ALA K 128 -44.36 -13.41 -21.05
N CYS K 129 -43.29 -14.20 -20.99
CA CYS K 129 -42.85 -14.97 -22.15
C CYS K 129 -43.88 -16.02 -22.53
N ALA K 130 -44.38 -16.78 -21.56
CA ALA K 130 -45.30 -17.88 -21.85
C ALA K 130 -46.56 -17.38 -22.53
N ALA K 131 -47.09 -16.23 -22.08
CA ALA K 131 -48.28 -15.68 -22.70
C ALA K 131 -48.05 -15.32 -24.16
N ALA K 132 -46.80 -15.07 -24.55
CA ALA K 132 -46.47 -14.73 -25.93
C ALA K 132 -45.88 -15.90 -26.72
N ASN K 133 -45.96 -17.13 -26.18
CA ASN K 133 -45.35 -18.30 -26.79
C ASN K 133 -43.85 -18.11 -27.05
N VAL K 134 -43.15 -17.46 -26.13
CA VAL K 134 -41.69 -17.37 -26.21
C VAL K 134 -41.07 -18.11 -25.03
N LEU K 135 -39.95 -18.76 -25.30
CA LEU K 135 -39.25 -19.56 -24.33
C LEU K 135 -38.35 -18.67 -23.48
N LEU K 136 -38.27 -18.98 -22.19
CA LEU K 136 -37.43 -18.25 -21.25
C LEU K 136 -36.26 -19.12 -20.82
N LYS K 137 -35.04 -18.68 -21.14
CA LYS K 137 -33.85 -19.27 -20.58
C LYS K 137 -33.37 -18.40 -19.41
N VAL K 138 -32.91 -19.05 -18.35
CA VAL K 138 -32.43 -18.32 -17.16
C VAL K 138 -30.93 -18.53 -17.03
N ILE K 139 -30.16 -17.45 -17.16
CA ILE K 139 -28.70 -17.46 -17.00
C ILE K 139 -28.40 -17.35 -15.51
N ILE K 140 -27.83 -18.41 -14.92
CA ILE K 140 -27.51 -18.35 -13.49
C ILE K 140 -26.10 -17.85 -13.21
N GLU K 141 -25.26 -17.72 -14.24
CA GLU K 141 -23.87 -17.26 -14.10
C GLU K 141 -23.12 -18.18 -13.12
N SER K 142 -23.10 -19.46 -13.48
CA SER K 142 -22.51 -20.47 -12.62
C SER K 142 -21.04 -20.17 -12.30
N GLY K 143 -20.37 -19.46 -13.21
CA GLY K 143 -18.98 -19.12 -13.01
C GLY K 143 -18.75 -18.03 -11.97
N GLU K 144 -19.77 -17.27 -11.61
CA GLU K 144 -19.68 -16.35 -10.47
C GLU K 144 -20.23 -16.96 -9.18
N LEU K 145 -21.23 -17.84 -9.28
CA LEU K 145 -21.70 -18.55 -8.10
C LEU K 145 -20.59 -19.43 -7.53
N LYS K 146 -19.89 -20.15 -8.41
CA LYS K 146 -18.72 -20.99 -8.12
C LYS K 146 -19.03 -22.19 -7.25
N ASP K 147 -19.64 -21.99 -6.10
CA ASP K 147 -19.89 -23.11 -5.20
C ASP K 147 -20.94 -24.04 -5.79
N GLU K 148 -20.69 -25.35 -5.69
CA GLU K 148 -21.60 -26.34 -6.21
C GLU K 148 -23.01 -26.15 -5.66
N ALA K 149 -23.14 -25.91 -4.35
CA ALA K 149 -24.47 -25.79 -3.75
C ALA K 149 -25.21 -24.56 -4.25
N LEU K 150 -24.48 -23.48 -4.60
CA LEU K 150 -25.11 -22.28 -5.14
C LEU K 150 -25.60 -22.51 -6.57
N ILE K 151 -24.83 -23.25 -7.36
CA ILE K 151 -25.24 -23.56 -8.73
C ILE K 151 -26.51 -24.41 -8.70
N ARG K 152 -26.57 -25.40 -7.79
CA ARG K 152 -27.79 -26.19 -7.63
C ARG K 152 -28.95 -25.32 -7.16
N LYS K 153 -28.69 -24.39 -6.23
CA LYS K 153 -29.78 -23.60 -5.68
C LYS K 153 -30.36 -22.66 -6.74
N ALA K 154 -29.48 -21.95 -7.46
CA ALA K 154 -29.94 -21.07 -8.54
C ALA K 154 -30.68 -21.87 -9.61
N SER K 155 -30.20 -23.07 -9.90
CA SER K 155 -30.88 -23.96 -10.84
C SER K 155 -32.27 -24.34 -10.34
N GLU K 156 -32.36 -24.77 -9.07
CA GLU K 156 -33.62 -25.18 -8.47
C GLU K 156 -34.63 -24.04 -8.43
N ILE K 157 -34.17 -22.86 -8.00
CA ILE K 157 -35.03 -21.69 -7.93
C ILE K 157 -35.60 -21.35 -9.29
N SER K 158 -34.74 -21.35 -10.30
CA SER K 158 -35.15 -20.97 -11.65
C SER K 158 -36.18 -21.95 -12.23
N ILE K 159 -35.94 -23.26 -12.02
CA ILE K 159 -36.88 -24.27 -12.51
C ILE K 159 -38.24 -24.12 -11.82
N LYS K 160 -38.22 -23.94 -10.49
CA LYS K 160 -39.48 -23.74 -9.76
C LYS K 160 -40.21 -22.49 -10.20
N ALA K 161 -39.48 -21.45 -10.59
CA ALA K 161 -40.11 -20.23 -11.03
C ALA K 161 -40.58 -20.30 -12.47
N GLY K 162 -40.25 -21.37 -13.19
CA GLY K 162 -40.78 -21.61 -14.52
C GLY K 162 -39.77 -21.56 -15.65
N ALA K 163 -38.47 -21.63 -15.37
CA ALA K 163 -37.49 -21.57 -16.46
C ALA K 163 -37.75 -22.69 -17.46
N ASP K 164 -37.74 -22.33 -18.76
CA ASP K 164 -37.80 -23.33 -19.83
C ASP K 164 -36.42 -23.89 -20.16
N PHE K 165 -35.38 -23.15 -19.83
CA PHE K 165 -33.98 -23.53 -19.93
C PHE K 165 -33.27 -22.97 -18.71
N ILE K 166 -32.20 -23.63 -18.29
CA ILE K 166 -31.21 -23.02 -17.44
C ILE K 166 -29.90 -22.94 -18.21
N LYS K 167 -29.26 -21.80 -18.14
CA LYS K 167 -28.14 -21.45 -18.99
C LYS K 167 -26.97 -21.11 -18.09
N THR K 168 -25.78 -21.62 -18.42
CA THR K 168 -24.65 -21.49 -17.51
C THR K 168 -24.26 -20.03 -17.30
N SER K 169 -24.13 -19.27 -18.37
CA SER K 169 -23.28 -18.09 -18.27
C SER K 169 -23.70 -17.03 -19.26
N THR K 170 -23.31 -15.79 -18.98
CA THR K 170 -23.48 -14.71 -19.94
C THR K 170 -22.48 -14.78 -21.07
N GLY K 171 -21.35 -15.46 -20.87
CA GLY K 171 -20.24 -15.43 -21.79
C GLY K 171 -19.30 -14.25 -21.61
N LEU K 172 -19.59 -13.35 -20.67
CA LEU K 172 -18.85 -12.10 -20.53
C LEU K 172 -18.11 -11.99 -19.20
N VAL K 173 -18.06 -13.06 -18.42
CA VAL K 173 -17.32 -13.05 -17.16
C VAL K 173 -16.14 -13.98 -17.29
N ALA K 174 -15.33 -14.09 -16.22
CA ALA K 174 -14.06 -14.80 -16.32
C ALA K 174 -14.28 -16.29 -16.54
N VAL K 175 -15.29 -16.87 -15.89
CA VAL K 175 -15.55 -18.30 -15.98
C VAL K 175 -16.95 -18.49 -16.55
N ASN K 176 -17.06 -19.18 -17.70
CA ASN K 176 -18.38 -19.48 -18.21
C ASN K 176 -18.66 -20.96 -17.97
N ALA K 177 -19.16 -21.70 -18.93
CA ALA K 177 -19.46 -23.09 -18.62
C ALA K 177 -18.17 -23.85 -18.32
N THR K 178 -18.28 -24.85 -17.45
CA THR K 178 -17.26 -25.85 -17.19
C THR K 178 -17.97 -27.19 -17.25
N PRO K 179 -17.23 -28.28 -17.50
CA PRO K 179 -17.89 -29.60 -17.46
C PRO K 179 -18.54 -29.89 -16.12
N GLU K 180 -17.96 -29.40 -15.02
CA GLU K 180 -18.56 -29.72 -13.74
C GLU K 180 -19.85 -28.94 -13.52
N SER K 181 -19.88 -27.65 -13.88
CA SER K 181 -21.12 -26.91 -13.68
C SER K 181 -22.21 -27.38 -14.65
N ALA K 182 -21.84 -27.77 -15.86
CA ALA K 182 -22.82 -28.36 -16.78
C ALA K 182 -23.44 -29.60 -16.15
N ARG K 183 -22.61 -30.48 -15.60
CA ARG K 183 -23.13 -31.69 -15.00
C ARG K 183 -24.00 -31.38 -13.78
N ILE K 184 -23.58 -30.44 -12.95
CA ILE K 184 -24.36 -30.06 -11.78
C ILE K 184 -25.75 -29.60 -12.21
N MET K 185 -25.81 -28.73 -13.22
CA MET K 185 -27.09 -28.17 -13.65
C MET K 185 -27.97 -29.24 -14.26
N MET K 186 -27.39 -30.11 -15.08
CA MET K 186 -28.20 -31.19 -15.63
C MET K 186 -28.64 -32.17 -14.54
N GLU K 187 -27.82 -32.35 -13.50
CA GLU K 187 -28.24 -33.17 -12.37
C GLU K 187 -29.49 -32.60 -11.70
N VAL K 188 -29.58 -31.26 -11.59
CA VAL K 188 -30.77 -30.65 -10.99
C VAL K 188 -32.00 -30.96 -11.83
N ILE K 189 -31.86 -30.79 -13.15
CA ILE K 189 -32.97 -31.10 -14.06
C ILE K 189 -33.45 -32.53 -13.84
N ARG K 190 -32.50 -33.47 -13.77
CA ARG K 190 -32.87 -34.86 -13.50
C ARG K 190 -33.49 -35.01 -12.12
N ASP K 191 -32.82 -34.48 -11.08
CA ASP K 191 -33.28 -34.74 -9.71
C ASP K 191 -34.65 -34.14 -9.45
N MET K 192 -35.01 -33.08 -10.16
CA MET K 192 -36.33 -32.49 -10.00
C MET K 192 -37.36 -33.12 -10.92
N GLY K 193 -36.95 -34.03 -11.79
CA GLY K 193 -37.87 -34.68 -12.69
C GLY K 193 -38.46 -33.75 -13.74
N VAL K 194 -37.71 -32.75 -14.19
CA VAL K 194 -38.25 -31.77 -15.13
C VAL K 194 -37.57 -31.90 -16.49
N GLU K 195 -37.07 -33.10 -16.82
CA GLU K 195 -36.37 -33.26 -18.09
C GLU K 195 -37.25 -32.97 -19.30
N LYS K 196 -38.56 -33.14 -19.19
CA LYS K 196 -39.41 -32.84 -20.35
C LYS K 196 -39.61 -31.35 -20.57
N SER K 197 -39.62 -30.55 -19.50
CA SER K 197 -39.99 -29.15 -19.59
C SER K 197 -38.81 -28.21 -19.47
N VAL K 198 -37.63 -28.68 -19.07
CA VAL K 198 -36.52 -27.77 -18.83
C VAL K 198 -35.32 -28.22 -19.63
N GLY K 199 -34.77 -27.31 -20.42
CA GLY K 199 -33.55 -27.56 -21.14
C GLY K 199 -32.31 -26.99 -20.48
N PHE K 200 -31.17 -27.33 -21.08
CA PHE K 200 -29.88 -26.90 -20.59
C PHE K 200 -29.11 -26.23 -21.72
N LYS K 201 -28.41 -25.14 -21.40
CA LYS K 201 -27.67 -24.40 -22.42
C LYS K 201 -26.23 -24.16 -21.95
N VAL K 202 -25.27 -24.56 -22.80
CA VAL K 202 -23.83 -24.37 -22.55
C VAL K 202 -23.39 -23.07 -23.19
N THR K 203 -22.87 -22.16 -22.38
CA THR K 203 -22.34 -20.89 -22.87
C THR K 203 -20.86 -20.84 -22.56
N GLY K 204 -20.04 -20.67 -23.59
CA GLY K 204 -18.60 -20.73 -23.37
C GLY K 204 -18.18 -22.16 -23.03
N GLY K 205 -17.00 -22.26 -22.42
CA GLY K 205 -16.46 -23.54 -22.02
C GLY K 205 -15.99 -24.38 -23.20
N ALA K 206 -16.94 -24.80 -24.03
CA ALA K 206 -16.63 -25.61 -25.21
C ALA K 206 -15.95 -24.77 -26.28
N ARG K 207 -14.66 -24.97 -26.47
CA ARG K 207 -13.95 -24.30 -27.56
C ARG K 207 -13.86 -25.14 -28.81
N THR K 208 -13.75 -26.46 -28.67
CA THR K 208 -13.43 -27.35 -29.77
C THR K 208 -14.58 -28.31 -30.04
N ALA K 209 -14.53 -28.94 -31.21
CA ALA K 209 -15.48 -30.00 -31.52
C ALA K 209 -15.40 -31.12 -30.50
N GLU K 210 -14.21 -31.40 -30.00
CA GLU K 210 -14.04 -32.40 -28.95
C GLU K 210 -14.71 -31.97 -27.64
N ASP K 211 -14.59 -30.68 -27.30
CA ASP K 211 -15.32 -30.15 -26.14
C ASP K 211 -16.82 -30.37 -26.28
N ALA K 212 -17.37 -29.98 -27.43
CA ALA K 212 -18.80 -30.10 -27.67
C ALA K 212 -19.26 -31.54 -27.52
N GLN K 213 -18.44 -32.49 -27.97
CA GLN K 213 -18.77 -33.90 -27.83
C GLN K 213 -18.88 -34.30 -26.36
N LYS K 214 -17.95 -33.82 -25.53
CA LYS K 214 -17.95 -34.19 -24.12
C LYS K 214 -19.14 -33.58 -23.39
N TYR K 215 -19.47 -32.33 -23.71
CA TYR K 215 -20.65 -31.69 -23.11
C TYR K 215 -21.93 -32.40 -23.52
N LEU K 216 -22.04 -32.79 -24.80
CA LEU K 216 -23.21 -33.56 -25.20
C LEU K 216 -23.24 -34.93 -24.53
N ALA K 217 -22.07 -35.54 -24.33
CA ALA K 217 -22.02 -36.86 -23.69
C ALA K 217 -22.62 -36.83 -22.29
N ILE K 218 -22.48 -35.72 -21.56
CA ILE K 218 -23.09 -35.61 -20.23
C ILE K 218 -24.62 -35.72 -20.32
N ALA K 219 -25.23 -34.97 -21.22
CA ALA K 219 -26.68 -35.06 -21.38
C ALA K 219 -27.08 -36.48 -21.79
N ASP K 220 -26.31 -37.11 -22.69
CA ASP K 220 -26.63 -38.47 -23.11
C ASP K 220 -26.54 -39.44 -21.92
N GLU K 221 -25.59 -39.21 -21.02
CA GLU K 221 -25.44 -40.09 -19.86
C GLU K 221 -26.60 -39.92 -18.89
N LEU K 222 -27.03 -38.67 -18.67
CA LEU K 222 -28.00 -38.39 -17.64
C LEU K 222 -29.43 -38.69 -18.10
N PHE K 223 -29.71 -38.44 -19.37
CA PHE K 223 -31.01 -38.66 -19.97
C PHE K 223 -30.83 -39.63 -21.15
N GLY K 224 -31.88 -39.89 -21.91
CA GLY K 224 -31.67 -40.67 -23.12
C GLY K 224 -30.62 -40.05 -24.03
N ALA K 225 -30.08 -40.87 -24.95
CA ALA K 225 -29.32 -40.26 -26.03
C ALA K 225 -30.20 -39.42 -26.96
N ASP K 226 -31.52 -39.50 -26.80
CA ASP K 226 -32.50 -38.75 -27.59
C ASP K 226 -32.96 -37.45 -26.93
N TRP K 227 -32.53 -37.16 -25.70
CA TRP K 227 -33.11 -36.04 -24.97
C TRP K 227 -32.66 -34.69 -25.54
N ALA K 228 -31.39 -34.57 -25.92
CA ALA K 228 -30.78 -33.29 -26.23
C ALA K 228 -31.15 -32.85 -27.66
N ASP K 229 -32.44 -32.59 -27.85
CA ASP K 229 -32.88 -31.91 -29.06
C ASP K 229 -32.86 -30.40 -28.82
N ALA K 230 -33.30 -29.64 -29.83
CA ALA K 230 -33.20 -28.19 -29.76
C ALA K 230 -34.05 -27.62 -28.61
N ARG K 231 -35.10 -28.33 -28.21
CA ARG K 231 -35.91 -27.88 -27.08
C ARG K 231 -35.22 -28.09 -25.73
N HIS K 232 -34.19 -28.92 -25.67
CA HIS K 232 -33.62 -29.26 -24.38
C HIS K 232 -32.12 -29.01 -24.28
N TYR K 233 -31.46 -28.65 -25.37
CA TYR K 233 -30.02 -28.48 -25.30
C TYR K 233 -29.58 -27.44 -26.32
N ARG K 234 -28.72 -26.52 -25.89
CA ARG K 234 -28.14 -25.52 -26.77
C ARG K 234 -26.68 -25.31 -26.41
N PHE K 235 -25.88 -25.01 -27.43
CA PHE K 235 -24.56 -24.43 -27.24
C PHE K 235 -24.63 -22.94 -27.54
N GLY K 236 -24.37 -22.11 -26.55
CA GLY K 236 -24.18 -20.69 -26.79
C GLY K 236 -22.72 -20.42 -27.12
N ALA K 237 -22.44 -20.11 -28.38
CA ALA K 237 -21.06 -20.14 -28.83
C ALA K 237 -20.88 -19.19 -29.99
N SER K 238 -19.61 -18.89 -30.27
CA SER K 238 -19.24 -18.11 -31.45
C SER K 238 -18.16 -18.84 -32.24
N GLY K 239 -16.91 -18.77 -31.76
CA GLY K 239 -15.81 -19.45 -32.41
C GLY K 239 -15.95 -20.96 -32.50
N LEU K 240 -16.80 -21.57 -31.67
CA LEU K 240 -17.02 -23.01 -31.74
C LEU K 240 -17.51 -23.45 -33.10
N LEU K 241 -18.26 -22.60 -33.79
CA LEU K 241 -18.77 -22.98 -35.11
C LEU K 241 -17.63 -23.32 -36.07
N ALA K 242 -16.51 -22.59 -36.00
CA ALA K 242 -15.39 -22.89 -36.86
C ALA K 242 -14.81 -24.27 -36.57
N SER K 243 -14.71 -24.64 -35.28
CA SER K 243 -14.19 -25.95 -34.95
C SER K 243 -15.14 -27.06 -35.41
N LEU K 244 -16.44 -26.83 -35.30
CA LEU K 244 -17.40 -27.84 -35.77
C LEU K 244 -17.33 -28.02 -37.28
N LEU K 245 -17.28 -26.92 -38.02
CA LEU K 245 -17.22 -27.02 -39.48
C LEU K 245 -15.93 -27.72 -39.92
N LYS K 246 -14.81 -27.39 -39.28
CA LYS K 246 -13.55 -28.06 -39.60
C LYS K 246 -13.66 -29.57 -39.35
N ALA K 247 -14.28 -29.97 -38.25
CA ALA K 247 -14.52 -31.38 -38.01
C ALA K 247 -15.40 -31.99 -39.09
N LEU K 248 -16.29 -31.22 -39.67
CA LEU K 248 -17.17 -31.71 -40.72
C LEU K 248 -16.59 -31.53 -42.12
N GLY K 249 -15.35 -31.10 -42.25
CA GLY K 249 -14.76 -30.91 -43.56
C GLY K 249 -15.16 -29.59 -44.22
N THR L 2 33.77 46.27 -13.18
CA THR L 2 33.76 44.90 -12.74
C THR L 2 33.01 44.02 -13.73
N ASP L 3 32.67 44.56 -14.90
CA ASP L 3 31.95 43.77 -15.88
C ASP L 3 32.74 42.54 -16.30
N LEU L 4 34.07 42.68 -16.46
CA LEU L 4 34.88 41.53 -16.78
C LEU L 4 35.01 40.59 -15.58
N LYS L 5 34.66 41.04 -14.38
CA LYS L 5 34.67 40.13 -13.25
C LYS L 5 33.36 39.36 -13.16
N ALA L 6 32.23 40.03 -13.41
CA ALA L 6 30.94 39.34 -13.42
C ALA L 6 30.88 38.30 -14.52
N SER L 7 31.28 38.66 -15.74
CA SER L 7 31.26 37.71 -16.84
C SER L 7 32.24 36.55 -16.62
N SER L 8 33.39 36.83 -15.99
CA SER L 8 34.38 35.79 -15.74
C SER L 8 33.87 34.77 -14.74
N LEU L 9 33.22 35.24 -13.66
CA LEU L 9 32.61 34.31 -12.71
C LEU L 9 31.50 33.52 -13.37
N ARG L 10 30.69 34.19 -14.21
CA ARG L 10 29.64 33.50 -14.95
C ARG L 10 30.22 32.44 -15.88
N ALA L 11 31.28 32.78 -16.60
CA ALA L 11 31.89 31.83 -17.51
C ALA L 11 32.46 30.64 -16.75
N LEU L 12 33.10 30.90 -15.61
CA LEU L 12 33.69 29.83 -14.80
C LEU L 12 32.64 28.83 -14.38
N LYS L 13 31.48 29.31 -13.95
CA LYS L 13 30.41 28.43 -13.53
C LYS L 13 29.74 27.72 -14.70
N LEU L 14 30.08 28.08 -15.94
CA LEU L 14 29.58 27.41 -17.14
C LEU L 14 30.64 26.57 -17.84
N MET L 15 31.77 26.36 -17.19
CA MET L 15 32.91 25.72 -17.82
C MET L 15 32.81 24.20 -17.71
N ASP L 16 32.99 23.50 -18.84
CA ASP L 16 33.35 22.09 -18.84
C ASP L 16 34.88 22.03 -18.84
N LEU L 17 35.48 21.73 -17.69
CA LEU L 17 36.92 21.84 -17.54
C LEU L 17 37.64 20.54 -17.89
N SER L 18 38.70 20.65 -18.67
CA SER L 18 39.54 19.50 -19.00
C SER L 18 41.00 19.80 -18.62
N THR L 19 41.85 18.79 -18.70
CA THR L 19 43.26 18.96 -18.34
C THR L 19 43.96 19.88 -19.33
N ASP L 23 47.11 15.36 -20.98
CA ASP L 23 47.43 14.40 -19.94
C ASP L 23 46.15 13.77 -19.36
N TYR L 24 46.14 12.44 -19.17
CA TYR L 24 44.93 11.78 -18.71
C TYR L 24 45.15 10.85 -17.52
N THR L 25 46.36 10.76 -17.00
CA THR L 25 46.65 9.78 -15.96
C THR L 25 45.79 10.03 -14.73
N ASP L 26 45.65 8.99 -13.92
CA ASP L 26 44.89 9.13 -12.69
C ASP L 26 45.36 10.35 -11.91
N GLU L 27 46.68 10.60 -11.89
CA GLU L 27 47.17 11.79 -11.21
C GLU L 27 46.59 13.05 -11.84
N LYS L 28 46.55 13.11 -13.17
CA LYS L 28 46.03 14.28 -13.85
C LYS L 28 44.51 14.43 -13.73
N VAL L 29 43.77 13.32 -13.73
CA VAL L 29 42.32 13.46 -13.55
C VAL L 29 42.02 13.96 -12.15
N ILE L 30 42.71 13.41 -11.15
CA ILE L 30 42.52 13.87 -9.77
C ILE L 30 42.82 15.36 -9.66
N ALA L 31 43.98 15.80 -10.17
CA ALA L 31 44.29 17.23 -10.12
C ALA L 31 43.27 18.08 -10.88
N LEU L 32 42.72 17.54 -11.96
CA LEU L 32 41.65 18.23 -12.68
C LEU L 32 40.41 18.42 -11.79
N CYS L 33 40.05 17.38 -11.03
CA CYS L 33 38.95 17.51 -10.08
C CYS L 33 39.20 18.61 -9.07
N HIS L 34 40.42 18.68 -8.53
CA HIS L 34 40.73 19.73 -7.57
C HIS L 34 40.66 21.11 -8.21
N GLN L 35 41.17 21.23 -9.44
CA GLN L 35 41.18 22.52 -10.12
C GLN L 35 39.76 23.02 -10.41
N ALA L 36 38.82 22.10 -10.59
CA ALA L 36 37.45 22.49 -10.87
C ALA L 36 36.79 23.15 -9.67
N LYS L 37 37.26 22.84 -8.47
CA LYS L 37 36.78 23.47 -7.25
C LYS L 37 37.66 24.70 -7.00
N THR L 38 37.29 25.83 -7.62
CA THR L 38 38.11 27.03 -7.57
C THR L 38 37.77 27.87 -6.35
N PRO L 39 38.59 28.89 -6.02
CA PRO L 39 38.27 29.84 -4.95
C PRO L 39 36.96 30.62 -5.15
N GLY L 41 34.49 29.58 -6.69
CA GLY L 41 33.37 28.71 -7.07
C GLY L 41 33.70 27.47 -7.92
N ASN L 42 32.72 26.62 -8.13
CA ASN L 42 32.90 25.39 -8.87
C ASN L 42 32.55 25.57 -10.34
N THR L 43 33.35 24.96 -11.20
CA THR L 43 32.96 24.83 -12.60
C THR L 43 31.70 23.98 -12.72
N ALA L 44 31.06 24.06 -13.89
CA ALA L 44 29.86 23.27 -14.14
C ALA L 44 30.16 21.79 -14.25
N ALA L 45 31.28 21.43 -14.87
CA ALA L 45 31.59 20.04 -15.18
C ALA L 45 33.08 19.92 -15.37
N ILE L 46 33.54 18.67 -15.40
CA ILE L 46 34.85 18.31 -15.92
C ILE L 46 34.61 17.42 -17.11
N SER L 47 35.55 17.46 -18.07
CA SER L 47 35.48 16.66 -19.30
C SER L 47 36.65 15.68 -19.30
N ILE L 48 36.36 14.38 -19.25
CA ILE L 48 37.40 13.37 -19.12
C ILE L 48 37.05 12.20 -20.02
N TYR L 49 38.04 11.32 -20.25
CA TYR L 49 37.79 10.11 -21.00
C TYR L 49 36.98 9.12 -20.17
N PRO L 50 36.23 8.25 -20.83
CA PRO L 50 35.25 7.42 -20.10
C PRO L 50 35.84 6.59 -18.97
N ARG L 51 37.04 6.04 -19.16
CA ARG L 51 37.62 5.14 -18.16
C ARG L 51 37.96 5.88 -16.88
N SER L 52 38.07 7.20 -16.96
CA SER L 52 38.39 8.01 -15.79
C SER L 52 37.17 8.38 -14.97
N ILE L 53 35.97 8.08 -15.44
CA ILE L 53 34.77 8.57 -14.74
C ILE L 53 34.67 8.04 -13.32
N PRO L 54 34.84 6.73 -13.04
CA PRO L 54 34.65 6.26 -11.65
C PRO L 54 35.56 6.90 -10.60
N ILE L 55 36.85 7.06 -10.91
CA ILE L 55 37.73 7.68 -9.92
C ILE L 55 37.43 9.17 -9.81
N ALA L 56 37.07 9.82 -10.91
CA ALA L 56 36.75 11.24 -10.87
C ALA L 56 35.53 11.47 -10.00
N ARG L 57 34.52 10.60 -10.12
CA ARG L 57 33.32 10.75 -9.31
C ARG L 57 33.66 10.65 -7.84
N LYS L 58 34.48 9.65 -7.48
CA LYS L 58 34.96 9.49 -6.11
C LYS L 58 35.72 10.72 -5.62
N THR L 59 36.57 11.28 -6.48
CA THR L 59 37.36 12.44 -6.09
C THR L 59 36.45 13.65 -5.86
N LEU L 60 35.49 13.86 -6.76
CA LEU L 60 34.58 14.99 -6.60
C LEU L 60 33.78 14.85 -5.32
N LYS L 61 33.30 13.63 -5.03
CA LYS L 61 32.55 13.40 -3.79
C LYS L 61 33.41 13.69 -2.57
N GLU L 62 34.65 13.19 -2.58
CA GLU L 62 35.48 13.29 -1.38
C GLU L 62 35.98 14.71 -1.16
N GLN L 63 36.13 15.51 -2.21
CA GLN L 63 36.46 16.91 -2.00
C GLN L 63 35.24 17.75 -1.68
N GLY L 64 34.06 17.12 -1.61
CA GLY L 64 32.85 17.83 -1.24
C GLY L 64 32.16 18.62 -2.33
N THR L 65 32.36 18.27 -3.61
CA THR L 65 31.68 18.92 -4.72
C THR L 65 30.96 17.89 -5.58
N PRO L 66 29.95 17.19 -5.03
CA PRO L 66 29.26 16.14 -5.82
C PRO L 66 28.40 16.67 -6.96
N GLU L 67 28.10 17.96 -6.99
CA GLU L 67 27.26 18.56 -8.04
C GLU L 67 28.05 19.00 -9.25
N ILE L 68 29.38 18.90 -9.21
CA ILE L 68 30.15 19.10 -10.43
C ILE L 68 29.86 17.94 -11.38
N ARG L 69 29.38 18.26 -12.57
CA ARG L 69 29.00 17.21 -13.51
C ARG L 69 30.22 16.54 -14.13
N ILE L 70 30.04 15.31 -14.57
CA ILE L 70 31.07 14.59 -15.30
C ILE L 70 30.59 14.43 -16.73
N ALA L 71 31.30 15.06 -17.66
CA ALA L 71 31.06 14.94 -19.08
C ALA L 71 32.19 14.12 -19.67
N THR L 72 31.87 13.31 -20.69
CA THR L 72 32.88 12.50 -21.34
C THR L 72 32.61 12.52 -22.84
N VAL L 73 33.42 11.81 -23.62
CA VAL L 73 33.34 11.92 -25.07
C VAL L 73 33.24 10.54 -25.71
N THR L 74 32.53 10.47 -26.83
CA THR L 74 32.40 9.24 -27.59
C THR L 74 32.48 9.54 -29.06
N ASN L 75 32.74 8.49 -29.84
CA ASN L 75 33.01 8.60 -31.28
C ASN L 75 34.11 9.63 -31.52
N PHE L 76 35.08 9.66 -30.60
CA PHE L 76 35.90 10.83 -30.43
C PHE L 76 37.38 10.55 -30.70
N PRO L 77 38.10 11.47 -31.35
CA PRO L 77 37.64 12.75 -31.89
C PRO L 77 37.30 12.65 -33.38
N HIS L 78 37.35 11.40 -33.87
CA HIS L 78 37.33 11.16 -35.32
C HIS L 78 35.98 11.49 -35.94
N GLY L 79 34.89 11.23 -35.22
CA GLY L 79 33.57 11.34 -35.81
C GLY L 79 33.33 10.37 -36.95
N ASN L 80 33.69 9.10 -36.77
CA ASN L 80 33.46 8.10 -37.81
C ASN L 80 31.95 7.86 -38.00
N ASP L 81 31.61 7.17 -39.09
CA ASP L 81 30.21 6.96 -39.42
C ASP L 81 29.72 5.57 -39.03
N ASP L 82 30.40 4.89 -38.12
CA ASP L 82 29.99 3.57 -37.64
C ASP L 82 29.09 3.79 -36.43
N ILE L 83 27.78 3.61 -36.61
CA ILE L 83 26.83 3.88 -35.54
C ILE L 83 26.98 2.88 -34.40
N GLU L 84 27.18 1.60 -34.71
CA GLU L 84 27.27 0.62 -33.64
C GLU L 84 28.49 0.86 -32.76
N ILE L 85 29.58 1.40 -33.30
CA ILE L 85 30.73 1.71 -32.45
C ILE L 85 30.45 2.93 -31.58
N ALA L 86 29.93 4.01 -32.18
CA ALA L 86 29.55 5.17 -31.40
C ALA L 86 28.53 4.78 -30.33
N LEU L 87 27.58 3.91 -30.68
CA LEU L 87 26.54 3.57 -29.71
C LEU L 87 27.12 2.75 -28.55
N ALA L 88 28.04 1.81 -28.86
CA ALA L 88 28.65 1.03 -27.79
C ALA L 88 29.49 1.90 -26.85
N GLU L 89 30.27 2.82 -27.41
CA GLU L 89 31.05 3.73 -26.58
C GLU L 89 30.13 4.59 -25.74
N THR L 90 29.03 5.06 -26.33
CA THR L 90 28.07 5.85 -25.57
C THR L 90 27.47 5.02 -24.44
N ARG L 91 27.08 3.77 -24.71
CA ARG L 91 26.54 2.91 -23.65
C ARG L 91 27.57 2.66 -22.57
N ALA L 92 28.84 2.50 -22.96
CA ALA L 92 29.89 2.33 -21.97
C ALA L 92 30.06 3.58 -21.13
N ALA L 93 30.06 4.76 -21.76
CA ALA L 93 30.17 6.02 -21.03
C ALA L 93 29.06 6.16 -20.01
N ILE L 94 27.82 5.86 -20.42
CA ILE L 94 26.70 5.84 -19.49
C ILE L 94 26.98 4.89 -18.33
N ALA L 95 27.49 3.70 -18.67
CA ALA L 95 27.71 2.66 -17.66
C ALA L 95 28.81 3.03 -16.69
N TYR L 96 29.87 3.69 -17.17
CA TYR L 96 30.90 4.22 -16.29
C TYR L 96 30.34 5.20 -15.27
N GLY L 97 29.25 5.88 -15.62
CA GLY L 97 28.65 6.80 -14.68
C GLY L 97 28.63 8.24 -15.16
N ALA L 98 28.78 8.47 -16.47
CA ALA L 98 28.78 9.83 -16.98
C ALA L 98 27.44 10.52 -16.71
N ASP L 99 27.51 11.83 -16.44
CA ASP L 99 26.32 12.66 -16.43
C ASP L 99 25.95 13.15 -17.83
N GLU L 100 26.94 13.33 -18.68
CA GLU L 100 26.76 13.90 -20.00
C GLU L 100 27.74 13.24 -20.96
N VAL L 101 27.30 13.05 -22.22
CA VAL L 101 28.12 12.42 -23.25
C VAL L 101 28.17 13.39 -24.44
N ASP L 102 29.38 13.76 -24.86
CA ASP L 102 29.64 14.62 -26.02
C ASP L 102 30.07 13.70 -27.18
N VAL L 103 29.18 13.46 -28.13
CA VAL L 103 29.46 12.55 -29.23
C VAL L 103 29.83 13.35 -30.49
N VAL L 104 30.84 12.89 -31.22
CA VAL L 104 31.25 13.58 -32.43
C VAL L 104 30.30 13.18 -33.55
N PHE L 105 29.64 14.17 -34.11
CA PHE L 105 28.83 13.99 -35.29
C PHE L 105 29.70 13.44 -36.42
N PRO L 106 29.16 12.56 -37.28
CA PRO L 106 29.94 12.12 -38.45
C PRO L 106 30.00 13.25 -39.48
N TYR L 107 30.86 14.23 -39.22
CA TYR L 107 30.85 15.42 -40.05
C TYR L 107 31.42 15.17 -41.44
N ARG L 108 32.39 14.26 -41.58
CA ARG L 108 32.93 13.97 -42.91
C ARG L 108 31.86 13.33 -43.80
N ALA L 109 31.06 12.42 -43.24
CA ALA L 109 29.96 11.84 -43.99
C ALA L 109 28.96 12.90 -44.43
N LEU L 110 28.64 13.86 -43.56
CA LEU L 110 27.78 14.97 -43.97
C LEU L 110 28.44 15.74 -45.11
N MET L 111 29.76 15.95 -45.00
CA MET L 111 30.47 16.64 -46.06
C MET L 111 30.38 15.89 -47.38
N ALA L 112 30.30 14.56 -47.35
CA ALA L 112 30.14 13.73 -48.54
C ALA L 112 28.69 13.56 -48.95
N GLY L 113 27.75 14.25 -48.29
CA GLY L 113 26.36 14.22 -48.70
C GLY L 113 25.48 13.27 -47.95
N ASN L 114 25.97 12.63 -46.91
CA ASN L 114 25.18 11.67 -46.17
C ASN L 114 24.66 12.36 -44.91
N GLU L 115 23.46 12.93 -45.01
CA GLU L 115 22.83 13.53 -43.83
C GLU L 115 22.22 12.48 -42.91
N GLN L 116 21.83 11.33 -43.48
CA GLN L 116 21.05 10.34 -42.74
C GLN L 116 21.88 9.69 -41.64
N VAL L 117 23.17 9.38 -41.92
CA VAL L 117 23.97 8.67 -40.92
C VAL L 117 24.23 9.57 -39.70
N GLY L 118 24.39 10.87 -39.91
CA GLY L 118 24.51 11.79 -38.78
C GLY L 118 23.25 11.83 -37.95
N PHE L 119 22.10 11.90 -38.62
CA PHE L 119 20.82 11.81 -37.94
C PHE L 119 20.71 10.49 -37.17
N ASP L 120 20.97 9.37 -37.85
CA ASP L 120 20.80 8.06 -37.21
C ASP L 120 21.75 7.88 -36.03
N LEU L 121 22.97 8.41 -36.16
CA LEU L 121 23.98 8.21 -35.12
C LEU L 121 23.61 8.97 -33.86
N VAL L 122 23.26 10.25 -34.03
CA VAL L 122 22.85 11.08 -32.92
C VAL L 122 21.60 10.50 -32.26
N LYS L 123 20.62 10.09 -33.08
CA LYS L 123 19.37 9.54 -32.54
C LYS L 123 19.63 8.28 -31.71
N ALA L 124 20.47 7.38 -32.21
CA ALA L 124 20.78 6.18 -31.44
C ALA L 124 21.43 6.53 -30.11
N CYS L 125 22.40 7.45 -30.13
CA CYS L 125 23.09 7.85 -28.91
C CYS L 125 22.15 8.60 -27.96
N LYS L 126 21.28 9.45 -28.51
CA LYS L 126 20.32 10.16 -27.67
C LYS L 126 19.38 9.19 -26.96
N GLU L 127 18.89 8.17 -27.66
CA GLU L 127 17.96 7.23 -27.02
C GLU L 127 18.63 6.47 -25.88
N ALA L 128 19.88 6.07 -26.06
CA ALA L 128 20.62 5.45 -24.97
C ALA L 128 20.79 6.45 -23.81
N CYS L 129 21.19 7.68 -24.12
CA CYS L 129 21.37 8.68 -23.07
C CYS L 129 20.05 9.02 -22.39
N ALA L 130 18.99 9.25 -23.16
CA ALA L 130 17.71 9.62 -22.56
C ALA L 130 17.21 8.51 -21.63
N ALA L 131 17.41 7.25 -22.02
CA ALA L 131 16.96 6.13 -21.19
C ALA L 131 17.64 6.11 -19.84
N ALA L 132 18.84 6.68 -19.74
CA ALA L 132 19.59 6.72 -18.49
C ALA L 132 19.57 8.10 -17.82
N ASN L 133 18.80 9.05 -18.36
CA ASN L 133 18.73 10.40 -17.80
C ASN L 133 20.09 11.12 -17.85
N VAL L 134 20.83 10.94 -18.95
CA VAL L 134 22.11 11.61 -19.16
C VAL L 134 21.98 12.51 -20.38
N LEU L 135 22.66 13.65 -20.33
CA LEU L 135 22.58 14.66 -21.39
C LEU L 135 23.52 14.34 -22.54
N LEU L 136 23.06 14.60 -23.77
CA LEU L 136 23.85 14.36 -24.97
C LEU L 136 24.21 15.68 -25.65
N LYS L 137 25.50 15.97 -25.71
CA LYS L 137 26.05 17.05 -26.52
C LYS L 137 26.55 16.46 -27.84
N VAL L 138 26.32 17.18 -28.94
CA VAL L 138 26.77 16.72 -30.24
C VAL L 138 27.84 17.67 -30.75
N ILE L 139 29.05 17.13 -30.95
CA ILE L 139 30.17 17.88 -31.50
C ILE L 139 30.06 17.86 -33.02
N ILE L 140 29.81 19.02 -33.63
CA ILE L 140 29.73 19.01 -35.09
C ILE L 140 31.05 19.30 -35.75
N GLU L 141 32.05 19.77 -35.00
CA GLU L 141 33.37 20.10 -35.54
C GLU L 141 33.26 21.16 -36.65
N SER L 142 32.74 22.32 -36.24
CA SER L 142 32.49 23.42 -37.17
C SER L 142 33.76 23.88 -37.84
N GLY L 143 34.91 23.70 -37.18
CA GLY L 143 36.20 24.08 -37.74
C GLY L 143 36.66 23.16 -38.85
N GLU L 144 36.07 21.97 -38.97
CA GLU L 144 36.31 21.16 -40.16
C GLU L 144 35.21 21.32 -41.21
N LEU L 145 33.98 21.58 -40.79
CA LEU L 145 32.89 21.86 -41.73
C LEU L 145 33.17 23.15 -42.51
N LYS L 146 33.64 24.20 -41.82
CA LYS L 146 34.07 25.46 -42.43
C LYS L 146 32.92 26.24 -43.07
N ASP L 147 32.17 25.62 -43.96
CA ASP L 147 31.10 26.33 -44.67
C ASP L 147 29.92 26.65 -43.77
N GLU L 148 29.42 27.89 -43.84
CA GLU L 148 28.30 28.29 -43.00
C GLU L 148 27.10 27.35 -43.19
N ALA L 149 26.79 27.01 -44.44
CA ALA L 149 25.61 26.19 -44.69
C ALA L 149 25.77 24.78 -44.10
N LEU L 150 27.00 24.24 -44.11
CA LEU L 150 27.25 22.93 -43.52
C LEU L 150 27.16 23.00 -42.01
N ILE L 151 27.62 24.10 -41.43
CA ILE L 151 27.54 24.25 -39.97
C ILE L 151 26.08 24.32 -39.54
N ARG L 152 25.26 25.08 -40.27
CA ARG L 152 23.83 25.09 -39.98
C ARG L 152 23.22 23.69 -40.19
N LYS L 153 23.63 22.99 -41.25
CA LYS L 153 23.02 21.70 -41.54
C LYS L 153 23.36 20.68 -40.46
N ALA L 154 24.62 20.59 -40.04
CA ALA L 154 24.98 19.67 -38.97
C ALA L 154 24.23 20.04 -37.68
N SER L 155 24.08 21.33 -37.41
CA SER L 155 23.32 21.78 -36.24
C SER L 155 21.86 21.36 -36.33
N GLU L 156 21.24 21.57 -37.50
CA GLU L 156 19.84 21.22 -37.68
C GLU L 156 19.63 19.72 -37.55
N ILE L 157 20.48 18.92 -38.20
CA ILE L 157 20.32 17.47 -38.13
C ILE L 157 20.42 17.01 -36.68
N SER L 158 21.42 17.53 -35.97
CA SER L 158 21.66 17.13 -34.58
C SER L 158 20.49 17.48 -33.66
N ILE L 159 19.94 18.68 -33.81
CA ILE L 159 18.78 19.07 -33.00
C ILE L 159 17.61 18.15 -33.32
N LYS L 160 17.36 17.93 -34.61
CA LYS L 160 16.25 17.08 -35.05
C LYS L 160 16.38 15.67 -34.51
N ALA L 161 17.60 15.17 -34.35
CA ALA L 161 17.80 13.82 -33.84
C ALA L 161 17.76 13.75 -32.32
N GLY L 162 17.66 14.90 -31.64
CA GLY L 162 17.43 14.94 -30.20
C GLY L 162 18.57 15.47 -29.34
N ALA L 163 19.59 16.10 -29.94
CA ALA L 163 20.72 16.60 -29.15
C ALA L 163 20.22 17.55 -28.08
N ASP L 164 20.73 17.37 -26.85
CA ASP L 164 20.46 18.31 -25.76
C ASP L 164 21.38 19.53 -25.80
N PHE L 165 22.55 19.40 -26.45
CA PHE L 165 23.50 20.48 -26.72
C PHE L 165 24.09 20.24 -28.10
N ILE L 166 24.45 21.33 -28.78
CA ILE L 166 25.36 21.26 -29.91
C ILE L 166 26.67 21.94 -29.52
N LYS L 167 27.78 21.31 -29.88
CA LYS L 167 29.11 21.66 -29.42
C LYS L 167 30.02 21.93 -30.61
N THR L 168 30.80 23.01 -30.53
CA THR L 168 31.49 23.50 -31.71
C THR L 168 32.51 22.47 -32.22
N SER L 169 33.30 21.90 -31.31
CA SER L 169 34.57 21.33 -31.73
C SER L 169 35.01 20.26 -30.75
N THR L 170 35.91 19.39 -31.20
CA THR L 170 36.58 18.45 -30.30
C THR L 170 37.68 19.11 -29.47
N GLY L 171 38.19 20.26 -29.92
CA GLY L 171 39.38 20.86 -29.34
C GLY L 171 40.69 20.30 -29.87
N LEU L 172 40.64 19.30 -30.76
CA LEU L 172 41.84 18.61 -31.23
C LEU L 172 42.10 18.81 -32.71
N VAL L 173 41.36 19.71 -33.36
CA VAL L 173 41.65 20.00 -34.76
C VAL L 173 42.20 21.41 -34.86
N ALA L 174 42.58 21.84 -36.06
CA ALA L 174 43.31 23.09 -36.18
C ALA L 174 42.44 24.28 -35.82
N VAL L 175 41.17 24.27 -36.23
CA VAL L 175 40.24 25.36 -35.98
C VAL L 175 39.12 24.81 -35.13
N ASN L 176 38.93 25.40 -33.95
CA ASN L 176 37.87 25.04 -33.04
C ASN L 176 36.82 26.15 -33.06
N ALA L 177 36.35 26.65 -31.92
CA ALA L 177 35.31 27.67 -31.96
C ALA L 177 35.85 28.97 -32.54
N THR L 178 34.96 29.68 -33.22
CA THR L 178 35.18 31.05 -33.67
C THR L 178 33.92 31.83 -33.31
N PRO L 179 34.00 33.16 -33.20
CA PRO L 179 32.79 33.95 -32.96
C PRO L 179 31.75 33.73 -34.04
N GLU L 180 32.20 33.48 -35.27
CA GLU L 180 31.29 33.29 -36.38
C GLU L 180 30.56 31.96 -36.26
N SER L 181 31.30 30.89 -35.98
CA SER L 181 30.65 29.59 -35.87
C SER L 181 29.77 29.55 -34.62
N ALA L 182 30.19 30.19 -33.54
CA ALA L 182 29.32 30.30 -32.37
C ALA L 182 28.01 31.00 -32.73
N ARG L 183 28.09 32.13 -33.46
CA ARG L 183 26.86 32.83 -33.79
C ARG L 183 25.98 32.00 -34.71
N ILE L 184 26.59 31.34 -35.70
CA ILE L 184 25.81 30.49 -36.62
C ILE L 184 25.04 29.42 -35.86
N MET L 185 25.70 28.74 -34.92
CA MET L 185 25.06 27.65 -34.20
C MET L 185 23.95 28.16 -33.27
N MET L 186 24.20 29.25 -32.56
CA MET L 186 23.14 29.78 -31.72
C MET L 186 21.99 30.32 -32.56
N GLU L 187 22.28 30.87 -33.75
CA GLU L 187 21.21 31.25 -34.66
C GLU L 187 20.35 30.05 -35.03
N VAL L 188 20.97 28.89 -35.21
CA VAL L 188 20.20 27.69 -35.52
C VAL L 188 19.25 27.35 -34.37
N ILE L 189 19.77 27.38 -33.14
CA ILE L 189 18.93 27.13 -31.96
C ILE L 189 17.75 28.06 -31.96
N ARG L 190 18.00 29.34 -32.20
CA ARG L 190 16.92 30.31 -32.26
C ARG L 190 15.98 30.05 -33.42
N ASP L 191 16.53 29.87 -34.63
CA ASP L 191 15.70 29.76 -35.81
C ASP L 191 14.78 28.54 -35.76
N MET L 192 15.20 27.50 -35.05
CA MET L 192 14.36 26.31 -34.90
C MET L 192 13.43 26.37 -33.70
N GLY L 193 13.56 27.41 -32.87
CA GLY L 193 12.71 27.53 -31.71
C GLY L 193 12.97 26.48 -30.65
N VAL L 194 14.22 26.06 -30.49
CA VAL L 194 14.53 25.00 -29.53
C VAL L 194 15.42 25.53 -28.41
N GLU L 195 15.35 26.84 -28.13
CA GLU L 195 16.22 27.43 -27.12
C GLU L 195 15.96 26.91 -25.71
N LYS L 196 14.75 26.41 -25.43
CA LYS L 196 14.46 25.85 -24.12
C LYS L 196 15.05 24.46 -23.93
N SER L 197 15.20 23.69 -25.03
CA SER L 197 15.60 22.30 -24.92
C SER L 197 17.03 22.02 -25.37
N VAL L 198 17.69 22.96 -26.05
CA VAL L 198 19.01 22.70 -26.62
C VAL L 198 19.97 23.79 -26.17
N GLY L 199 21.10 23.38 -25.60
CA GLY L 199 22.14 24.31 -25.23
C GLY L 199 23.26 24.38 -26.26
N PHE L 200 24.18 25.29 -26.00
CA PHE L 200 25.31 25.54 -26.88
C PHE L 200 26.58 25.44 -26.06
N LYS L 201 27.60 24.82 -26.62
CA LYS L 201 28.88 24.67 -25.96
C LYS L 201 29.98 25.14 -26.89
N VAL L 202 30.77 26.10 -26.42
CA VAL L 202 31.90 26.62 -27.18
C VAL L 202 33.16 25.91 -26.71
N THR L 203 33.87 25.28 -27.64
CA THR L 203 35.09 24.56 -27.36
C THR L 203 36.27 25.23 -28.04
N GLY L 204 37.29 25.57 -27.25
CA GLY L 204 38.39 26.33 -27.77
C GLY L 204 37.94 27.75 -28.10
N GLY L 205 38.72 28.39 -28.98
CA GLY L 205 38.39 29.73 -29.39
C GLY L 205 38.71 30.76 -28.32
N ALA L 206 37.97 30.74 -27.21
CA ALA L 206 38.20 31.70 -26.14
C ALA L 206 39.52 31.40 -25.46
N ARG L 207 40.41 32.39 -25.44
CA ARG L 207 41.68 32.27 -24.74
C ARG L 207 41.76 33.14 -23.49
N THR L 208 40.94 34.18 -23.40
CA THR L 208 41.03 35.18 -22.35
C THR L 208 39.64 35.44 -21.78
N ALA L 209 39.63 36.06 -20.60
CA ALA L 209 38.38 36.47 -19.98
C ALA L 209 37.60 37.40 -20.90
N GLU L 210 38.32 38.24 -21.65
CA GLU L 210 37.68 39.13 -22.61
C GLU L 210 37.02 38.35 -23.74
N ASP L 211 37.71 37.30 -24.23
CA ASP L 211 37.09 36.42 -25.22
C ASP L 211 35.80 35.82 -24.66
N ALA L 212 35.88 35.27 -23.43
CA ALA L 212 34.73 34.61 -22.83
C ALA L 212 33.55 35.57 -22.71
N GLN L 213 33.82 36.83 -22.38
CA GLN L 213 32.74 37.80 -22.27
C GLN L 213 32.03 37.98 -23.61
N LYS L 214 32.79 38.04 -24.71
CA LYS L 214 32.18 38.27 -26.02
C LYS L 214 31.33 37.08 -26.45
N TYR L 215 31.80 35.85 -26.18
CA TYR L 215 31.02 34.66 -26.51
C TYR L 215 29.71 34.64 -25.74
N LEU L 216 29.74 35.02 -24.46
CA LEU L 216 28.49 35.11 -23.70
C LEU L 216 27.60 36.23 -24.24
N ALA L 217 28.20 37.32 -24.70
CA ALA L 217 27.40 38.40 -25.27
C ALA L 217 26.57 37.93 -26.46
N ILE L 218 27.07 36.97 -27.24
CA ILE L 218 26.29 36.45 -28.36
C ILE L 218 24.99 35.82 -27.86
N ALA L 219 25.10 34.92 -26.87
CA ALA L 219 23.90 34.30 -26.32
C ALA L 219 22.98 35.33 -25.67
N ASP L 220 23.56 36.29 -24.93
CA ASP L 220 22.73 37.31 -24.31
C ASP L 220 22.00 38.13 -25.36
N GLU L 221 22.62 38.34 -26.52
CA GLU L 221 21.97 39.10 -27.57
C GLU L 221 20.82 38.31 -28.21
N LEU L 222 21.05 37.03 -28.50
CA LEU L 222 20.08 36.25 -29.28
C LEU L 222 18.91 35.79 -28.43
N PHE L 223 19.17 35.47 -27.16
CA PHE L 223 18.20 35.02 -26.17
C PHE L 223 18.22 36.02 -25.01
N GLY L 224 17.49 35.72 -23.94
CA GLY L 224 17.59 36.57 -22.77
C GLY L 224 19.01 36.65 -22.22
N ALA L 225 19.26 37.67 -21.40
CA ALA L 225 20.47 37.63 -20.58
C ALA L 225 20.40 36.55 -19.51
N ASP L 226 19.23 35.96 -19.30
CA ASP L 226 19.05 34.89 -18.32
C ASP L 226 19.13 33.51 -18.95
N TRP L 227 19.26 33.43 -20.28
CA TRP L 227 19.15 32.15 -20.98
C TRP L 227 20.36 31.25 -20.72
N ALA L 228 21.56 31.83 -20.71
CA ALA L 228 22.80 31.05 -20.72
C ALA L 228 23.14 30.55 -19.32
N ASP L 229 22.30 29.66 -18.80
CA ASP L 229 22.64 28.94 -17.57
C ASP L 229 23.34 27.63 -17.92
N ALA L 230 23.62 26.82 -16.89
CA ALA L 230 24.39 25.60 -17.09
C ALA L 230 23.70 24.61 -18.03
N ARG L 231 22.37 24.62 -18.08
CA ARG L 231 21.63 23.73 -18.97
C ARG L 231 21.69 24.18 -20.43
N HIS L 232 22.13 25.40 -20.69
CA HIS L 232 22.06 25.94 -22.04
C HIS L 232 23.37 26.50 -22.56
N TYR L 233 24.40 26.65 -21.74
CA TYR L 233 25.64 27.25 -22.20
C TYR L 233 26.81 26.63 -21.45
N ARG L 234 27.85 26.25 -22.19
CA ARG L 234 29.08 25.74 -21.62
C ARG L 234 30.28 26.28 -22.37
N PHE L 235 31.36 26.49 -21.63
CA PHE L 235 32.70 26.67 -22.16
C PHE L 235 33.45 25.36 -21.97
N GLY L 236 33.86 24.76 -23.08
CA GLY L 236 34.79 23.65 -23.02
C GLY L 236 36.19 24.19 -23.03
N ALA L 237 36.89 24.13 -21.90
CA ALA L 237 38.13 24.89 -21.83
C ALA L 237 39.11 24.25 -20.86
N SER L 238 40.36 24.64 -21.02
CA SER L 238 41.41 24.23 -20.10
C SER L 238 42.10 25.50 -19.61
N GLY L 239 42.99 26.05 -20.44
CA GLY L 239 43.72 27.24 -20.07
C GLY L 239 42.87 28.47 -19.82
N LEU L 240 41.65 28.52 -20.38
CA LEU L 240 40.78 29.67 -20.15
C LEU L 240 40.49 29.89 -18.66
N LEU L 241 40.46 28.82 -17.87
CA LEU L 241 40.21 28.96 -16.44
C LEU L 241 41.23 29.87 -15.78
N ALA L 242 42.50 29.74 -16.18
CA ALA L 242 43.53 30.58 -15.57
C ALA L 242 43.27 32.05 -15.84
N SER L 243 42.81 32.37 -17.06
CA SER L 243 42.52 33.76 -17.37
C SER L 243 41.34 34.28 -16.57
N LEU L 244 40.31 33.44 -16.38
CA LEU L 244 39.16 33.87 -15.59
C LEU L 244 39.55 34.14 -14.15
N LEU L 245 40.34 33.24 -13.54
CA LEU L 245 40.79 33.44 -12.17
C LEU L 245 41.64 34.70 -12.04
N LYS L 246 42.53 34.93 -13.00
CA LYS L 246 43.36 36.14 -12.96
C LYS L 246 42.50 37.40 -13.03
N ALA L 247 41.48 37.41 -13.89
CA ALA L 247 40.56 38.54 -13.93
C ALA L 247 39.84 38.72 -12.60
N LEU L 248 39.60 37.64 -11.87
CA LEU L 248 38.92 37.69 -10.58
C LEU L 248 39.87 37.90 -9.41
N GLY L 249 41.15 38.20 -9.66
CA GLY L 249 42.09 38.42 -8.60
C GLY L 249 42.66 37.14 -8.02
N HIS L 250 42.67 36.05 -8.81
CA HIS L 250 42.92 34.69 -8.34
C HIS L 250 41.92 34.27 -7.27
N GLY L 251 40.74 34.87 -7.29
CA GLY L 251 39.71 34.58 -6.32
C GLY L 251 40.18 34.76 -4.90
C1 9Y6 M . 46.22 -5.95 -20.69
C2 9Y6 M . 45.05 -5.75 -21.40
C3 9Y6 M . 43.99 -6.61 -21.25
C4 9Y6 M . 44.10 -7.70 -20.40
C5 9Y6 M . 45.28 -7.94 -19.69
C6 9Y6 M . 46.34 -7.05 -19.86
C7 9Y6 M . 45.38 -9.09 -18.79
C8 9Y6 M . 44.44 -9.97 -18.57
C9 9Y6 M . 44.68 -11.07 -17.65
C1 9Y6 N . 3.88 12.73 -27.07
C2 9Y6 N . 3.30 12.13 -25.98
C3 9Y6 N . 1.99 12.40 -25.67
C4 9Y6 N . 1.26 13.27 -26.45
C5 9Y6 N . 1.83 13.89 -27.56
C6 9Y6 N . 3.16 13.61 -27.85
C7 9Y6 N . 1.04 14.81 -28.38
C8 9Y6 N . -0.23 15.13 -28.18
C9 9Y6 N . -0.92 16.07 -29.07
C1 9Y6 O . 10.75 -8.53 -23.53
C2 9Y6 O . 9.58 -8.35 -24.23
C3 9Y6 O . 8.53 -9.22 -24.07
C4 9Y6 O . 8.66 -10.30 -23.21
C5 9Y6 O . 9.84 -10.51 -22.49
C6 9Y6 O . 10.89 -9.60 -22.67
C7 9Y6 O . 9.95 -11.64 -21.57
C8 9Y6 O . 9.02 -12.54 -21.33
C9 9Y6 O . 9.26 -13.63 -20.39
C1 9Y6 P . 37.94 -10.29 30.27
C2 9Y6 P . 37.42 -9.66 29.15
C3 9Y6 P . 36.13 -9.93 28.75
C4 9Y6 P . 35.36 -10.84 29.47
C5 9Y6 P . 35.87 -11.48 30.59
C6 9Y6 P . 37.17 -11.19 30.98
C7 9Y6 P . 35.04 -12.42 31.34
C8 9Y6 P . 33.80 -12.77 31.07
C9 9Y6 P . 33.10 -13.74 31.92
C1 9Y6 Q . -26.64 6.01 21.16
C2 9Y6 Q . -27.84 5.83 21.83
C3 9Y6 Q . -28.88 6.70 21.63
C4 9Y6 Q . -28.72 7.78 20.78
C5 9Y6 Q . -27.52 8.00 20.10
C6 9Y6 Q . -26.49 7.09 20.31
C7 9Y6 Q . -27.36 9.14 19.20
C8 9Y6 Q . -28.27 10.06 18.92
C9 9Y6 Q . -27.95 11.14 17.97
C1 9Y6 R . 8.91 8.47 24.12
C2 9Y6 R . 7.73 8.34 24.81
C3 9Y6 R . 6.73 9.27 24.64
C4 9Y6 R . 6.91 10.33 23.77
C5 9Y6 R . 8.10 10.48 23.06
C6 9Y6 R . 9.10 9.52 23.26
C7 9Y6 R . 8.27 11.60 22.15
C8 9Y6 R . 7.36 12.54 21.91
C9 9Y6 R . 7.64 13.61 20.96
C1 9Y6 S . 44.82 11.08 27.28
C2 9Y6 S . 43.62 10.81 27.90
C3 9Y6 S . 42.53 11.60 27.66
C4 9Y6 S . 42.63 12.69 26.81
C5 9Y6 S . 43.84 12.99 26.18
C6 9Y6 S . 44.93 12.16 26.43
C7 9Y6 S . 43.94 14.14 25.28
C8 9Y6 S . 42.97 14.99 24.96
C9 9Y6 S . 43.22 16.10 24.04
C1 9Y6 T . -33.11 -15.10 24.08
C2 9Y6 T . -33.68 -14.52 22.97
C3 9Y6 T . -34.98 -14.83 22.62
C4 9Y6 T . -35.70 -15.72 23.37
C5 9Y6 T . -35.16 -16.33 24.50
C6 9Y6 T . -33.84 -16.00 24.84
C7 9Y6 T . -35.95 -17.28 25.29
C8 9Y6 T . -37.20 -17.65 25.05
C9 9Y6 T . -37.89 -18.60 25.92
C1 9Y6 U . 2.42 -12.67 27.13
C2 9Y6 U . 1.86 -12.04 26.04
C3 9Y6 U . 0.55 -12.30 25.69
C4 9Y6 U . -0.19 -13.20 26.42
C5 9Y6 U . 0.36 -13.86 27.52
C6 9Y6 U . 1.67 -13.57 27.87
C7 9Y6 U . -0.44 -14.82 28.29
C8 9Y6 U . -1.69 -15.16 28.07
C9 9Y6 U . -2.37 -16.13 28.93
C1 GOL V . -12.26 -12.61 11.45
O1 GOL V . -13.19 -11.67 11.93
C2 GOL V . -11.30 -12.97 12.63
O2 GOL V . -10.42 -13.99 12.29
C3 GOL V . -10.55 -11.66 12.96
O3 GOL V . -11.47 -10.82 13.59
C1 9Y6 W . -31.61 10.37 -30.04
C2 9Y6 W . -32.21 9.67 -29.03
C3 9Y6 W . -33.54 9.86 -28.75
C4 9Y6 W . -34.28 10.75 -29.50
C5 9Y6 W . -33.70 11.48 -30.54
C6 9Y6 W . -32.35 11.27 -30.80
C7 9Y6 W . -34.50 12.42 -31.32
C8 9Y6 W . -35.79 12.69 -31.16
C9 9Y6 W . -36.46 13.66 -32.02
C1 9Y6 X . -24.70 -10.96 -26.71
C2 9Y6 X . -25.88 -10.73 -27.36
C3 9Y6 X . -26.95 -11.57 -27.17
C4 9Y6 X . -26.84 -12.65 -26.33
C5 9Y6 X . -25.65 -12.91 -25.65
C6 9Y6 X . -24.58 -12.04 -25.86
C7 9Y6 X . -25.54 -14.06 -24.74
C8 9Y6 X . -26.49 -14.95 -24.46
C9 9Y6 X . -26.23 -16.05 -23.53
C1 9Y6 Y . 39.43 14.98 -23.81
C2 9Y6 Y . 38.86 14.42 -22.68
C3 9Y6 Y . 37.56 14.72 -22.35
C4 9Y6 Y . 36.82 15.59 -23.14
C5 9Y6 Y . 37.37 16.17 -24.28
C6 9Y6 Y . 38.68 15.84 -24.59
C7 9Y6 Y . 36.59 17.08 -25.11
C8 9Y6 Y . 35.33 17.48 -24.94
C9 9Y6 Y . 34.71 18.41 -25.89
#